data_5SCH
#
_entry.id   5SCH
#
_cell.length_a   209.023
_cell.length_b   113.386
_cell.length_c   189.604
_cell.angle_alpha   90.000
_cell.angle_beta   91.330
_cell.angle_gamma   90.000
#
_symmetry.space_group_name_H-M   'C 1 2 1'
#
loop_
_entity.id
_entity.type
_entity.pdbx_description
1 polymer 'Pyruvate kinase'
2 non-polymer 1,6-di-O-phosphono-beta-D-fructofuranose
3 non-polymer 'OXALATE ION'
4 non-polymer 'MAGNESIUM ION'
5 non-polymer 'POTASSIUM ION'
6 non-polymer 'methyl N-(3-hydroxy-9,10-dioxo-9,10-dihydroanthracene-2-sulfonyl)glycinate'
7 water water
#
_entity_poly.entity_id   1
_entity_poly.type   'polypeptide(L)'
_entity_poly.pdbx_seq_one_letter_code
;GSMEGPAGYLRRADVAQLTQELGTAFFQQQQLPAAMADTFLEHLCLLDIDSEPVAARSTSIIATIGPASRSVERLKEMIK
AGMNIARLNFSHGSHEYHAESIANVREAVESFAGSPLSYRPVAIALDTKGPGSGPGLSEQDVRDLRFGVEHGVDIVFASF
VRKASDVAAVRAALGPEGHGIKIISKIENHEGVKRFDEILEVSDGIMVARGDLGIEIPAEKVFLAQKMMIGRCNLAGKPV
VCATQMLESMITKPRPTRAETSDVANAVLDGADCIMLSGETAKGNFPVEAVKMQHAIAREAEAAVYHRQLFEELRRAAPL
SRDPTEVTAIGAVEAAFKCCAAAIIVLTTTGRSAQLLSRYRPRAAVIAVTRSAQAARQVHLCRGVFPLLYREPPEAIWAD
DVDRRVQFGIESGKLRGFLRVGDLVIVVTGWRPGSGYTNIMRVLSIS
;
_entity_poly.pdbx_strand_id   A,B,C,D,E,F,G,H
#
loop_
_chem_comp.id
_chem_comp.type
_chem_comp.name
_chem_comp.formula
FBP D-saccharide, beta linking 1,6-di-O-phosphono-beta-D-fructofuranose 'C6 H14 O12 P2'
I9C non-polymer 'methyl N-(3-hydroxy-9,10-dioxo-9,10-dihydroanthracene-2-sulfonyl)glycinate' 'C17 H13 N O7 S'
K non-polymer 'POTASSIUM ION' 'K 1'
MG non-polymer 'MAGNESIUM ION' 'Mg 2'
OXL non-polymer 'OXALATE ION' 'C2 O4 -2'
#
# COMPACT_ATOMS: atom_id res chain seq x y z
N GLN A 28 10.22 -28.05 -11.90
CA GLN A 28 10.92 -29.16 -12.52
C GLN A 28 11.74 -28.77 -13.79
N GLN A 29 12.65 -29.68 -14.19
CA GLN A 29 13.56 -29.73 -15.34
C GLN A 29 12.79 -29.85 -16.69
N GLN A 30 13.54 -29.87 -17.82
CA GLN A 30 13.11 -30.00 -19.21
C GLN A 30 11.89 -29.13 -19.60
N GLN A 31 11.85 -27.89 -19.07
CA GLN A 31 10.80 -26.90 -19.30
C GLN A 31 9.40 -27.43 -19.02
N LEU A 32 9.26 -28.33 -18.04
CA LEU A 32 7.94 -28.90 -17.71
C LEU A 32 6.95 -27.84 -17.22
N PRO A 33 7.32 -26.81 -16.42
CA PRO A 33 6.34 -25.76 -16.09
C PRO A 33 5.81 -25.05 -17.36
N ALA A 34 6.68 -24.77 -18.35
CA ALA A 34 6.26 -24.15 -19.61
C ALA A 34 5.42 -25.13 -20.47
N ALA A 35 5.66 -26.44 -20.35
CA ALA A 35 4.93 -27.45 -21.12
C ALA A 35 3.49 -27.62 -20.64
N MET A 36 3.24 -27.38 -19.34
CA MET A 36 1.88 -27.50 -18.78
C MET A 36 1.00 -26.26 -19.02
N ALA A 37 1.55 -25.17 -19.57
CA ALA A 37 0.83 -23.93 -19.80
C ALA A 37 -0.42 -24.09 -20.68
N ASP A 38 -1.48 -23.34 -20.37
CA ASP A 38 -2.74 -23.42 -21.10
C ASP A 38 -2.77 -22.60 -22.39
N THR A 39 -1.84 -21.65 -22.56
CA THR A 39 -1.74 -20.87 -23.78
C THR A 39 -0.28 -20.83 -24.24
N PHE A 40 -0.06 -20.55 -25.52
CA PHE A 40 1.29 -20.43 -26.07
C PHE A 40 2.02 -19.23 -25.44
N LEU A 41 1.28 -18.14 -25.19
CA LEU A 41 1.81 -16.94 -24.56
C LEU A 41 2.32 -17.27 -23.15
N GLU A 42 1.52 -17.97 -22.34
CA GLU A 42 1.92 -18.40 -20.98
CA GLU A 42 1.94 -18.35 -20.99
C GLU A 42 3.11 -19.34 -21.04
N HIS A 43 3.16 -20.21 -22.07
CA HIS A 43 4.23 -21.16 -22.32
C HIS A 43 5.54 -20.37 -22.53
N LEU A 44 5.52 -19.30 -23.36
CA LEU A 44 6.71 -18.47 -23.59
C LEU A 44 7.17 -17.79 -22.29
N CYS A 45 6.19 -17.30 -21.48
CA CYS A 45 6.44 -16.62 -20.22
C CYS A 45 7.06 -17.52 -19.17
N LEU A 46 6.78 -18.84 -19.23
CA LEU A 46 7.30 -19.82 -18.27
C LEU A 46 8.63 -20.46 -18.66
N LEU A 47 9.21 -20.09 -19.82
CA LEU A 47 10.51 -20.62 -20.24
C LEU A 47 11.58 -20.19 -19.23
N ASP A 48 12.41 -21.15 -18.78
CA ASP A 48 13.37 -20.91 -17.72
C ASP A 48 14.79 -21.31 -18.12
N ILE A 49 15.74 -20.35 -18.08
CA ILE A 49 17.15 -20.65 -18.39
C ILE A 49 17.78 -21.62 -17.37
N ASP A 50 17.20 -21.75 -16.17
CA ASP A 50 17.69 -22.67 -15.14
C ASP A 50 17.07 -24.07 -15.24
N SER A 51 16.05 -24.26 -16.10
CA SER A 51 15.42 -25.56 -16.27
C SER A 51 16.25 -26.34 -17.26
N GLU A 52 17.03 -27.31 -16.77
CA GLU A 52 17.97 -28.07 -17.59
C GLU A 52 17.35 -29.20 -18.42
N PRO A 53 17.82 -29.35 -19.67
CA PRO A 53 17.29 -30.44 -20.51
C PRO A 53 17.73 -31.80 -19.99
N VAL A 54 16.79 -32.76 -19.92
CA VAL A 54 17.13 -34.09 -19.39
C VAL A 54 17.11 -35.14 -20.50
N ALA A 55 16.11 -35.06 -21.39
CA ALA A 55 15.99 -36.00 -22.50
C ALA A 55 17.16 -35.93 -23.50
N ALA A 56 17.36 -37.04 -24.24
CA ALA A 56 18.42 -37.12 -25.24
C ALA A 56 18.07 -36.22 -26.42
N ARG A 57 19.09 -35.70 -27.11
CA ARG A 57 18.90 -34.79 -28.23
C ARG A 57 18.26 -35.54 -29.40
N SER A 58 17.07 -35.09 -29.78
CA SER A 58 16.25 -35.72 -30.79
C SER A 58 16.44 -35.21 -32.23
N THR A 59 16.91 -33.98 -32.46
CA THR A 59 17.10 -33.45 -33.82
C THR A 59 18.46 -33.91 -34.30
N SER A 60 18.52 -34.67 -35.41
CA SER A 60 19.80 -35.18 -35.90
C SER A 60 20.66 -34.12 -36.55
N ILE A 61 21.97 -34.29 -36.40
CA ILE A 61 22.94 -33.36 -36.94
C ILE A 61 23.59 -33.97 -38.17
N ILE A 62 23.53 -33.25 -39.27
CA ILE A 62 24.18 -33.67 -40.51
C ILE A 62 25.44 -32.82 -40.62
N ALA A 63 26.61 -33.46 -40.69
CA ALA A 63 27.88 -32.73 -40.79
C ALA A 63 28.49 -32.98 -42.15
N THR A 64 28.83 -31.91 -42.88
CA THR A 64 29.46 -32.07 -44.19
C THR A 64 30.92 -32.44 -43.98
N ILE A 65 31.34 -33.56 -44.58
CA ILE A 65 32.70 -34.03 -44.44
C ILE A 65 33.60 -33.46 -45.55
N GLY A 66 34.66 -32.79 -45.16
CA GLY A 66 35.62 -32.20 -46.09
C GLY A 66 37.03 -32.20 -45.52
N PRO A 67 37.92 -31.36 -46.08
CA PRO A 67 39.31 -31.32 -45.58
C PRO A 67 39.49 -31.15 -44.08
N ALA A 68 38.62 -30.38 -43.41
CA ALA A 68 38.73 -30.15 -41.96
C ALA A 68 38.19 -31.31 -41.10
N SER A 69 37.45 -32.24 -41.70
CA SER A 69 36.82 -33.32 -40.95
C SER A 69 36.99 -34.72 -41.57
N ARG A 70 38.06 -34.88 -42.39
CA ARG A 70 38.41 -36.12 -43.10
C ARG A 70 39.09 -37.19 -42.25
N SER A 71 39.99 -36.81 -41.34
CA SER A 71 40.76 -37.79 -40.57
C SER A 71 39.92 -38.66 -39.64
N VAL A 72 40.27 -39.95 -39.55
CA VAL A 72 39.59 -40.95 -38.72
C VAL A 72 39.50 -40.51 -37.25
N GLU A 73 40.57 -39.88 -36.76
CA GLU A 73 40.63 -39.38 -35.39
C GLU A 73 39.65 -38.22 -35.16
N ARG A 74 39.54 -37.31 -36.17
CA ARG A 74 38.64 -36.16 -36.14
C ARG A 74 37.18 -36.64 -36.22
N LEU A 75 36.92 -37.66 -37.04
CA LEU A 75 35.60 -38.24 -37.20
C LEU A 75 35.11 -38.93 -35.93
N LYS A 76 36.02 -39.54 -35.16
CA LYS A 76 35.67 -40.16 -33.88
C LYS A 76 35.21 -39.09 -32.89
N GLU A 77 35.88 -37.92 -32.89
CA GLU A 77 35.52 -36.78 -32.04
CA GLU A 77 35.48 -36.84 -32.00
C GLU A 77 34.15 -36.25 -32.45
N MET A 78 33.86 -36.23 -33.77
CA MET A 78 32.59 -35.74 -34.31
CA MET A 78 32.59 -35.73 -34.30
C MET A 78 31.43 -36.68 -34.01
N ILE A 79 31.69 -37.99 -33.97
CA ILE A 79 30.66 -38.97 -33.63
C ILE A 79 30.29 -38.78 -32.15
N LYS A 80 31.31 -38.61 -31.29
CA LYS A 80 31.11 -38.39 -29.86
C LYS A 80 30.45 -37.03 -29.58
N ALA A 81 30.70 -36.02 -30.43
CA ALA A 81 30.09 -34.71 -30.29
C ALA A 81 28.58 -34.70 -30.68
N GLY A 82 28.16 -35.67 -31.51
CA GLY A 82 26.76 -35.78 -31.90
C GLY A 82 26.42 -35.96 -33.37
N MET A 83 27.43 -36.03 -34.27
CA MET A 83 27.14 -36.23 -35.70
C MET A 83 26.37 -37.54 -35.94
N ASN A 84 25.24 -37.46 -36.65
CA ASN A 84 24.42 -38.64 -36.95
C ASN A 84 24.45 -39.02 -38.41
N ILE A 85 24.64 -38.03 -39.30
CA ILE A 85 24.68 -38.22 -40.74
C ILE A 85 25.88 -37.49 -41.32
N ALA A 86 26.69 -38.20 -42.11
CA ALA A 86 27.86 -37.63 -42.76
C ALA A 86 27.46 -37.25 -44.17
N ARG A 87 27.61 -35.96 -44.53
CA ARG A 87 27.23 -35.48 -45.85
C ARG A 87 28.44 -35.33 -46.75
N LEU A 88 28.35 -35.88 -47.96
CA LEU A 88 29.44 -35.77 -48.92
C LEU A 88 28.94 -34.93 -50.07
N ASN A 89 29.50 -33.72 -50.21
CA ASN A 89 29.05 -32.78 -51.23
C ASN A 89 29.73 -33.05 -52.55
N PHE A 90 28.99 -33.64 -53.50
CA PHE A 90 29.55 -33.97 -54.81
C PHE A 90 29.70 -32.76 -55.75
N SER A 91 29.49 -31.54 -55.22
CA SER A 91 29.79 -30.29 -55.94
C SER A 91 31.31 -30.01 -55.87
N HIS A 92 32.02 -30.61 -54.89
CA HIS A 92 33.45 -30.48 -54.65
C HIS A 92 34.09 -31.89 -54.64
N GLY A 93 35.41 -31.94 -54.67
CA GLY A 93 36.16 -33.19 -54.64
C GLY A 93 35.97 -34.07 -55.86
N SER A 94 36.33 -35.33 -55.71
CA SER A 94 36.24 -36.33 -56.77
C SER A 94 35.68 -37.65 -56.20
N HIS A 95 35.44 -38.65 -57.07
CA HIS A 95 34.97 -39.96 -56.61
C HIS A 95 35.99 -40.61 -55.68
N GLU A 96 37.29 -40.48 -56.01
CA GLU A 96 38.38 -41.02 -55.19
C GLU A 96 38.43 -40.35 -53.83
N TYR A 97 38.24 -39.01 -53.83
CA TYR A 97 38.26 -38.22 -52.61
C TYR A 97 37.09 -38.61 -51.69
N HIS A 98 35.87 -38.65 -52.23
CA HIS A 98 34.70 -38.99 -51.46
C HIS A 98 34.70 -40.45 -50.99
N ALA A 99 35.29 -41.37 -51.77
CA ALA A 99 35.38 -42.78 -51.34
C ALA A 99 36.32 -42.90 -50.12
N GLU A 100 37.39 -42.08 -50.08
CA GLU A 100 38.30 -42.07 -48.94
C GLU A 100 37.60 -41.49 -47.71
N SER A 101 36.78 -40.44 -47.91
CA SER A 101 35.99 -39.83 -46.84
C SER A 101 35.02 -40.87 -46.25
N ILE A 102 34.28 -41.61 -47.14
CA ILE A 102 33.34 -42.65 -46.75
C ILE A 102 34.02 -43.76 -45.95
N ALA A 103 35.21 -44.21 -46.41
CA ALA A 103 35.96 -45.25 -45.72
C ALA A 103 36.42 -44.79 -44.33
N ASN A 104 36.83 -43.51 -44.22
CA ASN A 104 37.26 -42.94 -42.94
C ASN A 104 36.10 -42.82 -41.97
N VAL A 105 34.90 -42.47 -42.48
CA VAL A 105 33.70 -42.38 -41.65
C VAL A 105 33.37 -43.78 -41.13
N ARG A 106 33.30 -44.78 -42.03
CA ARG A 106 33.02 -46.17 -41.65
C ARG A 106 34.03 -46.73 -40.65
N GLU A 107 35.31 -46.38 -40.81
CA GLU A 107 36.35 -46.82 -39.88
C GLU A 107 36.14 -46.22 -38.48
N ALA A 108 35.85 -44.91 -38.41
CA ALA A 108 35.59 -44.24 -37.14
C ALA A 108 34.30 -44.77 -36.49
N VAL A 109 33.27 -45.08 -37.29
CA VAL A 109 32.01 -45.61 -36.75
C VAL A 109 32.22 -47.00 -36.13
N GLU A 110 32.90 -47.90 -36.89
CA GLU A 110 33.14 -49.25 -36.41
C GLU A 110 34.11 -49.34 -35.25
N SER A 111 34.93 -48.31 -35.00
CA SER A 111 35.84 -48.34 -33.85
C SER A 111 35.09 -48.42 -32.49
N PHE A 112 33.76 -48.16 -32.48
CA PHE A 112 32.95 -48.24 -31.27
C PHE A 112 32.04 -49.49 -31.21
N ALA A 113 32.14 -50.41 -32.22
CA ALA A 113 31.30 -51.60 -32.32
C ALA A 113 31.59 -52.71 -31.29
N GLY A 114 32.69 -52.58 -30.55
CA GLY A 114 33.03 -53.55 -29.51
C GLY A 114 32.08 -53.56 -28.34
N SER A 115 31.33 -52.46 -28.16
CA SER A 115 30.33 -52.32 -27.11
C SER A 115 28.97 -52.15 -27.80
N PRO A 116 28.27 -53.27 -28.07
CA PRO A 116 26.99 -53.19 -28.80
C PRO A 116 25.85 -52.44 -28.09
N LEU A 117 25.94 -52.32 -26.76
CA LEU A 117 24.95 -51.59 -25.94
C LEU A 117 25.14 -50.05 -26.02
N SER A 118 26.20 -49.55 -26.72
CA SER A 118 26.47 -48.12 -26.89
C SER A 118 26.85 -47.71 -28.34
N TYR A 119 26.92 -48.68 -29.28
CA TYR A 119 27.27 -48.42 -30.67
C TYR A 119 26.30 -47.43 -31.36
N ARG A 120 26.86 -46.38 -31.97
CA ARG A 120 26.05 -45.38 -32.67
C ARG A 120 26.14 -45.49 -34.18
N PRO A 121 25.04 -45.90 -34.83
CA PRO A 121 25.04 -45.91 -36.30
C PRO A 121 25.17 -44.49 -36.88
N VAL A 122 25.86 -44.33 -38.02
CA VAL A 122 26.00 -43.03 -38.66
C VAL A 122 25.64 -43.19 -40.12
N ALA A 123 24.66 -42.44 -40.61
CA ALA A 123 24.26 -42.53 -42.03
C ALA A 123 25.25 -41.82 -42.94
N ILE A 124 25.28 -42.22 -44.21
CA ILE A 124 26.12 -41.59 -45.21
C ILE A 124 25.22 -41.04 -46.31
N ALA A 125 25.28 -39.73 -46.52
CA ALA A 125 24.44 -39.06 -47.49
C ALA A 125 25.26 -38.46 -48.61
N LEU A 126 24.80 -38.62 -49.84
CA LEU A 126 25.47 -38.08 -51.01
C LEU A 126 24.66 -36.87 -51.47
N ASP A 127 25.27 -35.69 -51.52
CA ASP A 127 24.59 -34.50 -51.99
C ASP A 127 25.02 -34.28 -53.43
N THR A 128 24.09 -34.35 -54.39
CA THR A 128 24.42 -34.20 -55.82
C THR A 128 24.82 -32.78 -56.24
N LYS A 129 25.57 -32.66 -57.34
CA LYS A 129 26.00 -31.38 -57.88
C LYS A 129 24.80 -30.56 -58.39
N GLY A 130 23.90 -31.19 -59.14
CA GLY A 130 22.72 -30.51 -59.66
C GLY A 130 22.65 -30.43 -61.17
N PRO A 131 21.52 -29.95 -61.71
CA PRO A 131 21.34 -29.94 -63.16
C PRO A 131 21.86 -28.72 -63.92
N GLY A 132 22.00 -27.58 -63.25
CA GLY A 132 22.44 -26.36 -63.91
C GLY A 132 21.46 -25.89 -64.97
N SER A 133 21.94 -25.62 -66.18
CA SER A 133 21.06 -25.19 -67.28
C SER A 133 20.36 -26.40 -67.93
N LEU A 137 18.27 -34.69 -65.84
CA LEU A 137 19.33 -35.15 -64.96
C LEU A 137 20.66 -35.17 -65.71
N SER A 138 21.67 -34.44 -65.20
CA SER A 138 22.98 -34.36 -65.85
C SER A 138 23.75 -35.68 -65.81
N GLU A 139 24.68 -35.87 -66.77
CA GLU A 139 25.53 -37.05 -66.83
C GLU A 139 26.44 -37.17 -65.60
N GLN A 140 26.85 -36.02 -65.03
CA GLN A 140 27.66 -35.94 -63.82
C GLN A 140 26.88 -36.58 -62.67
N ASP A 141 25.58 -36.22 -62.56
CA ASP A 141 24.68 -36.74 -61.53
C ASP A 141 24.45 -38.23 -61.72
N VAL A 142 24.27 -38.71 -62.96
CA VAL A 142 24.09 -40.14 -63.25
C VAL A 142 25.31 -40.95 -62.75
N ARG A 143 26.51 -40.40 -62.97
CA ARG A 143 27.76 -41.02 -62.53
C ARG A 143 27.88 -41.03 -61.01
N ASP A 144 27.57 -39.90 -60.36
CA ASP A 144 27.67 -39.74 -58.92
C ASP A 144 26.64 -40.60 -58.19
N LEU A 145 25.41 -40.71 -58.74
CA LEU A 145 24.36 -41.53 -58.16
C LEU A 145 24.73 -43.00 -58.22
N ARG A 146 25.32 -43.46 -59.34
CA ARG A 146 25.76 -44.86 -59.44
C ARG A 146 26.92 -45.13 -58.47
N PHE A 147 27.79 -44.11 -58.23
CA PHE A 147 28.86 -44.19 -57.24
C PHE A 147 28.25 -44.45 -55.85
N GLY A 148 27.18 -43.72 -55.54
CA GLY A 148 26.47 -43.85 -54.27
C GLY A 148 25.90 -45.25 -54.05
N VAL A 149 25.30 -45.83 -55.09
CA VAL A 149 24.77 -47.18 -55.01
C VAL A 149 25.92 -48.17 -54.78
N GLU A 150 27.01 -48.02 -55.55
CA GLU A 150 28.17 -48.90 -55.44
C GLU A 150 28.87 -48.80 -54.10
N HIS A 151 28.81 -47.63 -53.45
CA HIS A 151 29.42 -47.44 -52.15
C HIS A 151 28.46 -47.57 -50.97
N GLY A 152 27.23 -48.01 -51.22
CA GLY A 152 26.22 -48.23 -50.19
C GLY A 152 25.78 -47.04 -49.37
N VAL A 153 25.56 -45.88 -50.04
CA VAL A 153 25.10 -44.68 -49.35
C VAL A 153 23.64 -44.88 -48.91
N ASP A 154 23.29 -44.29 -47.76
CA ASP A 154 21.96 -44.47 -47.21
C ASP A 154 20.96 -43.42 -47.70
N ILE A 155 21.45 -42.22 -48.09
CA ILE A 155 20.59 -41.11 -48.48
C ILE A 155 21.18 -40.33 -49.66
N VAL A 156 20.31 -39.76 -50.51
CA VAL A 156 20.67 -38.87 -51.61
C VAL A 156 19.98 -37.50 -51.39
N PHE A 157 20.77 -36.42 -51.17
CA PHE A 157 20.22 -35.08 -51.09
C PHE A 157 20.23 -34.64 -52.54
N ALA A 158 19.10 -34.83 -53.22
CA ALA A 158 18.93 -34.48 -54.63
C ALA A 158 18.81 -32.98 -54.79
N SER A 159 19.84 -32.33 -55.35
CA SER A 159 19.87 -30.87 -55.55
C SER A 159 18.91 -30.35 -56.60
N PHE A 160 18.54 -29.07 -56.48
CA PHE A 160 17.68 -28.28 -57.37
C PHE A 160 16.43 -29.02 -57.90
N VAL A 161 15.67 -29.67 -57.00
CA VAL A 161 14.44 -30.37 -57.39
C VAL A 161 13.39 -29.32 -57.71
N ARG A 162 12.80 -29.39 -58.91
CA ARG A 162 11.81 -28.40 -59.35
C ARG A 162 10.42 -28.98 -59.60
N LYS A 163 10.32 -30.31 -59.74
CA LYS A 163 9.05 -30.99 -60.06
C LYS A 163 9.16 -32.49 -59.74
N ALA A 164 8.02 -33.19 -59.70
CA ALA A 164 7.96 -34.62 -59.41
C ALA A 164 8.79 -35.48 -60.37
N SER A 165 8.92 -35.08 -61.65
CA SER A 165 9.69 -35.83 -62.63
C SER A 165 11.20 -35.81 -62.35
N ASP A 166 11.69 -34.76 -61.67
CA ASP A 166 13.11 -34.68 -61.27
C ASP A 166 13.43 -35.78 -60.26
N VAL A 167 12.49 -36.05 -59.33
CA VAL A 167 12.65 -37.10 -58.32
C VAL A 167 12.64 -38.48 -59.00
N ALA A 168 11.73 -38.68 -59.99
CA ALA A 168 11.66 -39.93 -60.72
C ALA A 168 12.97 -40.21 -61.47
N ALA A 169 13.60 -39.17 -62.04
CA ALA A 169 14.88 -39.29 -62.73
C ALA A 169 15.99 -39.72 -61.76
N VAL A 170 16.01 -39.16 -60.54
CA VAL A 170 17.00 -39.55 -59.53
C VAL A 170 16.76 -41.01 -59.10
N ARG A 171 15.49 -41.39 -58.95
CA ARG A 171 15.11 -42.74 -58.57
C ARG A 171 15.56 -43.75 -59.65
N ALA A 172 15.36 -43.40 -60.93
CA ALA A 172 15.75 -44.22 -62.07
C ALA A 172 17.28 -44.39 -62.12
N ALA A 173 18.03 -43.31 -61.86
CA ALA A 173 19.50 -43.37 -61.85
C ALA A 173 20.07 -44.21 -60.71
N LEU A 174 19.30 -44.41 -59.63
CA LEU A 174 19.73 -45.29 -58.53
C LEU A 174 19.55 -46.79 -58.86
N GLY A 175 18.89 -47.09 -59.97
CA GLY A 175 18.65 -48.43 -60.50
C GLY A 175 17.93 -49.37 -59.58
N PRO A 176 17.97 -50.66 -59.94
CA PRO A 176 17.32 -51.69 -59.10
C PRO A 176 18.06 -51.97 -57.79
N GLU A 177 19.37 -51.73 -57.74
CA GLU A 177 20.14 -51.96 -56.51
C GLU A 177 19.99 -50.83 -55.46
N GLY A 178 19.53 -49.66 -55.91
CA GLY A 178 19.31 -48.50 -55.04
C GLY A 178 17.85 -48.21 -54.81
N HIS A 179 17.07 -49.28 -54.60
CA HIS A 179 15.64 -49.17 -54.32
C HIS A 179 15.39 -48.65 -52.88
N GLY A 180 16.32 -48.95 -51.97
CA GLY A 180 16.21 -48.62 -50.55
C GLY A 180 16.85 -47.33 -50.10
N ILE A 181 17.53 -46.63 -51.00
CA ILE A 181 18.17 -45.35 -50.65
C ILE A 181 17.09 -44.28 -50.50
N LYS A 182 17.18 -43.45 -49.45
CA LYS A 182 16.20 -42.41 -49.22
C LYS A 182 16.49 -41.19 -50.07
N ILE A 183 15.49 -40.65 -50.76
CA ILE A 183 15.70 -39.45 -51.58
C ILE A 183 15.12 -38.24 -50.87
N ILE A 184 16.01 -37.34 -50.43
CA ILE A 184 15.61 -36.10 -49.76
C ILE A 184 15.76 -35.00 -50.79
N SER A 185 14.64 -34.46 -51.30
CA SER A 185 14.68 -33.42 -52.33
C SER A 185 15.06 -32.03 -51.78
N LYS A 186 16.09 -31.39 -52.37
CA LYS A 186 16.52 -30.04 -51.99
C LYS A 186 15.69 -28.96 -52.70
N ILE A 187 14.95 -28.14 -51.93
CA ILE A 187 14.16 -27.05 -52.51
C ILE A 187 15.03 -25.81 -52.49
N GLU A 188 15.45 -25.32 -53.68
CA GLU A 188 16.40 -24.21 -53.76
C GLU A 188 16.00 -23.07 -54.67
N ASN A 189 14.75 -23.06 -55.15
CA ASN A 189 14.29 -22.00 -56.04
C ASN A 189 12.77 -21.81 -55.98
N HIS A 190 12.26 -20.78 -56.69
CA HIS A 190 10.84 -20.48 -56.72
C HIS A 190 9.99 -21.63 -57.22
N GLU A 191 10.43 -22.32 -58.29
CA GLU A 191 9.66 -23.42 -58.85
C GLU A 191 9.50 -24.56 -57.87
N GLY A 192 10.57 -24.87 -57.13
CA GLY A 192 10.54 -25.93 -56.12
C GLY A 192 9.55 -25.62 -55.01
N VAL A 193 9.48 -24.33 -54.59
CA VAL A 193 8.55 -23.88 -53.56
C VAL A 193 7.11 -23.98 -54.08
N LYS A 194 6.89 -23.50 -55.30
CA LYS A 194 5.55 -23.54 -55.90
C LYS A 194 5.05 -24.95 -56.21
N ARG A 195 5.96 -25.85 -56.59
CA ARG A 195 5.59 -27.24 -56.87
C ARG A 195 5.89 -28.17 -55.70
N PHE A 196 6.08 -27.63 -54.49
CA PHE A 196 6.39 -28.35 -53.26
C PHE A 196 5.54 -29.58 -53.03
N ASP A 197 4.20 -29.44 -53.09
CA ASP A 197 3.32 -30.56 -52.81
C ASP A 197 3.56 -31.78 -53.68
N GLU A 198 3.75 -31.58 -54.99
CA GLU A 198 4.00 -32.71 -55.89
C GLU A 198 5.38 -33.34 -55.68
N ILE A 199 6.35 -32.52 -55.25
CA ILE A 199 7.70 -33.00 -54.97
C ILE A 199 7.69 -33.84 -53.68
N LEU A 200 7.02 -33.35 -52.64
CA LEU A 200 6.95 -34.04 -51.34
C LEU A 200 6.24 -35.38 -51.47
N GLU A 201 5.17 -35.44 -52.28
CA GLU A 201 4.39 -36.65 -52.53
CA GLU A 201 4.42 -36.67 -52.46
C GLU A 201 5.28 -37.82 -52.98
N VAL A 202 6.25 -37.54 -53.87
CA VAL A 202 7.13 -38.59 -54.40
C VAL A 202 8.48 -38.68 -53.71
N SER A 203 8.84 -37.74 -52.81
CA SER A 203 10.13 -37.79 -52.12
C SER A 203 10.00 -38.45 -50.76
N ASP A 204 11.11 -38.89 -50.19
CA ASP A 204 11.11 -39.44 -48.83
C ASP A 204 11.14 -38.33 -47.76
N GLY A 205 11.64 -37.15 -48.15
CA GLY A 205 11.76 -35.99 -47.30
C GLY A 205 12.22 -34.77 -48.08
N ILE A 206 12.46 -33.67 -47.38
CA ILE A 206 12.84 -32.41 -48.01
C ILE A 206 14.02 -31.73 -47.30
N MET A 207 14.83 -30.99 -48.06
CA MET A 207 15.86 -30.16 -47.48
C MET A 207 15.57 -28.71 -47.88
N VAL A 208 15.49 -27.81 -46.89
CA VAL A 208 15.29 -26.40 -47.15
C VAL A 208 16.72 -25.88 -47.38
N ALA A 209 17.12 -25.80 -48.65
CA ALA A 209 18.46 -25.40 -49.07
C ALA A 209 18.50 -23.88 -49.19
N ARG A 210 18.64 -23.22 -48.03
CA ARG A 210 18.56 -21.78 -47.86
C ARG A 210 19.59 -20.94 -48.61
N GLY A 211 20.79 -21.48 -48.88
CA GLY A 211 21.81 -20.78 -49.65
C GLY A 211 21.34 -20.33 -51.02
N ASP A 212 21.01 -21.30 -51.90
CA ASP A 212 20.50 -20.96 -53.23
C ASP A 212 19.12 -20.35 -53.15
N LEU A 213 18.26 -20.83 -52.22
CA LEU A 213 16.90 -20.28 -52.09
C LEU A 213 16.94 -18.76 -51.77
N GLY A 214 17.92 -18.34 -50.98
CA GLY A 214 18.14 -16.94 -50.60
C GLY A 214 18.64 -16.05 -51.73
N ILE A 215 19.10 -16.65 -52.84
CA ILE A 215 19.56 -15.96 -54.06
C ILE A 215 18.43 -16.01 -55.11
N GLU A 216 17.72 -17.14 -55.19
CA GLU A 216 16.63 -17.37 -56.13
C GLU A 216 15.36 -16.57 -55.80
N ILE A 217 15.09 -16.37 -54.51
CA ILE A 217 13.96 -15.56 -54.05
C ILE A 217 14.51 -14.45 -53.12
N PRO A 218 13.77 -13.35 -52.84
CA PRO A 218 14.29 -12.34 -51.90
C PRO A 218 14.70 -12.95 -50.55
N ALA A 219 15.85 -12.54 -50.02
CA ALA A 219 16.36 -13.09 -48.76
C ALA A 219 15.37 -12.96 -47.60
N GLU A 220 14.59 -11.85 -47.58
CA GLU A 220 13.59 -11.62 -46.55
C GLU A 220 12.36 -12.53 -46.62
N LYS A 221 12.26 -13.38 -47.66
CA LYS A 221 11.14 -14.32 -47.81
C LYS A 221 11.52 -15.77 -47.45
N VAL A 222 12.82 -16.09 -47.35
CA VAL A 222 13.27 -17.45 -47.06
C VAL A 222 12.60 -18.06 -45.81
N PHE A 223 12.45 -17.29 -44.73
CA PHE A 223 11.84 -17.79 -43.51
C PHE A 223 10.40 -18.27 -43.73
N LEU A 224 9.66 -17.63 -44.68
CA LEU A 224 8.29 -18.04 -44.98
C LEU A 224 8.30 -19.43 -45.66
N ALA A 225 9.25 -19.64 -46.59
CA ALA A 225 9.42 -20.90 -47.31
C ALA A 225 9.88 -22.00 -46.34
N GLN A 226 10.80 -21.67 -45.44
CA GLN A 226 11.29 -22.61 -44.44
C GLN A 226 10.14 -23.06 -43.52
N LYS A 227 9.41 -22.11 -42.93
CA LYS A 227 8.34 -22.44 -42.01
C LYS A 227 7.21 -23.20 -42.69
N MET A 228 6.87 -22.84 -43.93
CA MET A 228 5.83 -23.52 -44.69
C MET A 228 6.24 -24.98 -44.99
N MET A 229 7.47 -25.20 -45.50
CA MET A 229 7.93 -26.54 -45.86
C MET A 229 8.06 -27.44 -44.64
N ILE A 230 8.54 -26.89 -43.52
CA ILE A 230 8.65 -27.67 -42.29
C ILE A 230 7.25 -28.08 -41.80
N GLY A 231 6.31 -27.14 -41.80
CA GLY A 231 4.93 -27.40 -41.41
C GLY A 231 4.27 -28.50 -42.26
N ARG A 232 4.44 -28.41 -43.60
CA ARG A 232 3.87 -29.38 -44.52
C ARG A 232 4.52 -30.76 -44.39
N CYS A 233 5.84 -30.81 -44.13
CA CYS A 233 6.51 -32.09 -43.94
C CYS A 233 6.06 -32.73 -42.62
N ASN A 234 5.89 -31.90 -41.57
CA ASN A 234 5.41 -32.41 -40.27
C ASN A 234 4.01 -33.02 -40.43
N LEU A 235 3.17 -32.36 -41.25
CA LEU A 235 1.81 -32.77 -41.54
CA LEU A 235 1.81 -32.78 -41.53
C LEU A 235 1.83 -34.11 -42.30
N ALA A 236 2.73 -34.22 -43.28
CA ALA A 236 2.88 -35.42 -44.09
C ALA A 236 3.61 -36.58 -43.37
N GLY A 237 4.25 -36.30 -42.24
CA GLY A 237 5.01 -37.29 -41.50
C GLY A 237 6.29 -37.68 -42.21
N LYS A 238 6.90 -36.74 -42.98
CA LYS A 238 8.14 -36.99 -43.71
C LYS A 238 9.28 -36.11 -43.20
N PRO A 239 10.52 -36.65 -43.14
CA PRO A 239 11.63 -35.83 -42.63
C PRO A 239 11.89 -34.50 -43.37
N VAL A 240 12.25 -33.46 -42.61
CA VAL A 240 12.61 -32.17 -43.18
C VAL A 240 13.92 -31.70 -42.56
N VAL A 241 14.85 -31.26 -43.40
CA VAL A 241 16.18 -30.81 -42.99
C VAL A 241 16.28 -29.30 -43.15
N CYS A 242 16.77 -28.59 -42.13
CA CYS A 242 17.06 -27.17 -42.28
C CYS A 242 18.55 -27.06 -42.55
N ALA A 243 18.92 -26.34 -43.61
CA ALA A 243 20.34 -26.27 -44.00
C ALA A 243 20.82 -24.87 -44.34
N THR A 244 22.17 -24.67 -44.26
CA THR A 244 23.00 -23.57 -44.72
C THR A 244 23.06 -22.32 -43.84
N GLN A 245 24.31 -21.96 -43.48
CA GLN A 245 24.71 -20.79 -42.71
C GLN A 245 24.13 -20.73 -41.32
N MET A 246 23.75 -21.90 -40.75
CA MET A 246 23.21 -21.97 -39.39
C MET A 246 24.20 -21.46 -38.35
N LEU A 247 25.50 -21.83 -38.49
CA LEU A 247 26.56 -21.38 -37.58
C LEU A 247 27.76 -20.84 -38.40
N GLU A 248 27.48 -20.16 -39.52
CA GLU A 248 28.48 -19.68 -40.48
C GLU A 248 29.74 -19.05 -39.88
N SER A 249 29.61 -18.13 -38.92
CA SER A 249 30.77 -17.46 -38.30
C SER A 249 31.74 -18.44 -37.62
N MET A 250 31.25 -19.61 -37.18
CA MET A 250 32.09 -20.64 -36.56
C MET A 250 33.08 -21.33 -37.56
N ILE A 251 33.09 -20.91 -38.85
CA ILE A 251 34.08 -21.38 -39.82
C ILE A 251 35.47 -20.80 -39.40
N THR A 252 35.49 -19.56 -38.87
CA THR A 252 36.72 -18.90 -38.41
C THR A 252 36.74 -18.59 -36.89
N LYS A 253 35.56 -18.47 -36.25
CA LYS A 253 35.50 -18.13 -34.83
C LYS A 253 35.09 -19.30 -33.95
N PRO A 254 35.63 -19.39 -32.72
CA PRO A 254 35.27 -20.54 -31.86
C PRO A 254 33.85 -20.52 -31.27
N ARG A 255 33.16 -19.37 -31.35
CA ARG A 255 31.80 -19.20 -30.82
C ARG A 255 30.93 -18.57 -31.90
N PRO A 256 29.64 -18.95 -31.98
CA PRO A 256 28.76 -18.35 -33.00
C PRO A 256 28.18 -16.99 -32.57
N THR A 257 27.51 -16.30 -33.50
CA THR A 257 26.84 -15.05 -33.21
C THR A 257 25.47 -15.33 -32.51
N ARG A 258 24.83 -14.28 -31.97
CA ARG A 258 23.53 -14.39 -31.33
C ARG A 258 22.43 -14.76 -32.34
N ALA A 259 22.57 -14.31 -33.60
CA ALA A 259 21.62 -14.65 -34.65
C ALA A 259 21.69 -16.14 -35.00
N GLU A 260 22.93 -16.70 -35.01
CA GLU A 260 23.20 -18.09 -35.34
C GLU A 260 22.62 -19.07 -34.33
N THR A 261 22.83 -18.83 -33.02
CA THR A 261 22.25 -19.73 -32.00
C THR A 261 20.72 -19.68 -32.05
N SER A 262 20.17 -18.47 -32.28
CA SER A 262 18.74 -18.21 -32.43
C SER A 262 18.20 -19.01 -33.62
N ASP A 263 18.92 -18.98 -34.77
CA ASP A 263 18.54 -19.69 -35.99
C ASP A 263 18.43 -21.21 -35.78
N VAL A 264 19.40 -21.79 -35.07
CA VAL A 264 19.40 -23.23 -34.80
C VAL A 264 18.20 -23.58 -33.92
N ALA A 265 17.99 -22.78 -32.86
CA ALA A 265 16.89 -23.00 -31.94
C ALA A 265 15.55 -22.87 -32.64
N ASN A 266 15.44 -21.87 -33.55
CA ASN A 266 14.20 -21.65 -34.28
C ASN A 266 13.93 -22.70 -35.33
N ALA A 267 14.96 -23.32 -35.93
CA ALA A 267 14.73 -24.41 -36.88
C ALA A 267 14.11 -25.61 -36.12
N VAL A 268 14.62 -25.90 -34.92
CA VAL A 268 14.09 -26.97 -34.07
C VAL A 268 12.65 -26.61 -33.64
N LEU A 269 12.42 -25.36 -33.19
CA LEU A 269 11.08 -24.93 -32.78
C LEU A 269 10.10 -24.93 -33.96
N ASP A 270 10.57 -24.70 -35.19
CA ASP A 270 9.74 -24.76 -36.39
C ASP A 270 9.23 -26.19 -36.63
N GLY A 271 10.03 -27.20 -36.27
CA GLY A 271 9.67 -28.60 -36.44
C GLY A 271 10.64 -29.41 -37.31
N ALA A 272 11.86 -28.88 -37.56
CA ALA A 272 12.85 -29.58 -38.39
C ALA A 272 13.31 -30.89 -37.74
N ASP A 273 13.38 -31.96 -38.55
CA ASP A 273 13.87 -33.25 -38.06
C ASP A 273 15.37 -33.23 -37.96
N CYS A 274 16.06 -32.57 -38.92
CA CYS A 274 17.50 -32.50 -38.97
C CYS A 274 17.97 -31.08 -39.15
N ILE A 275 19.16 -30.80 -38.63
CA ILE A 275 19.85 -29.53 -38.83
C ILE A 275 21.21 -29.87 -39.44
N MET A 276 21.73 -28.97 -40.28
CA MET A 276 22.95 -29.25 -41.03
C MET A 276 24.07 -28.25 -40.81
N LEU A 277 25.31 -28.73 -41.03
CA LEU A 277 26.53 -27.93 -41.00
C LEU A 277 27.22 -28.15 -42.34
N SER A 278 27.58 -27.06 -43.03
CA SER A 278 28.26 -27.17 -44.32
C SER A 278 29.74 -26.82 -44.17
N GLY A 279 30.15 -25.58 -44.50
CA GLY A 279 31.53 -25.12 -44.33
C GLY A 279 32.03 -25.17 -42.90
N GLU A 280 31.11 -25.10 -41.93
CA GLU A 280 31.42 -25.16 -40.50
C GLU A 280 32.17 -26.45 -40.16
N THR A 281 31.83 -27.57 -40.84
CA THR A 281 32.51 -28.84 -40.61
C THR A 281 33.43 -29.24 -41.77
N ALA A 282 33.06 -28.87 -43.00
CA ALA A 282 33.82 -29.25 -44.19
C ALA A 282 35.17 -28.55 -44.30
N LYS A 283 35.24 -27.25 -44.01
CA LYS A 283 36.48 -26.50 -44.18
C LYS A 283 36.90 -25.61 -43.01
N GLY A 284 36.03 -25.45 -42.03
CA GLY A 284 36.25 -24.55 -40.90
C GLY A 284 37.24 -24.99 -39.86
N ASN A 285 37.73 -24.04 -39.06
CA ASN A 285 38.70 -24.27 -38.01
C ASN A 285 38.12 -24.96 -36.77
N PHE A 286 36.78 -25.01 -36.64
CA PHE A 286 36.16 -25.60 -35.45
C PHE A 286 35.05 -26.62 -35.77
N PRO A 287 35.32 -27.69 -36.55
CA PRO A 287 34.25 -28.64 -36.91
C PRO A 287 33.59 -29.36 -35.75
N VAL A 288 34.38 -29.83 -34.78
CA VAL A 288 33.85 -30.54 -33.61
C VAL A 288 33.03 -29.61 -32.72
N GLU A 289 33.52 -28.38 -32.53
CA GLU A 289 32.86 -27.35 -31.74
C GLU A 289 31.53 -26.93 -32.36
N ALA A 290 31.44 -26.93 -33.71
CA ALA A 290 30.21 -26.58 -34.42
C ALA A 290 29.15 -27.68 -34.16
N VAL A 291 29.58 -28.97 -34.16
CA VAL A 291 28.68 -30.09 -33.88
C VAL A 291 28.20 -30.00 -32.41
N LYS A 292 29.14 -29.74 -31.49
CA LYS A 292 28.83 -29.61 -30.07
C LYS A 292 27.84 -28.47 -29.83
N MET A 293 28.00 -27.34 -30.57
CA MET A 293 27.13 -26.19 -30.46
C MET A 293 25.71 -26.51 -30.93
N GLN A 294 25.57 -27.18 -32.09
CA GLN A 294 24.26 -27.58 -32.58
C GLN A 294 23.59 -28.55 -31.63
N HIS A 295 24.37 -29.47 -31.03
CA HIS A 295 23.85 -30.43 -30.08
C HIS A 295 23.28 -29.71 -28.84
N ALA A 296 24.08 -28.77 -28.28
CA ALA A 296 23.69 -28.00 -27.09
C ALA A 296 22.41 -27.19 -27.33
N ILE A 297 22.32 -26.48 -28.49
CA ILE A 297 21.14 -25.68 -28.81
C ILE A 297 19.90 -26.55 -29.03
N ALA A 298 20.03 -27.60 -29.85
CA ALA A 298 18.91 -28.50 -30.15
C ALA A 298 18.28 -29.08 -28.90
N ARG A 299 19.08 -29.53 -27.91
CA ARG A 299 18.55 -30.06 -26.65
C ARG A 299 17.72 -29.03 -25.92
N GLU A 300 18.21 -27.78 -25.86
CA GLU A 300 17.49 -26.70 -25.19
C GLU A 300 16.20 -26.39 -25.91
N ALA A 301 16.24 -26.31 -27.26
CA ALA A 301 15.07 -26.00 -28.09
C ALA A 301 14.03 -27.10 -28.08
N GLU A 302 14.45 -28.38 -27.97
CA GLU A 302 13.49 -29.49 -27.92
C GLU A 302 12.66 -29.46 -26.64
N ALA A 303 13.28 -29.09 -25.52
CA ALA A 303 12.57 -28.97 -24.25
C ALA A 303 11.57 -27.80 -24.28
N ALA A 304 11.88 -26.75 -25.07
CA ALA A 304 11.05 -25.54 -25.21
C ALA A 304 9.87 -25.71 -26.20
N VAL A 305 9.77 -26.87 -26.87
CA VAL A 305 8.65 -27.17 -27.78
C VAL A 305 7.35 -27.24 -26.95
N TYR A 306 6.29 -26.59 -27.43
CA TYR A 306 5.02 -26.56 -26.74
C TYR A 306 4.19 -27.80 -27.13
N HIS A 307 4.57 -28.98 -26.60
CA HIS A 307 3.94 -30.27 -26.92
C HIS A 307 2.43 -30.29 -26.76
N ARG A 308 1.89 -29.56 -25.78
CA ARG A 308 0.45 -29.52 -25.54
C ARG A 308 -0.36 -29.14 -26.79
N GLN A 309 0.04 -28.05 -27.47
CA GLN A 309 -0.63 -27.63 -28.68
C GLN A 309 -0.17 -28.46 -29.89
N LEU A 310 1.14 -28.73 -29.99
CA LEU A 310 1.72 -29.47 -31.09
C LEU A 310 1.10 -30.86 -31.26
N PHE A 311 1.02 -31.66 -30.19
CA PHE A 311 0.45 -32.99 -30.25
C PHE A 311 -1.01 -32.91 -30.63
N GLU A 312 -1.77 -31.98 -30.02
CA GLU A 312 -3.19 -31.77 -30.33
CA GLU A 312 -3.17 -31.85 -30.35
C GLU A 312 -3.39 -31.47 -31.82
N GLU A 313 -2.55 -30.60 -32.38
CA GLU A 313 -2.65 -30.22 -33.78
C GLU A 313 -2.23 -31.32 -34.72
N LEU A 314 -1.15 -32.07 -34.40
CA LEU A 314 -0.70 -33.18 -35.24
C LEU A 314 -1.73 -34.28 -35.23
N ARG A 315 -2.30 -34.58 -34.07
CA ARG A 315 -3.34 -35.59 -33.96
C ARG A 315 -4.62 -35.19 -34.69
N ARG A 316 -5.12 -33.95 -34.51
CA ARG A 316 -6.34 -33.51 -35.19
C ARG A 316 -6.16 -33.54 -36.71
N ALA A 317 -4.97 -33.13 -37.20
CA ALA A 317 -4.71 -33.04 -38.63
C ALA A 317 -4.39 -34.36 -39.31
N ALA A 318 -3.86 -35.33 -38.55
CA ALA A 318 -3.54 -36.64 -39.12
C ALA A 318 -4.82 -37.34 -39.48
N PRO A 319 -4.92 -37.86 -40.72
CA PRO A 319 -6.18 -38.46 -41.15
C PRO A 319 -6.50 -39.77 -40.47
N LEU A 320 -7.79 -40.14 -40.45
CA LEU A 320 -8.24 -41.42 -39.94
C LEU A 320 -7.61 -42.52 -40.78
N SER A 321 -7.24 -43.62 -40.14
CA SER A 321 -6.52 -44.68 -40.83
C SER A 321 -6.97 -46.01 -40.41
N ARG A 322 -6.97 -46.95 -41.35
CA ARG A 322 -7.29 -48.36 -41.11
CA ARG A 322 -7.29 -48.33 -41.00
C ARG A 322 -6.01 -49.23 -41.03
N ASP A 323 -4.81 -48.61 -41.14
CA ASP A 323 -3.51 -49.28 -41.10
C ASP A 323 -3.16 -49.53 -39.64
N PRO A 324 -3.00 -50.79 -39.23
CA PRO A 324 -2.70 -51.07 -37.81
C PRO A 324 -1.42 -50.45 -37.27
N THR A 325 -0.41 -50.20 -38.13
CA THR A 325 0.84 -49.58 -37.66
C THR A 325 0.54 -48.12 -37.27
N GLU A 326 -0.21 -47.41 -38.13
CA GLU A 326 -0.64 -46.03 -37.91
C GLU A 326 -1.51 -45.92 -36.63
N VAL A 327 -2.46 -46.84 -36.48
CA VAL A 327 -3.35 -46.88 -35.32
C VAL A 327 -2.58 -47.17 -34.02
N THR A 328 -1.63 -48.11 -34.07
CA THR A 328 -0.83 -48.45 -32.89
C THR A 328 0.09 -47.30 -32.52
N ALA A 329 0.65 -46.59 -33.52
CA ALA A 329 1.56 -45.47 -33.29
C ALA A 329 0.91 -44.34 -32.47
N ILE A 330 -0.32 -43.93 -32.84
CA ILE A 330 -0.99 -42.85 -32.11
C ILE A 330 -1.37 -43.32 -30.71
N GLY A 331 -1.81 -44.57 -30.57
CA GLY A 331 -2.13 -45.14 -29.26
C GLY A 331 -0.91 -45.20 -28.35
N ALA A 332 0.27 -45.56 -28.91
CA ALA A 332 1.52 -45.62 -28.16
C ALA A 332 1.99 -44.22 -27.74
N VAL A 333 1.92 -43.22 -28.64
CA VAL A 333 2.33 -41.85 -28.30
C VAL A 333 1.41 -41.26 -27.20
N GLU A 334 0.12 -41.52 -27.31
CA GLU A 334 -0.86 -41.08 -26.32
C GLU A 334 -0.54 -41.71 -24.95
N ALA A 335 -0.28 -43.02 -24.93
CA ALA A 335 0.07 -43.77 -23.71
C ALA A 335 1.37 -43.24 -23.11
N ALA A 336 2.37 -42.93 -23.95
CA ALA A 336 3.64 -42.39 -23.48
C ALA A 336 3.47 -41.02 -22.78
N PHE A 337 2.65 -40.13 -23.35
CA PHE A 337 2.38 -38.84 -22.73
C PHE A 337 1.62 -39.00 -21.40
N LYS A 338 0.68 -39.94 -21.33
CA LYS A 338 -0.13 -40.21 -20.13
C LYS A 338 0.69 -40.57 -18.90
N CYS A 339 1.77 -41.34 -19.08
CA CYS A 339 2.59 -41.77 -17.96
C CYS A 339 3.96 -41.13 -17.90
N CYS A 340 4.28 -40.20 -18.81
CA CYS A 340 5.61 -39.59 -18.89
C CYS A 340 6.66 -40.69 -19.09
N ALA A 341 6.37 -41.58 -20.06
CA ALA A 341 7.23 -42.70 -20.40
C ALA A 341 8.60 -42.20 -20.80
N ALA A 342 9.64 -42.86 -20.28
CA ALA A 342 11.02 -42.50 -20.59
C ALA A 342 11.36 -42.81 -22.05
N ALA A 343 10.73 -43.85 -22.62
CA ALA A 343 10.99 -44.24 -23.99
C ALA A 343 9.82 -45.04 -24.60
N ILE A 344 9.79 -45.11 -25.93
CA ILE A 344 8.89 -45.96 -26.68
C ILE A 344 9.87 -46.88 -27.43
N ILE A 345 9.94 -48.17 -27.05
CA ILE A 345 10.85 -49.11 -27.70
C ILE A 345 10.08 -49.80 -28.79
N VAL A 346 10.54 -49.68 -30.04
CA VAL A 346 9.83 -50.25 -31.18
C VAL A 346 10.73 -51.20 -31.95
N LEU A 347 10.17 -52.33 -32.36
CA LEU A 347 10.90 -53.30 -33.18
C LEU A 347 10.49 -52.97 -34.60
N THR A 348 11.46 -52.62 -35.43
CA THR A 348 11.16 -52.24 -36.80
C THR A 348 12.14 -52.87 -37.77
N THR A 349 11.63 -53.29 -38.93
CA THR A 349 12.50 -53.84 -39.95
C THR A 349 13.03 -52.72 -40.85
N THR A 350 12.13 -51.98 -41.55
CA THR A 350 12.44 -50.90 -42.48
C THR A 350 12.60 -49.52 -41.82
N GLY A 351 12.17 -49.38 -40.56
CA GLY A 351 12.16 -48.10 -39.87
C GLY A 351 10.79 -47.43 -39.89
N ARG A 352 9.84 -47.94 -40.70
CA ARG A 352 8.53 -47.35 -40.83
C ARG A 352 7.75 -47.22 -39.52
N SER A 353 7.74 -48.26 -38.65
CA SER A 353 7.04 -48.18 -37.38
C SER A 353 7.61 -47.07 -36.48
N ALA A 354 8.93 -46.85 -36.53
CA ALA A 354 9.56 -45.78 -35.74
C ALA A 354 9.20 -44.41 -36.35
N GLN A 355 9.14 -44.31 -37.69
CA GLN A 355 8.78 -43.10 -38.37
C GLN A 355 7.33 -42.69 -38.05
N LEU A 356 6.40 -43.66 -38.00
CA LEU A 356 5.01 -43.37 -37.65
C LEU A 356 4.84 -42.93 -36.19
N LEU A 357 5.75 -43.34 -35.31
CA LEU A 357 5.72 -42.89 -33.93
C LEU A 357 6.24 -41.42 -33.89
N SER A 358 7.34 -41.16 -34.59
CA SER A 358 8.03 -39.87 -34.69
CA SER A 358 8.02 -39.86 -34.66
C SER A 358 7.14 -38.73 -35.22
N ARG A 359 6.23 -39.04 -36.13
CA ARG A 359 5.35 -38.03 -36.71
C ARG A 359 4.42 -37.35 -35.69
N TYR A 360 4.15 -38.02 -34.55
CA TYR A 360 3.34 -37.43 -33.50
C TYR A 360 4.16 -36.64 -32.47
N ARG A 361 5.48 -36.50 -32.70
CA ARG A 361 6.42 -35.75 -31.86
C ARG A 361 6.31 -36.07 -30.38
N PRO A 362 6.48 -37.35 -29.98
CA PRO A 362 6.43 -37.66 -28.54
C PRO A 362 7.62 -37.02 -27.80
N ARG A 363 7.43 -36.73 -26.53
CA ARG A 363 8.52 -36.26 -25.69
C ARG A 363 9.43 -37.51 -25.37
N ALA A 364 8.82 -38.72 -25.25
CA ALA A 364 9.53 -39.99 -25.03
C ALA A 364 10.40 -40.33 -26.23
N ALA A 365 11.65 -40.76 -25.96
CA ALA A 365 12.58 -41.15 -27.00
C ALA A 365 12.06 -42.40 -27.70
N VAL A 366 12.11 -42.44 -29.04
CA VAL A 366 11.67 -43.63 -29.77
C VAL A 366 12.90 -44.47 -30.02
N ILE A 367 13.11 -45.52 -29.21
CA ILE A 367 14.26 -46.39 -29.33
C ILE A 367 13.92 -47.48 -30.35
N ALA A 368 14.52 -47.42 -31.54
CA ALA A 368 14.21 -48.39 -32.58
C ALA A 368 15.23 -49.55 -32.60
N VAL A 369 14.80 -50.78 -32.20
CA VAL A 369 15.64 -52.00 -32.23
C VAL A 369 15.48 -52.66 -33.62
N THR A 370 16.55 -52.63 -34.43
CA THR A 370 16.49 -53.18 -35.79
C THR A 370 17.72 -54.07 -36.13
N ARG A 371 17.50 -55.16 -36.90
CA ARG A 371 18.59 -56.03 -37.37
C ARG A 371 19.22 -55.44 -38.65
N SER A 372 18.47 -54.63 -39.43
CA SER A 372 18.96 -53.99 -40.64
C SER A 372 19.88 -52.83 -40.26
N ALA A 373 21.14 -52.88 -40.70
CA ALA A 373 22.11 -51.81 -40.48
C ALA A 373 21.73 -50.55 -41.32
N GLN A 374 21.15 -50.75 -42.52
CA GLN A 374 20.74 -49.62 -43.36
C GLN A 374 19.60 -48.82 -42.69
N ALA A 375 18.55 -49.53 -42.22
CA ALA A 375 17.41 -48.90 -41.53
C ALA A 375 17.88 -48.16 -40.28
N ALA A 376 18.84 -48.74 -39.54
CA ALA A 376 19.38 -48.07 -38.35
C ALA A 376 20.04 -46.72 -38.72
N ARG A 377 20.71 -46.66 -39.88
CA ARG A 377 21.33 -45.41 -40.31
C ARG A 377 20.29 -44.43 -40.84
N GLN A 378 19.33 -44.90 -41.63
CA GLN A 378 18.32 -44.04 -42.23
C GLN A 378 17.31 -43.42 -41.28
N VAL A 379 17.08 -44.06 -40.15
CA VAL A 379 16.11 -43.62 -39.16
C VAL A 379 16.56 -42.33 -38.38
N HIS A 380 17.82 -41.89 -38.60
CA HIS A 380 18.36 -40.64 -38.09
C HIS A 380 17.63 -39.44 -38.75
N LEU A 381 17.02 -39.65 -39.93
CA LEU A 381 16.24 -38.60 -40.60
C LEU A 381 14.97 -38.22 -39.81
N CYS A 382 14.48 -39.09 -38.92
CA CYS A 382 13.27 -38.89 -38.16
C CYS A 382 13.57 -38.39 -36.76
N ARG A 383 13.01 -37.22 -36.39
CA ARG A 383 13.25 -36.65 -35.08
C ARG A 383 12.85 -37.57 -33.93
N GLY A 384 13.76 -37.74 -32.99
CA GLY A 384 13.49 -38.52 -31.79
C GLY A 384 13.61 -40.01 -31.93
N VAL A 385 14.14 -40.49 -33.06
CA VAL A 385 14.35 -41.92 -33.25
C VAL A 385 15.81 -42.25 -32.96
N PHE A 386 16.06 -43.12 -31.98
CA PHE A 386 17.39 -43.52 -31.56
C PHE A 386 17.59 -44.97 -32.00
N PRO A 387 18.35 -45.18 -33.09
CA PRO A 387 18.52 -46.56 -33.59
C PRO A 387 19.50 -47.43 -32.79
N LEU A 388 19.09 -48.66 -32.52
CA LEU A 388 19.89 -49.68 -31.85
C LEU A 388 20.04 -50.81 -32.83
N LEU A 389 21.28 -51.13 -33.24
CA LEU A 389 21.50 -52.25 -34.16
C LEU A 389 21.62 -53.58 -33.39
N TYR A 390 20.77 -54.58 -33.74
CA TYR A 390 20.69 -55.86 -33.05
C TYR A 390 21.67 -56.91 -33.57
N ARG A 391 22.70 -57.23 -32.78
CA ARG A 391 23.71 -58.19 -33.20
C ARG A 391 23.83 -59.42 -32.29
N GLU A 392 22.74 -59.77 -31.61
CA GLU A 392 22.72 -60.92 -30.74
CA GLU A 392 22.69 -60.93 -30.74
C GLU A 392 22.13 -62.12 -31.52
N PRO A 393 22.42 -63.38 -31.11
CA PRO A 393 21.91 -64.52 -31.88
C PRO A 393 20.40 -64.71 -31.76
N PRO A 394 19.74 -65.14 -32.85
CA PRO A 394 18.28 -65.32 -32.79
C PRO A 394 17.83 -66.45 -31.86
N GLU A 395 16.72 -66.26 -31.14
CA GLU A 395 16.16 -67.32 -30.32
C GLU A 395 15.38 -68.26 -31.27
N ALA A 396 15.22 -69.53 -30.86
CA ALA A 396 14.50 -70.51 -31.66
C ALA A 396 13.00 -70.17 -31.70
N ILE A 397 12.41 -69.84 -30.53
CA ILE A 397 11.00 -69.48 -30.46
C ILE A 397 10.85 -67.97 -30.79
N TRP A 398 10.02 -67.61 -31.81
CA TRP A 398 9.81 -66.22 -32.24
C TRP A 398 9.42 -65.29 -31.11
N ALA A 399 8.49 -65.71 -30.25
CA ALA A 399 8.09 -64.93 -29.08
C ALA A 399 9.29 -64.65 -28.17
N ASP A 400 10.21 -65.64 -28.04
CA ASP A 400 11.45 -65.50 -27.26
C ASP A 400 12.42 -64.54 -27.96
N ASP A 401 12.44 -64.53 -29.30
CA ASP A 401 13.34 -63.66 -30.05
C ASP A 401 12.94 -62.19 -29.89
N VAL A 402 11.62 -61.93 -29.91
CA VAL A 402 11.03 -60.61 -29.74
C VAL A 402 11.39 -60.09 -28.35
N ASP A 403 11.14 -60.89 -27.29
CA ASP A 403 11.42 -60.49 -25.91
CA ASP A 403 11.43 -60.49 -25.91
C ASP A 403 12.90 -60.16 -25.69
N ARG A 404 13.80 -60.81 -26.44
CA ARG A 404 15.23 -60.50 -26.30
C ARG A 404 15.56 -59.17 -26.99
N ARG A 405 14.98 -58.88 -28.17
CA ARG A 405 15.21 -57.58 -28.80
C ARG A 405 14.65 -56.43 -27.92
N VAL A 406 13.57 -56.69 -27.17
CA VAL A 406 12.96 -55.73 -26.27
C VAL A 406 13.84 -55.51 -25.03
N GLN A 407 14.41 -56.60 -24.47
CA GLN A 407 15.35 -56.49 -23.35
C GLN A 407 16.67 -55.85 -23.79
N PHE A 408 17.05 -56.00 -25.07
CA PHE A 408 18.22 -55.35 -25.61
C PHE A 408 18.01 -53.83 -25.59
N GLY A 409 16.83 -53.37 -26.01
CA GLY A 409 16.46 -51.96 -26.01
C GLY A 409 16.55 -51.36 -24.62
N ILE A 410 16.03 -52.12 -23.63
CA ILE A 410 16.07 -51.72 -22.22
C ILE A 410 17.50 -51.66 -21.67
N GLU A 411 18.33 -52.67 -21.97
CA GLU A 411 19.72 -52.68 -21.53
C GLU A 411 20.53 -51.54 -22.14
N SER A 412 20.37 -51.29 -23.46
CA SER A 412 21.05 -50.18 -24.13
C SER A 412 20.55 -48.83 -23.54
N GLY A 413 19.25 -48.74 -23.26
CA GLY A 413 18.65 -47.55 -22.69
C GLY A 413 19.19 -47.25 -21.31
N LYS A 414 19.40 -48.30 -20.51
CA LYS A 414 19.93 -48.16 -19.17
C LYS A 414 21.38 -47.70 -19.24
N LEU A 415 22.17 -48.31 -20.13
CA LEU A 415 23.57 -47.95 -20.29
C LEU A 415 23.71 -46.51 -20.78
N ARG A 416 22.89 -46.11 -21.76
CA ARG A 416 22.99 -44.77 -22.32
C ARG A 416 22.34 -43.65 -21.50
N GLY A 417 21.67 -43.99 -20.40
CA GLY A 417 21.03 -42.99 -19.56
C GLY A 417 19.60 -42.64 -19.89
N PHE A 418 18.99 -43.28 -20.92
CA PHE A 418 17.59 -43.06 -21.29
C PHE A 418 16.67 -43.63 -20.21
N LEU A 419 17.03 -44.78 -19.60
CA LEU A 419 16.16 -45.48 -18.66
C LEU A 419 16.79 -45.75 -17.31
N ARG A 420 15.95 -45.84 -16.29
CA ARG A 420 16.30 -46.17 -14.91
C ARG A 420 15.24 -47.15 -14.37
N VAL A 421 15.59 -47.92 -13.34
CA VAL A 421 14.65 -48.85 -12.71
C VAL A 421 13.47 -48.05 -12.13
N GLY A 422 12.25 -48.50 -12.39
CA GLY A 422 11.07 -47.78 -11.96
C GLY A 422 10.41 -46.97 -13.04
N ASP A 423 11.13 -46.68 -14.14
CA ASP A 423 10.56 -45.96 -15.28
C ASP A 423 9.49 -46.79 -15.98
N LEU A 424 8.60 -46.12 -16.72
CA LEU A 424 7.62 -46.80 -17.55
C LEU A 424 8.05 -46.64 -19.01
N VAL A 425 7.93 -47.70 -19.79
CA VAL A 425 8.24 -47.67 -21.21
C VAL A 425 7.05 -48.23 -21.98
N ILE A 426 6.89 -47.77 -23.21
CA ILE A 426 5.86 -48.27 -24.08
C ILE A 426 6.58 -49.13 -25.09
N VAL A 427 6.14 -50.39 -25.28
CA VAL A 427 6.83 -51.29 -26.21
C VAL A 427 5.91 -51.57 -27.39
N VAL A 428 6.38 -51.30 -28.59
CA VAL A 428 5.62 -51.49 -29.83
C VAL A 428 6.19 -52.65 -30.65
N THR A 429 5.37 -53.70 -30.83
CA THR A 429 5.74 -54.92 -31.57
C THR A 429 4.62 -55.32 -32.57
N GLY A 430 4.86 -56.39 -33.33
CA GLY A 430 3.92 -56.94 -34.30
C GLY A 430 3.45 -58.33 -33.92
N TRP A 431 2.41 -58.85 -34.63
CA TRP A 431 1.84 -60.16 -34.31
C TRP A 431 2.49 -61.33 -35.07
N ARG A 432 3.21 -61.02 -36.16
CA ARG A 432 3.86 -62.00 -37.00
C ARG A 432 5.14 -61.37 -37.57
N PRO A 433 6.20 -62.19 -37.82
CA PRO A 433 7.46 -61.61 -38.34
C PRO A 433 7.34 -60.98 -39.75
N GLY A 434 8.32 -60.18 -40.12
CA GLY A 434 8.30 -59.47 -41.39
C GLY A 434 7.76 -58.05 -41.23
N SER A 435 8.03 -57.20 -42.23
CA SER A 435 7.62 -55.81 -42.26
CA SER A 435 7.59 -55.81 -42.23
C SER A 435 6.09 -55.67 -42.46
N GLY A 436 5.49 -54.65 -41.85
CA GLY A 436 4.08 -54.31 -42.01
C GLY A 436 3.05 -54.90 -41.08
N TYR A 437 3.47 -55.57 -40.00
CA TYR A 437 2.53 -56.22 -39.10
C TYR A 437 2.51 -55.65 -37.70
N THR A 438 3.03 -54.42 -37.49
CA THR A 438 3.00 -53.78 -36.16
C THR A 438 1.52 -53.56 -35.75
N ASN A 439 1.18 -53.98 -34.56
CA ASN A 439 -0.20 -53.84 -34.09
C ASN A 439 -0.33 -53.97 -32.57
N ILE A 440 0.80 -54.01 -31.82
CA ILE A 440 0.73 -54.20 -30.38
C ILE A 440 1.46 -53.09 -29.61
N MET A 441 0.84 -52.65 -28.53
CA MET A 441 1.46 -51.68 -27.63
CA MET A 441 1.38 -51.64 -27.62
C MET A 441 1.32 -52.22 -26.20
N ARG A 442 2.44 -52.23 -25.48
CA ARG A 442 2.49 -52.77 -24.12
C ARG A 442 3.07 -51.73 -23.17
N VAL A 443 2.53 -51.64 -21.95
CA VAL A 443 3.07 -50.73 -20.94
C VAL A 443 3.96 -51.56 -20.02
N LEU A 444 5.25 -51.28 -19.98
CA LEU A 444 6.20 -52.06 -19.17
C LEU A 444 6.92 -51.22 -18.11
N SER A 445 7.08 -51.77 -16.90
CA SER A 445 7.81 -51.07 -15.84
CA SER A 445 7.81 -51.08 -15.83
C SER A 445 9.25 -51.60 -15.85
N ILE A 446 10.24 -50.71 -15.90
CA ILE A 446 11.65 -51.10 -15.94
C ILE A 446 12.16 -51.72 -14.64
N SER A 447 12.71 -52.96 -14.79
CA SER A 447 13.29 -53.83 -13.76
C SER A 447 12.36 -54.03 -12.56
N ARG B 12 -11.85 -32.12 -44.32
CA ARG B 12 -12.07 -33.05 -45.42
C ARG B 12 -10.84 -33.92 -45.71
N ALA B 13 -9.62 -33.35 -45.55
CA ALA B 13 -8.36 -34.06 -45.81
C ALA B 13 -8.06 -35.15 -44.77
N ASP B 14 -8.56 -34.97 -43.53
CA ASP B 14 -8.37 -35.95 -42.46
C ASP B 14 -9.38 -37.13 -42.53
N VAL B 15 -10.35 -37.07 -43.44
CA VAL B 15 -11.35 -38.14 -43.59
C VAL B 15 -11.49 -38.61 -45.05
N ALA B 16 -10.72 -38.05 -46.01
CA ALA B 16 -10.84 -38.37 -47.44
C ALA B 16 -10.56 -39.83 -47.81
N GLN B 17 -9.44 -40.41 -47.33
CA GLN B 17 -9.09 -41.80 -47.63
C GLN B 17 -10.05 -42.75 -46.93
N LEU B 18 -10.40 -42.48 -45.67
CA LEU B 18 -11.35 -43.33 -44.97
C LEU B 18 -12.78 -43.23 -45.55
N THR B 19 -13.11 -42.10 -46.21
CA THR B 19 -14.40 -41.89 -46.87
C THR B 19 -14.43 -42.74 -48.15
N GLN B 20 -13.32 -42.76 -48.89
CA GLN B 20 -13.21 -43.58 -50.09
C GLN B 20 -13.32 -45.07 -49.72
N GLU B 21 -12.69 -45.48 -48.62
CA GLU B 21 -12.77 -46.88 -48.18
C GLU B 21 -14.12 -47.31 -47.60
N LEU B 22 -14.60 -46.61 -46.55
CA LEU B 22 -15.84 -46.97 -45.88
C LEU B 22 -17.11 -46.50 -46.60
N GLY B 23 -16.98 -45.49 -47.45
CA GLY B 23 -18.11 -44.95 -48.21
C GLY B 23 -18.71 -43.69 -47.63
N THR B 24 -19.40 -42.89 -48.49
CA THR B 24 -20.03 -41.66 -48.03
C THR B 24 -21.23 -41.95 -47.15
N ALA B 25 -21.93 -43.07 -47.35
CA ALA B 25 -23.07 -43.43 -46.50
C ALA B 25 -22.65 -43.73 -45.08
N PHE B 26 -21.44 -44.29 -44.88
CA PHE B 26 -20.91 -44.58 -43.55
C PHE B 26 -20.78 -43.27 -42.74
N PHE B 27 -20.24 -42.23 -43.40
CA PHE B 27 -19.97 -40.94 -42.80
C PHE B 27 -21.22 -40.03 -42.70
N GLN B 28 -22.35 -40.35 -43.36
CA GLN B 28 -23.59 -39.60 -43.16
C GLN B 28 -24.33 -40.13 -41.91
N GLN B 29 -24.04 -41.36 -41.44
CA GLN B 29 -24.72 -41.93 -40.29
C GLN B 29 -24.09 -41.51 -38.96
N GLN B 30 -24.73 -41.92 -37.84
CA GLN B 30 -24.37 -41.70 -36.43
C GLN B 30 -23.78 -40.30 -36.14
N GLN B 31 -24.38 -39.25 -36.76
CA GLN B 31 -24.00 -37.85 -36.62
C GLN B 31 -22.51 -37.61 -36.86
N LEU B 32 -21.90 -38.39 -37.76
CA LEU B 32 -20.49 -38.22 -38.06
C LEU B 32 -20.17 -36.85 -38.68
N PRO B 33 -20.99 -36.21 -39.53
CA PRO B 33 -20.66 -34.83 -39.97
C PRO B 33 -20.60 -33.86 -38.78
N ALA B 34 -21.52 -33.98 -37.81
CA ALA B 34 -21.53 -33.13 -36.62
C ALA B 34 -20.33 -33.45 -35.70
N ALA B 35 -19.89 -34.71 -35.68
CA ALA B 35 -18.75 -35.13 -34.85
C ALA B 35 -17.41 -34.58 -35.33
N MET B 36 -17.27 -34.37 -36.64
CA MET B 36 -16.04 -33.83 -37.22
C MET B 36 -15.93 -32.29 -37.13
N ALA B 37 -16.98 -31.60 -36.66
CA ALA B 37 -17.01 -30.14 -36.57
C ALA B 37 -15.90 -29.57 -35.71
N ASP B 38 -15.37 -28.40 -36.11
CA ASP B 38 -14.26 -27.77 -35.37
C ASP B 38 -14.69 -26.96 -34.14
N THR B 39 -15.97 -26.60 -34.05
CA THR B 39 -16.50 -25.86 -32.90
C THR B 39 -17.80 -26.52 -32.43
N PHE B 40 -18.18 -26.27 -31.17
CA PHE B 40 -19.42 -26.80 -30.62
C PHE B 40 -20.64 -26.21 -31.35
N LEU B 41 -20.56 -24.93 -31.71
CA LEU B 41 -21.60 -24.24 -32.44
C LEU B 41 -21.80 -24.90 -33.81
N GLU B 42 -20.73 -25.18 -34.56
CA GLU B 42 -20.82 -25.86 -35.86
CA GLU B 42 -20.85 -25.84 -35.86
C GLU B 42 -21.37 -27.28 -35.68
N HIS B 43 -20.99 -27.95 -34.59
CA HIS B 43 -21.43 -29.29 -34.24
C HIS B 43 -22.96 -29.29 -34.10
N LEU B 44 -23.52 -28.31 -33.37
CA LEU B 44 -24.98 -28.19 -33.24
C LEU B 44 -25.62 -27.96 -34.59
N CYS B 45 -25.07 -27.04 -35.41
CA CYS B 45 -25.58 -26.69 -36.73
C CYS B 45 -25.61 -27.88 -37.69
N LEU B 46 -24.69 -28.87 -37.51
CA LEU B 46 -24.61 -30.05 -38.36
C LEU B 46 -25.43 -31.23 -37.88
N LEU B 47 -26.16 -31.12 -36.75
CA LEU B 47 -26.98 -32.23 -36.26
C LEU B 47 -28.09 -32.50 -37.28
N ASP B 48 -28.30 -33.75 -37.65
CA ASP B 48 -29.21 -34.13 -38.71
C ASP B 48 -30.21 -35.19 -38.28
N ILE B 49 -31.52 -34.88 -38.37
CA ILE B 49 -32.56 -35.86 -38.02
C ILE B 49 -32.56 -37.11 -38.97
N ASP B 50 -31.96 -36.96 -40.17
CA ASP B 50 -31.85 -38.06 -41.12
C ASP B 50 -30.60 -38.93 -40.92
N SER B 51 -29.67 -38.51 -40.05
CA SER B 51 -28.47 -39.28 -39.75
C SER B 51 -28.84 -40.31 -38.69
N GLU B 52 -28.95 -41.57 -39.08
CA GLU B 52 -29.41 -42.62 -38.18
C GLU B 52 -28.35 -43.19 -37.23
N PRO B 53 -28.74 -43.48 -35.98
CA PRO B 53 -27.79 -44.11 -35.05
C PRO B 53 -27.44 -45.55 -35.48
N VAL B 54 -26.16 -45.89 -35.49
CA VAL B 54 -25.70 -47.21 -35.91
C VAL B 54 -25.22 -48.02 -34.70
N ALA B 55 -24.43 -47.39 -33.82
CA ALA B 55 -23.89 -48.02 -32.62
C ALA B 55 -24.95 -48.55 -31.67
N ALA B 56 -24.60 -49.54 -30.84
CA ALA B 56 -25.52 -50.07 -29.84
C ALA B 56 -25.71 -49.01 -28.74
N ARG B 57 -26.86 -49.03 -28.08
CA ARG B 57 -27.17 -48.07 -27.04
C ARG B 57 -26.28 -48.27 -25.81
N SER B 58 -25.51 -47.25 -25.47
CA SER B 58 -24.51 -47.30 -24.43
C SER B 58 -24.94 -46.84 -23.03
N THR B 59 -26.00 -46.01 -22.91
CA THR B 59 -26.46 -45.54 -21.60
C THR B 59 -27.42 -46.59 -21.07
N SER B 60 -27.14 -47.14 -19.90
CA SER B 60 -27.99 -48.20 -19.34
C SER B 60 -29.30 -47.69 -18.79
N ILE B 61 -30.33 -48.52 -18.90
CA ILE B 61 -31.65 -48.19 -18.43
C ILE B 61 -31.91 -48.96 -17.15
N ILE B 62 -32.26 -48.23 -16.10
CA ILE B 62 -32.64 -48.80 -14.83
C ILE B 62 -34.17 -48.74 -14.78
N ALA B 63 -34.84 -49.89 -14.64
CA ALA B 63 -36.30 -49.90 -14.57
C ALA B 63 -36.72 -50.33 -13.18
N THR B 64 -37.57 -49.55 -12.52
CA THR B 64 -38.07 -49.91 -11.20
C THR B 64 -39.11 -51.01 -11.35
N ILE B 65 -38.92 -52.12 -10.66
CA ILE B 65 -39.83 -53.26 -10.77
C ILE B 65 -40.91 -53.17 -9.72
N GLY B 66 -42.17 -53.19 -10.17
CA GLY B 66 -43.33 -53.12 -9.30
C GLY B 66 -44.50 -53.90 -9.84
N PRO B 67 -45.73 -53.59 -9.36
CA PRO B 67 -46.91 -54.34 -9.85
C PRO B 67 -47.10 -54.41 -11.37
N ALA B 68 -46.72 -53.35 -12.10
CA ALA B 68 -46.87 -53.33 -13.56
C ALA B 68 -45.79 -54.10 -14.32
N SER B 69 -44.70 -54.47 -13.65
CA SER B 69 -43.58 -55.10 -14.31
C SER B 69 -43.01 -56.34 -13.58
N ARG B 70 -43.82 -57.03 -12.78
CA ARG B 70 -43.34 -58.19 -12.04
C ARG B 70 -43.45 -59.52 -12.74
N SER B 71 -44.45 -59.71 -13.60
CA SER B 71 -44.61 -61.00 -14.26
C SER B 71 -43.42 -61.37 -15.12
N VAL B 72 -43.01 -62.64 -15.07
CA VAL B 72 -41.88 -63.20 -15.81
C VAL B 72 -41.99 -62.91 -17.31
N GLU B 73 -43.22 -62.97 -17.86
CA GLU B 73 -43.48 -62.71 -19.27
C GLU B 73 -43.27 -61.23 -19.62
N ARG B 74 -43.69 -60.32 -18.70
CA ARG B 74 -43.53 -58.86 -18.84
C ARG B 74 -42.05 -58.49 -18.73
N LEU B 75 -41.32 -59.14 -17.83
CA LEU B 75 -39.90 -58.92 -17.63
C LEU B 75 -39.08 -59.36 -18.84
N LYS B 76 -39.52 -60.41 -19.55
CA LYS B 76 -38.83 -60.85 -20.78
C LYS B 76 -38.97 -59.78 -21.86
N GLU B 77 -40.16 -59.15 -21.95
CA GLU B 77 -40.43 -58.07 -22.90
CA GLU B 77 -40.36 -58.10 -22.93
C GLU B 77 -39.55 -56.84 -22.57
N MET B 78 -39.36 -56.58 -21.25
CA MET B 78 -38.56 -55.46 -20.77
CA MET B 78 -38.56 -55.45 -20.78
C MET B 78 -37.07 -55.67 -21.01
N ILE B 79 -36.59 -56.92 -20.91
CA ILE B 79 -35.19 -57.23 -21.18
C ILE B 79 -34.93 -57.01 -22.68
N LYS B 80 -35.86 -57.46 -23.53
CA LYS B 80 -35.77 -57.29 -24.98
C LYS B 80 -35.91 -55.81 -25.39
N ALA B 81 -36.66 -55.02 -24.62
CA ALA B 81 -36.81 -53.58 -24.87
C ALA B 81 -35.55 -52.77 -24.51
N GLY B 82 -34.71 -53.31 -23.60
CA GLY B 82 -33.46 -52.66 -23.22
C GLY B 82 -33.14 -52.52 -21.74
N MET B 83 -33.98 -53.02 -20.83
CA MET B 83 -33.70 -52.93 -19.40
C MET B 83 -32.37 -53.62 -19.04
N ASN B 84 -31.46 -52.91 -18.35
CA ASN B 84 -30.15 -53.44 -17.97
C ASN B 84 -30.04 -53.67 -16.48
N ILE B 85 -30.74 -52.86 -15.68
CA ILE B 85 -30.73 -52.91 -14.22
C ILE B 85 -32.15 -52.88 -13.68
N ALA B 86 -32.50 -53.83 -12.83
CA ALA B 86 -33.81 -53.89 -12.21
C ALA B 86 -33.69 -53.24 -10.83
N ARG B 87 -34.51 -52.21 -10.56
CA ARG B 87 -34.44 -51.50 -9.30
C ARG B 87 -35.58 -51.93 -8.38
N LEU B 88 -35.27 -52.23 -7.12
CA LEU B 88 -36.27 -52.61 -6.15
C LEU B 88 -36.31 -51.54 -5.08
N ASN B 89 -37.42 -50.80 -5.04
CA ASN B 89 -37.54 -49.68 -4.10
C ASN B 89 -38.02 -50.14 -2.76
N PHE B 90 -37.12 -50.18 -1.77
CA PHE B 90 -37.48 -50.64 -0.43
C PHE B 90 -38.25 -49.60 0.40
N SER B 91 -38.68 -48.51 -0.23
CA SER B 91 -39.61 -47.55 0.38
C SER B 91 -41.06 -48.09 0.30
N HIS B 92 -41.32 -49.06 -0.62
CA HIS B 92 -42.60 -49.72 -0.86
C HIS B 92 -42.41 -51.25 -0.74
N GLY B 93 -43.53 -51.99 -0.71
CA GLY B 93 -43.52 -53.44 -0.61
C GLY B 93 -42.95 -53.99 0.69
N SER B 94 -42.59 -55.27 0.66
CA SER B 94 -42.03 -55.97 1.80
C SER B 94 -40.85 -56.85 1.34
N HIS B 95 -40.14 -57.51 2.28
CA HIS B 95 -39.04 -58.40 1.93
C HIS B 95 -39.56 -59.56 1.07
N GLU B 96 -40.73 -60.11 1.43
CA GLU B 96 -41.35 -61.20 0.67
C GLU B 96 -41.72 -60.77 -0.74
N TYR B 97 -42.25 -59.54 -0.86
CA TYR B 97 -42.64 -58.98 -2.14
C TYR B 97 -41.43 -58.76 -3.05
N HIS B 98 -40.38 -58.13 -2.52
CA HIS B 98 -39.18 -57.87 -3.30
C HIS B 98 -38.41 -59.13 -3.65
N ALA B 99 -38.46 -60.18 -2.77
CA ALA B 99 -37.81 -61.45 -3.09
C ALA B 99 -38.51 -62.15 -4.27
N GLU B 100 -39.83 -62.00 -4.36
CA GLU B 100 -40.58 -62.58 -5.47
C GLU B 100 -40.25 -61.83 -6.78
N SER B 101 -40.10 -60.50 -6.69
CA SER B 101 -39.72 -59.66 -7.82
C SER B 101 -38.32 -60.09 -8.33
N ILE B 102 -37.35 -60.24 -7.41
CA ILE B 102 -35.99 -60.67 -7.71
C ILE B 102 -35.98 -62.02 -8.41
N ALA B 103 -36.76 -62.99 -7.90
CA ALA B 103 -36.84 -64.33 -8.47
C ALA B 103 -37.43 -64.30 -9.88
N ASN B 104 -38.43 -63.44 -10.11
CA ASN B 104 -39.06 -63.30 -11.43
C ASN B 104 -38.09 -62.66 -12.43
N VAL B 105 -37.27 -61.70 -11.96
CA VAL B 105 -36.26 -61.07 -12.82
C VAL B 105 -35.23 -62.13 -13.21
N ARG B 106 -34.68 -62.86 -12.22
CA ARG B 106 -33.71 -63.93 -12.48
C ARG B 106 -34.25 -65.02 -13.41
N GLU B 107 -35.53 -65.38 -13.27
CA GLU B 107 -36.16 -66.37 -14.14
C GLU B 107 -36.23 -65.87 -15.60
N ALA B 108 -36.66 -64.60 -15.79
CA ALA B 108 -36.74 -64.01 -17.13
C ALA B 108 -35.35 -63.82 -17.74
N VAL B 109 -34.34 -63.49 -16.92
CA VAL B 109 -32.96 -63.31 -17.41
C VAL B 109 -32.40 -64.65 -17.86
N GLU B 110 -32.60 -65.70 -17.04
CA GLU B 110 -32.05 -67.01 -17.37
C GLU B 110 -32.79 -67.73 -18.50
N SER B 111 -33.98 -67.26 -18.88
CA SER B 111 -34.68 -67.87 -20.02
C SER B 111 -33.94 -67.63 -21.36
N PHE B 112 -32.95 -66.71 -21.39
CA PHE B 112 -32.15 -66.42 -22.59
C PHE B 112 -30.72 -67.00 -22.50
N ALA B 113 -30.38 -67.75 -21.41
CA ALA B 113 -29.04 -68.32 -21.20
C ALA B 113 -28.70 -69.55 -22.07
N GLY B 114 -29.12 -69.51 -23.33
CA GLY B 114 -28.87 -70.60 -24.26
C GLY B 114 -27.63 -70.42 -25.10
N SER B 115 -27.18 -69.17 -25.28
CA SER B 115 -26.02 -68.89 -26.13
C SER B 115 -25.48 -67.47 -25.92
N PRO B 116 -24.21 -67.17 -26.30
CA PRO B 116 -23.72 -65.80 -26.18
C PRO B 116 -24.43 -64.84 -27.14
N LEU B 117 -24.86 -65.34 -28.31
CA LEU B 117 -25.56 -64.52 -29.30
C LEU B 117 -27.01 -64.19 -28.94
N SER B 118 -27.42 -64.48 -27.70
CA SER B 118 -28.76 -64.20 -27.22
C SER B 118 -28.81 -64.01 -25.70
N TYR B 119 -27.65 -63.89 -24.98
CA TYR B 119 -27.72 -63.71 -23.53
C TYR B 119 -27.57 -62.27 -23.09
N ARG B 120 -28.45 -61.82 -22.19
CA ARG B 120 -28.39 -60.47 -21.66
C ARG B 120 -28.37 -60.47 -20.13
N PRO B 121 -27.19 -60.28 -19.51
CA PRO B 121 -27.13 -60.16 -18.04
C PRO B 121 -27.85 -58.89 -17.54
N VAL B 122 -28.52 -58.96 -16.38
CA VAL B 122 -29.28 -57.85 -15.83
C VAL B 122 -28.93 -57.68 -14.37
N ALA B 123 -28.49 -56.48 -13.96
CA ALA B 123 -28.14 -56.23 -12.57
C ALA B 123 -29.37 -56.05 -11.70
N ILE B 124 -29.23 -56.30 -10.39
CA ILE B 124 -30.32 -56.12 -9.45
C ILE B 124 -29.87 -55.10 -8.42
N ALA B 125 -30.61 -54.01 -8.30
CA ALA B 125 -30.26 -52.95 -7.39
C ALA B 125 -31.30 -52.75 -6.31
N LEU B 126 -30.85 -52.53 -5.08
CA LEU B 126 -31.73 -52.31 -3.95
C LEU B 126 -31.68 -50.84 -3.60
N ASP B 127 -32.82 -50.16 -3.64
CA ASP B 127 -32.88 -48.74 -3.29
C ASP B 127 -33.40 -48.66 -1.85
N THR B 128 -32.61 -48.15 -0.91
CA THR B 128 -33.00 -48.09 0.50
C THR B 128 -34.08 -47.06 0.82
N LYS B 129 -34.83 -47.28 1.91
CA LYS B 129 -35.87 -46.35 2.36
C LYS B 129 -35.25 -45.01 2.80
N GLY B 130 -34.13 -45.07 3.52
CA GLY B 130 -33.43 -43.88 3.96
C GLY B 130 -33.42 -43.68 5.46
N PRO B 131 -32.64 -42.70 5.95
CA PRO B 131 -32.58 -42.47 7.40
C PRO B 131 -33.76 -41.69 8.00
N GLY B 132 -34.49 -40.95 7.17
CA GLY B 132 -35.60 -40.14 7.64
C GLY B 132 -35.14 -39.02 8.57
N SER B 133 -35.78 -38.89 9.74
CA SER B 133 -35.40 -37.87 10.71
C SER B 133 -34.20 -38.34 11.56
N PRO B 135 -30.46 -39.20 11.94
CA PRO B 135 -29.14 -38.83 11.39
C PRO B 135 -28.33 -40.04 10.89
N GLY B 136 -28.23 -41.08 11.71
CA GLY B 136 -27.50 -42.29 11.33
C GLY B 136 -28.32 -43.24 10.48
N LEU B 137 -27.81 -44.45 10.25
CA LEU B 137 -28.53 -45.44 9.45
C LEU B 137 -29.75 -45.94 10.22
N SER B 138 -30.91 -46.00 9.55
CA SER B 138 -32.13 -46.45 10.21
C SER B 138 -32.11 -47.97 10.40
N GLU B 139 -32.86 -48.46 11.40
CA GLU B 139 -32.94 -49.88 11.67
C GLU B 139 -33.55 -50.66 10.53
N GLN B 140 -34.50 -50.05 9.78
CA GLN B 140 -35.10 -50.71 8.61
C GLN B 140 -34.05 -50.87 7.51
N ASP B 141 -33.20 -49.85 7.33
CA ASP B 141 -32.13 -49.93 6.35
C ASP B 141 -31.13 -51.02 6.69
N VAL B 142 -30.81 -51.23 7.97
CA VAL B 142 -29.92 -52.30 8.39
C VAL B 142 -30.50 -53.67 7.99
N ARG B 143 -31.82 -53.85 8.19
CA ARG B 143 -32.51 -55.08 7.83
C ARG B 143 -32.59 -55.28 6.32
N ASP B 144 -32.89 -54.21 5.57
CA ASP B 144 -33.02 -54.25 4.12
C ASP B 144 -31.67 -54.49 3.44
N LEU B 145 -30.59 -53.90 3.97
CA LEU B 145 -29.25 -54.10 3.44
C LEU B 145 -28.80 -55.54 3.66
N ARG B 146 -29.13 -56.13 4.84
CA ARG B 146 -28.84 -57.53 5.12
C ARG B 146 -29.59 -58.46 4.16
N PHE B 147 -30.84 -58.09 3.80
CA PHE B 147 -31.67 -58.80 2.84
C PHE B 147 -30.97 -58.81 1.48
N GLY B 148 -30.43 -57.67 1.08
CA GLY B 148 -29.72 -57.51 -0.19
C GLY B 148 -28.52 -58.41 -0.31
N VAL B 149 -27.72 -58.50 0.77
CA VAL B 149 -26.56 -59.39 0.82
C VAL B 149 -27.02 -60.85 0.69
N GLU B 150 -28.06 -61.22 1.46
CA GLU B 150 -28.60 -62.59 1.44
C GLU B 150 -29.21 -62.98 0.10
N HIS B 151 -29.74 -62.00 -0.63
CA HIS B 151 -30.32 -62.27 -1.94
C HIS B 151 -29.38 -61.96 -3.13
N GLY B 152 -28.11 -61.69 -2.86
CA GLY B 152 -27.12 -61.44 -3.89
C GLY B 152 -27.35 -60.25 -4.80
N VAL B 153 -27.78 -59.11 -4.22
CA VAL B 153 -27.97 -57.91 -5.04
C VAL B 153 -26.61 -57.38 -5.51
N ASP B 154 -26.58 -56.74 -6.68
CA ASP B 154 -25.34 -56.24 -7.24
C ASP B 154 -25.04 -54.81 -6.80
N ILE B 155 -26.09 -53.99 -6.62
CA ILE B 155 -25.94 -52.57 -6.33
C ILE B 155 -26.87 -52.12 -5.21
N VAL B 156 -26.47 -51.09 -4.48
CA VAL B 156 -27.28 -50.45 -3.49
C VAL B 156 -27.38 -48.96 -3.87
N PHE B 157 -28.60 -48.43 -3.99
CA PHE B 157 -28.80 -47.02 -4.23
C PHE B 157 -29.11 -46.52 -2.82
N ALA B 158 -28.12 -45.95 -2.15
CA ALA B 158 -28.32 -45.50 -0.78
C ALA B 158 -29.01 -44.17 -0.73
N SER B 159 -30.22 -44.12 -0.16
CA SER B 159 -30.99 -42.89 -0.02
C SER B 159 -30.41 -41.89 0.96
N PHE B 160 -30.64 -40.59 0.69
CA PHE B 160 -30.24 -39.42 1.47
C PHE B 160 -28.82 -39.45 2.04
N VAL B 161 -27.82 -39.64 1.17
CA VAL B 161 -26.43 -39.61 1.61
C VAL B 161 -26.04 -38.13 1.77
N ARG B 162 -25.55 -37.74 2.97
CA ARG B 162 -25.19 -36.35 3.26
C ARG B 162 -23.70 -36.11 3.55
N LYS B 163 -22.96 -37.18 3.81
CA LYS B 163 -21.54 -37.08 4.16
C LYS B 163 -20.85 -38.44 3.97
N ALA B 164 -19.52 -38.45 3.98
CA ALA B 164 -18.73 -39.66 3.80
C ALA B 164 -19.03 -40.76 4.85
N SER B 165 -19.37 -40.36 6.09
CA SER B 165 -19.67 -41.33 7.14
C SER B 165 -20.96 -42.12 6.90
N ASP B 166 -21.91 -41.53 6.15
CA ASP B 166 -23.16 -42.22 5.80
C ASP B 166 -22.84 -43.41 4.89
N VAL B 167 -21.87 -43.24 3.98
CA VAL B 167 -21.45 -44.29 3.05
C VAL B 167 -20.76 -45.41 3.81
N ALA B 168 -19.90 -45.04 4.78
CA ALA B 168 -19.20 -46.02 5.60
C ALA B 168 -20.19 -46.88 6.40
N ALA B 169 -21.28 -46.27 6.92
CA ALA B 169 -22.33 -46.98 7.64
C ALA B 169 -23.05 -47.98 6.73
N VAL B 170 -23.32 -47.61 5.46
CA VAL B 170 -23.96 -48.53 4.51
C VAL B 170 -23.01 -49.70 4.20
N ARG B 171 -21.71 -49.42 4.05
CA ARG B 171 -20.70 -50.44 3.77
CA ARG B 171 -20.72 -50.45 3.77
C ARG B 171 -20.62 -51.42 4.95
N ALA B 172 -20.62 -50.88 6.18
CA ALA B 172 -20.57 -51.69 7.40
C ALA B 172 -21.82 -52.58 7.52
N ALA B 173 -23.00 -52.05 7.19
CA ALA B 173 -24.25 -52.82 7.25
C ALA B 173 -24.31 -53.95 6.22
N LEU B 174 -23.53 -53.86 5.13
CA LEU B 174 -23.48 -54.95 4.14
C LEU B 174 -22.63 -56.14 4.64
N GLY B 175 -21.89 -55.95 5.73
CA GLY B 175 -21.08 -56.98 6.37
C GLY B 175 -19.90 -57.47 5.56
N PRO B 176 -19.30 -58.57 6.01
CA PRO B 176 -18.15 -59.13 5.27
C PRO B 176 -18.52 -59.79 3.94
N GLU B 177 -19.76 -60.29 3.83
CA GLU B 177 -20.22 -60.95 2.61
C GLU B 177 -20.65 -60.00 1.49
N GLY B 178 -20.89 -58.73 1.82
CA GLY B 178 -21.32 -57.75 0.82
C GLY B 178 -20.24 -56.77 0.37
N HIS B 179 -18.98 -57.20 0.43
CA HIS B 179 -17.84 -56.38 0.04
C HIS B 179 -17.85 -56.01 -1.46
N GLY B 180 -18.41 -56.88 -2.29
CA GLY B 180 -18.44 -56.69 -3.73
C GLY B 180 -19.61 -55.90 -4.27
N ILE B 181 -20.60 -55.57 -3.42
CA ILE B 181 -21.77 -54.82 -3.84
C ILE B 181 -21.37 -53.36 -4.10
N LYS B 182 -21.85 -52.78 -5.20
CA LYS B 182 -21.53 -51.38 -5.52
C LYS B 182 -22.43 -50.45 -4.76
N ILE B 183 -21.87 -49.41 -4.14
CA ILE B 183 -22.68 -48.42 -3.44
C ILE B 183 -22.78 -47.13 -4.26
N ILE B 184 -23.99 -46.84 -4.75
CA ILE B 184 -24.29 -45.62 -5.51
C ILE B 184 -25.00 -44.69 -4.54
N SER B 185 -24.35 -43.61 -4.13
CA SER B 185 -24.93 -42.66 -3.18
C SER B 185 -25.95 -41.74 -3.85
N LYS B 186 -27.16 -41.67 -3.28
CA LYS B 186 -28.18 -40.79 -3.82
C LYS B 186 -28.04 -39.39 -3.20
N ILE B 187 -27.87 -38.37 -4.07
CA ILE B 187 -27.76 -36.98 -3.59
C ILE B 187 -29.17 -36.40 -3.70
N GLU B 188 -29.81 -36.12 -2.57
CA GLU B 188 -31.19 -35.66 -2.53
C GLU B 188 -31.43 -34.38 -1.76
N ASN B 189 -30.37 -33.74 -1.23
CA ASN B 189 -30.55 -32.50 -0.47
C ASN B 189 -29.35 -31.54 -0.58
N HIS B 190 -29.45 -30.35 0.01
CA HIS B 190 -28.40 -29.35 -0.03
C HIS B 190 -27.08 -29.84 0.56
N GLU B 191 -27.13 -30.55 1.70
CA GLU B 191 -25.92 -31.02 2.34
C GLU B 191 -25.15 -32.01 1.46
N GLY B 192 -25.87 -32.91 0.80
CA GLY B 192 -25.29 -33.88 -0.12
C GLY B 192 -24.63 -33.23 -1.33
N VAL B 193 -25.17 -32.08 -1.79
CA VAL B 193 -24.60 -31.33 -2.91
C VAL B 193 -23.33 -30.63 -2.42
N LYS B 194 -23.41 -29.97 -1.27
CA LYS B 194 -22.27 -29.25 -0.70
C LYS B 194 -21.10 -30.16 -0.27
N ARG B 195 -21.41 -31.36 0.20
CA ARG B 195 -20.39 -32.32 0.60
C ARG B 195 -20.14 -33.37 -0.48
N PHE B 196 -20.54 -33.09 -1.74
CA PHE B 196 -20.44 -33.98 -2.89
C PHE B 196 -19.06 -34.63 -3.04
N ASP B 197 -17.98 -33.83 -3.02
CA ASP B 197 -16.64 -34.35 -3.22
C ASP B 197 -16.24 -35.45 -2.24
N GLU B 198 -16.54 -35.26 -0.94
CA GLU B 198 -16.21 -36.27 0.05
C GLU B 198 -17.07 -37.52 -0.08
N ILE B 199 -18.32 -37.37 -0.55
CA ILE B 199 -19.22 -38.49 -0.76
C ILE B 199 -18.76 -39.31 -1.97
N LEU B 200 -18.42 -38.65 -3.08
CA LEU B 200 -17.98 -39.31 -4.30
C LEU B 200 -16.70 -40.09 -4.08
N GLU B 201 -15.78 -39.53 -3.29
CA GLU B 201 -14.49 -40.16 -2.98
C GLU B 201 -14.65 -41.54 -2.38
N VAL B 202 -15.64 -41.73 -1.51
CA VAL B 202 -15.87 -43.02 -0.86
C VAL B 202 -16.99 -43.87 -1.50
N SER B 203 -17.73 -43.33 -2.48
CA SER B 203 -18.80 -44.08 -3.14
C SER B 203 -18.30 -44.69 -4.45
N ASP B 204 -19.00 -45.70 -4.95
CA ASP B 204 -18.69 -46.27 -6.27
C ASP B 204 -19.27 -45.43 -7.42
N GLY B 205 -20.31 -44.64 -7.11
CA GLY B 205 -21.00 -43.79 -8.06
C GLY B 205 -22.03 -42.93 -7.37
N ILE B 206 -22.78 -42.16 -8.16
CA ILE B 206 -23.78 -41.22 -7.63
C ILE B 206 -25.10 -41.33 -8.38
N MET B 207 -26.19 -41.03 -7.68
CA MET B 207 -27.49 -40.93 -8.32
C MET B 207 -27.99 -39.53 -8.04
N VAL B 208 -28.39 -38.82 -9.11
CA VAL B 208 -28.97 -37.48 -8.97
C VAL B 208 -30.46 -37.78 -8.74
N ALA B 209 -30.87 -37.83 -7.48
CA ALA B 209 -32.25 -38.15 -7.10
C ALA B 209 -33.03 -36.85 -7.11
N ARG B 210 -33.54 -36.50 -8.30
CA ARG B 210 -34.19 -35.21 -8.56
C ARG B 210 -35.52 -34.98 -7.85
N GLY B 211 -36.28 -36.01 -7.53
CA GLY B 211 -37.53 -35.86 -6.80
C GLY B 211 -37.37 -35.14 -5.47
N ASP B 212 -36.59 -35.73 -4.53
CA ASP B 212 -36.35 -35.09 -3.23
C ASP B 212 -35.49 -33.87 -3.37
N LEU B 213 -34.49 -33.90 -4.29
CA LEU B 213 -33.61 -32.75 -4.50
C LEU B 213 -34.41 -31.50 -4.92
N GLY B 214 -35.45 -31.70 -5.72
CA GLY B 214 -36.36 -30.64 -6.18
C GLY B 214 -37.26 -30.05 -5.11
N ILE B 215 -37.37 -30.72 -3.95
CA ILE B 215 -38.13 -30.27 -2.79
C ILE B 215 -37.16 -29.66 -1.76
N GLU B 216 -35.95 -30.24 -1.62
CA GLU B 216 -34.94 -29.78 -0.67
C GLU B 216 -34.27 -28.48 -1.08
N ILE B 217 -34.06 -28.30 -2.40
CA ILE B 217 -33.49 -27.06 -2.95
C ILE B 217 -34.52 -26.47 -3.94
N PRO B 218 -34.40 -25.17 -4.33
CA PRO B 218 -35.37 -24.62 -5.30
C PRO B 218 -35.41 -25.45 -6.58
N ALA B 219 -36.60 -25.74 -7.10
CA ALA B 219 -36.75 -26.57 -8.29
C ALA B 219 -35.95 -26.04 -9.49
N GLU B 220 -35.85 -24.71 -9.61
CA GLU B 220 -35.12 -24.07 -10.71
C GLU B 220 -33.61 -24.21 -10.60
N LYS B 221 -33.08 -24.82 -9.52
CA LYS B 221 -31.64 -25.02 -9.35
C LYS B 221 -31.22 -26.47 -9.58
N VAL B 222 -32.16 -27.44 -9.63
CA VAL B 222 -31.85 -28.85 -9.80
C VAL B 222 -30.96 -29.12 -11.02
N PHE B 223 -31.19 -28.45 -12.15
CA PHE B 223 -30.38 -28.68 -13.35
C PHE B 223 -28.91 -28.34 -13.12
N LEU B 224 -28.63 -27.34 -12.25
CA LEU B 224 -27.25 -26.96 -11.95
C LEU B 224 -26.56 -28.08 -11.19
N ALA B 225 -27.28 -28.67 -10.20
CA ALA B 225 -26.78 -29.77 -9.39
C ALA B 225 -26.59 -31.00 -10.25
N GLN B 226 -27.54 -31.29 -11.16
CA GLN B 226 -27.43 -32.44 -12.06
C GLN B 226 -26.19 -32.29 -12.97
N LYS B 227 -26.05 -31.14 -13.65
CA LYS B 227 -24.93 -30.93 -14.57
C LYS B 227 -23.57 -30.92 -13.86
N MET B 228 -23.51 -30.36 -12.63
CA MET B 228 -22.29 -30.33 -11.83
C MET B 228 -21.89 -31.76 -11.40
N MET B 229 -22.83 -32.54 -10.84
CA MET B 229 -22.53 -33.88 -10.38
C MET B 229 -22.15 -34.81 -11.51
N ILE B 230 -22.81 -34.68 -12.68
CA ILE B 230 -22.47 -35.51 -13.82
C ILE B 230 -21.05 -35.17 -14.30
N GLY B 231 -20.73 -33.87 -14.38
CA GLY B 231 -19.40 -33.42 -14.77
C GLY B 231 -18.31 -33.93 -13.86
N ARG B 232 -18.52 -33.84 -12.53
CA ARG B 232 -17.55 -34.30 -11.54
C ARG B 232 -17.40 -35.81 -11.55
N CYS B 233 -18.49 -36.56 -11.79
CA CYS B 233 -18.41 -38.02 -11.87
C CYS B 233 -17.66 -38.42 -13.13
N ASN B 234 -17.89 -37.72 -14.25
CA ASN B 234 -17.18 -37.99 -15.50
C ASN B 234 -15.67 -37.75 -15.31
N LEU B 235 -15.33 -36.68 -14.59
CA LEU B 235 -13.96 -36.32 -14.29
C LEU B 235 -13.31 -37.39 -13.39
N ALA B 236 -14.05 -37.89 -12.40
CA ALA B 236 -13.58 -38.94 -11.49
C ALA B 236 -13.61 -40.34 -12.09
N GLY B 237 -14.26 -40.53 -13.21
CA GLY B 237 -14.38 -41.83 -13.84
C GLY B 237 -15.31 -42.75 -13.08
N LYS B 238 -16.31 -42.22 -12.36
CA LYS B 238 -17.26 -43.05 -11.61
C LYS B 238 -18.68 -42.94 -12.15
N PRO B 239 -19.46 -44.04 -12.14
CA PRO B 239 -20.82 -43.97 -12.72
C PRO B 239 -21.77 -42.96 -12.10
N VAL B 240 -22.58 -42.30 -12.94
CA VAL B 240 -23.57 -41.32 -12.46
C VAL B 240 -24.91 -41.66 -13.11
N VAL B 241 -25.95 -41.72 -12.29
CA VAL B 241 -27.31 -42.05 -12.72
C VAL B 241 -28.18 -40.80 -12.68
N CYS B 242 -28.94 -40.55 -13.75
CA CYS B 242 -29.93 -39.46 -13.71
C CYS B 242 -31.29 -40.13 -13.42
N ALA B 243 -32.00 -39.63 -12.42
CA ALA B 243 -33.25 -40.26 -12.02
C ALA B 243 -34.41 -39.29 -11.81
N THR B 244 -35.66 -39.83 -11.88
CA THR B 244 -36.96 -39.27 -11.49
C THR B 244 -37.64 -38.31 -12.49
N GLN B 245 -38.86 -38.68 -12.87
CA GLN B 245 -39.78 -37.95 -13.73
C GLN B 245 -39.26 -37.73 -15.14
N MET B 246 -38.32 -38.55 -15.59
CA MET B 246 -37.79 -38.43 -16.95
C MET B 246 -38.87 -38.62 -18.01
N LEU B 247 -39.79 -39.58 -17.82
CA LEU B 247 -40.89 -39.83 -18.76
C LEU B 247 -42.22 -39.94 -17.97
N GLU B 248 -42.37 -39.14 -16.91
CA GLU B 248 -43.52 -39.16 -15.99
C GLU B 248 -44.89 -39.34 -16.62
N SER B 249 -45.23 -38.56 -17.66
CA SER B 249 -46.55 -38.64 -18.32
C SER B 249 -46.85 -40.02 -18.91
N MET B 250 -45.80 -40.79 -19.25
CA MET B 250 -45.95 -42.12 -19.79
C MET B 250 -46.47 -43.16 -18.74
N ILE B 251 -46.68 -42.76 -17.47
CA ILE B 251 -47.31 -43.61 -16.47
C ILE B 251 -48.75 -43.89 -16.95
N THR B 252 -49.46 -42.84 -17.43
CA THR B 252 -50.83 -42.97 -17.95
C THR B 252 -50.89 -42.97 -19.50
N LYS B 253 -50.10 -42.09 -20.18
CA LYS B 253 -50.16 -41.90 -21.63
C LYS B 253 -49.18 -42.75 -22.45
N PRO B 254 -49.56 -43.16 -23.68
CA PRO B 254 -48.66 -44.01 -24.47
C PRO B 254 -47.44 -43.31 -25.07
N ARG B 255 -47.45 -41.95 -25.09
CA ARG B 255 -46.36 -41.14 -25.62
C ARG B 255 -45.95 -40.08 -24.58
N PRO B 256 -44.64 -39.77 -24.47
CA PRO B 256 -44.22 -38.72 -23.53
C PRO B 256 -44.40 -37.29 -24.09
N THR B 257 -44.20 -36.29 -23.22
CA THR B 257 -44.26 -34.90 -23.64
C THR B 257 -42.92 -34.48 -24.33
N ARG B 258 -42.91 -33.28 -24.95
CA ARG B 258 -41.70 -32.77 -25.59
C ARG B 258 -40.61 -32.45 -24.58
N ALA B 259 -40.99 -32.05 -23.37
CA ALA B 259 -40.04 -31.77 -22.29
C ALA B 259 -39.39 -33.06 -21.81
N GLU B 260 -40.15 -34.15 -21.73
CA GLU B 260 -39.67 -35.46 -21.30
C GLU B 260 -38.65 -36.08 -22.23
N THR B 261 -38.89 -36.08 -23.55
CA THR B 261 -37.91 -36.63 -24.48
C THR B 261 -36.63 -35.80 -24.47
N SER B 262 -36.79 -34.47 -24.35
CA SER B 262 -35.72 -33.51 -24.24
C SER B 262 -34.87 -33.82 -22.98
N ASP B 263 -35.53 -34.06 -21.83
CA ASP B 263 -34.87 -34.36 -20.58
C ASP B 263 -33.99 -35.63 -20.67
N VAL B 264 -34.48 -36.68 -21.33
CA VAL B 264 -33.74 -37.92 -21.48
C VAL B 264 -32.52 -37.67 -22.34
N ALA B 265 -32.71 -37.00 -23.47
CA ALA B 265 -31.63 -36.69 -24.38
C ALA B 265 -30.57 -35.82 -23.72
N ASN B 266 -31.01 -34.84 -22.90
CA ASN B 266 -30.10 -33.94 -22.22
C ASN B 266 -29.36 -34.62 -21.09
N ALA B 267 -29.94 -35.64 -20.43
CA ALA B 267 -29.22 -36.37 -19.38
C ALA B 267 -28.06 -37.13 -20.02
N VAL B 268 -28.28 -37.73 -21.19
CA VAL B 268 -27.25 -38.43 -21.95
C VAL B 268 -26.20 -37.42 -22.42
N LEU B 269 -26.64 -36.27 -22.99
CA LEU B 269 -25.69 -35.24 -23.44
C LEU B 269 -24.88 -34.65 -22.28
N ASP B 270 -25.45 -34.58 -21.09
CA ASP B 270 -24.76 -34.10 -19.90
C ASP B 270 -23.58 -35.03 -19.53
N GLY B 271 -23.72 -36.33 -19.79
CA GLY B 271 -22.70 -37.33 -19.51
C GLY B 271 -23.15 -38.43 -18.55
N ALA B 272 -24.46 -38.61 -18.36
CA ALA B 272 -24.97 -39.65 -17.46
C ALA B 272 -24.65 -41.05 -17.97
N ASP B 273 -24.20 -41.93 -17.08
CA ASP B 273 -23.93 -43.32 -17.44
C ASP B 273 -25.24 -44.13 -17.52
N CYS B 274 -26.18 -43.83 -16.63
CA CYS B 274 -27.46 -44.51 -16.57
C CYS B 274 -28.60 -43.51 -16.51
N ILE B 275 -29.74 -43.93 -17.04
CA ILE B 275 -31.01 -43.19 -16.92
C ILE B 275 -32.02 -44.13 -16.24
N MET B 276 -32.95 -43.57 -15.48
CA MET B 276 -33.88 -44.38 -14.71
C MET B 276 -35.36 -44.13 -15.00
N LEU B 277 -36.19 -45.15 -14.73
CA LEU B 277 -37.64 -45.12 -14.81
C LEU B 277 -38.14 -45.57 -13.44
N SER B 278 -39.01 -44.77 -12.80
CA SER B 278 -39.55 -45.11 -11.48
CA SER B 278 -39.56 -45.13 -11.49
C SER B 278 -41.02 -45.60 -11.65
N GLY B 279 -42.03 -44.76 -11.32
CA GLY B 279 -43.44 -45.10 -11.49
C GLY B 279 -43.79 -45.42 -12.93
N GLU B 280 -42.99 -44.92 -13.88
CA GLU B 280 -43.16 -45.17 -15.30
C GLU B 280 -43.20 -46.68 -15.60
N THR B 281 -42.42 -47.48 -14.85
CA THR B 281 -42.34 -48.93 -15.04
C THR B 281 -42.87 -49.72 -13.86
N ALA B 282 -42.77 -49.16 -12.65
CA ALA B 282 -43.25 -49.82 -11.46
C ALA B 282 -44.79 -49.93 -11.43
N LYS B 283 -45.50 -48.87 -11.82
CA LYS B 283 -46.96 -48.86 -11.74
C LYS B 283 -47.69 -48.39 -13.01
N GLY B 284 -46.98 -47.88 -14.00
CA GLY B 284 -47.61 -47.34 -15.21
C GLY B 284 -48.27 -48.32 -16.15
N ASN B 285 -49.10 -47.79 -17.07
CA ASN B 285 -49.81 -48.60 -18.07
C ASN B 285 -48.93 -48.99 -19.23
N PHE B 286 -47.77 -48.34 -19.42
CA PHE B 286 -46.90 -48.66 -20.54
C PHE B 286 -45.44 -48.91 -20.10
N PRO B 287 -45.14 -49.90 -19.22
CA PRO B 287 -43.75 -50.11 -18.78
C PRO B 287 -42.76 -50.46 -19.90
N VAL B 288 -43.15 -51.33 -20.81
CA VAL B 288 -42.29 -51.75 -21.91
C VAL B 288 -42.04 -50.59 -22.87
N GLU B 289 -43.10 -49.81 -23.16
CA GLU B 289 -43.04 -48.65 -24.05
C GLU B 289 -42.17 -47.55 -23.49
N ALA B 290 -42.14 -47.40 -22.14
CA ALA B 290 -41.29 -46.42 -21.48
C ALA B 290 -39.81 -46.82 -21.64
N VAL B 291 -39.48 -48.13 -21.53
CA VAL B 291 -38.13 -48.63 -21.72
C VAL B 291 -37.72 -48.43 -23.18
N LYS B 292 -38.62 -48.76 -24.12
CA LYS B 292 -38.36 -48.60 -25.55
C LYS B 292 -38.09 -47.14 -25.90
N MET B 293 -38.83 -46.22 -25.25
CA MET B 293 -38.68 -44.79 -25.48
C MET B 293 -37.33 -44.31 -24.99
N GLN B 294 -36.92 -44.70 -23.77
CA GLN B 294 -35.60 -44.33 -23.25
C GLN B 294 -34.49 -44.89 -24.14
N HIS B 295 -34.66 -46.11 -24.66
CA HIS B 295 -33.69 -46.73 -25.53
C HIS B 295 -33.53 -45.92 -26.82
N ALA B 296 -34.67 -45.57 -27.46
CA ALA B 296 -34.70 -44.80 -28.71
C ALA B 296 -34.03 -43.44 -28.55
N ILE B 297 -34.35 -42.71 -27.46
CA ILE B 297 -33.76 -41.39 -27.20
C ILE B 297 -32.27 -41.48 -26.91
N ALA B 298 -31.87 -42.39 -26.00
CA ALA B 298 -30.45 -42.56 -25.65
C ALA B 298 -29.56 -42.82 -26.85
N ARG B 299 -29.97 -43.71 -27.80
CA ARG B 299 -29.16 -43.97 -29.01
C ARG B 299 -29.00 -42.71 -29.84
N GLU B 300 -30.07 -41.91 -29.98
CA GLU B 300 -30.00 -40.69 -30.76
C GLU B 300 -29.05 -39.69 -30.06
N ALA B 301 -29.17 -39.56 -28.73
CA ALA B 301 -28.38 -38.62 -27.96
C ALA B 301 -26.92 -38.99 -27.88
N GLU B 302 -26.61 -40.30 -27.87
CA GLU B 302 -25.21 -40.77 -27.81
C GLU B 302 -24.47 -40.42 -29.09
N ALA B 303 -25.14 -40.52 -30.24
CA ALA B 303 -24.54 -40.15 -31.51
C ALA B 303 -24.30 -38.64 -31.59
N ALA B 304 -25.14 -37.82 -30.91
CA ALA B 304 -25.06 -36.37 -30.90
C ALA B 304 -24.01 -35.81 -29.93
N VAL B 305 -23.35 -36.67 -29.12
CA VAL B 305 -22.30 -36.24 -28.19
C VAL B 305 -21.13 -35.67 -29.01
N TYR B 306 -20.58 -34.54 -28.60
CA TYR B 306 -19.48 -33.90 -29.31
C TYR B 306 -18.15 -34.49 -28.82
N HIS B 307 -17.85 -35.72 -29.24
CA HIS B 307 -16.65 -36.46 -28.82
C HIS B 307 -15.34 -35.71 -29.01
N ARG B 308 -15.22 -34.94 -30.10
CA ARG B 308 -14.00 -34.18 -30.37
C ARG B 308 -13.55 -33.32 -29.20
N GLN B 309 -14.47 -32.52 -28.60
CA GLN B 309 -14.12 -31.70 -27.47
C GLN B 309 -14.12 -32.51 -26.17
N LEU B 310 -15.11 -33.39 -25.99
CA LEU B 310 -15.22 -34.22 -24.80
C LEU B 310 -13.97 -35.06 -24.53
N PHE B 311 -13.46 -35.78 -25.55
CA PHE B 311 -12.25 -36.60 -25.39
C PHE B 311 -11.06 -35.74 -25.07
N GLU B 312 -10.88 -34.61 -25.77
CA GLU B 312 -9.79 -33.66 -25.52
C GLU B 312 -9.85 -33.15 -24.07
N GLU B 313 -11.04 -32.84 -23.56
CA GLU B 313 -11.21 -32.32 -22.22
C GLU B 313 -11.01 -33.37 -21.15
N LEU B 314 -11.49 -34.60 -21.38
CA LEU B 314 -11.27 -35.71 -20.45
C LEU B 314 -9.77 -36.00 -20.37
N ARG B 315 -9.06 -35.94 -21.52
CA ARG B 315 -7.60 -36.12 -21.56
C ARG B 315 -6.89 -35.03 -20.78
N ARG B 316 -7.11 -33.75 -21.15
CA ARG B 316 -6.45 -32.61 -20.51
C ARG B 316 -6.70 -32.56 -19.00
N ALA B 317 -7.91 -32.91 -18.55
CA ALA B 317 -8.24 -32.86 -17.12
C ALA B 317 -7.76 -34.07 -16.34
N ALA B 318 -7.65 -35.24 -17.00
CA ALA B 318 -7.20 -36.44 -16.31
C ALA B 318 -5.72 -36.29 -15.98
N PRO B 319 -5.37 -36.55 -14.71
CA PRO B 319 -3.97 -36.40 -14.32
C PRO B 319 -3.10 -37.49 -14.91
N LEU B 320 -1.77 -37.25 -15.00
CA LEU B 320 -0.83 -38.26 -15.47
C LEU B 320 -0.91 -39.49 -14.57
N SER B 321 -0.76 -40.67 -15.17
CA SER B 321 -0.89 -41.89 -14.40
C SER B 321 0.21 -42.84 -14.67
N ARG B 322 0.66 -43.52 -13.62
CA ARG B 322 1.67 -44.56 -13.76
C ARG B 322 1.04 -45.98 -13.66
N ASP B 323 -0.31 -46.07 -13.61
CA ASP B 323 -1.04 -47.32 -13.54
C ASP B 323 -1.16 -47.85 -14.97
N PRO B 324 -0.61 -49.04 -15.24
CA PRO B 324 -0.67 -49.56 -16.62
C PRO B 324 -2.07 -49.77 -17.18
N THR B 325 -3.08 -50.04 -16.33
CA THR B 325 -4.45 -50.22 -16.81
C THR B 325 -4.96 -48.88 -17.35
N GLU B 326 -4.73 -47.80 -16.61
CA GLU B 326 -5.09 -46.44 -16.96
C GLU B 326 -4.37 -45.99 -18.25
N VAL B 327 -3.06 -46.27 -18.34
CA VAL B 327 -2.26 -45.91 -19.50
C VAL B 327 -2.71 -46.67 -20.76
N THR B 328 -3.03 -47.96 -20.61
CA THR B 328 -3.49 -48.78 -21.72
C THR B 328 -4.87 -48.33 -22.19
N ALA B 329 -5.74 -47.95 -21.25
CA ALA B 329 -7.09 -47.51 -21.57
C ALA B 329 -7.11 -46.26 -22.47
N ILE B 330 -6.28 -45.25 -22.16
CA ILE B 330 -6.27 -44.04 -22.98
C ILE B 330 -5.66 -44.33 -24.36
N GLY B 331 -4.65 -45.18 -24.41
CA GLY B 331 -4.05 -45.58 -25.68
C GLY B 331 -5.03 -46.32 -26.55
N ALA B 332 -5.83 -47.21 -25.94
CA ALA B 332 -6.84 -47.99 -26.65
C ALA B 332 -7.99 -47.10 -27.19
N VAL B 333 -8.45 -46.14 -26.37
CA VAL B 333 -9.52 -45.24 -26.80
C VAL B 333 -9.03 -44.35 -27.95
N GLU B 334 -7.79 -43.87 -27.88
CA GLU B 334 -7.17 -43.06 -28.93
CA GLU B 334 -7.19 -43.06 -28.94
C GLU B 334 -7.10 -43.86 -30.23
N ALA B 335 -6.65 -45.14 -30.12
CA ALA B 335 -6.53 -46.03 -31.28
C ALA B 335 -7.89 -46.30 -31.90
N ALA B 336 -8.91 -46.53 -31.05
CA ALA B 336 -10.27 -46.77 -31.53
C ALA B 336 -10.83 -45.57 -32.33
N PHE B 337 -10.59 -44.33 -31.85
CA PHE B 337 -11.05 -43.14 -32.56
C PHE B 337 -10.34 -42.99 -33.90
N LYS B 338 -9.02 -43.30 -33.94
CA LYS B 338 -8.19 -43.17 -35.14
C LYS B 338 -8.69 -43.98 -36.34
N CYS B 339 -9.19 -45.19 -36.08
CA CYS B 339 -9.65 -46.08 -37.16
C CYS B 339 -11.15 -46.28 -37.21
N CYS B 340 -11.93 -45.60 -36.35
CA CYS B 340 -13.38 -45.78 -36.27
C CYS B 340 -13.68 -47.24 -35.93
N ALA B 341 -12.94 -47.80 -34.94
CA ALA B 341 -13.07 -49.19 -34.51
C ALA B 341 -14.51 -49.48 -34.11
N ALA B 342 -15.00 -50.63 -34.53
CA ALA B 342 -16.36 -51.03 -34.20
C ALA B 342 -16.51 -51.35 -32.71
N ALA B 343 -15.43 -51.86 -32.09
CA ALA B 343 -15.48 -52.22 -30.67
C ALA B 343 -14.07 -52.23 -30.03
N ILE B 344 -14.04 -52.19 -28.71
CA ILE B 344 -12.85 -52.36 -27.91
C ILE B 344 -13.19 -53.59 -27.06
N ILE B 345 -12.55 -54.74 -27.31
CA ILE B 345 -12.81 -55.96 -26.56
C ILE B 345 -11.84 -56.01 -25.41
N VAL B 346 -12.32 -56.07 -24.18
CA VAL B 346 -11.46 -56.08 -23.01
C VAL B 346 -11.75 -57.28 -22.12
N LEU B 347 -10.69 -57.89 -21.59
CA LEU B 347 -10.83 -59.01 -20.66
C LEU B 347 -10.80 -58.38 -19.29
N THR B 348 -11.78 -58.72 -18.44
CA THR B 348 -11.82 -58.12 -17.10
C THR B 348 -12.36 -59.08 -16.04
N THR B 349 -11.83 -58.96 -14.82
CA THR B 349 -12.24 -59.82 -13.72
C THR B 349 -13.24 -59.08 -12.84
N THR B 350 -12.88 -57.86 -12.42
CA THR B 350 -13.73 -57.04 -11.58
C THR B 350 -14.58 -56.01 -12.37
N GLY B 351 -14.25 -55.79 -13.63
CA GLY B 351 -14.88 -54.77 -14.44
C GLY B 351 -14.04 -53.50 -14.55
N ARG B 352 -13.01 -53.36 -13.69
CA ARG B 352 -12.16 -52.16 -13.66
C ARG B 352 -11.53 -51.76 -15.01
N SER B 353 -10.98 -52.70 -15.79
CA SER B 353 -10.37 -52.34 -17.06
C SER B 353 -11.41 -51.78 -18.04
N ALA B 354 -12.64 -52.29 -17.99
CA ALA B 354 -13.72 -51.81 -18.85
C ALA B 354 -14.17 -50.40 -18.38
N GLN B 355 -14.19 -50.18 -17.05
CA GLN B 355 -14.55 -48.90 -16.47
C GLN B 355 -13.54 -47.83 -16.86
N LEU B 356 -12.23 -48.19 -16.87
CA LEU B 356 -11.21 -47.22 -17.26
C LEU B 356 -11.26 -46.88 -18.76
N LEU B 357 -11.78 -47.78 -19.58
CA LEU B 357 -11.95 -47.49 -21.00
C LEU B 357 -13.15 -46.50 -21.14
N SER B 358 -14.25 -46.81 -20.45
CA SER B 358 -15.51 -46.08 -20.42
C SER B 358 -15.35 -44.60 -19.96
N ARG B 359 -14.42 -44.31 -19.04
CA ARG B 359 -14.21 -42.94 -18.57
C ARG B 359 -13.73 -41.98 -19.66
N TYR B 360 -13.12 -42.49 -20.74
CA TYR B 360 -12.71 -41.64 -21.86
C TYR B 360 -13.77 -41.46 -22.92
N ARG B 361 -14.96 -42.03 -22.70
CA ARG B 361 -16.13 -41.96 -23.55
C ARG B 361 -15.84 -42.30 -25.01
N PRO B 362 -15.33 -43.52 -25.29
CA PRO B 362 -15.11 -43.88 -26.70
C PRO B 362 -16.42 -44.03 -27.45
N ARG B 363 -16.40 -43.80 -28.74
CA ARG B 363 -17.55 -44.04 -29.58
C ARG B 363 -17.66 -45.58 -29.81
N ALA B 364 -16.51 -46.31 -29.83
CA ALA B 364 -16.49 -47.76 -29.97
C ALA B 364 -17.09 -48.42 -28.75
N ALA B 365 -17.89 -49.47 -28.96
CA ALA B 365 -18.51 -50.22 -27.87
C ALA B 365 -17.42 -50.96 -27.08
N VAL B 366 -17.46 -50.94 -25.76
CA VAL B 366 -16.50 -51.64 -24.95
C VAL B 366 -17.12 -52.98 -24.61
N ILE B 367 -16.70 -54.04 -25.31
CA ILE B 367 -17.22 -55.38 -25.08
C ILE B 367 -16.38 -56.02 -23.97
N ALA B 368 -16.95 -56.19 -22.79
CA ALA B 368 -16.21 -56.74 -21.66
C ALA B 368 -16.43 -58.22 -21.48
N VAL B 369 -15.39 -59.03 -21.64
CA VAL B 369 -15.47 -60.47 -21.48
C VAL B 369 -15.01 -60.86 -20.10
N THR B 370 -15.90 -61.45 -19.31
CA THR B 370 -15.61 -61.80 -17.93
C THR B 370 -16.19 -63.16 -17.54
N ARG B 371 -15.56 -63.81 -16.56
CA ARG B 371 -16.06 -65.05 -15.99
C ARG B 371 -16.94 -64.75 -14.74
N SER B 372 -16.80 -63.56 -14.15
CA SER B 372 -17.55 -63.15 -12.98
C SER B 372 -18.96 -62.72 -13.38
N ALA B 373 -19.99 -63.48 -12.96
CA ALA B 373 -21.38 -63.15 -13.25
C ALA B 373 -21.77 -61.81 -12.60
N GLN B 374 -21.25 -61.55 -11.39
CA GLN B 374 -21.53 -60.29 -10.70
C GLN B 374 -20.89 -59.09 -11.43
N ALA B 375 -19.63 -59.20 -11.88
CA ALA B 375 -18.98 -58.12 -12.62
C ALA B 375 -19.71 -57.87 -13.94
N ALA B 376 -20.20 -58.92 -14.60
CA ALA B 376 -20.95 -58.76 -15.84
C ALA B 376 -22.24 -57.92 -15.60
N ARG B 377 -22.89 -58.11 -14.44
CA ARG B 377 -24.09 -57.33 -14.12
C ARG B 377 -23.73 -55.91 -13.70
N GLN B 378 -22.68 -55.75 -12.87
CA GLN B 378 -22.27 -54.43 -12.37
C GLN B 378 -21.67 -53.48 -13.41
N VAL B 379 -21.10 -54.00 -14.52
CA VAL B 379 -20.52 -53.10 -15.52
C VAL B 379 -21.58 -52.32 -16.31
N HIS B 380 -22.87 -52.66 -16.16
CA HIS B 380 -23.97 -51.90 -16.76
C HIS B 380 -23.99 -50.45 -16.21
N LEU B 381 -23.38 -50.21 -15.02
CA LEU B 381 -23.28 -48.88 -14.46
C LEU B 381 -22.37 -47.95 -15.30
N CYS B 382 -21.48 -48.52 -16.13
CA CYS B 382 -20.51 -47.77 -16.93
C CYS B 382 -20.95 -47.63 -18.35
N ARG B 383 -21.08 -46.37 -18.81
CA ARG B 383 -21.54 -46.12 -20.17
C ARG B 383 -20.69 -46.78 -21.24
N GLY B 384 -21.35 -47.45 -22.17
CA GLY B 384 -20.70 -48.08 -23.30
C GLY B 384 -20.06 -49.42 -23.04
N VAL B 385 -20.30 -50.02 -21.86
CA VAL B 385 -19.76 -51.34 -21.56
C VAL B 385 -20.84 -52.40 -21.79
N PHE B 386 -20.56 -53.34 -22.68
CA PHE B 386 -21.46 -54.44 -23.04
C PHE B 386 -20.87 -55.73 -22.48
N PRO B 387 -21.44 -56.24 -21.38
CA PRO B 387 -20.86 -57.44 -20.74
C PRO B 387 -21.16 -58.76 -21.41
N LEU B 388 -20.15 -59.62 -21.51
CA LEU B 388 -20.31 -60.97 -22.04
C LEU B 388 -19.85 -61.92 -20.95
N LEU B 389 -20.73 -62.82 -20.53
CA LEU B 389 -20.38 -63.80 -19.52
C LEU B 389 -19.79 -65.05 -20.17
N TYR B 390 -18.52 -65.31 -19.89
CA TYR B 390 -17.79 -66.46 -20.41
C TYR B 390 -17.98 -67.63 -19.46
N ARG B 391 -18.51 -68.75 -19.96
CA ARG B 391 -18.82 -69.89 -19.12
C ARG B 391 -17.90 -71.09 -19.28
N GLU B 392 -17.02 -71.10 -20.29
CA GLU B 392 -16.13 -72.22 -20.53
C GLU B 392 -15.11 -72.45 -19.44
N PRO B 393 -14.78 -73.73 -19.17
CA PRO B 393 -13.72 -74.01 -18.18
C PRO B 393 -12.35 -73.60 -18.74
N PRO B 394 -11.43 -73.20 -17.86
CA PRO B 394 -10.12 -72.73 -18.32
C PRO B 394 -9.28 -73.71 -19.13
N GLU B 395 -8.57 -73.19 -20.15
CA GLU B 395 -7.64 -73.95 -20.96
C GLU B 395 -6.37 -74.19 -20.13
N ALA B 396 -5.62 -75.25 -20.48
CA ALA B 396 -4.38 -75.59 -19.76
C ALA B 396 -3.33 -74.49 -19.91
N ILE B 397 -3.15 -73.97 -21.13
CA ILE B 397 -2.23 -72.87 -21.35
C ILE B 397 -3.03 -71.57 -21.14
N TRP B 398 -2.52 -70.66 -20.27
CA TRP B 398 -3.18 -69.38 -19.99
C TRP B 398 -3.31 -68.50 -21.24
N ALA B 399 -2.28 -68.43 -22.08
CA ALA B 399 -2.32 -67.66 -23.32
C ALA B 399 -3.44 -68.15 -24.26
N ASP B 400 -3.70 -69.45 -24.26
CA ASP B 400 -4.75 -70.02 -25.10
C ASP B 400 -6.16 -69.84 -24.50
N ASP B 401 -6.25 -69.61 -23.19
CA ASP B 401 -7.48 -69.29 -22.50
C ASP B 401 -7.85 -67.81 -22.78
N VAL B 402 -6.82 -66.92 -22.83
CA VAL B 402 -6.96 -65.52 -23.15
C VAL B 402 -7.49 -65.40 -24.58
N ASP B 403 -6.83 -66.07 -25.54
CA ASP B 403 -7.23 -66.06 -26.96
C ASP B 403 -8.64 -66.57 -27.17
N ARG B 404 -9.06 -67.56 -26.39
CA ARG B 404 -10.42 -68.11 -26.50
C ARG B 404 -11.45 -67.08 -26.07
N ARG B 405 -11.14 -66.32 -25.02
CA ARG B 405 -12.04 -65.28 -24.52
C ARG B 405 -12.13 -64.13 -25.51
N VAL B 406 -11.01 -63.74 -26.14
CA VAL B 406 -11.00 -62.71 -27.17
C VAL B 406 -11.86 -63.15 -28.36
N GLN B 407 -11.71 -64.42 -28.79
CA GLN B 407 -12.51 -64.97 -29.89
C GLN B 407 -13.97 -65.08 -29.54
N PHE B 408 -14.30 -65.32 -28.28
CA PHE B 408 -15.68 -65.35 -27.81
C PHE B 408 -16.32 -63.95 -27.98
N GLY B 409 -15.55 -62.90 -27.70
CA GLY B 409 -16.01 -61.53 -27.88
C GLY B 409 -16.10 -61.15 -29.36
N ILE B 410 -15.25 -61.73 -30.20
CA ILE B 410 -15.30 -61.49 -31.64
C ILE B 410 -16.45 -62.26 -32.31
N GLU B 411 -16.80 -63.44 -31.78
CA GLU B 411 -17.90 -64.26 -32.31
C GLU B 411 -19.23 -63.68 -31.90
N SER B 412 -19.35 -63.22 -30.65
CA SER B 412 -20.58 -62.57 -30.20
C SER B 412 -20.73 -61.23 -30.95
N GLY B 413 -19.63 -60.50 -31.12
CA GLY B 413 -19.64 -59.24 -31.85
C GLY B 413 -20.06 -59.42 -33.30
N LYS B 414 -19.49 -60.43 -33.99
CA LYS B 414 -19.78 -60.72 -35.40
C LYS B 414 -21.28 -60.95 -35.67
N LEU B 415 -21.90 -61.88 -34.94
CA LEU B 415 -23.30 -62.22 -35.14
C LEU B 415 -24.28 -61.41 -34.28
N ARG B 416 -23.84 -60.29 -33.68
CA ARG B 416 -24.75 -59.41 -32.93
C ARG B 416 -24.82 -57.98 -33.55
N GLY B 417 -24.38 -57.83 -34.80
CA GLY B 417 -24.39 -56.56 -35.51
C GLY B 417 -23.16 -55.71 -35.30
N PHE B 418 -22.57 -55.79 -34.08
CA PHE B 418 -21.39 -55.04 -33.66
C PHE B 418 -20.25 -55.13 -34.69
N LEU B 419 -19.87 -56.36 -35.04
CA LEU B 419 -18.75 -56.59 -35.92
C LEU B 419 -19.13 -57.21 -37.25
N ARG B 420 -18.32 -56.88 -38.24
CA ARG B 420 -18.49 -57.28 -39.62
C ARG B 420 -17.13 -57.62 -40.26
N VAL B 421 -17.17 -58.25 -41.43
CA VAL B 421 -15.99 -58.60 -42.18
C VAL B 421 -15.28 -57.31 -42.62
N GLY B 422 -14.00 -57.22 -42.28
CA GLY B 422 -13.17 -56.06 -42.58
C GLY B 422 -13.17 -54.99 -41.51
N ASP B 423 -13.79 -55.27 -40.35
CA ASP B 423 -13.84 -54.29 -39.26
C ASP B 423 -12.57 -54.31 -38.42
N LEU B 424 -12.21 -53.17 -37.83
CA LEU B 424 -11.05 -53.12 -36.93
C LEU B 424 -11.57 -53.10 -35.50
N VAL B 425 -10.92 -53.86 -34.64
CA VAL B 425 -11.26 -53.92 -33.22
C VAL B 425 -9.98 -53.69 -32.43
N ILE B 426 -10.11 -53.10 -31.25
CA ILE B 426 -8.98 -52.88 -30.36
C ILE B 426 -9.17 -53.91 -29.26
N VAL B 427 -8.13 -54.69 -28.95
CA VAL B 427 -8.22 -55.73 -27.93
C VAL B 427 -7.34 -55.38 -26.75
N VAL B 428 -7.91 -55.31 -25.57
CA VAL B 428 -7.21 -54.95 -24.34
C VAL B 428 -7.11 -56.16 -23.40
N THR B 429 -5.87 -56.60 -23.10
CA THR B 429 -5.57 -57.77 -22.23
C THR B 429 -4.42 -57.42 -21.24
N GLY B 430 -4.09 -58.38 -20.35
CA GLY B 430 -2.99 -58.23 -19.41
C GLY B 430 -1.82 -59.15 -19.70
N TRP B 431 -0.75 -59.07 -18.88
CA TRP B 431 0.44 -59.88 -19.10
C TRP B 431 0.50 -61.17 -18.22
N ARG B 432 -0.35 -61.24 -17.19
CA ARG B 432 -0.43 -62.38 -16.28
C ARG B 432 -1.85 -62.54 -15.72
N PRO B 433 -2.23 -63.74 -15.24
CA PRO B 433 -3.60 -63.91 -14.70
C PRO B 433 -3.86 -63.07 -13.45
N GLY B 434 -5.13 -62.86 -13.15
CA GLY B 434 -5.52 -62.08 -12.00
C GLY B 434 -5.83 -60.62 -12.32
N SER B 435 -6.57 -59.98 -11.43
CA SER B 435 -6.99 -58.60 -11.56
C SER B 435 -5.82 -57.62 -11.36
N GLY B 436 -5.83 -56.51 -12.09
CA GLY B 436 -4.84 -55.45 -11.94
C GLY B 436 -3.62 -55.45 -12.85
N TYR B 437 -3.59 -56.35 -13.85
CA TYR B 437 -2.40 -56.45 -14.72
C TYR B 437 -2.64 -56.15 -16.17
N THR B 438 -3.75 -55.45 -16.50
CA THR B 438 -4.02 -55.05 -17.90
C THR B 438 -2.91 -54.09 -18.36
N ASN B 439 -2.29 -54.36 -19.51
CA ASN B 439 -1.19 -53.52 -20.01
C ASN B 439 -0.95 -53.69 -21.52
N ILE B 440 -1.85 -54.38 -22.23
CA ILE B 440 -1.66 -54.64 -23.65
C ILE B 440 -2.83 -54.16 -24.51
N MET B 441 -2.51 -53.53 -25.64
CA MET B 441 -3.52 -53.08 -26.59
CA MET B 441 -3.47 -53.02 -26.61
C MET B 441 -3.08 -53.58 -27.97
N ARG B 442 -4.00 -54.26 -28.66
CA ARG B 442 -3.74 -54.84 -29.97
C ARG B 442 -4.76 -54.35 -30.99
N VAL B 443 -4.33 -54.09 -32.23
CA VAL B 443 -5.25 -53.69 -33.29
C VAL B 443 -5.48 -54.96 -34.11
N LEU B 444 -6.72 -55.45 -34.15
CA LEU B 444 -7.03 -56.67 -34.91
CA LEU B 444 -7.03 -56.67 -34.88
C LEU B 444 -8.04 -56.42 -36.02
N SER B 445 -7.83 -57.07 -37.17
CA SER B 445 -8.74 -56.95 -38.31
C SER B 445 -9.68 -58.16 -38.26
N ILE B 446 -10.99 -57.94 -38.27
CA ILE B 446 -11.97 -59.03 -38.21
C ILE B 446 -12.16 -59.65 -39.61
N SER B 447 -12.17 -60.99 -39.70
CA SER B 447 -12.42 -61.67 -40.98
C SER B 447 -13.40 -62.83 -40.80
N GLU C 21 -17.04 -4.19 -52.73
CA GLU C 21 -16.37 -4.92 -51.65
C GLU C 21 -14.81 -4.71 -51.70
N LEU C 22 -13.96 -5.74 -51.47
CA LEU C 22 -12.50 -5.57 -51.48
C LEU C 22 -11.79 -6.32 -52.61
N GLY C 23 -12.38 -7.44 -53.05
CA GLY C 23 -11.82 -8.23 -54.14
C GLY C 23 -11.06 -9.46 -53.68
N THR C 24 -10.93 -10.45 -54.59
CA THR C 24 -10.20 -11.69 -54.28
C THR C 24 -8.70 -11.44 -54.16
N ALA C 25 -8.15 -10.45 -54.91
CA ALA C 25 -6.73 -10.12 -54.84
C ALA C 25 -6.36 -9.53 -53.48
N PHE C 26 -7.28 -8.82 -52.82
CA PHE C 26 -7.07 -8.26 -51.49
C PHE C 26 -6.80 -9.38 -50.49
N PHE C 27 -7.60 -10.45 -50.55
CA PHE C 27 -7.49 -11.57 -49.63
C PHE C 27 -6.35 -12.54 -49.93
N GLN C 28 -5.58 -12.31 -50.99
CA GLN C 28 -4.41 -13.13 -51.29
C GLN C 28 -3.12 -12.45 -50.73
N GLN C 29 -3.09 -11.08 -50.65
CA GLN C 29 -1.99 -10.29 -50.10
C GLN C 29 -1.91 -10.37 -48.57
N GLN C 30 -0.79 -9.84 -47.99
CA GLN C 30 -0.43 -9.73 -46.58
C GLN C 30 -0.74 -11.00 -45.74
N GLN C 31 -0.45 -12.17 -46.32
CA GLN C 31 -0.65 -13.49 -45.71
C GLN C 31 -2.05 -13.70 -45.13
N LEU C 32 -3.08 -13.10 -45.78
CA LEU C 32 -4.44 -13.25 -45.31
C LEU C 32 -4.92 -14.70 -45.36
N PRO C 33 -4.58 -15.56 -46.36
CA PRO C 33 -4.98 -16.98 -46.28
C PRO C 33 -4.40 -17.66 -45.02
N ALA C 34 -3.12 -17.40 -44.67
CA ALA C 34 -2.50 -17.94 -43.47
C ALA C 34 -3.10 -17.35 -42.19
N ALA C 35 -3.58 -16.09 -42.23
CA ALA C 35 -4.20 -15.43 -41.08
C ALA C 35 -5.55 -16.02 -40.72
N MET C 36 -6.31 -16.51 -41.72
CA MET C 36 -7.62 -17.10 -41.48
C MET C 36 -7.57 -18.54 -40.97
N ALA C 37 -6.38 -19.18 -40.94
CA ALA C 37 -6.23 -20.58 -40.55
C ALA C 37 -6.75 -20.88 -39.15
N ASP C 38 -7.35 -22.06 -38.98
CA ASP C 38 -7.93 -22.47 -37.69
C ASP C 38 -6.92 -23.03 -36.70
N THR C 39 -5.72 -23.43 -37.17
CA THR C 39 -4.65 -23.91 -36.29
C THR C 39 -3.33 -23.23 -36.66
N PHE C 40 -2.36 -23.21 -35.72
CA PHE C 40 -1.04 -22.65 -35.97
C PHE C 40 -0.29 -23.45 -37.05
N LEU C 41 -0.47 -24.79 -37.03
CA LEU C 41 0.13 -25.68 -38.00
C LEU C 41 -0.38 -25.37 -39.41
N GLU C 42 -1.71 -25.20 -39.58
CA GLU C 42 -2.31 -24.83 -40.87
CA GLU C 42 -2.28 -24.85 -40.88
C GLU C 42 -1.83 -23.44 -41.31
N HIS C 43 -1.67 -22.52 -40.33
CA HIS C 43 -1.19 -21.16 -40.54
C HIS C 43 0.21 -21.22 -41.17
N LEU C 44 1.13 -22.04 -40.60
CA LEU C 44 2.47 -22.19 -41.16
C LEU C 44 2.41 -22.75 -42.58
N CYS C 45 1.56 -23.78 -42.79
CA CYS C 45 1.40 -24.44 -44.10
C CYS C 45 0.89 -23.50 -45.16
N LEU C 46 0.11 -22.46 -44.78
CA LEU C 46 -0.45 -21.48 -45.72
C LEU C 46 0.42 -20.27 -45.98
N LEU C 47 1.60 -20.16 -45.34
CA LEU C 47 2.50 -19.02 -45.59
C LEU C 47 2.95 -19.06 -47.04
N ASP C 48 2.85 -17.93 -47.73
CA ASP C 48 3.10 -17.86 -49.15
C ASP C 48 4.16 -16.82 -49.51
N ILE C 49 5.26 -17.24 -50.16
CA ILE C 49 6.29 -16.29 -50.59
C ILE C 49 5.78 -15.29 -51.66
N ASP C 50 4.68 -15.61 -52.34
CA ASP C 50 4.09 -14.73 -53.34
C ASP C 50 3.09 -13.75 -52.75
N SER C 51 2.69 -13.93 -51.47
CA SER C 51 1.75 -13.04 -50.81
C SER C 51 2.52 -11.83 -50.31
N GLU C 52 2.34 -10.69 -50.99
CA GLU C 52 3.10 -9.48 -50.70
C GLU C 52 2.58 -8.66 -49.53
N PRO C 53 3.50 -8.12 -48.69
CA PRO C 53 3.08 -7.28 -47.57
C PRO C 53 2.51 -5.95 -48.07
N VAL C 54 1.37 -5.52 -47.51
CA VAL C 54 0.77 -4.26 -47.96
C VAL C 54 0.86 -3.17 -46.89
N ALA C 55 0.65 -3.56 -45.62
CA ALA C 55 0.72 -2.64 -44.48
C ALA C 55 2.11 -2.00 -44.29
N ALA C 56 2.14 -0.81 -43.65
CA ALA C 56 3.40 -0.14 -43.33
C ALA C 56 4.15 -0.95 -42.25
N ARG C 57 5.49 -0.88 -42.27
CA ARG C 57 6.32 -1.62 -41.32
C ARG C 57 6.11 -1.10 -39.90
N SER C 58 5.68 -1.99 -39.03
CA SER C 58 5.29 -1.64 -37.69
C SER C 58 6.38 -1.81 -36.61
N THR C 59 7.41 -2.65 -36.85
CA THR C 59 8.49 -2.85 -35.88
C THR C 59 9.52 -1.75 -36.06
N SER C 60 9.79 -0.96 -35.01
CA SER C 60 10.73 0.14 -35.18
C SER C 60 12.18 -0.32 -35.22
N ILE C 61 12.97 0.41 -35.99
CA ILE C 61 14.37 0.11 -36.14
C ILE C 61 15.17 1.14 -35.35
N ILE C 62 16.04 0.62 -34.45
CA ILE C 62 16.95 1.45 -33.69
C ILE C 62 18.30 1.31 -34.37
N ALA C 63 18.89 2.44 -34.82
CA ALA C 63 20.22 2.35 -35.46
C ALA C 63 21.22 3.05 -34.57
N THR C 64 22.34 2.37 -34.27
CA THR C 64 23.39 2.98 -33.46
C THR C 64 24.17 3.95 -34.31
N ILE C 65 24.26 5.20 -33.88
CA ILE C 65 24.96 6.23 -34.61
C ILE C 65 26.43 6.30 -34.17
N GLY C 66 27.33 6.12 -35.13
CA GLY C 66 28.76 6.16 -34.89
C GLY C 66 29.50 6.75 -36.08
N PRO C 67 30.82 6.50 -36.18
CA PRO C 67 31.59 7.07 -37.29
C PRO C 67 31.03 6.82 -38.70
N ALA C 68 30.46 5.61 -38.94
CA ALA C 68 29.89 5.25 -40.25
C ALA C 68 28.53 5.87 -40.55
N SER C 69 27.86 6.46 -39.55
CA SER C 69 26.51 6.99 -39.75
C SER C 69 26.28 8.36 -39.14
N ARG C 70 27.34 9.15 -39.02
CA ARG C 70 27.28 10.45 -38.37
C ARG C 70 26.91 11.61 -39.22
N SER C 71 27.33 11.58 -40.49
CA SER C 71 27.10 12.71 -41.38
C SER C 71 25.62 12.98 -41.63
N VAL C 72 25.23 14.27 -41.73
CA VAL C 72 23.86 14.72 -41.97
C VAL C 72 23.28 14.05 -43.23
N GLU C 73 24.10 13.92 -44.27
CA GLU C 73 23.69 13.30 -45.51
C GLU C 73 23.43 11.80 -45.38
N ARG C 74 24.26 11.10 -44.59
CA ARG C 74 24.14 9.67 -44.32
C ARG C 74 22.90 9.42 -43.44
N LEU C 75 22.63 10.31 -42.48
CA LEU C 75 21.48 10.23 -41.60
C LEU C 75 20.17 10.43 -42.36
N LYS C 76 20.17 11.28 -43.41
CA LYS C 76 18.99 11.47 -44.26
C LYS C 76 18.68 10.19 -45.01
N GLU C 77 19.71 9.49 -45.49
CA GLU C 77 19.54 8.21 -46.18
C GLU C 77 19.01 7.13 -45.22
N MET C 78 19.46 7.17 -43.95
CA MET C 78 19.03 6.24 -42.93
CA MET C 78 19.02 6.23 -42.95
C MET C 78 17.59 6.48 -42.48
N ILE C 79 17.16 7.76 -42.47
CA ILE C 79 15.77 8.08 -42.12
C ILE C 79 14.88 7.54 -43.24
N LYS C 80 15.28 7.73 -44.52
CA LYS C 80 14.56 7.24 -45.68
C LYS C 80 14.54 5.72 -45.75
N ALA C 81 15.59 5.07 -45.26
CA ALA C 81 15.64 3.62 -45.23
C ALA C 81 14.72 2.99 -44.13
N GLY C 82 14.38 3.77 -43.10
CA GLY C 82 13.51 3.29 -42.05
C GLY C 82 13.90 3.51 -40.60
N MET C 83 15.06 4.14 -40.33
CA MET C 83 15.48 4.39 -38.94
C MET C 83 14.46 5.23 -38.18
N ASN C 84 14.02 4.75 -37.01
CA ASN C 84 13.02 5.46 -36.19
C ASN C 84 13.62 6.04 -34.91
N ILE C 85 14.65 5.35 -34.37
CA ILE C 85 15.34 5.72 -33.14
C ILE C 85 16.85 5.70 -33.36
N ALA C 86 17.51 6.81 -33.00
CA ALA C 86 18.96 6.94 -33.11
C ALA C 86 19.55 6.59 -31.75
N ARG C 87 20.43 5.58 -31.69
CA ARG C 87 21.05 5.17 -30.44
C ARG C 87 22.46 5.72 -30.31
N LEU C 88 22.77 6.36 -29.18
CA LEU C 88 24.11 6.89 -28.91
C LEU C 88 24.73 6.07 -27.78
N ASN C 89 25.77 5.29 -28.12
CA ASN C 89 26.40 4.40 -27.17
C ASN C 89 27.43 5.13 -26.35
N PHE C 90 27.10 5.44 -25.07
CA PHE C 90 28.02 6.17 -24.21
C PHE C 90 29.16 5.30 -23.65
N SER C 91 29.33 4.07 -24.16
CA SER C 91 30.48 3.24 -23.89
C SER C 91 31.67 3.68 -24.76
N HIS C 92 31.42 4.43 -25.85
CA HIS C 92 32.39 4.97 -26.79
C HIS C 92 32.19 6.48 -26.93
N GLY C 93 33.10 7.15 -27.61
CA GLY C 93 33.02 8.59 -27.84
C GLY C 93 33.09 9.44 -26.59
N SER C 94 32.71 10.71 -26.74
CA SER C 94 32.70 11.67 -25.65
C SER C 94 31.37 12.48 -25.65
N HIS C 95 31.16 13.35 -24.65
CA HIS C 95 29.98 14.21 -24.61
C HIS C 95 29.95 15.11 -25.85
N GLU C 96 31.11 15.66 -26.24
CA GLU C 96 31.22 16.54 -27.40
C GLU C 96 30.90 15.79 -28.69
N TYR C 97 31.39 14.54 -28.79
CA TYR C 97 31.18 13.70 -29.95
C TYR C 97 29.70 13.33 -30.08
N HIS C 98 29.05 12.87 -28.99
CA HIS C 98 27.66 12.50 -29.02
C HIS C 98 26.75 13.70 -29.21
N ALA C 99 27.14 14.90 -28.71
CA ALA C 99 26.33 16.11 -28.93
C ALA C 99 26.33 16.48 -30.41
N GLU C 100 27.45 16.24 -31.12
CA GLU C 100 27.57 16.50 -32.56
CA GLU C 100 27.52 16.52 -32.54
C GLU C 100 26.68 15.51 -33.31
N SER C 101 26.69 14.23 -32.89
CA SER C 101 25.87 13.19 -33.48
C SER C 101 24.36 13.57 -33.30
N ILE C 102 23.94 13.99 -32.08
CA ILE C 102 22.57 14.42 -31.78
C ILE C 102 22.15 15.59 -32.65
N ALA C 103 23.03 16.60 -32.80
CA ALA C 103 22.74 17.77 -33.61
C ALA C 103 22.58 17.38 -35.10
N ASN C 104 23.40 16.43 -35.57
CA ASN C 104 23.35 15.97 -36.96
C ASN C 104 22.06 15.18 -37.20
N VAL C 105 21.59 14.39 -36.21
CA VAL C 105 20.35 13.65 -36.32
C VAL C 105 19.20 14.64 -36.39
N ARG C 106 19.15 15.62 -35.47
CA ARG C 106 18.10 16.65 -35.48
C ARG C 106 18.09 17.47 -36.76
N GLU C 107 19.25 17.77 -37.32
CA GLU C 107 19.35 18.50 -38.60
C GLU C 107 18.80 17.66 -39.76
N ALA C 108 19.16 16.37 -39.84
CA ALA C 108 18.64 15.48 -40.87
C ALA C 108 17.13 15.24 -40.70
N VAL C 109 16.62 15.17 -39.47
CA VAL C 109 15.19 14.99 -39.23
C VAL C 109 14.42 16.24 -39.69
N GLU C 110 14.92 17.44 -39.32
CA GLU C 110 14.24 18.68 -39.67
C GLU C 110 14.38 19.10 -41.15
N SER C 111 15.28 18.45 -41.90
CA SER C 111 15.37 18.72 -43.33
C SER C 111 14.12 18.22 -44.11
N PHE C 112 13.28 17.38 -43.49
CA PHE C 112 12.04 16.91 -44.08
C PHE C 112 10.80 17.61 -43.49
N ALA C 113 10.97 18.59 -42.58
CA ALA C 113 9.84 19.30 -42.01
C ALA C 113 9.01 20.12 -43.04
N GLY C 114 9.43 20.07 -44.32
CA GLY C 114 8.77 20.72 -45.44
C GLY C 114 7.79 19.77 -46.10
N SER C 115 8.32 18.73 -46.78
CA SER C 115 7.49 17.70 -47.43
C SER C 115 6.77 16.84 -46.37
N PRO C 116 5.42 16.98 -46.27
CA PRO C 116 4.69 16.21 -45.23
C PRO C 116 4.73 14.71 -45.40
N LEU C 117 4.84 14.26 -46.65
CA LEU C 117 4.94 12.87 -47.08
C LEU C 117 6.31 12.22 -46.66
N SER C 118 7.30 13.06 -46.26
CA SER C 118 8.62 12.58 -45.84
CA SER C 118 8.62 12.58 -45.84
C SER C 118 8.96 12.89 -44.36
N TYR C 119 8.33 13.94 -43.75
CA TYR C 119 8.65 14.26 -42.34
C TYR C 119 8.31 13.15 -41.36
N ARG C 120 9.31 12.71 -40.61
CA ARG C 120 9.12 11.66 -39.63
C ARG C 120 9.87 11.96 -38.31
N PRO C 121 9.18 11.99 -37.15
CA PRO C 121 9.88 12.20 -35.88
C PRO C 121 10.85 11.04 -35.61
N VAL C 122 12.05 11.33 -35.12
CA VAL C 122 13.06 10.29 -34.85
C VAL C 122 13.46 10.45 -33.39
N ALA C 123 13.32 9.39 -32.59
CA ALA C 123 13.68 9.46 -31.18
C ALA C 123 15.21 9.41 -31.00
N ILE C 124 15.70 9.97 -29.87
CA ILE C 124 17.12 9.93 -29.54
C ILE C 124 17.29 9.16 -28.25
N ALA C 125 18.05 8.07 -28.29
CA ALA C 125 18.24 7.23 -27.12
C ALA C 125 19.69 7.22 -26.67
N LEU C 126 19.92 7.33 -25.36
CA LEU C 126 21.24 7.32 -24.77
C LEU C 126 21.46 5.93 -24.16
N ASP C 127 22.49 5.19 -24.60
CA ASP C 127 22.79 3.88 -24.04
C ASP C 127 23.94 4.09 -23.05
N THR C 128 23.71 3.83 -21.74
CA THR C 128 24.74 4.07 -20.72
C THR C 128 25.92 3.07 -20.76
N LYS C 129 27.08 3.50 -20.22
CA LYS C 129 28.26 2.67 -20.13
C LYS C 129 28.02 1.50 -19.17
N GLY C 130 27.40 1.76 -18.04
CA GLY C 130 27.08 0.69 -17.10
C GLY C 130 27.85 0.78 -15.80
N PRO C 131 27.47 -0.02 -14.79
CA PRO C 131 28.16 0.03 -13.49
C PRO C 131 29.50 -0.71 -13.50
N PRO C 135 28.68 -1.71 -7.66
CA PRO C 135 28.29 -1.25 -6.30
C PRO C 135 27.10 -0.28 -6.29
N GLY C 136 26.84 0.33 -7.44
CA GLY C 136 25.75 1.27 -7.69
C GLY C 136 25.91 1.93 -9.05
N LEU C 137 25.22 3.06 -9.26
CA LEU C 137 25.31 3.79 -10.52
C LEU C 137 26.72 4.42 -10.66
N SER C 138 27.42 4.15 -11.78
CA SER C 138 28.76 4.70 -11.94
C SER C 138 28.77 6.20 -12.01
N GLU C 139 29.92 6.82 -11.68
CA GLU C 139 30.07 8.28 -11.74
C GLU C 139 29.86 8.76 -13.17
N GLN C 140 30.38 8.01 -14.14
CA GLN C 140 30.25 8.35 -15.54
C GLN C 140 28.80 8.25 -15.96
N ASP C 141 28.04 7.24 -15.49
CA ASP C 141 26.61 7.10 -15.78
C ASP C 141 25.86 8.32 -15.29
N VAL C 142 26.15 8.79 -14.05
CA VAL C 142 25.51 9.99 -13.48
C VAL C 142 25.73 11.20 -14.39
N ARG C 143 26.95 11.36 -14.90
CA ARG C 143 27.29 12.48 -15.77
C ARG C 143 26.64 12.38 -17.13
N ASP C 144 26.64 11.17 -17.71
CA ASP C 144 26.06 10.88 -19.01
C ASP C 144 24.54 11.02 -19.00
N LEU C 145 23.87 10.57 -17.91
CA LEU C 145 22.43 10.72 -17.75
C LEU C 145 22.07 12.20 -17.65
N ARG C 146 22.88 13.00 -16.92
CA ARG C 146 22.66 14.44 -16.81
C ARG C 146 22.80 15.10 -18.21
N PHE C 147 23.75 14.62 -19.02
CA PHE C 147 23.96 15.09 -20.38
C PHE C 147 22.68 14.84 -21.21
N GLY C 148 22.08 13.66 -21.05
CA GLY C 148 20.85 13.28 -21.72
C GLY C 148 19.70 14.20 -21.40
N VAL C 149 19.53 14.58 -20.14
CA VAL C 149 18.50 15.52 -19.73
C VAL C 149 18.76 16.88 -20.38
N GLU C 150 20.00 17.33 -20.33
CA GLU C 150 20.37 18.65 -20.88
C GLU C 150 20.22 18.71 -22.37
N HIS C 151 20.38 17.58 -23.07
CA HIS C 151 20.23 17.53 -24.51
C HIS C 151 18.87 17.01 -24.98
N GLY C 152 17.91 16.88 -24.07
CA GLY C 152 16.55 16.46 -24.38
C GLY C 152 16.38 15.10 -25.02
N VAL C 153 17.12 14.08 -24.53
CA VAL C 153 16.98 12.74 -25.07
C VAL C 153 15.60 12.19 -24.71
N ASP C 154 15.11 11.26 -25.54
CA ASP C 154 13.78 10.70 -25.32
C ASP C 154 13.81 9.42 -24.51
N ILE C 155 14.89 8.65 -24.68
CA ILE C 155 15.02 7.32 -24.06
C ILE C 155 16.41 7.07 -23.48
N VAL C 156 16.47 6.22 -22.47
CA VAL C 156 17.70 5.75 -21.89
C VAL C 156 17.69 4.24 -21.98
N PHE C 157 18.72 3.64 -22.56
CA PHE C 157 18.89 2.19 -22.53
C PHE C 157 19.86 1.99 -21.37
N ALA C 158 19.36 1.61 -20.22
CA ALA C 158 20.20 1.46 -19.02
C ALA C 158 20.93 0.12 -19.02
N SER C 159 22.27 0.14 -19.17
CA SER C 159 23.10 -1.05 -19.16
C SER C 159 23.14 -1.79 -17.84
N PHE C 160 23.27 -3.11 -17.91
CA PHE C 160 23.38 -4.07 -16.82
C PHE C 160 22.41 -3.86 -15.66
N VAL C 161 21.11 -3.82 -15.96
CA VAL C 161 20.10 -3.68 -14.91
C VAL C 161 19.93 -5.07 -14.27
N ARG C 162 20.06 -5.18 -12.94
CA ARG C 162 20.00 -6.48 -12.26
C ARG C 162 18.87 -6.59 -11.27
N LYS C 163 18.32 -5.45 -10.83
CA LYS C 163 17.26 -5.42 -9.83
C LYS C 163 16.48 -4.11 -9.93
N ALA C 164 15.31 -4.04 -9.27
CA ALA C 164 14.47 -2.84 -9.26
C ALA C 164 15.17 -1.58 -8.73
N SER C 165 16.12 -1.72 -7.79
CA SER C 165 16.84 -0.57 -7.24
C SER C 165 17.81 0.07 -8.27
N ASP C 166 18.29 -0.70 -9.24
CA ASP C 166 19.14 -0.17 -10.30
C ASP C 166 18.33 0.82 -11.16
N VAL C 167 17.03 0.48 -11.41
CA VAL C 167 16.15 1.34 -12.21
C VAL C 167 15.85 2.60 -11.44
N ALA C 168 15.63 2.50 -10.11
CA ALA C 168 15.38 3.66 -9.29
C ALA C 168 16.57 4.62 -9.31
N ALA C 169 17.79 4.09 -9.32
CA ALA C 169 19.01 4.91 -9.38
C ALA C 169 19.08 5.65 -10.71
N VAL C 170 18.74 5.00 -11.83
CA VAL C 170 18.73 5.67 -13.14
C VAL C 170 17.61 6.75 -13.18
N ARG C 171 16.48 6.46 -12.57
CA ARG C 171 15.34 7.36 -12.49
C ARG C 171 15.73 8.61 -11.70
N ALA C 172 16.41 8.43 -10.56
CA ALA C 172 16.90 9.52 -9.70
C ALA C 172 17.92 10.37 -10.43
N ALA C 173 18.83 9.73 -11.19
CA ALA C 173 19.84 10.47 -11.96
C ALA C 173 19.24 11.30 -13.10
N LEU C 174 18.00 10.96 -13.54
CA LEU C 174 17.30 11.72 -14.58
CA LEU C 174 17.34 11.73 -14.59
C LEU C 174 16.81 13.08 -14.07
N GLY C 175 17.03 13.35 -12.78
CA GLY C 175 16.85 14.61 -12.08
C GLY C 175 15.53 15.24 -12.18
N PRO C 176 15.48 16.54 -11.82
CA PRO C 176 14.18 17.21 -11.76
C PRO C 176 13.57 17.44 -13.15
N GLU C 177 14.41 17.64 -14.16
CA GLU C 177 13.91 17.95 -15.50
C GLU C 177 13.65 16.78 -16.39
N GLY C 178 14.04 15.57 -16.02
CA GLY C 178 13.94 14.45 -16.94
C GLY C 178 13.05 13.28 -16.60
N HIS C 179 11.97 13.50 -15.85
CA HIS C 179 11.11 12.39 -15.47
C HIS C 179 10.24 11.87 -16.61
N GLY C 180 10.18 12.55 -17.75
CA GLY C 180 9.46 12.08 -18.93
C GLY C 180 10.28 11.21 -19.88
N ILE C 181 11.59 11.05 -19.60
CA ILE C 181 12.44 10.21 -20.41
C ILE C 181 12.09 8.74 -20.12
N LYS C 182 11.99 7.90 -21.16
CA LYS C 182 11.65 6.50 -21.01
C LYS C 182 12.89 5.70 -20.60
N ILE C 183 12.76 4.82 -19.61
CA ILE C 183 13.87 3.98 -19.22
C ILE C 183 13.63 2.56 -19.71
N ILE C 184 14.46 2.12 -20.64
CA ILE C 184 14.42 0.77 -21.16
C ILE C 184 15.58 0.01 -20.49
N SER C 185 15.27 -0.92 -19.59
CA SER C 185 16.28 -1.67 -18.86
C SER C 185 16.91 -2.76 -19.71
N LYS C 186 18.23 -2.76 -19.85
CA LYS C 186 18.92 -3.79 -20.59
C LYS C 186 19.16 -5.00 -19.70
N ILE C 187 18.67 -6.19 -20.10
CA ILE C 187 18.88 -7.42 -19.35
C ILE C 187 20.07 -8.09 -19.99
N GLU C 188 21.21 -8.13 -19.28
CA GLU C 188 22.46 -8.65 -19.84
C GLU C 188 23.11 -9.77 -19.03
N ASN C 189 22.49 -10.23 -17.93
CA ASN C 189 23.09 -11.27 -17.10
C ASN C 189 22.05 -12.16 -16.41
N HIS C 190 22.50 -13.21 -15.71
CA HIS C 190 21.64 -14.15 -15.03
C HIS C 190 20.75 -13.50 -13.98
N GLU C 191 21.32 -12.56 -13.20
CA GLU C 191 20.54 -11.90 -12.15
C GLU C 191 19.39 -11.07 -12.75
N GLY C 192 19.64 -10.35 -13.85
CA GLY C 192 18.62 -9.58 -14.56
C GLY C 192 17.47 -10.46 -15.01
N VAL C 193 17.81 -11.67 -15.58
CA VAL C 193 16.81 -12.64 -16.04
C VAL C 193 15.99 -13.18 -14.87
N LYS C 194 16.66 -13.55 -13.78
CA LYS C 194 15.98 -14.07 -12.60
C LYS C 194 15.15 -13.04 -11.87
N ARG C 195 15.58 -11.78 -11.88
CA ARG C 195 14.82 -10.71 -11.23
C ARG C 195 13.98 -9.89 -12.25
N PHE C 196 13.74 -10.46 -13.46
CA PHE C 196 13.01 -9.84 -14.56
C PHE C 196 11.69 -9.18 -14.14
N ASP C 197 10.84 -9.90 -13.44
CA ASP C 197 9.53 -9.36 -13.07
C ASP C 197 9.60 -8.06 -12.27
N GLU C 198 10.51 -8.00 -11.28
CA GLU C 198 10.65 -6.78 -10.47
C GLU C 198 11.27 -5.63 -11.29
N ILE C 199 12.12 -5.95 -12.27
CA ILE C 199 12.74 -4.94 -13.12
C ILE C 199 11.69 -4.36 -14.08
N LEU C 200 10.89 -5.23 -14.72
CA LEU C 200 9.86 -4.81 -15.68
C LEU C 200 8.80 -3.95 -15.02
N GLU C 201 8.41 -4.29 -13.80
CA GLU C 201 7.42 -3.55 -13.04
C GLU C 201 7.76 -2.05 -12.89
N VAL C 202 9.05 -1.74 -12.71
CA VAL C 202 9.48 -0.36 -12.55
C VAL C 202 10.11 0.26 -13.82
N SER C 203 10.34 -0.53 -14.88
CA SER C 203 10.91 0.02 -16.12
C SER C 203 9.80 0.35 -17.12
N ASP C 204 10.12 1.19 -18.11
CA ASP C 204 9.15 1.49 -19.18
C ASP C 204 9.15 0.41 -20.27
N GLY C 205 10.24 -0.34 -20.36
CA GLY C 205 10.44 -1.39 -21.32
C GLY C 205 11.73 -2.14 -21.06
N ILE C 206 12.06 -3.09 -21.92
CA ILE C 206 13.21 -3.96 -21.74
C ILE C 206 13.98 -4.08 -23.04
N MET C 207 15.29 -4.25 -22.93
CA MET C 207 16.12 -4.55 -24.07
C MET C 207 16.77 -5.92 -23.78
N VAL C 208 16.61 -6.89 -24.69
CA VAL C 208 17.25 -8.19 -24.56
C VAL C 208 18.62 -7.95 -25.16
N ALA C 209 19.60 -7.63 -24.30
CA ALA C 209 20.97 -7.28 -24.68
C ALA C 209 21.76 -8.57 -24.82
N ARG C 210 21.58 -9.23 -25.97
CA ARG C 210 22.11 -10.57 -26.26
C ARG C 210 23.62 -10.71 -26.26
N GLY C 211 24.38 -9.66 -26.58
CA GLY C 211 25.84 -9.71 -26.54
C GLY C 211 26.39 -10.13 -25.19
N ASP C 212 26.15 -9.31 -24.15
CA ASP C 212 26.61 -9.65 -22.81
C ASP C 212 25.85 -10.84 -22.24
N LEU C 213 24.55 -10.96 -22.52
CA LEU C 213 23.75 -12.08 -22.04
C LEU C 213 24.32 -13.44 -22.53
N GLY C 214 24.82 -13.47 -23.76
CA GLY C 214 25.45 -14.63 -24.37
C GLY C 214 26.80 -15.03 -23.79
N ILE C 215 27.42 -14.10 -23.00
CA ILE C 215 28.70 -14.33 -22.30
C ILE C 215 28.38 -14.68 -20.81
N GLU C 216 27.36 -14.02 -20.23
CA GLU C 216 26.96 -14.20 -18.84
C GLU C 216 26.24 -15.52 -18.60
N ILE C 217 25.49 -16.00 -19.58
CA ILE C 217 24.81 -17.29 -19.50
C ILE C 217 25.25 -18.13 -20.72
N PRO C 218 25.06 -19.47 -20.72
CA PRO C 218 25.45 -20.26 -21.90
C PRO C 218 24.79 -19.72 -23.17
N ALA C 219 25.55 -19.64 -24.26
CA ALA C 219 25.05 -19.11 -25.52
C ALA C 219 23.80 -19.85 -26.03
N GLU C 220 23.72 -21.16 -25.78
CA GLU C 220 22.58 -21.97 -26.21
C GLU C 220 21.30 -21.72 -25.39
N LYS C 221 21.36 -20.86 -24.35
CA LYS C 221 20.18 -20.56 -23.54
C LYS C 221 19.60 -19.16 -23.85
N VAL C 222 20.34 -18.30 -24.60
CA VAL C 222 19.89 -16.93 -24.88
C VAL C 222 18.49 -16.87 -25.50
N PHE C 223 18.18 -17.76 -26.45
CA PHE C 223 16.87 -17.80 -27.09
C PHE C 223 15.72 -18.00 -26.09
N LEU C 224 15.96 -18.76 -24.99
CA LEU C 224 14.94 -18.99 -23.98
C LEU C 224 14.67 -17.68 -23.25
N ALA C 225 15.73 -16.94 -22.91
CA ALA C 225 15.63 -15.66 -22.22
C ALA C 225 14.95 -14.63 -23.13
N GLN C 226 15.32 -14.60 -24.42
CA GLN C 226 14.70 -13.70 -25.37
C GLN C 226 13.18 -13.96 -25.51
N LYS C 227 12.80 -15.21 -25.76
CA LYS C 227 11.41 -15.56 -25.93
C LYS C 227 10.59 -15.33 -24.66
N MET C 228 11.17 -15.61 -23.50
CA MET C 228 10.49 -15.39 -22.22
C MET C 228 10.25 -13.90 -21.96
N MET C 229 11.30 -13.07 -22.10
CA MET C 229 11.19 -11.64 -21.86
C MET C 229 10.25 -10.95 -22.84
N ILE C 230 10.27 -11.37 -24.13
CA ILE C 230 9.36 -10.79 -25.11
C ILE C 230 7.91 -11.14 -24.75
N GLY C 231 7.67 -12.41 -24.41
CA GLY C 231 6.34 -12.84 -23.99
C GLY C 231 5.80 -12.08 -22.79
N ARG C 232 6.66 -11.88 -21.76
CA ARG C 232 6.28 -11.20 -20.54
C ARG C 232 6.04 -9.72 -20.78
N CYS C 233 6.84 -9.08 -21.67
CA CYS C 233 6.64 -7.68 -22.01
C CYS C 233 5.35 -7.51 -22.78
N ASN C 234 5.05 -8.44 -23.72
CA ASN C 234 3.80 -8.40 -24.49
C ASN C 234 2.61 -8.51 -23.55
N LEU C 235 2.70 -9.37 -22.55
CA LEU C 235 1.66 -9.57 -21.57
C LEU C 235 1.48 -8.32 -20.70
N ALA C 236 2.58 -7.67 -20.31
CA ALA C 236 2.55 -6.45 -19.52
C ALA C 236 2.22 -5.18 -20.34
N GLY C 237 2.26 -5.28 -21.66
CA GLY C 237 1.98 -4.14 -22.53
C GLY C 237 3.09 -3.11 -22.53
N LYS C 238 4.35 -3.57 -22.36
CA LYS C 238 5.50 -2.67 -22.34
C LYS C 238 6.45 -2.97 -23.48
N PRO C 239 7.05 -1.94 -24.10
CA PRO C 239 7.97 -2.19 -25.22
C PRO C 239 9.16 -3.11 -24.92
N VAL C 240 9.50 -3.97 -25.90
CA VAL C 240 10.63 -4.87 -25.76
C VAL C 240 11.47 -4.76 -27.01
N VAL C 241 12.78 -4.58 -26.82
CA VAL C 241 13.72 -4.43 -27.92
C VAL C 241 14.55 -5.72 -28.05
N CYS C 242 14.70 -6.25 -29.26
CA CYS C 242 15.63 -7.35 -29.47
C CYS C 242 16.92 -6.70 -30.02
N ALA C 243 18.07 -7.00 -29.39
CA ALA C 243 19.31 -6.35 -29.79
C ALA C 243 20.48 -7.31 -29.96
N THR C 244 21.50 -6.87 -30.75
CA THR C 244 22.86 -7.39 -30.93
C THR C 244 23.02 -8.57 -31.86
N GLN C 245 23.91 -8.38 -32.86
CA GLN C 245 24.33 -9.35 -33.88
C GLN C 245 23.22 -9.83 -34.78
N MET C 246 22.12 -9.05 -34.90
CA MET C 246 20.99 -9.42 -35.76
C MET C 246 21.42 -9.55 -37.23
N LEU C 247 22.27 -8.62 -37.71
CA LEU C 247 22.78 -8.64 -39.08
C LEU C 247 24.30 -8.44 -39.07
N GLU C 248 25.00 -9.03 -38.07
CA GLU C 248 26.43 -8.87 -37.83
C GLU C 248 27.33 -8.92 -39.06
N SER C 249 27.18 -9.95 -39.91
CA SER C 249 27.99 -10.09 -41.11
C SER C 249 27.91 -8.87 -42.05
N MET C 250 26.83 -8.07 -41.96
CA MET C 250 26.69 -6.87 -42.77
C MET C 250 27.61 -5.71 -42.36
N ILE C 251 28.41 -5.88 -41.30
CA ILE C 251 29.42 -4.91 -40.95
C ILE C 251 30.48 -4.84 -42.10
N THR C 252 30.79 -6.01 -42.71
CA THR C 252 31.76 -6.11 -43.81
C THR C 252 31.15 -6.60 -45.13
N LYS C 253 30.01 -7.30 -45.10
CA LYS C 253 29.39 -7.85 -46.32
C LYS C 253 28.09 -7.13 -46.73
N PRO C 254 27.81 -6.97 -48.03
CA PRO C 254 26.60 -6.22 -48.44
C PRO C 254 25.27 -6.94 -48.26
N ARG C 255 25.31 -8.24 -47.95
CA ARG C 255 24.14 -9.10 -47.75
C ARG C 255 24.35 -9.93 -46.48
N PRO C 256 23.28 -10.16 -45.70
CA PRO C 256 23.42 -10.96 -44.48
C PRO C 256 23.39 -12.48 -44.74
N THR C 257 23.68 -13.27 -43.69
CA THR C 257 23.62 -14.71 -43.79
C THR C 257 22.14 -15.18 -43.62
N ARG C 258 21.87 -16.47 -43.90
CA ARG C 258 20.55 -17.05 -43.76
C ARG C 258 20.11 -17.08 -42.31
N ALA C 259 21.04 -17.24 -41.36
CA ALA C 259 20.73 -17.24 -39.94
C ALA C 259 20.32 -15.86 -39.48
N GLU C 260 20.97 -14.81 -40.02
CA GLU C 260 20.69 -13.41 -39.70
C GLU C 260 19.33 -12.94 -40.13
N THR C 261 18.90 -13.23 -41.38
CA THR C 261 17.56 -12.82 -41.82
C THR C 261 16.49 -13.59 -41.02
N SER C 262 16.78 -14.85 -40.70
CA SER C 262 15.92 -15.70 -39.90
C SER C 262 15.77 -15.10 -38.49
N ASP C 263 16.88 -14.65 -37.90
CA ASP C 263 16.90 -14.05 -36.56
C ASP C 263 16.01 -12.79 -36.48
N VAL C 264 16.11 -11.91 -37.50
CA VAL C 264 15.31 -10.69 -37.55
C VAL C 264 13.83 -11.05 -37.62
N ALA C 265 13.49 -11.98 -38.53
CA ALA C 265 12.13 -12.42 -38.73
C ALA C 265 11.56 -13.07 -37.48
N ASN C 266 12.38 -13.88 -36.78
CA ASN C 266 11.96 -14.55 -35.57
C ASN C 266 11.82 -13.61 -34.39
N ALA C 267 12.60 -12.52 -34.33
CA ALA C 267 12.45 -11.53 -33.25
C ALA C 267 11.06 -10.86 -33.41
N VAL C 268 10.67 -10.52 -34.66
CA VAL C 268 9.37 -9.94 -34.96
C VAL C 268 8.26 -10.97 -34.64
N LEU C 269 8.42 -12.24 -35.07
CA LEU C 269 7.44 -13.28 -34.77
C LEU C 269 7.32 -13.57 -33.27
N ASP C 270 8.42 -13.42 -32.51
CA ASP C 270 8.42 -13.59 -31.05
C ASP C 270 7.55 -12.55 -30.38
N GLY C 271 7.49 -11.33 -30.94
CA GLY C 271 6.68 -10.24 -30.41
C GLY C 271 7.45 -8.98 -30.08
N ALA C 272 8.68 -8.84 -30.57
CA ALA C 272 9.50 -7.65 -30.31
C ALA C 272 8.88 -6.37 -30.88
N ASP C 273 8.87 -5.28 -30.11
CA ASP C 273 8.40 -3.99 -30.58
C ASP C 273 9.46 -3.32 -31.43
N CYS C 274 10.74 -3.48 -31.07
CA CYS C 274 11.86 -2.87 -31.77
C CYS C 274 12.92 -3.87 -32.05
N ILE C 275 13.66 -3.63 -33.12
CA ILE C 275 14.82 -4.40 -33.48
C ILE C 275 15.97 -3.39 -33.59
N MET C 276 17.20 -3.84 -33.29
CA MET C 276 18.32 -2.92 -33.23
C MET C 276 19.49 -3.31 -34.15
N LEU C 277 20.29 -2.30 -34.51
CA LEU C 277 21.52 -2.44 -35.26
C LEU C 277 22.61 -1.75 -34.43
N SER C 278 23.72 -2.43 -34.18
CA SER C 278 24.82 -1.86 -33.42
C SER C 278 26.00 -1.50 -34.35
N GLY C 279 27.03 -2.35 -34.42
CA GLY C 279 28.17 -2.14 -35.32
C GLY C 279 27.78 -2.09 -36.79
N GLU C 280 26.64 -2.72 -37.15
CA GLU C 280 26.10 -2.70 -38.51
C GLU C 280 25.90 -1.27 -39.00
N THR C 281 25.49 -0.34 -38.10
CA THR C 281 25.24 1.07 -38.43
C THR C 281 26.28 2.03 -37.82
N ALA C 282 26.89 1.65 -36.69
CA ALA C 282 27.87 2.50 -36.02
C ALA C 282 29.24 2.54 -36.71
N LYS C 283 29.73 1.39 -37.17
CA LYS C 283 31.08 1.32 -37.74
C LYS C 283 31.24 0.55 -39.08
N GLY C 284 30.22 -0.21 -39.49
CA GLY C 284 30.31 -1.03 -40.69
C GLY C 284 30.27 -0.31 -42.02
N ASN C 285 30.56 -1.04 -43.08
CA ASN C 285 30.60 -0.53 -44.45
C ASN C 285 29.23 -0.38 -45.10
N PHE C 286 28.17 -0.96 -44.50
CA PHE C 286 26.85 -0.91 -45.10
C PHE C 286 25.74 -0.47 -44.12
N PRO C 287 25.84 0.73 -43.48
CA PRO C 287 24.81 1.12 -42.50
C PRO C 287 23.39 1.27 -43.08
N VAL C 288 23.25 1.92 -44.24
CA VAL C 288 21.96 2.15 -44.87
C VAL C 288 21.34 0.84 -45.34
N GLU C 289 22.16 -0.04 -45.92
CA GLU C 289 21.74 -1.34 -46.43
C GLU C 289 21.26 -2.27 -45.29
N ALA C 290 21.87 -2.13 -44.10
CA ALA C 290 21.50 -2.90 -42.92
C ALA C 290 20.09 -2.44 -42.46
N VAL C 291 19.82 -1.12 -42.50
CA VAL C 291 18.51 -0.59 -42.13
C VAL C 291 17.46 -1.08 -43.14
N LYS C 292 17.79 -1.01 -44.43
CA LYS C 292 16.91 -1.46 -45.50
C LYS C 292 16.55 -2.93 -45.36
N MET C 293 17.54 -3.74 -44.95
CA MET C 293 17.36 -5.17 -44.75
C MET C 293 16.42 -5.46 -43.58
N GLN C 294 16.62 -4.77 -42.46
CA GLN C 294 15.73 -4.94 -41.30
C GLN C 294 14.31 -4.52 -41.63
N HIS C 295 14.16 -3.44 -42.41
CA HIS C 295 12.85 -2.96 -42.83
C HIS C 295 12.13 -4.04 -43.68
N ALA C 296 12.86 -4.59 -44.70
CA ALA C 296 12.32 -5.60 -45.60
C ALA C 296 11.88 -6.86 -44.85
N ILE C 297 12.70 -7.36 -43.94
CA ILE C 297 12.37 -8.56 -43.18
C ILE C 297 11.18 -8.33 -42.24
N ALA C 298 11.22 -7.23 -41.45
CA ALA C 298 10.15 -6.90 -40.51
C ALA C 298 8.77 -6.84 -41.18
N ARG C 299 8.66 -6.22 -42.38
CA ARG C 299 7.39 -6.16 -43.11
C ARG C 299 6.87 -7.54 -43.44
N GLU C 300 7.75 -8.42 -43.91
CA GLU C 300 7.38 -9.77 -44.27
C GLU C 300 6.94 -10.56 -43.02
N ALA C 301 7.68 -10.41 -41.92
CA ALA C 301 7.41 -11.10 -40.67
C ALA C 301 6.15 -10.62 -39.99
N GLU C 302 5.83 -9.32 -40.12
CA GLU C 302 4.62 -8.79 -39.50
C GLU C 302 3.36 -9.37 -40.17
N ALA C 303 3.39 -9.56 -41.49
CA ALA C 303 2.27 -10.16 -42.21
C ALA C 303 2.09 -11.62 -41.82
N ALA C 304 3.19 -12.30 -41.48
CA ALA C 304 3.19 -13.73 -41.10
C ALA C 304 2.76 -13.99 -39.65
N VAL C 305 2.54 -12.94 -38.85
CA VAL C 305 2.11 -13.09 -37.46
C VAL C 305 0.71 -13.75 -37.44
N TYR C 306 0.50 -14.74 -36.57
CA TYR C 306 -0.76 -15.45 -36.49
C TYR C 306 -1.71 -14.70 -35.55
N HIS C 307 -2.22 -13.56 -36.02
CA HIS C 307 -3.09 -12.68 -35.25
C HIS C 307 -4.29 -13.38 -34.61
N ARG C 308 -4.89 -14.37 -35.28
CA ARG C 308 -6.05 -15.08 -34.74
C ARG C 308 -5.83 -15.64 -33.34
N GLN C 309 -4.70 -16.34 -33.12
CA GLN C 309 -4.39 -16.90 -31.82
C GLN C 309 -3.79 -15.82 -30.90
N LEU C 310 -2.90 -14.98 -31.44
CA LEU C 310 -2.24 -13.93 -30.67
C LEU C 310 -3.23 -12.99 -30.00
N PHE C 311 -4.21 -12.47 -30.76
CA PHE C 311 -5.22 -11.57 -30.20
C PHE C 311 -6.06 -12.28 -29.15
N GLU C 312 -6.48 -13.51 -29.43
CA GLU C 312 -7.28 -14.31 -28.47
C GLU C 312 -6.49 -14.53 -27.15
N GLU C 313 -5.19 -14.81 -27.27
CA GLU C 313 -4.36 -15.05 -26.11
C GLU C 313 -4.04 -13.79 -25.35
N LEU C 314 -3.77 -12.66 -26.05
CA LEU C 314 -3.54 -11.37 -25.39
C LEU C 314 -4.80 -10.96 -24.63
N ARG C 315 -5.97 -11.20 -25.26
CA ARG C 315 -7.30 -10.97 -24.74
C ARG C 315 -7.53 -11.81 -23.47
N ARG C 316 -7.41 -13.14 -23.54
CA ARG C 316 -7.64 -14.04 -22.42
C ARG C 316 -6.68 -13.79 -21.24
N ALA C 317 -5.41 -13.48 -21.54
CA ALA C 317 -4.41 -13.28 -20.49
C ALA C 317 -4.50 -11.93 -19.82
N ALA C 318 -4.92 -10.88 -20.58
CA ALA C 318 -5.00 -9.54 -20.00
C ALA C 318 -6.14 -9.54 -18.98
N PRO C 319 -5.85 -9.04 -17.77
CA PRO C 319 -6.89 -9.06 -16.73
C PRO C 319 -8.03 -8.11 -17.05
N LEU C 320 -9.20 -8.32 -16.41
CA LEU C 320 -10.31 -7.40 -16.57
C LEU C 320 -9.90 -6.01 -16.12
N SER C 321 -10.38 -4.99 -16.81
CA SER C 321 -9.98 -3.66 -16.48
C SER C 321 -11.13 -2.73 -16.37
N ARG C 322 -11.07 -1.83 -15.41
CA ARG C 322 -12.07 -0.80 -15.28
C ARG C 322 -11.50 0.56 -15.73
N ASP C 323 -10.34 0.57 -16.41
CA ASP C 323 -9.74 1.79 -16.95
C ASP C 323 -10.35 2.00 -18.33
N PRO C 324 -11.05 3.12 -18.52
CA PRO C 324 -11.71 3.34 -19.82
C PRO C 324 -10.77 3.35 -21.03
N THR C 325 -9.49 3.75 -20.87
CA THR C 325 -8.54 3.75 -21.98
C THR C 325 -8.28 2.32 -22.43
N GLU C 326 -8.05 1.43 -21.46
CA GLU C 326 -7.80 0.02 -21.74
CA GLU C 326 -7.81 0.01 -21.72
C GLU C 326 -9.05 -0.67 -22.32
N VAL C 327 -10.26 -0.36 -21.79
CA VAL C 327 -11.51 -0.91 -22.29
C VAL C 327 -11.78 -0.44 -23.73
N THR C 328 -11.54 0.84 -24.03
CA THR C 328 -11.72 1.40 -25.37
C THR C 328 -10.75 0.79 -26.34
N ALA C 329 -9.48 0.58 -25.91
CA ALA C 329 -8.45 0.03 -26.77
C ALA C 329 -8.78 -1.36 -27.29
N ILE C 330 -9.28 -2.27 -26.42
CA ILE C 330 -9.61 -3.62 -26.84
C ILE C 330 -10.84 -3.60 -27.77
N GLY C 331 -11.82 -2.76 -27.46
CA GLY C 331 -12.99 -2.58 -28.32
C GLY C 331 -12.60 -2.09 -29.70
N ALA C 332 -11.66 -1.12 -29.78
CA ALA C 332 -11.18 -0.55 -31.05
C ALA C 332 -10.40 -1.57 -31.85
N VAL C 333 -9.56 -2.36 -31.23
CA VAL C 333 -8.76 -3.37 -31.94
C VAL C 333 -9.69 -4.47 -32.49
N GLU C 334 -10.71 -4.89 -31.70
CA GLU C 334 -11.70 -5.86 -32.14
CA GLU C 334 -11.70 -5.86 -32.14
C GLU C 334 -12.47 -5.32 -33.35
N ALA C 335 -12.89 -4.03 -33.30
CA ALA C 335 -13.61 -3.40 -34.39
C ALA C 335 -12.74 -3.31 -35.63
N ALA C 336 -11.43 -2.98 -35.47
CA ALA C 336 -10.52 -2.90 -36.60
C ALA C 336 -10.35 -4.25 -37.32
N PHE C 337 -10.25 -5.35 -36.54
CA PHE C 337 -10.13 -6.68 -37.13
C PHE C 337 -11.41 -7.07 -37.86
N LYS C 338 -12.59 -6.74 -37.31
CA LYS C 338 -13.90 -7.05 -37.89
C LYS C 338 -14.10 -6.49 -39.29
N CYS C 339 -13.62 -5.28 -39.57
CA CYS C 339 -13.80 -4.66 -40.87
C CYS C 339 -12.54 -4.54 -41.69
N CYS C 340 -11.40 -5.10 -41.23
CA CYS C 340 -10.12 -4.93 -41.91
C CYS C 340 -9.77 -3.46 -42.09
N ALA C 341 -9.96 -2.68 -41.00
CA ALA C 341 -9.70 -1.25 -40.96
C ALA C 341 -8.30 -0.94 -41.41
N ALA C 342 -8.17 0.08 -42.25
CA ALA C 342 -6.88 0.51 -42.77
C ALA C 342 -6.00 1.11 -41.63
N ALA C 343 -6.63 1.75 -40.65
CA ALA C 343 -5.91 2.41 -39.55
C ALA C 343 -6.82 2.60 -38.33
N ILE C 344 -6.18 2.80 -37.16
CA ILE C 344 -6.83 3.21 -35.92
C ILE C 344 -6.21 4.56 -35.64
N ILE C 345 -6.97 5.65 -35.76
CA ILE C 345 -6.45 6.98 -35.51
C ILE C 345 -6.75 7.33 -34.07
N VAL C 346 -5.71 7.58 -33.27
CA VAL C 346 -5.89 7.90 -31.86
C VAL C 346 -5.30 9.26 -31.52
N LEU C 347 -6.01 10.01 -30.71
CA LEU C 347 -5.52 11.30 -30.23
C LEU C 347 -4.85 10.99 -28.90
N THR C 348 -3.58 11.42 -28.74
CA THR C 348 -2.86 11.11 -27.50
C THR C 348 -1.91 12.24 -27.09
N THR C 349 -1.87 12.56 -25.78
CA THR C 349 -0.94 13.59 -25.32
C THR C 349 0.38 12.98 -24.85
N THR C 350 0.31 11.90 -24.07
CA THR C 350 1.48 11.24 -23.51
C THR C 350 1.95 10.01 -24.31
N GLY C 351 1.10 9.51 -25.22
CA GLY C 351 1.36 8.31 -26.01
C GLY C 351 0.66 7.10 -25.44
N ARG C 352 0.11 7.20 -24.22
CA ARG C 352 -0.48 6.08 -23.52
C ARG C 352 -1.65 5.43 -24.26
N SER C 353 -2.52 6.24 -24.83
CA SER C 353 -3.66 5.71 -25.62
C SER C 353 -3.22 4.85 -26.84
N ALA C 354 -2.13 5.24 -27.49
CA ALA C 354 -1.57 4.52 -28.61
C ALA C 354 -0.86 3.24 -28.14
N GLN C 355 -0.20 3.30 -26.98
CA GLN C 355 0.48 2.17 -26.40
C GLN C 355 -0.52 1.09 -26.01
N LEU C 356 -1.68 1.48 -25.42
CA LEU C 356 -2.69 0.50 -25.06
C LEU C 356 -3.36 -0.13 -26.28
N LEU C 357 -3.37 0.55 -27.43
CA LEU C 357 -3.88 -0.05 -28.65
C LEU C 357 -2.88 -1.08 -29.14
N SER C 358 -1.60 -0.68 -29.19
CA SER C 358 -0.45 -1.46 -29.62
C SER C 358 -0.28 -2.79 -28.86
N ARG C 359 -0.62 -2.87 -27.58
CA ARG C 359 -0.48 -4.09 -26.78
C ARG C 359 -1.37 -5.24 -27.27
N TYR C 360 -2.46 -4.92 -27.99
CA TYR C 360 -3.33 -5.95 -28.57
C TYR C 360 -2.92 -6.39 -29.97
N ARG C 361 -1.81 -5.85 -30.47
CA ARG C 361 -1.21 -6.16 -31.75
C ARG C 361 -2.19 -6.11 -32.92
N PRO C 362 -2.85 -4.97 -33.16
CA PRO C 362 -3.75 -4.90 -34.32
C PRO C 362 -2.99 -4.99 -35.63
N ARG C 363 -3.64 -5.48 -36.65
CA ARG C 363 -3.07 -5.49 -38.00
C ARG C 363 -3.16 -4.04 -38.56
N ALA C 364 -4.19 -3.26 -38.18
CA ALA C 364 -4.37 -1.87 -38.59
C ALA C 364 -3.26 -0.99 -37.99
N ALA C 365 -2.67 -0.07 -38.78
CA ALA C 365 -1.69 0.88 -38.28
C ALA C 365 -2.33 1.78 -37.23
N VAL C 366 -1.64 2.09 -36.13
CA VAL C 366 -2.16 2.97 -35.10
C VAL C 366 -1.55 4.33 -35.38
N ILE C 367 -2.32 5.25 -35.97
CA ILE C 367 -1.86 6.57 -36.31
C ILE C 367 -2.09 7.45 -35.11
N ALA C 368 -1.01 7.84 -34.42
CA ALA C 368 -1.15 8.63 -33.20
C ALA C 368 -0.95 10.11 -33.47
N VAL C 369 -2.01 10.90 -33.24
CA VAL C 369 -1.95 12.34 -33.48
C VAL C 369 -1.72 13.01 -32.14
N THR C 370 -0.63 13.76 -32.06
CA THR C 370 -0.26 14.41 -30.81
C THR C 370 0.31 15.79 -31.02
N ARG C 371 0.19 16.64 -30.01
CA ARG C 371 0.80 17.96 -29.96
C ARG C 371 2.20 17.89 -29.28
N SER C 372 2.48 16.83 -28.52
CA SER C 372 3.74 16.62 -27.84
C SER C 372 4.82 16.08 -28.77
N ALA C 373 5.85 16.90 -29.06
CA ALA C 373 6.97 16.42 -29.90
C ALA C 373 7.71 15.23 -29.25
N GLN C 374 7.80 15.23 -27.91
CA GLN C 374 8.49 14.12 -27.20
C GLN C 374 7.69 12.83 -27.31
N ALA C 375 6.35 12.90 -27.07
CA ALA C 375 5.51 11.73 -27.19
C ALA C 375 5.53 11.18 -28.60
N ALA C 376 5.56 12.07 -29.62
CA ALA C 376 5.66 11.62 -30.99
C ALA C 376 6.96 10.81 -31.24
N ARG C 377 8.09 11.19 -30.61
CA ARG C 377 9.32 10.44 -30.77
C ARG C 377 9.30 9.16 -29.94
N GLN C 378 8.80 9.22 -28.70
CA GLN C 378 8.77 8.06 -27.81
C GLN C 378 7.85 6.93 -28.23
N VAL C 379 6.75 7.22 -28.97
CA VAL C 379 5.82 6.16 -29.36
C VAL C 379 6.39 5.20 -30.39
N HIS C 380 7.57 5.50 -30.97
CA HIS C 380 8.30 4.58 -31.86
C HIS C 380 8.69 3.28 -31.07
N LEU C 381 8.75 3.32 -29.73
CA LEU C 381 9.02 2.13 -28.93
C LEU C 381 7.88 1.09 -29.02
N CYS C 382 6.67 1.52 -29.40
CA CYS C 382 5.48 0.67 -29.47
C CYS C 382 5.20 0.22 -30.88
N ARG C 383 5.16 -1.11 -31.08
CA ARG C 383 4.93 -1.69 -32.39
C ARG C 383 3.63 -1.19 -33.02
N GLY C 384 3.74 -0.73 -34.25
CA GLY C 384 2.59 -0.32 -35.03
C GLY C 384 2.05 1.06 -34.78
N VAL C 385 2.78 1.89 -34.03
CA VAL C 385 2.37 3.25 -33.77
C VAL C 385 3.10 4.21 -34.72
N PHE C 386 2.34 4.96 -35.53
CA PHE C 386 2.89 5.89 -36.52
C PHE C 386 2.57 7.30 -36.02
N PRO C 387 3.57 8.00 -35.43
CA PRO C 387 3.28 9.32 -34.84
C PRO C 387 3.13 10.47 -35.84
N LEU C 388 2.16 11.33 -35.59
CA LEU C 388 1.95 12.54 -36.38
C LEU C 388 2.00 13.70 -35.41
N LEU C 389 2.97 14.59 -35.55
CA LEU C 389 3.05 15.77 -34.69
C LEU C 389 2.18 16.89 -35.27
N TYR C 390 1.19 17.35 -34.48
CA TYR C 390 0.19 18.36 -34.85
C TYR C 390 0.59 19.71 -34.27
N ARG C 391 0.75 20.71 -35.12
CA ARG C 391 1.25 22.03 -34.68
C ARG C 391 0.31 23.18 -34.94
N GLU C 392 -0.92 22.89 -35.37
CA GLU C 392 -1.89 23.92 -35.62
C GLU C 392 -2.30 24.58 -34.33
N PRO C 393 -2.69 25.87 -34.43
CA PRO C 393 -3.20 26.54 -33.22
C PRO C 393 -4.57 25.99 -32.82
N PRO C 394 -4.85 25.95 -31.50
CA PRO C 394 -6.10 25.38 -31.02
C PRO C 394 -7.35 26.11 -31.45
N GLU C 395 -8.41 25.36 -31.71
CA GLU C 395 -9.72 25.90 -32.01
C GLU C 395 -10.34 26.37 -30.67
N ALA C 396 -11.31 27.30 -30.72
CA ALA C 396 -11.99 27.78 -29.50
C ALA C 396 -12.88 26.68 -28.94
N ILE C 397 -13.58 25.95 -29.82
CA ILE C 397 -14.43 24.85 -29.43
C ILE C 397 -13.62 23.54 -29.46
N TRP C 398 -13.51 22.89 -28.31
CA TRP C 398 -12.76 21.67 -28.12
C TRP C 398 -13.14 20.56 -29.11
N ALA C 399 -14.44 20.33 -29.29
CA ALA C 399 -14.95 19.35 -30.23
C ALA C 399 -14.48 19.68 -31.66
N ASP C 400 -14.34 20.96 -32.01
CA ASP C 400 -13.82 21.32 -33.34
C ASP C 400 -12.37 21.01 -33.43
N ASP C 401 -11.60 21.25 -32.35
CA ASP C 401 -10.17 20.96 -32.29
C ASP C 401 -9.91 19.48 -32.44
N VAL C 402 -10.77 18.64 -31.83
CA VAL C 402 -10.71 17.19 -31.93
C VAL C 402 -10.94 16.75 -33.38
N ASP C 403 -12.03 17.22 -34.02
CA ASP C 403 -12.31 16.85 -35.41
C ASP C 403 -11.23 17.31 -36.35
N ARG C 404 -10.62 18.47 -36.11
CA ARG C 404 -9.50 18.94 -36.94
C ARG C 404 -8.29 17.98 -36.83
N ARG C 405 -8.03 17.41 -35.62
CA ARG C 405 -6.94 16.45 -35.45
C ARG C 405 -7.27 15.11 -36.06
N VAL C 406 -8.53 14.68 -35.97
CA VAL C 406 -8.99 13.44 -36.63
C VAL C 406 -8.81 13.59 -38.15
N GLN C 407 -9.22 14.73 -38.74
CA GLN C 407 -9.03 14.96 -40.19
C GLN C 407 -7.56 15.11 -40.60
N PHE C 408 -6.72 15.59 -39.69
CA PHE C 408 -5.27 15.65 -39.92
C PHE C 408 -4.72 14.22 -40.07
N GLY C 409 -5.22 13.29 -39.23
CA GLY C 409 -4.81 11.89 -39.29
C GLY C 409 -5.29 11.21 -40.56
N ILE C 410 -6.46 11.57 -41.05
CA ILE C 410 -7.00 11.00 -42.29
C ILE C 410 -6.26 11.57 -43.49
N GLU C 411 -6.03 12.90 -43.54
CA GLU C 411 -5.36 13.48 -44.69
C GLU C 411 -3.93 13.05 -44.79
N SER C 412 -3.24 12.86 -43.65
CA SER C 412 -1.85 12.36 -43.67
C SER C 412 -1.83 10.89 -44.15
N GLY C 413 -2.81 10.12 -43.69
CA GLY C 413 -2.96 8.72 -44.05
C GLY C 413 -3.18 8.57 -45.52
N LYS C 414 -4.00 9.46 -46.13
CA LYS C 414 -4.29 9.50 -47.57
C LYS C 414 -3.02 9.87 -48.32
N LEU C 415 -2.30 10.88 -47.85
CA LEU C 415 -1.07 11.36 -48.44
C LEU C 415 0.03 10.28 -48.50
N ARG C 416 0.21 9.56 -47.39
CA ARG C 416 1.20 8.51 -47.19
C ARG C 416 0.85 7.15 -47.81
N GLY C 417 -0.42 6.96 -48.19
CA GLY C 417 -0.83 5.70 -48.80
C GLY C 417 -1.53 4.74 -47.86
N PHE C 418 -1.61 5.04 -46.56
CA PHE C 418 -2.34 4.21 -45.59
C PHE C 418 -3.86 4.12 -45.97
N LEU C 419 -4.48 5.22 -46.50
CA LEU C 419 -5.93 5.35 -46.70
C LEU C 419 -6.43 5.82 -48.11
N ARG C 420 -7.64 5.41 -48.44
CA ARG C 420 -8.32 5.74 -49.69
C ARG C 420 -9.79 6.04 -49.34
N VAL C 421 -10.48 6.84 -50.17
CA VAL C 421 -11.89 7.10 -49.98
C VAL C 421 -12.69 5.78 -50.05
N GLY C 422 -13.59 5.58 -49.10
CA GLY C 422 -14.32 4.33 -49.01
C GLY C 422 -13.77 3.36 -47.97
N ASP C 423 -12.52 3.57 -47.52
CA ASP C 423 -11.93 2.76 -46.45
C ASP C 423 -12.65 3.02 -45.14
N LEU C 424 -12.53 2.07 -44.23
CA LEU C 424 -13.07 2.24 -42.90
C LEU C 424 -11.87 2.47 -41.96
N VAL C 425 -12.00 3.39 -41.00
CA VAL C 425 -11.00 3.64 -39.97
C VAL C 425 -11.68 3.61 -38.61
N ILE C 426 -10.94 3.29 -37.56
CA ILE C 426 -11.45 3.34 -36.20
C ILE C 426 -10.83 4.58 -35.58
N VAL C 427 -11.61 5.40 -34.93
CA VAL C 427 -11.11 6.64 -34.33
C VAL C 427 -11.28 6.58 -32.84
N VAL C 428 -10.17 6.75 -32.08
CA VAL C 428 -10.15 6.71 -30.64
C VAL C 428 -9.89 8.09 -30.03
N THR C 429 -10.82 8.59 -29.25
CA THR C 429 -10.76 9.90 -28.60
C THR C 429 -11.27 9.77 -27.12
N GLY C 430 -11.29 10.87 -26.37
CA GLY C 430 -11.79 10.92 -24.99
C GLY C 430 -12.92 11.92 -24.91
N TRP C 431 -13.59 11.98 -23.77
CA TRP C 431 -14.78 12.80 -23.58
C TRP C 431 -14.53 14.22 -23.12
N ARG C 432 -13.30 14.51 -22.69
CA ARG C 432 -12.90 15.83 -22.22
C ARG C 432 -11.39 16.05 -22.49
N PRO C 433 -10.94 17.32 -22.55
CA PRO C 433 -9.51 17.57 -22.81
C PRO C 433 -8.60 17.07 -21.71
N GLY C 434 -7.37 16.83 -22.08
CA GLY C 434 -6.37 16.36 -21.16
C GLY C 434 -6.17 14.88 -21.21
N SER C 435 -4.99 14.52 -20.86
CA SER C 435 -4.55 13.15 -20.79
C SER C 435 -5.40 12.32 -19.79
N GLY C 436 -5.60 11.04 -20.09
CA GLY C 436 -6.28 10.10 -19.20
C GLY C 436 -7.76 9.90 -19.31
N TYR C 437 -8.42 10.50 -20.30
CA TYR C 437 -9.89 10.42 -20.47
C TYR C 437 -10.36 9.72 -21.72
N THR C 438 -9.51 8.93 -22.40
CA THR C 438 -9.91 8.19 -23.59
C THR C 438 -11.02 7.21 -23.26
N ASN C 439 -12.13 7.30 -23.98
CA ASN C 439 -13.27 6.42 -23.71
C ASN C 439 -14.21 6.27 -24.91
N ILE C 440 -13.81 6.75 -26.10
CA ILE C 440 -14.67 6.71 -27.27
C ILE C 440 -13.99 6.03 -28.45
N MET C 441 -14.75 5.20 -29.14
CA MET C 441 -14.31 4.51 -30.35
C MET C 441 -15.42 4.75 -31.39
N ARG C 442 -15.05 5.27 -32.56
CA ARG C 442 -16.00 5.57 -33.63
C ARG C 442 -15.55 4.80 -34.89
N VAL C 443 -16.52 4.31 -35.67
CA VAL C 443 -16.23 3.67 -36.94
C VAL C 443 -16.47 4.74 -38.00
N LEU C 444 -15.44 5.17 -38.73
CA LEU C 444 -15.59 6.23 -39.72
C LEU C 444 -15.28 5.74 -41.14
N SER C 445 -16.04 6.23 -42.10
CA SER C 445 -15.82 5.92 -43.50
CA SER C 445 -15.82 5.92 -43.51
C SER C 445 -15.03 7.08 -44.11
N ILE C 446 -13.95 6.80 -44.84
CA ILE C 446 -13.14 7.86 -45.44
C ILE C 446 -13.86 8.53 -46.58
N SER C 447 -14.01 9.85 -46.50
CA SER C 447 -14.62 10.62 -47.56
C SER C 447 -13.62 11.62 -48.16
N GLY D 23 -15.47 -6.15 -5.59
CA GLY D 23 -15.61 -6.89 -4.35
C GLY D 23 -15.46 -8.39 -4.51
N THR D 24 -15.09 -9.09 -3.44
CA THR D 24 -14.92 -10.55 -3.48
C THR D 24 -16.27 -11.26 -3.62
N ALA D 25 -17.34 -10.70 -3.02
CA ALA D 25 -18.69 -11.26 -3.10
C ALA D 25 -19.24 -11.23 -4.53
N PHE D 26 -18.83 -10.22 -5.33
CA PHE D 26 -19.26 -10.06 -6.72
C PHE D 26 -18.81 -11.26 -7.54
N PHE D 27 -17.57 -11.72 -7.33
CA PHE D 27 -17.04 -12.83 -8.10
C PHE D 27 -17.52 -14.24 -7.66
N GLN D 28 -18.34 -14.29 -6.59
CA GLN D 28 -18.97 -15.51 -6.06
C GLN D 28 -20.29 -15.77 -6.80
N GLN D 29 -21.06 -14.67 -7.08
CA GLN D 29 -22.38 -14.67 -7.69
C GLN D 29 -22.35 -14.91 -9.22
N GLN D 30 -23.55 -15.11 -9.82
CA GLN D 30 -23.86 -15.31 -11.24
C GLN D 30 -22.90 -16.29 -11.97
N GLN D 31 -22.55 -17.39 -11.28
CA GLN D 31 -21.70 -18.47 -11.74
C GLN D 31 -20.38 -17.97 -12.31
N LEU D 32 -19.82 -16.87 -11.74
CA LEU D 32 -18.55 -16.32 -12.22
C LEU D 32 -17.39 -17.31 -12.06
N PRO D 33 -17.28 -18.12 -10.99
CA PRO D 33 -16.21 -19.14 -10.97
C PRO D 33 -16.33 -20.12 -12.16
N ALA D 34 -17.55 -20.58 -12.49
CA ALA D 34 -17.77 -21.48 -13.63
C ALA D 34 -17.52 -20.78 -14.98
N ALA D 35 -17.75 -19.46 -15.04
CA ALA D 35 -17.56 -18.68 -16.28
C ALA D 35 -16.08 -18.51 -16.63
N MET D 36 -15.22 -18.45 -15.61
CA MET D 36 -13.77 -18.30 -15.82
C MET D 36 -13.04 -19.61 -16.17
N ALA D 37 -13.74 -20.77 -16.12
CA ALA D 37 -13.15 -22.07 -16.41
C ALA D 37 -12.52 -22.18 -17.78
N ASP D 38 -11.41 -22.93 -17.86
CA ASP D 38 -10.66 -23.07 -19.10
C ASP D 38 -11.22 -24.14 -20.03
N THR D 39 -12.05 -25.06 -19.52
CA THR D 39 -12.71 -26.07 -20.33
C THR D 39 -14.22 -26.12 -19.99
N PHE D 40 -15.03 -26.66 -20.89
CA PHE D 40 -16.45 -26.85 -20.67
C PHE D 40 -16.70 -27.84 -19.52
N LEU D 41 -15.86 -28.88 -19.42
CA LEU D 41 -15.97 -29.88 -18.36
C LEU D 41 -15.72 -29.22 -17.00
N GLU D 42 -14.66 -28.39 -16.87
CA GLU D 42 -14.38 -27.69 -15.61
C GLU D 42 -15.50 -26.68 -15.29
N HIS D 43 -16.09 -26.07 -16.34
CA HIS D 43 -17.21 -25.14 -16.25
C HIS D 43 -18.40 -25.85 -15.58
N LEU D 44 -18.75 -27.05 -16.06
CA LEU D 44 -19.83 -27.83 -15.45
C LEU D 44 -19.52 -28.15 -13.98
N CYS D 45 -18.27 -28.58 -13.71
CA CYS D 45 -17.82 -28.95 -12.37
C CYS D 45 -17.91 -27.79 -11.38
N LEU D 46 -17.78 -26.54 -11.86
CA LEU D 46 -17.82 -25.35 -11.01
C LEU D 46 -19.21 -24.74 -10.84
N LEU D 47 -20.26 -25.32 -11.44
CA LEU D 47 -21.63 -24.79 -11.30
C LEU D 47 -22.04 -24.93 -9.84
N ASP D 48 -22.57 -23.84 -9.29
CA ASP D 48 -22.87 -23.75 -7.87
C ASP D 48 -24.34 -23.38 -7.60
N ILE D 49 -25.07 -24.24 -6.90
CA ILE D 49 -26.45 -23.95 -6.51
C ILE D 49 -26.56 -22.77 -5.55
N ASP D 50 -25.49 -22.40 -4.88
CA ASP D 50 -25.48 -21.25 -3.97
C ASP D 50 -25.09 -19.96 -4.67
N SER D 51 -24.66 -20.03 -5.94
CA SER D 51 -24.29 -18.87 -6.68
C SER D 51 -25.59 -18.30 -7.17
N GLU D 52 -25.96 -17.13 -6.67
CA GLU D 52 -27.22 -16.53 -7.06
C GLU D 52 -27.14 -15.69 -8.32
N PRO D 53 -28.18 -15.78 -9.18
CA PRO D 53 -28.17 -14.96 -10.40
C PRO D 53 -28.36 -13.49 -10.05
N VAL D 54 -27.57 -12.60 -10.66
CA VAL D 54 -27.65 -11.16 -10.36
C VAL D 54 -28.25 -10.40 -11.52
N ALA D 55 -27.85 -10.74 -12.76
CA ALA D 55 -28.34 -10.09 -13.96
C ALA D 55 -29.87 -10.25 -14.16
N ALA D 56 -30.47 -9.34 -14.92
CA ALA D 56 -31.88 -9.41 -15.27
C ALA D 56 -32.08 -10.57 -16.25
N ARG D 57 -33.27 -11.19 -16.24
CA ARG D 57 -33.60 -12.32 -17.08
C ARG D 57 -33.67 -11.89 -18.52
N SER D 58 -32.85 -12.48 -19.35
CA SER D 58 -32.66 -12.10 -20.72
C SER D 58 -33.44 -12.91 -21.77
N THR D 59 -33.91 -14.13 -21.45
CA THR D 59 -34.71 -14.92 -22.39
C THR D 59 -36.16 -14.49 -22.25
N SER D 60 -36.79 -14.05 -23.33
CA SER D 60 -38.20 -13.60 -23.29
CA SER D 60 -38.18 -13.58 -23.30
C SER D 60 -39.19 -14.69 -23.10
N ILE D 61 -40.29 -14.39 -22.42
CA ILE D 61 -41.35 -15.34 -22.17
C ILE D 61 -42.54 -14.93 -23.02
N ILE D 62 -43.00 -15.85 -23.89
CA ILE D 62 -44.19 -15.68 -24.68
C ILE D 62 -45.32 -16.44 -23.96
N ALA D 63 -46.42 -15.76 -23.61
CA ALA D 63 -47.55 -16.46 -22.97
C ALA D 63 -48.71 -16.42 -23.91
N THR D 64 -49.28 -17.59 -24.20
CA THR D 64 -50.46 -17.66 -25.06
C THR D 64 -51.70 -17.21 -24.26
N ILE D 65 -52.48 -16.29 -24.83
CA ILE D 65 -53.66 -15.72 -24.20
C ILE D 65 -54.89 -16.60 -24.44
N GLY D 66 -55.72 -16.74 -23.41
CA GLY D 66 -56.92 -17.55 -23.51
C GLY D 66 -57.86 -17.25 -22.38
N PRO D 67 -58.86 -18.10 -22.20
CA PRO D 67 -59.81 -17.91 -21.09
C PRO D 67 -59.18 -17.71 -19.71
N ALA D 68 -58.07 -18.39 -19.42
CA ALA D 68 -57.34 -18.30 -18.18
C ALA D 68 -56.53 -17.02 -18.03
N SER D 69 -56.38 -16.24 -19.12
CA SER D 69 -55.48 -15.09 -19.05
C SER D 69 -55.97 -13.86 -19.79
N ARG D 70 -57.30 -13.67 -19.95
CA ARG D 70 -57.77 -12.45 -20.63
C ARG D 70 -58.26 -11.41 -19.69
N SER D 71 -58.41 -11.70 -18.41
CA SER D 71 -58.82 -10.73 -17.43
C SER D 71 -57.76 -9.63 -17.38
N VAL D 72 -58.14 -8.36 -17.50
CA VAL D 72 -57.22 -7.21 -17.47
C VAL D 72 -56.36 -7.23 -16.21
N GLU D 73 -56.95 -7.61 -15.10
CA GLU D 73 -56.25 -7.69 -13.81
CA GLU D 73 -56.29 -7.69 -13.81
C GLU D 73 -55.31 -8.88 -13.74
N ARG D 74 -55.65 -9.99 -14.40
CA ARG D 74 -54.79 -11.18 -14.48
C ARG D 74 -53.59 -10.87 -15.44
N LEU D 75 -53.85 -10.11 -16.51
CA LEU D 75 -52.80 -9.71 -17.45
C LEU D 75 -51.75 -8.79 -16.79
N LYS D 76 -52.17 -7.93 -15.83
CA LYS D 76 -51.28 -7.05 -15.07
C LYS D 76 -50.37 -7.90 -14.19
N GLU D 77 -50.91 -8.97 -13.58
CA GLU D 77 -50.10 -9.87 -12.76
C GLU D 77 -49.08 -10.62 -13.62
N MET D 78 -49.47 -10.96 -14.85
CA MET D 78 -48.59 -11.68 -15.78
CA MET D 78 -48.59 -11.68 -15.78
C MET D 78 -47.47 -10.77 -16.32
N ILE D 79 -47.74 -9.49 -16.49
CA ILE D 79 -46.72 -8.55 -16.95
C ILE D 79 -45.68 -8.40 -15.81
N LYS D 80 -46.16 -8.28 -14.56
CA LYS D 80 -45.29 -8.20 -13.39
C LYS D 80 -44.49 -9.49 -13.15
N ALA D 81 -45.05 -10.65 -13.52
CA ALA D 81 -44.38 -11.94 -13.38
C ALA D 81 -43.27 -12.14 -14.45
N GLY D 82 -43.34 -11.40 -15.58
CA GLY D 82 -42.32 -11.53 -16.61
C GLY D 82 -42.77 -11.74 -18.04
N MET D 83 -44.10 -11.81 -18.34
CA MET D 83 -44.57 -11.96 -19.71
C MET D 83 -44.08 -10.80 -20.61
N ASN D 84 -43.46 -11.14 -21.73
CA ASN D 84 -42.94 -10.12 -22.66
C ASN D 84 -43.70 -10.05 -23.95
N ILE D 85 -44.25 -11.19 -24.41
CA ILE D 85 -44.98 -11.31 -25.65
C ILE D 85 -46.27 -12.05 -25.39
N ALA D 86 -47.39 -11.48 -25.82
CA ALA D 86 -48.69 -12.12 -25.72
C ALA D 86 -48.97 -12.83 -27.05
N ARG D 87 -49.17 -14.14 -27.02
CA ARG D 87 -49.46 -14.90 -28.23
C ARG D 87 -50.97 -15.13 -28.41
N LEU D 88 -51.48 -14.82 -29.61
CA LEU D 88 -52.88 -15.00 -29.97
C LEU D 88 -52.98 -16.20 -30.90
N ASN D 89 -53.55 -17.32 -30.45
CA ASN D 89 -53.60 -18.49 -31.29
C ASN D 89 -54.82 -18.47 -32.18
N PHE D 90 -54.64 -18.16 -33.47
CA PHE D 90 -55.76 -18.08 -34.42
C PHE D 90 -56.32 -19.46 -34.84
N SER D 91 -55.84 -20.54 -34.23
CA SER D 91 -56.41 -21.86 -34.42
C SER D 91 -57.71 -22.00 -33.60
N HIS D 92 -57.91 -21.15 -32.58
CA HIS D 92 -59.06 -21.10 -31.68
C HIS D 92 -59.67 -19.69 -31.74
N GLY D 93 -60.97 -19.57 -31.48
CA GLY D 93 -61.65 -18.28 -31.45
C GLY D 93 -61.80 -17.48 -32.73
N SER D 94 -62.72 -16.55 -32.68
CA SER D 94 -63.07 -15.66 -33.79
C SER D 94 -62.26 -14.37 -33.77
N HIS D 95 -62.43 -13.52 -34.80
CA HIS D 95 -61.78 -12.21 -34.87
C HIS D 95 -62.24 -11.32 -33.71
N GLU D 96 -63.51 -11.43 -33.33
CA GLU D 96 -64.08 -10.64 -32.24
C GLU D 96 -63.43 -11.03 -30.92
N TYR D 97 -63.18 -12.35 -30.73
CA TYR D 97 -62.52 -12.86 -29.53
C TYR D 97 -61.09 -12.33 -29.49
N HIS D 98 -60.36 -12.41 -30.62
CA HIS D 98 -58.97 -11.95 -30.64
C HIS D 98 -58.82 -10.46 -30.49
N ALA D 99 -59.79 -9.67 -30.96
CA ALA D 99 -59.76 -8.21 -30.78
C ALA D 99 -59.96 -7.82 -29.33
N GLU D 100 -60.81 -8.59 -28.59
CA GLU D 100 -60.98 -8.38 -27.15
C GLU D 100 -59.69 -8.76 -26.42
N SER D 101 -58.99 -9.82 -26.87
CA SER D 101 -57.70 -10.23 -26.26
C SER D 101 -56.68 -9.09 -26.38
N ILE D 102 -56.53 -8.54 -27.61
CA ILE D 102 -55.66 -7.43 -27.92
C ILE D 102 -55.97 -6.23 -27.04
N ALA D 103 -57.27 -5.89 -26.91
CA ALA D 103 -57.66 -4.73 -26.11
C ALA D 103 -57.39 -4.95 -24.62
N ASN D 104 -57.66 -6.16 -24.11
CA ASN D 104 -57.38 -6.46 -22.70
C ASN D 104 -55.88 -6.40 -22.45
N VAL D 105 -55.08 -6.91 -23.39
CA VAL D 105 -53.62 -6.82 -23.28
C VAL D 105 -53.19 -5.37 -23.23
N ARG D 106 -53.55 -4.57 -24.27
CA ARG D 106 -53.16 -3.15 -24.34
C ARG D 106 -53.60 -2.37 -23.14
N GLU D 107 -54.78 -2.66 -22.59
CA GLU D 107 -55.25 -1.99 -21.37
C GLU D 107 -54.37 -2.30 -20.17
N ALA D 108 -54.00 -3.58 -19.96
CA ALA D 108 -53.11 -3.93 -18.85
C ALA D 108 -51.71 -3.38 -19.05
N VAL D 109 -51.21 -3.36 -20.27
CA VAL D 109 -49.88 -2.82 -20.56
C VAL D 109 -49.86 -1.31 -20.27
N GLU D 110 -50.87 -0.59 -20.77
CA GLU D 110 -50.92 0.86 -20.60
C GLU D 110 -51.28 1.32 -19.20
N SER D 111 -51.75 0.42 -18.31
CA SER D 111 -51.98 0.80 -16.92
C SER D 111 -50.68 1.14 -16.18
N PHE D 112 -49.52 0.79 -16.73
CA PHE D 112 -48.23 1.12 -16.15
C PHE D 112 -47.53 2.27 -16.90
N ALA D 113 -48.16 2.89 -17.90
CA ALA D 113 -47.53 3.98 -18.64
C ALA D 113 -47.35 5.30 -17.84
N GLY D 114 -48.05 5.46 -16.72
CA GLY D 114 -47.91 6.63 -15.86
C GLY D 114 -46.53 6.78 -15.22
N SER D 115 -45.76 5.68 -15.16
CA SER D 115 -44.40 5.67 -14.64
C SER D 115 -43.47 5.24 -15.79
N PRO D 116 -43.02 6.17 -16.65
CA PRO D 116 -42.21 5.79 -17.81
C PRO D 116 -40.88 5.12 -17.52
N LEU D 117 -40.32 5.33 -16.32
CA LEU D 117 -39.05 4.70 -15.97
C LEU D 117 -39.22 3.22 -15.64
N SER D 118 -40.47 2.74 -15.38
CA SER D 118 -40.70 1.35 -15.03
CA SER D 118 -40.66 1.32 -15.06
C SER D 118 -41.61 0.61 -16.05
N TYR D 119 -42.18 1.34 -17.02
CA TYR D 119 -43.08 0.81 -18.02
C TYR D 119 -42.46 -0.31 -18.84
N ARG D 120 -43.19 -1.43 -18.94
CA ARG D 120 -42.73 -2.56 -19.72
C ARG D 120 -43.53 -2.71 -21.00
N PRO D 121 -42.89 -2.51 -22.17
CA PRO D 121 -43.59 -2.81 -23.43
C PRO D 121 -43.88 -4.32 -23.52
N VAL D 122 -45.02 -4.70 -24.13
CA VAL D 122 -45.37 -6.11 -24.32
C VAL D 122 -45.77 -6.30 -25.79
N ALA D 123 -45.12 -7.20 -26.51
CA ALA D 123 -45.45 -7.44 -27.91
C ALA D 123 -46.72 -8.26 -28.06
N ILE D 124 -47.38 -8.14 -29.23
CA ILE D 124 -48.56 -8.93 -29.54
C ILE D 124 -48.24 -9.74 -30.78
N ALA D 125 -48.31 -11.06 -30.66
CA ALA D 125 -48.01 -11.96 -31.77
C ALA D 125 -49.23 -12.75 -32.18
N LEU D 126 -49.44 -12.87 -33.50
CA LEU D 126 -50.57 -13.59 -34.08
C LEU D 126 -50.03 -14.92 -34.57
N ASP D 127 -50.53 -16.03 -34.04
CA ASP D 127 -50.09 -17.34 -34.45
C ASP D 127 -51.16 -17.84 -35.44
N THR D 128 -50.80 -18.05 -36.70
CA THR D 128 -51.76 -18.46 -37.73
C THR D 128 -52.27 -19.90 -37.57
N LYS D 129 -53.48 -20.17 -38.11
CA LYS D 129 -54.07 -21.50 -38.10
C LYS D 129 -53.23 -22.44 -38.97
N GLY D 130 -52.79 -21.98 -40.13
CA GLY D 130 -51.96 -22.78 -41.01
C GLY D 130 -52.65 -23.23 -42.28
N PRO D 131 -51.94 -23.97 -43.16
CA PRO D 131 -52.48 -24.35 -44.47
C PRO D 131 -53.32 -25.63 -44.49
N GLY D 132 -53.13 -26.50 -43.51
CA GLY D 132 -53.89 -27.77 -43.42
C GLY D 132 -53.57 -28.71 -44.55
N SER D 133 -54.59 -29.38 -45.09
CA SER D 133 -54.41 -30.28 -46.25
C SER D 133 -54.06 -29.45 -47.48
N GLY D 134 -53.89 -28.14 -47.31
CA GLY D 134 -53.62 -27.25 -48.44
C GLY D 134 -52.15 -27.12 -48.73
N PRO D 135 -51.79 -26.64 -49.95
CA PRO D 135 -50.39 -26.47 -50.34
C PRO D 135 -49.81 -25.14 -49.88
N GLY D 136 -50.60 -24.07 -49.92
CA GLY D 136 -50.06 -22.74 -49.59
C GLY D 136 -50.97 -21.92 -48.70
N LEU D 137 -50.87 -20.60 -48.79
CA LEU D 137 -51.63 -19.72 -47.86
C LEU D 137 -53.13 -19.97 -47.93
N SER D 138 -53.66 -20.58 -46.89
CA SER D 138 -55.10 -20.79 -46.73
C SER D 138 -55.87 -19.47 -46.78
N GLU D 139 -57.16 -19.53 -47.17
CA GLU D 139 -57.97 -18.32 -47.25
C GLU D 139 -58.23 -17.73 -45.86
N GLN D 140 -58.30 -18.60 -44.82
CA GLN D 140 -58.51 -18.13 -43.46
C GLN D 140 -57.26 -17.36 -43.00
N ASP D 141 -56.05 -17.84 -43.36
CA ASP D 141 -54.81 -17.17 -43.02
C ASP D 141 -54.74 -15.81 -43.67
N VAL D 142 -55.23 -15.67 -44.92
CA VAL D 142 -55.26 -14.37 -45.58
C VAL D 142 -56.14 -13.37 -44.80
N ARG D 143 -57.29 -13.83 -44.32
CA ARG D 143 -58.19 -13.00 -43.55
C ARG D 143 -57.62 -12.66 -42.15
N ASP D 144 -57.01 -13.64 -41.47
CA ASP D 144 -56.42 -13.48 -40.15
C ASP D 144 -55.21 -12.56 -40.20
N LEU D 145 -54.39 -12.68 -41.25
CA LEU D 145 -53.21 -11.82 -41.44
C LEU D 145 -53.64 -10.39 -41.65
N ARG D 146 -54.72 -10.15 -42.45
CA ARG D 146 -55.18 -8.77 -42.64
CA ARG D 146 -55.24 -8.79 -42.67
C ARG D 146 -55.73 -8.21 -41.35
N PHE D 147 -56.37 -9.05 -40.50
CA PHE D 147 -56.86 -8.66 -39.18
C PHE D 147 -55.67 -8.18 -38.32
N GLY D 148 -54.56 -8.90 -38.38
CA GLY D 148 -53.34 -8.56 -37.66
C GLY D 148 -52.80 -7.21 -38.03
N VAL D 149 -52.73 -6.90 -39.33
CA VAL D 149 -52.28 -5.60 -39.81
C VAL D 149 -53.25 -4.51 -39.31
N GLU D 150 -54.56 -4.74 -39.44
CA GLU D 150 -55.55 -3.75 -39.01
C GLU D 150 -55.55 -3.51 -37.53
N HIS D 151 -55.17 -4.52 -36.72
CA HIS D 151 -55.07 -4.35 -35.26
C HIS D 151 -53.67 -4.08 -34.75
N GLY D 152 -52.72 -3.82 -35.64
CA GLY D 152 -51.36 -3.47 -35.27
C GLY D 152 -50.54 -4.52 -34.55
N VAL D 153 -50.67 -5.80 -34.93
CA VAL D 153 -49.85 -6.83 -34.28
C VAL D 153 -48.37 -6.62 -34.61
N ASP D 154 -47.49 -7.05 -33.72
CA ASP D 154 -46.05 -6.83 -33.92
C ASP D 154 -45.39 -7.97 -34.63
N ILE D 155 -45.87 -9.20 -34.40
CA ILE D 155 -45.23 -10.40 -34.90
C ILE D 155 -46.28 -11.39 -35.43
N VAL D 156 -45.86 -12.22 -36.39
CA VAL D 156 -46.65 -13.29 -36.89
C VAL D 156 -45.84 -14.58 -36.68
N PHE D 157 -46.44 -15.59 -36.04
CA PHE D 157 -45.83 -16.89 -35.91
C PHE D 157 -46.53 -17.65 -37.02
N ALA D 158 -45.88 -17.77 -38.21
CA ALA D 158 -46.49 -18.42 -39.37
C ALA D 158 -46.44 -19.95 -39.27
N SER D 159 -47.62 -20.60 -39.10
CA SER D 159 -47.68 -22.04 -38.97
C SER D 159 -47.28 -22.82 -40.24
N PHE D 160 -46.69 -24.01 -40.02
CA PHE D 160 -46.27 -24.99 -41.04
C PHE D 160 -45.54 -24.39 -42.23
N VAL D 161 -44.47 -23.66 -41.97
CA VAL D 161 -43.66 -23.09 -43.05
C VAL D 161 -42.79 -24.23 -43.59
N ARG D 162 -42.87 -24.50 -44.90
CA ARG D 162 -42.12 -25.59 -45.52
C ARG D 162 -41.08 -25.15 -46.54
N LYS D 163 -41.14 -23.90 -47.00
CA LYS D 163 -40.23 -23.40 -48.01
C LYS D 163 -40.24 -21.87 -48.03
N ALA D 164 -39.27 -21.25 -48.70
CA ALA D 164 -39.15 -19.82 -48.80
C ALA D 164 -40.38 -19.12 -49.38
N SER D 165 -41.09 -19.77 -50.33
CA SER D 165 -42.28 -19.17 -50.95
C SER D 165 -43.45 -19.05 -49.98
N ASP D 166 -43.52 -19.91 -48.94
CA ASP D 166 -44.55 -19.81 -47.90
C ASP D 166 -44.37 -18.49 -47.13
N VAL D 167 -43.11 -18.10 -46.87
CA VAL D 167 -42.82 -16.85 -46.15
C VAL D 167 -43.19 -15.65 -47.03
N ALA D 168 -42.91 -15.73 -48.33
CA ALA D 168 -43.24 -14.64 -49.26
C ALA D 168 -44.74 -14.44 -49.32
N ALA D 169 -45.52 -15.54 -49.30
CA ALA D 169 -46.99 -15.47 -49.29
C ALA D 169 -47.51 -14.80 -48.02
N VAL D 170 -46.90 -15.08 -46.84
CA VAL D 170 -47.29 -14.42 -45.60
C VAL D 170 -46.98 -12.94 -45.67
N ARG D 171 -45.84 -12.59 -46.24
CA ARG D 171 -45.42 -11.20 -46.39
C ARG D 171 -46.40 -10.47 -47.31
N ALA D 172 -46.78 -11.09 -48.43
CA ALA D 172 -47.72 -10.53 -49.40
C ALA D 172 -49.08 -10.31 -48.76
N ALA D 173 -49.56 -11.27 -47.93
CA ALA D 173 -50.84 -11.14 -47.25
C ALA D 173 -50.89 -10.03 -46.22
N LEU D 174 -49.73 -9.63 -45.66
CA LEU D 174 -49.67 -8.51 -44.73
C LEU D 174 -49.77 -7.15 -45.44
N GLY D 175 -49.64 -7.13 -46.77
CA GLY D 175 -49.76 -5.94 -47.59
C GLY D 175 -48.69 -4.89 -47.41
N PRO D 176 -48.92 -3.72 -47.99
CA PRO D 176 -47.95 -2.61 -47.83
C PRO D 176 -47.93 -2.01 -46.42
N GLU D 177 -49.03 -2.12 -45.67
CA GLU D 177 -49.11 -1.57 -44.32
C GLU D 177 -48.44 -2.46 -43.26
N GLY D 178 -48.21 -3.74 -43.57
CA GLY D 178 -47.60 -4.65 -42.63
C GLY D 178 -46.14 -4.96 -42.88
N HIS D 179 -45.40 -4.02 -43.50
CA HIS D 179 -43.98 -4.23 -43.81
CA HIS D 179 -43.98 -4.24 -43.81
C HIS D 179 -43.10 -4.35 -42.55
N GLY D 180 -43.51 -3.68 -41.49
CA GLY D 180 -42.78 -3.69 -40.23
C GLY D 180 -43.08 -4.85 -39.29
N ILE D 181 -44.07 -5.70 -39.60
CA ILE D 181 -44.39 -6.84 -38.77
C ILE D 181 -43.29 -7.90 -38.94
N LYS D 182 -42.85 -8.51 -37.84
CA LYS D 182 -41.82 -9.54 -37.90
C LYS D 182 -42.44 -10.89 -38.23
N ILE D 183 -41.85 -11.64 -39.15
CA ILE D 183 -42.37 -12.96 -39.48
C ILE D 183 -41.45 -14.04 -38.90
N ILE D 184 -41.96 -14.80 -37.92
CA ILE D 184 -41.23 -15.88 -37.28
C ILE D 184 -41.81 -17.15 -37.87
N SER D 185 -41.04 -17.88 -38.69
CA SER D 185 -41.52 -19.09 -39.31
C SER D 185 -41.52 -20.28 -38.35
N LYS D 186 -42.66 -20.96 -38.23
CA LYS D 186 -42.75 -22.14 -37.39
C LYS D 186 -42.32 -23.36 -38.17
N ILE D 187 -41.30 -24.10 -37.65
CA ILE D 187 -40.86 -25.32 -38.29
C ILE D 187 -41.55 -26.45 -37.56
N GLU D 188 -42.47 -27.12 -38.24
CA GLU D 188 -43.29 -28.17 -37.62
C GLU D 188 -43.26 -29.52 -38.32
N ASN D 189 -42.47 -29.67 -39.39
CA ASN D 189 -42.42 -30.94 -40.11
C ASN D 189 -41.05 -31.20 -40.75
N HIS D 190 -40.87 -32.40 -41.35
CA HIS D 190 -39.62 -32.79 -41.98
C HIS D 190 -39.19 -31.85 -43.10
N GLU D 191 -40.12 -31.42 -43.96
CA GLU D 191 -39.77 -30.52 -45.06
C GLU D 191 -39.23 -29.19 -44.56
N GLY D 192 -39.82 -28.64 -43.51
CA GLY D 192 -39.37 -27.40 -42.90
C GLY D 192 -37.96 -27.52 -42.36
N VAL D 193 -37.64 -28.66 -41.71
CA VAL D 193 -36.30 -28.94 -41.18
C VAL D 193 -35.28 -29.06 -42.33
N LYS D 194 -35.65 -29.82 -43.38
CA LYS D 194 -34.78 -30.00 -44.53
C LYS D 194 -34.57 -28.72 -45.37
N ARG D 195 -35.58 -27.88 -45.45
CA ARG D 195 -35.47 -26.61 -46.16
C ARG D 195 -35.22 -25.42 -45.22
N PHE D 196 -34.74 -25.69 -43.98
CA PHE D 196 -34.47 -24.70 -42.93
C PHE D 196 -33.67 -23.51 -43.41
N ASP D 197 -32.54 -23.74 -44.07
CA ASP D 197 -31.68 -22.64 -44.52
C ASP D 197 -32.38 -21.64 -45.42
N GLU D 198 -33.17 -22.10 -46.39
CA GLU D 198 -33.88 -21.18 -47.29
C GLU D 198 -35.02 -20.44 -46.59
N ILE D 199 -35.64 -21.09 -45.56
CA ILE D 199 -36.69 -20.47 -44.79
C ILE D 199 -36.10 -19.38 -43.89
N LEU D 200 -34.99 -19.68 -43.19
CA LEU D 200 -34.34 -18.72 -42.28
C LEU D 200 -33.85 -17.50 -43.01
N GLU D 201 -33.32 -17.68 -44.22
CA GLU D 201 -32.83 -16.58 -45.04
C GLU D 201 -33.87 -15.51 -45.29
N VAL D 202 -35.14 -15.91 -45.51
CA VAL D 202 -36.21 -14.94 -45.78
C VAL D 202 -37.10 -14.62 -44.56
N SER D 203 -36.93 -15.33 -43.44
CA SER D 203 -37.71 -15.06 -42.24
C SER D 203 -36.95 -14.11 -41.30
N ASP D 204 -37.66 -13.49 -40.37
CA ASP D 204 -37.03 -12.67 -39.34
C ASP D 204 -36.52 -13.54 -38.17
N GLY D 205 -37.03 -14.76 -38.03
CA GLY D 205 -36.67 -15.69 -37.00
C GLY D 205 -37.40 -17.01 -37.16
N ILE D 206 -37.22 -17.91 -36.19
CA ILE D 206 -37.80 -19.25 -36.26
C ILE D 206 -38.45 -19.66 -34.94
N MET D 207 -39.48 -20.50 -35.04
CA MET D 207 -40.07 -21.11 -33.87
C MET D 207 -39.91 -22.64 -34.02
N VAL D 208 -39.36 -23.29 -33.01
CA VAL D 208 -39.25 -24.76 -33.01
C VAL D 208 -40.57 -25.20 -32.41
N ALA D 209 -41.56 -25.51 -33.29
CA ALA D 209 -42.91 -25.87 -32.90
C ALA D 209 -42.96 -27.35 -32.62
N ARG D 210 -42.49 -27.74 -31.42
CA ARG D 210 -42.28 -29.14 -31.00
C ARG D 210 -43.51 -30.04 -30.98
N GLY D 211 -44.69 -29.51 -30.77
CA GLY D 211 -45.92 -30.30 -30.77
C GLY D 211 -46.12 -31.04 -32.09
N ASP D 212 -46.32 -30.29 -33.19
CA ASP D 212 -46.47 -30.89 -34.50
C ASP D 212 -45.19 -31.58 -34.96
N LEU D 213 -44.02 -30.98 -34.69
CA LEU D 213 -42.74 -31.58 -35.09
C LEU D 213 -42.56 -32.99 -34.48
N GLY D 214 -43.00 -33.18 -33.25
CA GLY D 214 -42.95 -34.47 -32.56
C GLY D 214 -43.89 -35.54 -33.09
N ILE D 215 -44.87 -35.14 -33.94
CA ILE D 215 -45.83 -36.03 -34.60
C ILE D 215 -45.35 -36.25 -36.05
N GLU D 216 -44.80 -35.21 -36.70
CA GLU D 216 -44.32 -35.27 -38.07
C GLU D 216 -43.02 -36.03 -38.23
N ILE D 217 -42.14 -35.99 -37.22
CA ILE D 217 -40.90 -36.74 -37.21
C ILE D 217 -40.87 -37.62 -35.95
N PRO D 218 -40.01 -38.66 -35.84
CA PRO D 218 -39.97 -39.46 -34.61
C PRO D 218 -39.72 -38.58 -33.39
N ALA D 219 -40.46 -38.81 -32.31
CA ALA D 219 -40.37 -38.01 -31.10
C ALA D 219 -38.94 -37.95 -30.55
N GLU D 220 -38.20 -39.05 -30.66
CA GLU D 220 -36.81 -39.13 -30.17
C GLU D 220 -35.81 -38.31 -31.00
N LYS D 221 -36.23 -37.71 -32.12
CA LYS D 221 -35.34 -36.89 -32.95
C LYS D 221 -35.59 -35.37 -32.76
N VAL D 222 -36.71 -34.95 -32.09
CA VAL D 222 -37.04 -33.54 -31.94
C VAL D 222 -35.88 -32.73 -31.32
N PHE D 223 -35.21 -33.26 -30.29
CA PHE D 223 -34.10 -32.55 -29.66
C PHE D 223 -32.95 -32.23 -30.64
N LEU D 224 -32.71 -33.09 -31.65
CA LEU D 224 -31.67 -32.84 -32.64
C LEU D 224 -32.10 -31.65 -33.51
N ALA D 225 -33.38 -31.59 -33.92
CA ALA D 225 -33.93 -30.51 -34.73
C ALA D 225 -33.92 -29.21 -33.93
N GLN D 226 -34.29 -29.26 -32.64
CA GLN D 226 -34.28 -28.09 -31.77
C GLN D 226 -32.88 -27.53 -31.65
N LYS D 227 -31.89 -28.37 -31.28
CA LYS D 227 -30.53 -27.92 -31.10
C LYS D 227 -29.90 -27.41 -32.38
N MET D 228 -30.21 -28.05 -33.52
CA MET D 228 -29.69 -27.61 -34.82
C MET D 228 -30.23 -26.21 -35.19
N MET D 229 -31.56 -26.05 -35.11
CA MET D 229 -32.19 -24.79 -35.48
C MET D 229 -31.77 -23.64 -34.59
N ILE D 230 -31.63 -23.90 -33.27
CA ILE D 230 -31.16 -22.87 -32.35
C ILE D 230 -29.74 -22.44 -32.70
N GLY D 231 -28.85 -23.43 -32.93
CA GLY D 231 -27.46 -23.17 -33.34
C GLY D 231 -27.35 -22.34 -34.60
N ARG D 232 -28.12 -22.71 -35.64
CA ARG D 232 -28.12 -22.00 -36.91
C ARG D 232 -28.71 -20.58 -36.82
N CYS D 233 -29.74 -20.38 -35.97
CA CYS D 233 -30.30 -19.06 -35.75
C CYS D 233 -29.30 -18.19 -35.00
N ASN D 234 -28.62 -18.75 -33.99
CA ASN D 234 -27.61 -18.01 -33.24
C ASN D 234 -26.48 -17.56 -34.18
N LEU D 235 -26.07 -18.44 -35.10
CA LEU D 235 -25.03 -18.16 -36.08
C LEU D 235 -25.48 -17.04 -37.04
N ALA D 236 -26.76 -17.08 -37.47
CA ALA D 236 -27.34 -16.08 -38.36
C ALA D 236 -27.72 -14.77 -37.66
N GLY D 237 -27.73 -14.76 -36.32
CA GLY D 237 -28.11 -13.57 -35.56
C GLY D 237 -29.60 -13.28 -35.62
N LYS D 238 -30.43 -14.33 -35.79
CA LYS D 238 -31.88 -14.15 -35.88
C LYS D 238 -32.60 -14.83 -34.71
N PRO D 239 -33.68 -14.22 -34.19
CA PRO D 239 -34.36 -14.83 -33.03
C PRO D 239 -34.88 -16.25 -33.22
N VAL D 240 -34.75 -17.08 -32.19
CA VAL D 240 -35.28 -18.44 -32.21
C VAL D 240 -36.12 -18.67 -30.94
N VAL D 241 -37.33 -19.19 -31.12
CA VAL D 241 -38.27 -19.47 -30.02
C VAL D 241 -38.35 -21.00 -29.78
N CYS D 242 -38.23 -21.43 -28.53
CA CYS D 242 -38.48 -22.84 -28.22
C CYS D 242 -39.94 -22.91 -27.69
N ALA D 243 -40.76 -23.79 -28.26
CA ALA D 243 -42.17 -23.86 -27.91
C ALA D 243 -42.67 -25.25 -27.60
N THR D 244 -43.79 -25.33 -26.84
CA THR D 244 -44.69 -26.44 -26.56
C THR D 244 -44.26 -27.44 -25.51
N GLN D 245 -45.16 -27.60 -24.51
CA GLN D 245 -45.10 -28.54 -23.38
C GLN D 245 -43.93 -28.32 -22.47
N MET D 246 -43.36 -27.10 -22.45
CA MET D 246 -42.22 -26.81 -21.59
C MET D 246 -42.54 -27.03 -20.11
N LEU D 247 -43.76 -26.60 -19.66
CA LEU D 247 -44.21 -26.76 -18.27
C LEU D 247 -45.65 -27.34 -18.28
N GLU D 248 -45.95 -28.27 -19.20
CA GLU D 248 -47.26 -28.86 -19.41
C GLU D 248 -48.03 -29.25 -18.14
N SER D 249 -47.41 -29.96 -17.21
CA SER D 249 -48.06 -30.38 -15.98
C SER D 249 -48.59 -29.22 -15.14
N MET D 250 -48.06 -28.01 -15.34
CA MET D 250 -48.57 -26.82 -14.63
C MET D 250 -49.95 -26.32 -15.14
N ILE D 251 -50.55 -27.04 -16.09
CA ILE D 251 -51.91 -26.74 -16.51
C ILE D 251 -52.85 -27.09 -15.34
N THR D 252 -52.55 -28.20 -14.62
CA THR D 252 -53.34 -28.68 -13.49
C THR D 252 -52.61 -28.70 -12.14
N LYS D 253 -51.27 -28.78 -12.13
CA LYS D 253 -50.49 -28.86 -10.90
C LYS D 253 -49.73 -27.56 -10.58
N PRO D 254 -49.60 -27.21 -9.28
CA PRO D 254 -48.95 -25.95 -8.94
C PRO D 254 -47.43 -25.91 -9.15
N ARG D 255 -46.80 -27.09 -9.30
CA ARG D 255 -45.35 -27.20 -9.51
C ARG D 255 -45.07 -28.09 -10.72
N PRO D 256 -44.02 -27.79 -11.51
CA PRO D 256 -43.73 -28.65 -12.67
C PRO D 256 -42.95 -29.92 -12.30
N THR D 257 -42.79 -30.82 -13.27
CA THR D 257 -41.99 -32.01 -13.09
C THR D 257 -40.49 -31.68 -13.26
N ARG D 258 -39.60 -32.63 -12.89
CA ARG D 258 -38.17 -32.45 -13.01
C ARG D 258 -37.75 -32.37 -14.46
N ALA D 259 -38.45 -33.07 -15.37
CA ALA D 259 -38.15 -33.03 -16.78
C ALA D 259 -38.48 -31.67 -17.38
N GLU D 260 -39.58 -31.06 -16.92
CA GLU D 260 -40.05 -29.76 -17.36
C GLU D 260 -39.09 -28.62 -16.99
N THR D 261 -38.61 -28.54 -15.72
CA THR D 261 -37.68 -27.48 -15.35
C THR D 261 -36.36 -27.66 -16.12
N SER D 262 -35.93 -28.91 -16.32
CA SER D 262 -34.75 -29.28 -17.07
C SER D 262 -34.90 -28.81 -18.52
N ASP D 263 -36.05 -29.04 -19.14
CA ASP D 263 -36.33 -28.65 -20.51
C ASP D 263 -36.20 -27.11 -20.72
N VAL D 264 -36.76 -26.32 -19.79
CA VAL D 264 -36.69 -24.88 -19.86
C VAL D 264 -35.21 -24.43 -19.75
N ALA D 265 -34.49 -24.99 -18.79
CA ALA D 265 -33.10 -24.64 -18.58
C ALA D 265 -32.25 -25.01 -19.78
N ASN D 266 -32.53 -26.16 -20.38
CA ASN D 266 -31.79 -26.62 -21.55
C ASN D 266 -32.11 -25.84 -22.81
N ALA D 267 -33.34 -25.33 -22.98
CA ALA D 267 -33.68 -24.49 -24.13
C ALA D 267 -32.83 -23.19 -24.05
N VAL D 268 -32.71 -22.59 -22.83
CA VAL D 268 -31.88 -21.42 -22.60
C VAL D 268 -30.38 -21.75 -22.84
N LEU D 269 -29.89 -22.88 -22.32
CA LEU D 269 -28.51 -23.29 -22.53
C LEU D 269 -28.22 -23.59 -24.00
N ASP D 270 -29.22 -24.07 -24.75
CA ASP D 270 -29.07 -24.33 -26.19
C ASP D 270 -28.82 -23.03 -26.95
N GLY D 271 -29.40 -21.92 -26.49
CA GLY D 271 -29.28 -20.62 -27.14
C GLY D 271 -30.59 -19.98 -27.57
N ALA D 272 -31.73 -20.47 -27.05
CA ALA D 272 -33.03 -19.90 -27.44
C ALA D 272 -33.17 -18.46 -26.97
N ASP D 273 -33.69 -17.58 -27.83
CA ASP D 273 -33.96 -16.20 -27.47
C ASP D 273 -35.23 -16.11 -26.67
N CYS D 274 -36.25 -16.92 -27.01
CA CYS D 274 -37.54 -16.90 -26.35
C CYS D 274 -37.95 -18.30 -25.96
N ILE D 275 -38.74 -18.38 -24.90
CA ILE D 275 -39.37 -19.63 -24.46
C ILE D 275 -40.88 -19.34 -24.41
N MET D 276 -41.71 -20.35 -24.67
CA MET D 276 -43.14 -20.16 -24.75
C MET D 276 -43.94 -21.01 -23.80
N LEU D 277 -45.14 -20.48 -23.43
CA LEU D 277 -46.16 -21.19 -22.66
C LEU D 277 -47.44 -21.17 -23.55
N SER D 278 -48.08 -22.33 -23.69
CA SER D 278 -49.28 -22.46 -24.49
C SER D 278 -50.50 -22.63 -23.53
N GLY D 279 -50.93 -23.88 -23.28
CA GLY D 279 -52.03 -24.21 -22.38
C GLY D 279 -51.78 -23.80 -20.95
N GLU D 280 -50.50 -23.77 -20.54
CA GLU D 280 -50.06 -23.34 -19.20
C GLU D 280 -50.57 -21.93 -18.90
N THR D 281 -50.63 -21.05 -19.92
CA THR D 281 -51.18 -19.69 -19.74
C THR D 281 -52.55 -19.48 -20.39
N ALA D 282 -52.89 -20.18 -21.47
CA ALA D 282 -54.16 -19.98 -22.17
C ALA D 282 -55.39 -20.57 -21.47
N LYS D 283 -55.24 -21.79 -20.90
CA LYS D 283 -56.39 -22.48 -20.33
C LYS D 283 -56.19 -23.08 -18.94
N GLY D 284 -54.96 -23.06 -18.43
CA GLY D 284 -54.68 -23.67 -17.15
C GLY D 284 -55.08 -22.92 -15.90
N ASN D 285 -54.81 -23.53 -14.75
CA ASN D 285 -55.11 -22.93 -13.45
C ASN D 285 -53.94 -22.20 -12.80
N PHE D 286 -52.76 -22.21 -13.45
CA PHE D 286 -51.58 -21.58 -12.90
C PHE D 286 -50.88 -20.66 -13.92
N PRO D 287 -51.60 -19.80 -14.69
CA PRO D 287 -50.90 -18.95 -15.66
C PRO D 287 -49.82 -18.04 -15.08
N VAL D 288 -50.07 -17.35 -13.95
CA VAL D 288 -49.09 -16.46 -13.35
C VAL D 288 -47.90 -17.24 -12.81
N GLU D 289 -48.14 -18.39 -12.18
CA GLU D 289 -47.08 -19.20 -11.62
C GLU D 289 -46.25 -19.88 -12.69
N ALA D 290 -46.83 -20.21 -13.86
CA ALA D 290 -46.08 -20.79 -14.97
C ALA D 290 -45.13 -19.70 -15.58
N VAL D 291 -45.54 -18.42 -15.57
CA VAL D 291 -44.70 -17.36 -16.05
C VAL D 291 -43.55 -17.15 -15.03
N LYS D 292 -43.89 -17.11 -13.73
CA LYS D 292 -42.90 -16.97 -12.67
C LYS D 292 -41.90 -18.10 -12.70
N MET D 293 -42.34 -19.34 -12.99
CA MET D 293 -41.47 -20.50 -13.06
C MET D 293 -40.48 -20.39 -14.22
N GLN D 294 -40.94 -20.02 -15.42
CA GLN D 294 -40.07 -19.83 -16.56
C GLN D 294 -39.06 -18.71 -16.29
N HIS D 295 -39.49 -17.64 -15.63
CA HIS D 295 -38.62 -16.54 -15.26
C HIS D 295 -37.49 -17.02 -14.32
N ALA D 296 -37.84 -17.75 -13.26
CA ALA D 296 -36.90 -18.28 -12.30
C ALA D 296 -35.86 -19.22 -12.94
N ILE D 297 -36.32 -20.14 -13.81
CA ILE D 297 -35.40 -21.08 -14.46
C ILE D 297 -34.47 -20.37 -15.45
N ALA D 298 -35.02 -19.50 -16.31
CA ALA D 298 -34.24 -18.78 -17.30
C ALA D 298 -33.11 -17.99 -16.69
N ARG D 299 -33.34 -17.28 -15.55
CA ARG D 299 -32.29 -16.54 -14.88
C ARG D 299 -31.16 -17.46 -14.43
N GLU D 300 -31.48 -18.62 -13.86
CA GLU D 300 -30.48 -19.56 -13.41
C GLU D 300 -29.67 -20.10 -14.60
N ALA D 301 -30.37 -20.44 -15.68
CA ALA D 301 -29.73 -21.01 -16.86
C ALA D 301 -28.86 -20.01 -17.60
N GLU D 302 -29.25 -18.71 -17.60
CA GLU D 302 -28.47 -17.69 -18.29
C GLU D 302 -27.11 -17.48 -17.60
N ALA D 303 -27.08 -17.54 -16.25
CA ALA D 303 -25.84 -17.43 -15.52
C ALA D 303 -24.90 -18.61 -15.78
N ALA D 304 -25.47 -19.80 -16.05
CA ALA D 304 -24.74 -21.04 -16.32
C ALA D 304 -24.24 -21.17 -17.76
N VAL D 305 -24.54 -20.21 -18.63
CA VAL D 305 -24.05 -20.23 -20.01
C VAL D 305 -22.53 -20.06 -19.99
N TYR D 306 -21.81 -20.87 -20.76
CA TYR D 306 -20.36 -20.81 -20.83
C TYR D 306 -19.93 -19.75 -21.86
N HIS D 307 -20.07 -18.48 -21.49
CA HIS D 307 -19.76 -17.31 -22.34
C HIS D 307 -18.36 -17.33 -22.95
N ARG D 308 -17.36 -17.86 -22.20
CA ARG D 308 -15.98 -17.91 -22.67
C ARG D 308 -15.87 -18.59 -24.04
N GLN D 309 -16.47 -19.78 -24.18
CA GLN D 309 -16.44 -20.48 -25.45
C GLN D 309 -17.46 -19.90 -26.45
N LEU D 310 -18.68 -19.62 -25.97
CA LEU D 310 -19.75 -19.09 -26.81
C LEU D 310 -19.37 -17.80 -27.54
N PHE D 311 -18.83 -16.80 -26.82
CA PHE D 311 -18.41 -15.54 -27.44
C PHE D 311 -17.31 -15.79 -28.45
N GLU D 312 -16.31 -16.61 -28.10
CA GLU D 312 -15.20 -16.95 -29.00
C GLU D 312 -15.72 -17.56 -30.29
N GLU D 313 -16.68 -18.49 -30.18
CA GLU D 313 -17.24 -19.17 -31.33
C GLU D 313 -18.14 -18.28 -32.16
N LEU D 314 -18.95 -17.41 -31.53
CA LEU D 314 -19.81 -16.49 -32.27
C LEU D 314 -18.96 -15.50 -33.04
N ARG D 315 -17.87 -15.01 -32.42
CA ARG D 315 -16.92 -14.09 -33.03
C ARG D 315 -16.22 -14.75 -34.24
N ARG D 316 -15.61 -15.93 -34.03
CA ARG D 316 -14.87 -16.65 -35.07
C ARG D 316 -15.78 -16.99 -36.26
N ALA D 317 -17.04 -17.35 -35.99
CA ALA D 317 -17.96 -17.74 -37.05
C ALA D 317 -18.61 -16.57 -37.77
N ALA D 318 -18.71 -15.42 -37.11
CA ALA D 318 -19.31 -14.26 -37.75
C ALA D 318 -18.35 -13.74 -38.80
N PRO D 319 -18.87 -13.50 -40.02
CA PRO D 319 -18.00 -13.04 -41.11
C PRO D 319 -17.54 -11.59 -40.93
N LEU D 320 -16.49 -11.19 -41.66
CA LEU D 320 -16.03 -9.81 -41.67
C LEU D 320 -17.14 -8.91 -42.18
N SER D 321 -17.24 -7.71 -41.65
CA SER D 321 -18.28 -6.79 -42.06
C SER D 321 -17.75 -5.41 -42.27
N ARG D 322 -18.28 -4.72 -43.25
CA ARG D 322 -17.99 -3.32 -43.49
C ARG D 322 -19.13 -2.38 -43.04
N ASP D 323 -20.15 -2.93 -42.34
CA ASP D 323 -21.26 -2.16 -41.86
C ASP D 323 -20.87 -1.57 -40.50
N PRO D 324 -20.86 -0.25 -40.36
CA PRO D 324 -20.49 0.37 -39.07
C PRO D 324 -21.31 -0.05 -37.85
N THR D 325 -22.60 -0.41 -38.02
CA THR D 325 -23.42 -0.86 -36.90
C THR D 325 -22.90 -2.21 -36.39
N GLU D 326 -22.58 -3.11 -37.31
CA GLU D 326 -22.06 -4.42 -37.04
C GLU D 326 -20.67 -4.34 -36.38
N VAL D 327 -19.79 -3.46 -36.92
CA VAL D 327 -18.45 -3.25 -36.41
C VAL D 327 -18.47 -2.63 -35.00
N THR D 328 -19.38 -1.66 -34.75
CA THR D 328 -19.51 -1.04 -33.45
C THR D 328 -20.04 -2.05 -32.44
N ALA D 329 -20.99 -2.92 -32.86
CA ALA D 329 -21.60 -3.92 -31.99
C ALA D 329 -20.60 -4.90 -31.40
N ILE D 330 -19.70 -5.44 -32.24
CA ILE D 330 -18.70 -6.39 -31.74
C ILE D 330 -17.67 -5.67 -30.86
N GLY D 331 -17.29 -4.44 -31.21
CA GLY D 331 -16.39 -3.64 -30.40
C GLY D 331 -16.98 -3.38 -29.03
N ALA D 332 -18.30 -3.03 -28.98
CA ALA D 332 -19.03 -2.75 -27.74
C ALA D 332 -19.17 -4.00 -26.88
N VAL D 333 -19.44 -5.17 -27.46
CA VAL D 333 -19.58 -6.41 -26.70
C VAL D 333 -18.22 -6.81 -26.10
N GLU D 334 -17.15 -6.65 -26.88
CA GLU D 334 -15.80 -6.94 -26.40
CA GLU D 334 -15.80 -6.94 -26.40
C GLU D 334 -15.43 -6.00 -25.23
N ALA D 335 -15.75 -4.70 -25.35
CA ALA D 335 -15.49 -3.73 -24.32
C ALA D 335 -16.30 -4.07 -23.06
N ALA D 336 -17.58 -4.48 -23.22
CA ALA D 336 -18.43 -4.84 -22.10
C ALA D 336 -17.85 -6.04 -21.30
N PHE D 337 -17.32 -7.04 -22.00
CA PHE D 337 -16.74 -8.20 -21.35
C PHE D 337 -15.44 -7.81 -20.61
N LYS D 338 -14.64 -6.93 -21.19
CA LYS D 338 -13.37 -6.47 -20.62
C LYS D 338 -13.50 -5.80 -19.26
N CYS D 339 -14.58 -5.06 -19.04
CA CYS D 339 -14.77 -4.33 -17.78
C CYS D 339 -15.92 -4.86 -16.93
N CYS D 340 -16.58 -5.98 -17.34
CA CYS D 340 -17.74 -6.51 -16.64
C CYS D 340 -18.82 -5.47 -16.55
N ALA D 341 -19.08 -4.78 -17.70
CA ALA D 341 -20.09 -3.72 -17.78
C ALA D 341 -21.45 -4.25 -17.34
N ALA D 342 -22.17 -3.47 -16.53
CA ALA D 342 -23.50 -3.84 -16.07
C ALA D 342 -24.50 -3.80 -17.20
N ALA D 343 -24.30 -2.91 -18.21
CA ALA D 343 -25.22 -2.77 -19.31
C ALA D 343 -24.54 -2.18 -20.55
N ILE D 344 -25.16 -2.39 -21.72
CA ILE D 344 -24.81 -1.74 -22.97
C ILE D 344 -26.06 -0.94 -23.29
N ILE D 345 -26.02 0.38 -23.18
CA ILE D 345 -27.18 1.22 -23.47
C ILE D 345 -27.10 1.63 -24.94
N VAL D 346 -28.08 1.24 -25.74
CA VAL D 346 -28.08 1.55 -27.16
C VAL D 346 -29.31 2.36 -27.57
N LEU D 347 -29.11 3.36 -28.44
CA LEU D 347 -30.21 4.14 -28.99
C LEU D 347 -30.58 3.44 -30.31
N THR D 348 -31.88 3.13 -30.48
CA THR D 348 -32.29 2.40 -31.69
C THR D 348 -33.66 2.86 -32.21
N THR D 349 -33.82 2.91 -33.54
CA THR D 349 -35.08 3.32 -34.14
C THR D 349 -35.89 2.10 -34.51
N THR D 350 -35.24 1.14 -35.21
CA THR D 350 -35.90 -0.07 -35.68
C THR D 350 -35.66 -1.28 -34.77
N GLY D 351 -34.68 -1.19 -33.86
CA GLY D 351 -34.24 -2.28 -33.01
C GLY D 351 -33.01 -2.98 -33.54
N ARG D 352 -32.62 -2.70 -34.80
CA ARG D 352 -31.47 -3.35 -35.44
C ARG D 352 -30.15 -3.23 -34.66
N SER D 353 -29.81 -2.06 -34.11
CA SER D 353 -28.55 -1.90 -33.38
C SER D 353 -28.53 -2.76 -32.14
N ALA D 354 -29.68 -2.93 -31.47
CA ALA D 354 -29.80 -3.77 -30.28
C ALA D 354 -29.70 -5.24 -30.68
N GLN D 355 -30.28 -5.64 -31.82
CA GLN D 355 -30.21 -6.99 -32.32
C GLN D 355 -28.78 -7.36 -32.65
N LEU D 356 -28.01 -6.45 -33.27
CA LEU D 356 -26.61 -6.73 -33.60
C LEU D 356 -25.74 -6.85 -32.34
N LEU D 357 -26.11 -6.21 -31.24
CA LEU D 357 -25.38 -6.36 -29.98
C LEU D 357 -25.70 -7.76 -29.39
N SER D 358 -27.00 -8.11 -29.37
CA SER D 358 -27.57 -9.35 -28.86
C SER D 358 -27.01 -10.61 -29.53
N ARG D 359 -26.66 -10.53 -30.82
CA ARG D 359 -26.15 -11.72 -31.53
C ARG D 359 -24.79 -12.23 -31.00
N TYR D 360 -24.04 -11.34 -30.31
CA TYR D 360 -22.77 -11.75 -29.70
C TYR D 360 -22.93 -12.26 -28.27
N ARG D 361 -24.17 -12.36 -27.78
CA ARG D 361 -24.54 -12.86 -26.47
C ARG D 361 -23.72 -12.26 -25.33
N PRO D 362 -23.76 -10.92 -25.18
CA PRO D 362 -23.05 -10.33 -24.06
C PRO D 362 -23.70 -10.73 -22.73
N ARG D 363 -22.90 -10.78 -21.67
CA ARG D 363 -23.41 -10.99 -20.33
C ARG D 363 -24.11 -9.69 -19.88
N ALA D 364 -23.61 -8.50 -20.33
CA ALA D 364 -24.19 -7.20 -20.02
C ALA D 364 -25.56 -7.08 -20.66
N ALA D 365 -26.55 -6.56 -19.91
CA ALA D 365 -27.91 -6.34 -20.43
C ALA D 365 -27.83 -5.29 -21.55
N VAL D 366 -28.54 -5.50 -22.67
CA VAL D 366 -28.59 -4.51 -23.73
C VAL D 366 -29.86 -3.68 -23.50
N ILE D 367 -29.71 -2.48 -22.92
CA ILE D 367 -30.82 -1.60 -22.65
C ILE D 367 -31.06 -0.78 -23.90
N ALA D 368 -32.19 -1.03 -24.60
CA ALA D 368 -32.47 -0.33 -25.85
C ALA D 368 -33.42 0.82 -25.64
N VAL D 369 -32.98 2.03 -25.92
CA VAL D 369 -33.83 3.20 -25.77
C VAL D 369 -34.38 3.58 -27.13
N THR D 370 -35.70 3.59 -27.27
CA THR D 370 -36.33 3.91 -28.53
C THR D 370 -37.57 4.78 -28.38
N ARG D 371 -37.90 5.53 -29.41
CA ARG D 371 -39.16 6.26 -29.50
C ARG D 371 -40.23 5.42 -30.22
N SER D 372 -39.83 4.35 -30.94
CA SER D 372 -40.80 3.50 -31.61
C SER D 372 -41.42 2.52 -30.62
N ALA D 373 -42.72 2.65 -30.41
CA ALA D 373 -43.46 1.74 -29.58
C ALA D 373 -43.44 0.33 -30.20
N GLN D 374 -43.54 0.22 -31.53
CA GLN D 374 -43.45 -1.08 -32.18
C GLN D 374 -42.08 -1.76 -32.03
N ALA D 375 -40.99 -1.01 -32.26
CA ALA D 375 -39.65 -1.53 -32.09
C ALA D 375 -39.41 -1.97 -30.64
N ALA D 376 -39.93 -1.22 -29.68
CA ALA D 376 -39.79 -1.57 -28.27
C ALA D 376 -40.45 -2.93 -27.98
N ARG D 377 -41.60 -3.21 -28.62
CA ARG D 377 -42.27 -4.48 -28.45
C ARG D 377 -41.52 -5.59 -29.18
N GLN D 378 -41.11 -5.36 -30.40
CA GLN D 378 -40.43 -6.38 -31.23
C GLN D 378 -39.04 -6.79 -30.77
N VAL D 379 -38.28 -5.92 -30.06
CA VAL D 379 -36.94 -6.32 -29.63
C VAL D 379 -36.96 -7.39 -28.53
N HIS D 380 -38.12 -7.70 -27.91
CA HIS D 380 -38.27 -8.80 -26.96
C HIS D 380 -37.88 -10.12 -27.62
N LEU D 381 -37.95 -10.23 -28.97
CA LEU D 381 -37.52 -11.45 -29.67
C LEU D 381 -36.00 -11.68 -29.53
N CYS D 382 -35.20 -10.66 -29.20
CA CYS D 382 -33.75 -10.79 -29.11
C CYS D 382 -33.29 -10.94 -27.68
N ARG D 383 -32.57 -12.03 -27.38
CA ARG D 383 -32.11 -12.29 -26.03
C ARG D 383 -31.27 -11.19 -25.45
N GLY D 384 -31.62 -10.78 -24.23
CA GLY D 384 -30.85 -9.79 -23.50
C GLY D 384 -31.13 -8.37 -23.89
N VAL D 385 -32.18 -8.10 -24.69
CA VAL D 385 -32.54 -6.73 -25.04
C VAL D 385 -33.71 -6.29 -24.16
N PHE D 386 -33.51 -5.22 -23.38
CA PHE D 386 -34.50 -4.67 -22.49
C PHE D 386 -34.96 -3.36 -23.07
N PRO D 387 -36.16 -3.34 -23.69
CA PRO D 387 -36.63 -2.10 -24.33
C PRO D 387 -37.19 -1.04 -23.39
N LEU D 388 -36.81 0.21 -23.65
CA LEU D 388 -37.32 1.33 -22.90
C LEU D 388 -37.97 2.25 -23.92
N LEU D 389 -39.25 2.58 -23.70
CA LEU D 389 -39.97 3.48 -24.58
C LEU D 389 -39.82 4.91 -24.10
N TYR D 390 -39.17 5.73 -24.93
CA TYR D 390 -38.94 7.13 -24.64
C TYR D 390 -40.11 7.94 -25.21
N ARG D 391 -40.76 8.73 -24.37
CA ARG D 391 -41.97 9.45 -24.78
C ARG D 391 -41.81 10.93 -24.96
N GLU D 392 -40.69 11.52 -24.49
CA GLU D 392 -40.46 12.96 -24.56
C GLU D 392 -40.33 13.49 -25.97
N PRO D 393 -40.87 14.69 -26.23
CA PRO D 393 -40.69 15.28 -27.57
C PRO D 393 -39.21 15.68 -27.77
N PRO D 394 -38.74 15.66 -29.03
CA PRO D 394 -37.32 15.94 -29.28
C PRO D 394 -36.79 17.30 -28.84
N GLU D 395 -35.55 17.33 -28.37
CA GLU D 395 -34.82 18.54 -28.02
C GLU D 395 -34.38 19.23 -29.33
N ALA D 396 -34.20 20.55 -29.29
CA ALA D 396 -33.80 21.30 -30.48
C ALA D 396 -32.40 20.89 -30.90
N ILE D 397 -31.49 20.70 -29.93
CA ILE D 397 -30.13 20.27 -30.23
C ILE D 397 -30.08 18.73 -30.18
N TRP D 398 -29.76 18.12 -31.33
CA TRP D 398 -29.74 16.68 -31.47
C TRP D 398 -28.83 15.98 -30.45
N ALA D 399 -27.63 16.49 -30.22
CA ALA D 399 -26.75 15.93 -29.22
C ALA D 399 -27.37 15.95 -27.80
N ASP D 400 -28.18 16.95 -27.46
CA ASP D 400 -28.85 16.98 -26.16
C ASP D 400 -29.98 15.95 -26.10
N ASP D 401 -30.62 15.66 -27.24
CA ASP D 401 -31.72 14.67 -27.29
C ASP D 401 -31.15 13.27 -27.09
N VAL D 402 -29.93 13.06 -27.56
CA VAL D 402 -29.28 11.73 -27.45
C VAL D 402 -28.89 11.51 -25.99
N ASP D 403 -28.35 12.55 -25.36
CA ASP D 403 -27.92 12.46 -23.93
C ASP D 403 -29.11 12.26 -23.02
N ARG D 404 -30.24 12.91 -23.33
CA ARG D 404 -31.46 12.78 -22.50
C ARG D 404 -31.96 11.35 -22.58
N ARG D 405 -31.85 10.72 -23.75
CA ARG D 405 -32.27 9.32 -23.92
C ARG D 405 -31.28 8.41 -23.19
N VAL D 406 -29.97 8.68 -23.31
CA VAL D 406 -28.97 7.90 -22.59
C VAL D 406 -29.24 8.02 -21.09
N GLN D 407 -29.54 9.23 -20.60
CA GLN D 407 -29.86 9.45 -19.18
C GLN D 407 -31.15 8.74 -18.77
N PHE D 408 -32.13 8.70 -19.66
CA PHE D 408 -33.36 7.98 -19.41
C PHE D 408 -33.05 6.45 -19.22
N GLY D 409 -32.07 5.92 -19.97
CA GLY D 409 -31.67 4.53 -19.86
C GLY D 409 -31.00 4.28 -18.52
N ILE D 410 -30.09 5.19 -18.15
CA ILE D 410 -29.40 5.12 -16.86
C ILE D 410 -30.39 5.21 -15.69
N GLU D 411 -31.32 6.18 -15.73
CA GLU D 411 -32.35 6.34 -14.69
C GLU D 411 -33.27 5.14 -14.60
N SER D 412 -33.75 4.61 -15.76
CA SER D 412 -34.61 3.42 -15.78
C SER D 412 -33.86 2.24 -15.21
N GLY D 413 -32.61 2.06 -15.61
CA GLY D 413 -31.76 0.99 -15.16
C GLY D 413 -31.47 1.04 -13.68
N LYS D 414 -31.33 2.25 -13.11
CA LYS D 414 -31.10 2.41 -11.68
C LYS D 414 -32.40 2.04 -10.94
N LEU D 415 -33.55 2.51 -11.41
CA LEU D 415 -34.84 2.20 -10.82
C LEU D 415 -35.10 0.69 -10.85
N ARG D 416 -34.82 0.05 -11.98
CA ARG D 416 -35.08 -1.37 -12.15
C ARG D 416 -34.04 -2.31 -11.58
N GLY D 417 -32.94 -1.80 -11.02
CA GLY D 417 -31.91 -2.64 -10.44
C GLY D 417 -30.82 -3.14 -11.39
N PHE D 418 -30.83 -2.70 -12.65
CA PHE D 418 -29.78 -3.07 -13.62
C PHE D 418 -28.45 -2.35 -13.27
N LEU D 419 -28.54 -1.12 -12.78
CA LEU D 419 -27.35 -0.31 -12.54
C LEU D 419 -27.30 0.26 -11.15
N ARG D 420 -26.06 0.54 -10.71
CA ARG D 420 -25.73 1.19 -9.44
C ARG D 420 -24.62 2.21 -9.71
N VAL D 421 -24.47 3.20 -8.83
CA VAL D 421 -23.38 4.17 -8.94
C VAL D 421 -22.03 3.43 -8.83
N GLY D 422 -21.12 3.75 -9.73
CA GLY D 422 -19.83 3.05 -9.77
C GLY D 422 -19.74 1.99 -10.86
N ASP D 423 -20.87 1.58 -11.41
CA ASP D 423 -20.89 0.61 -12.52
C ASP D 423 -20.30 1.26 -13.78
N LEU D 424 -19.79 0.43 -14.67
CA LEU D 424 -19.35 0.88 -15.98
C LEU D 424 -20.42 0.44 -16.99
N VAL D 425 -20.75 1.30 -17.93
CA VAL D 425 -21.70 0.98 -18.98
C VAL D 425 -21.03 1.30 -20.34
N ILE D 426 -21.43 0.58 -21.38
CA ILE D 426 -20.99 0.86 -22.75
C ILE D 426 -22.19 1.55 -23.42
N VAL D 427 -21.99 2.71 -24.02
CA VAL D 427 -23.08 3.46 -24.66
C VAL D 427 -22.88 3.48 -26.16
N VAL D 428 -23.85 2.94 -26.90
CA VAL D 428 -23.82 2.81 -28.35
C VAL D 428 -24.80 3.77 -29.01
N THR D 429 -24.28 4.71 -29.83
CA THR D 429 -25.04 5.75 -30.51
C THR D 429 -24.54 5.91 -31.97
N GLY D 430 -25.06 6.88 -32.70
CA GLY D 430 -24.69 7.18 -34.08
C GLY D 430 -24.33 8.64 -34.32
N TRP D 431 -23.95 8.95 -35.52
CA TRP D 431 -23.39 10.25 -35.86
C TRP D 431 -24.36 11.25 -36.45
N ARG D 432 -25.57 10.81 -36.79
CA ARG D 432 -26.63 11.63 -37.30
C ARG D 432 -28.01 11.00 -37.01
N PRO D 433 -29.12 11.77 -37.10
CA PRO D 433 -30.47 11.18 -36.86
C PRO D 433 -30.86 10.15 -37.90
N GLY D 434 -31.91 9.39 -37.61
CA GLY D 434 -32.37 8.36 -38.52
C GLY D 434 -31.67 7.03 -38.29
N SER D 435 -32.30 5.98 -38.82
CA SER D 435 -31.86 4.60 -38.70
CA SER D 435 -31.83 4.61 -38.68
C SER D 435 -30.66 4.35 -39.59
N GLY D 436 -29.78 3.42 -39.16
CA GLY D 436 -28.66 2.95 -39.95
C GLY D 436 -27.32 3.64 -39.80
N TYR D 437 -27.20 4.56 -38.82
CA TYR D 437 -25.99 5.35 -38.62
C TYR D 437 -25.29 5.16 -37.28
N THR D 438 -25.54 4.03 -36.58
CA THR D 438 -24.81 3.71 -35.36
C THR D 438 -23.35 3.47 -35.72
N ASN D 439 -22.44 4.13 -35.03
CA ASN D 439 -21.01 3.98 -35.29
C ASN D 439 -20.14 4.40 -34.07
N ILE D 440 -20.72 4.69 -32.91
CA ILE D 440 -19.97 5.17 -31.75
C ILE D 440 -20.20 4.27 -30.53
N MET D 441 -19.14 3.96 -29.82
CA MET D 441 -19.13 3.20 -28.59
C MET D 441 -18.34 4.06 -27.53
N ARG D 442 -18.96 4.34 -26.38
CA ARG D 442 -18.39 5.15 -25.31
C ARG D 442 -18.37 4.33 -23.98
N VAL D 443 -17.30 4.42 -23.18
CA VAL D 443 -17.22 3.76 -21.87
C VAL D 443 -17.59 4.79 -20.83
N LEU D 444 -18.69 4.60 -20.11
CA LEU D 444 -19.21 5.59 -19.17
C LEU D 444 -19.29 5.04 -17.75
N SER D 445 -18.97 5.85 -16.75
CA SER D 445 -19.07 5.44 -15.35
C SER D 445 -20.40 5.98 -14.80
N ILE D 446 -21.18 5.14 -14.12
CA ILE D 446 -22.45 5.57 -13.56
C ILE D 446 -22.29 6.45 -12.32
N SER D 447 -22.85 7.66 -12.36
CA SER D 447 -22.81 8.61 -11.25
C SER D 447 -24.26 8.97 -10.81
N ALA E 25 -19.68 18.90 22.13
CA ALA E 25 -19.87 20.11 21.35
C ALA E 25 -19.22 21.33 22.01
N PHE E 26 -19.21 21.36 23.36
CA PHE E 26 -18.60 22.46 24.12
C PHE E 26 -17.11 22.53 23.81
N PHE E 27 -16.45 21.37 23.79
CA PHE E 27 -15.02 21.32 23.55
C PHE E 27 -14.61 21.49 22.08
N GLN E 28 -15.58 21.69 21.16
CA GLN E 28 -15.32 21.98 19.76
C GLN E 28 -15.30 23.48 19.50
N GLN E 29 -16.14 24.25 20.23
CA GLN E 29 -16.25 25.71 20.12
C GLN E 29 -15.08 26.46 20.77
N GLN E 30 -14.99 27.80 20.54
CA GLN E 30 -14.02 28.77 21.06
C GLN E 30 -12.55 28.35 20.92
N GLN E 31 -12.22 27.57 19.86
CA GLN E 31 -10.88 27.04 19.57
C GLN E 31 -10.32 26.22 20.73
N LEU E 32 -11.19 25.49 21.46
CA LEU E 32 -10.74 24.67 22.57
C LEU E 32 -9.78 23.56 22.15
N PRO E 33 -9.94 22.86 21.00
CA PRO E 33 -8.91 21.90 20.59
C PRO E 33 -7.53 22.56 20.42
N ALA E 34 -7.46 23.76 19.83
CA ALA E 34 -6.21 24.50 19.66
C ALA E 34 -5.66 25.01 21.01
N ALA E 35 -6.54 25.30 21.98
CA ALA E 35 -6.13 25.79 23.29
C ALA E 35 -5.46 24.70 24.14
N MET E 36 -5.87 23.43 23.95
CA MET E 36 -5.29 22.31 24.70
C MET E 36 -3.95 21.79 24.14
N ALA E 37 -3.50 22.32 22.99
CA ALA E 37 -2.27 21.90 22.32
C ALA E 37 -1.03 22.03 23.20
N ASP E 38 -0.09 21.08 23.08
CA ASP E 38 1.11 21.09 23.89
C ASP E 38 2.22 22.00 23.34
N THR E 39 2.13 22.42 22.07
CA THR E 39 3.11 23.34 21.48
C THR E 39 2.37 24.44 20.72
N PHE E 40 3.05 25.57 20.49
CA PHE E 40 2.48 26.68 19.73
C PHE E 40 2.23 26.26 18.27
N LEU E 41 3.14 25.45 17.72
CA LEU E 41 3.01 24.94 16.36
C LEU E 41 1.76 24.06 16.24
N GLU E 42 1.53 23.14 17.19
CA GLU E 42 0.33 22.29 17.19
CA GLU E 42 0.34 22.29 17.15
C GLU E 42 -0.92 23.14 17.36
N HIS E 43 -0.82 24.21 18.18
CA HIS E 43 -1.90 25.16 18.45
C HIS E 43 -2.32 25.81 17.14
N LEU E 44 -1.35 26.29 16.33
CA LEU E 44 -1.66 26.88 15.02
C LEU E 44 -2.33 25.87 14.10
N CYS E 45 -1.79 24.63 14.06
CA CYS E 45 -2.31 23.55 13.23
C CYS E 45 -3.76 23.19 13.57
N LEU E 46 -4.16 23.35 14.84
CA LEU E 46 -5.51 23.01 15.29
C LEU E 46 -6.53 24.13 15.18
N LEU E 47 -6.13 25.33 14.70
CA LEU E 47 -7.07 26.45 14.55
C LEU E 47 -8.13 26.06 13.52
N ASP E 48 -9.41 26.25 13.87
CA ASP E 48 -10.51 25.80 13.03
C ASP E 48 -11.47 26.93 12.64
N ILE E 49 -11.67 27.16 11.34
CA ILE E 49 -12.63 28.20 10.90
C ILE E 49 -14.09 27.85 11.26
N ASP E 50 -14.37 26.58 11.52
CA ASP E 50 -15.71 26.15 11.93
C ASP E 50 -15.93 26.23 13.44
N SER E 51 -14.87 26.48 14.24
CA SER E 51 -14.98 26.57 15.68
C SER E 51 -15.43 27.98 16.02
N GLU E 52 -16.70 28.14 16.40
CA GLU E 52 -17.30 29.44 16.64
C GLU E 52 -16.99 30.07 18.00
N PRO E 53 -16.73 31.39 18.02
CA PRO E 53 -16.46 32.04 19.31
C PRO E 53 -17.75 32.11 20.15
N VAL E 54 -17.65 31.77 21.44
CA VAL E 54 -18.83 31.79 22.31
C VAL E 54 -18.76 32.93 23.32
N ALA E 55 -17.56 33.17 23.87
CA ALA E 55 -17.32 34.23 24.82
C ALA E 55 -17.58 35.64 24.26
N ALA E 56 -17.87 36.60 25.15
CA ALA E 56 -18.09 37.97 24.75
C ALA E 56 -16.76 38.59 24.33
N ARG E 57 -16.83 39.59 23.44
CA ARG E 57 -15.67 40.27 22.91
C ARG E 57 -14.98 41.09 24.01
N SER E 58 -13.75 40.75 24.30
CA SER E 58 -12.97 41.30 25.39
C SER E 58 -12.06 42.48 25.03
N THR E 59 -11.66 42.64 23.77
CA THR E 59 -10.79 43.77 23.38
C THR E 59 -11.70 44.97 23.09
N SER E 60 -11.54 46.08 23.84
CA SER E 60 -12.42 47.23 23.64
C SER E 60 -12.12 48.00 22.35
N ILE E 61 -13.19 48.59 21.81
CA ILE E 61 -13.10 49.37 20.58
C ILE E 61 -13.21 50.86 20.91
N ILE E 62 -12.23 51.62 20.48
CA ILE E 62 -12.23 53.06 20.64
C ILE E 62 -12.62 53.63 19.28
N ALA E 63 -13.71 54.42 19.22
CA ALA E 63 -14.13 55.01 17.95
C ALA E 63 -13.96 56.51 18.00
N THR E 64 -13.28 57.10 17.01
CA THR E 64 -13.10 58.55 16.97
C THR E 64 -14.39 59.18 16.48
N ILE E 65 -14.92 60.12 17.27
CA ILE E 65 -16.18 60.79 16.95
C ILE E 65 -15.92 62.06 16.13
N GLY E 66 -16.52 62.13 14.96
CA GLY E 66 -16.40 63.28 14.07
C GLY E 66 -17.66 63.51 13.26
N PRO E 67 -17.56 64.25 12.14
CA PRO E 67 -18.77 64.53 11.33
C PRO E 67 -19.62 63.31 10.94
N ALA E 68 -18.97 62.16 10.66
CA ALA E 68 -19.68 60.94 10.25
C ALA E 68 -20.34 60.17 11.37
N SER E 69 -19.98 60.48 12.62
CA SER E 69 -20.48 59.73 13.78
C SER E 69 -20.97 60.60 14.92
N ARG E 70 -21.36 61.85 14.61
CA ARG E 70 -21.81 62.83 15.58
C ARG E 70 -23.28 62.73 16.02
N SER E 71 -24.20 62.36 15.13
CA SER E 71 -25.62 62.31 15.47
C SER E 71 -25.97 61.27 16.53
N VAL E 72 -26.89 61.63 17.45
CA VAL E 72 -27.35 60.79 18.55
C VAL E 72 -27.86 59.43 18.05
N GLU E 73 -28.55 59.41 16.90
CA GLU E 73 -29.08 58.19 16.29
C GLU E 73 -27.94 57.29 15.79
N ARG E 74 -26.88 57.90 15.19
CA ARG E 74 -25.72 57.18 14.67
C ARG E 74 -24.90 56.62 15.84
N LEU E 75 -24.78 57.38 16.92
CA LEU E 75 -24.07 56.96 18.12
C LEU E 75 -24.74 55.79 18.82
N LYS E 76 -26.08 55.72 18.76
CA LYS E 76 -26.82 54.60 19.34
C LYS E 76 -26.50 53.32 18.57
N GLU E 77 -26.39 53.43 17.22
CA GLU E 77 -26.05 52.29 16.38
C GLU E 77 -24.61 51.83 16.65
N MET E 78 -23.70 52.80 16.94
CA MET E 78 -22.30 52.51 17.24
CA MET E 78 -22.31 52.50 17.22
C MET E 78 -22.13 51.86 18.60
N ILE E 79 -22.98 52.23 19.57
CA ILE E 79 -22.92 51.60 20.90
C ILE E 79 -23.37 50.14 20.76
N LYS E 80 -24.45 49.91 19.98
CA LYS E 80 -24.96 48.57 19.72
C LYS E 80 -23.98 47.71 18.89
N ALA E 81 -23.19 48.35 18.03
CA ALA E 81 -22.19 47.66 17.20
C ALA E 81 -20.96 47.24 18.04
N GLY E 82 -20.69 47.92 19.15
CA GLY E 82 -19.60 47.55 20.03
C GLY E 82 -18.68 48.64 20.55
N MET E 83 -18.92 49.91 20.20
CA MET E 83 -18.07 51.00 20.67
C MET E 83 -18.07 51.08 22.22
N ASN E 84 -16.87 51.08 22.82
CA ASN E 84 -16.74 51.14 24.27
C ASN E 84 -16.18 52.46 24.76
N ILE E 85 -15.38 53.13 23.91
CA ILE E 85 -14.72 54.38 24.23
C ILE E 85 -14.89 55.32 23.05
N ALA E 86 -15.37 56.57 23.32
CA ALA E 86 -15.52 57.60 22.30
C ALA E 86 -14.29 58.50 22.34
N ARG E 87 -13.58 58.65 21.23
CA ARG E 87 -12.38 59.47 21.20
C ARG E 87 -12.65 60.82 20.55
N LEU E 88 -12.20 61.90 21.19
CA LEU E 88 -12.36 63.26 20.64
C LEU E 88 -10.99 63.80 20.33
N ASN E 89 -10.70 63.97 19.04
CA ASN E 89 -9.39 64.41 18.61
C ASN E 89 -9.27 65.93 18.64
N PHE E 90 -8.55 66.46 19.64
CA PHE E 90 -8.40 67.91 19.78
C PHE E 90 -7.38 68.53 18.81
N SER E 91 -6.91 67.75 17.84
CA SER E 91 -6.09 68.27 16.74
C SER E 91 -7.02 68.92 15.67
N HIS E 92 -8.33 68.60 15.69
CA HIS E 92 -9.36 69.12 14.80
C HIS E 92 -10.52 69.70 15.66
N GLY E 93 -11.45 70.40 15.01
CA GLY E 93 -12.60 70.98 15.67
C GLY E 93 -12.29 72.07 16.66
N SER E 94 -13.25 72.36 17.52
CA SER E 94 -13.12 73.39 18.54
C SER E 94 -13.70 72.88 19.88
N HIS E 95 -13.59 73.68 20.96
CA HIS E 95 -14.15 73.30 22.25
C HIS E 95 -15.67 73.16 22.14
N GLU E 96 -16.31 74.08 21.40
CA GLU E 96 -17.76 74.06 21.20
C GLU E 96 -18.19 72.82 20.42
N TYR E 97 -17.40 72.47 19.39
CA TYR E 97 -17.66 71.30 18.55
C TYR E 97 -17.53 70.01 19.36
N HIS E 98 -16.43 69.85 20.11
CA HIS E 98 -16.22 68.65 20.91
C HIS E 98 -17.20 68.54 22.08
N ALA E 99 -17.65 69.68 22.65
CA ALA E 99 -18.65 69.64 23.73
C ALA E 99 -19.99 69.12 23.20
N GLU E 100 -20.33 69.46 21.95
CA GLU E 100 -21.57 68.99 21.33
C GLU E 100 -21.47 67.50 21.05
N SER E 101 -20.28 67.02 20.59
CA SER E 101 -20.01 65.60 20.36
C SER E 101 -20.17 64.83 21.69
N ILE E 102 -19.54 65.33 22.80
CA ILE E 102 -19.62 64.73 24.13
C ILE E 102 -21.06 64.62 24.61
N ALA E 103 -21.86 65.69 24.41
CA ALA E 103 -23.26 65.70 24.85
C ALA E 103 -24.07 64.68 24.05
N ASN E 104 -23.80 64.56 22.75
CA ASN E 104 -24.50 63.58 21.89
C ASN E 104 -24.14 62.15 22.28
N VAL E 105 -22.86 61.91 22.66
CA VAL E 105 -22.44 60.59 23.12
C VAL E 105 -23.18 60.26 24.42
N ARG E 106 -23.15 61.18 25.40
CA ARG E 106 -23.84 61.00 26.68
C ARG E 106 -25.34 60.78 26.53
N GLU E 107 -25.97 61.47 25.58
CA GLU E 107 -27.39 61.31 25.31
C GLU E 107 -27.69 59.91 24.75
N ALA E 108 -26.87 59.46 23.78
CA ALA E 108 -27.04 58.11 23.21
C ALA E 108 -26.72 57.02 24.25
N VAL E 109 -25.74 57.25 25.13
CA VAL E 109 -25.36 56.28 26.16
C VAL E 109 -26.45 56.18 27.24
N GLU E 110 -27.04 57.33 27.63
CA GLU E 110 -28.09 57.33 28.65
C GLU E 110 -29.44 56.86 28.13
N SER E 111 -29.65 56.81 26.80
CA SER E 111 -30.88 56.28 26.24
C SER E 111 -31.10 54.78 26.56
N PHE E 112 -30.03 54.07 27.01
CA PHE E 112 -30.10 52.66 27.39
C PHE E 112 -30.09 52.46 28.92
N ALA E 113 -30.05 53.56 29.73
CA ALA E 113 -30.00 53.47 31.20
C ALA E 113 -31.28 52.96 31.87
N GLY E 114 -32.40 52.96 31.14
CA GLY E 114 -33.68 52.49 31.64
C GLY E 114 -33.71 51.01 31.99
N SER E 115 -32.77 50.23 31.41
CA SER E 115 -32.64 48.81 31.68
C SER E 115 -31.24 48.59 32.29
N PRO E 116 -31.11 48.73 33.62
CA PRO E 116 -29.77 48.60 34.26
C PRO E 116 -29.06 47.24 34.09
N LEU E 117 -29.82 46.17 33.80
CA LEU E 117 -29.31 44.82 33.57
C LEU E 117 -28.66 44.64 32.17
N SER E 118 -28.77 45.67 31.29
CA SER E 118 -28.19 45.64 29.94
C SER E 118 -27.47 46.98 29.56
N TYR E 119 -27.47 47.98 30.45
CA TYR E 119 -26.81 49.26 30.23
C TYR E 119 -25.29 49.10 30.02
N ARG E 120 -24.80 49.71 28.95
CA ARG E 120 -23.39 49.66 28.64
C ARG E 120 -22.73 51.00 28.88
N PRO E 121 -21.81 51.07 29.87
CA PRO E 121 -21.06 52.32 30.06
C PRO E 121 -20.14 52.60 28.85
N VAL E 122 -19.94 53.87 28.49
CA VAL E 122 -19.07 54.24 27.37
C VAL E 122 -18.10 55.32 27.85
N ALA E 123 -16.80 55.09 27.78
CA ALA E 123 -15.82 56.08 28.23
C ALA E 123 -15.66 57.22 27.22
N ILE E 124 -15.21 58.38 27.70
CA ILE E 124 -14.94 59.53 26.83
C ILE E 124 -13.48 59.90 26.97
N ALA E 125 -12.76 59.88 25.85
CA ALA E 125 -11.34 60.15 25.86
C ALA E 125 -11.01 61.37 25.04
N LEU E 126 -10.10 62.20 25.58
CA LEU E 126 -9.66 63.42 24.93
C LEU E 126 -8.27 63.16 24.39
N ASP E 127 -8.09 63.28 23.08
CA ASP E 127 -6.78 63.10 22.47
C ASP E 127 -6.20 64.49 22.24
N THR E 128 -5.08 64.83 22.92
CA THR E 128 -4.48 66.17 22.79
C THR E 128 -3.82 66.46 21.46
N LYS E 129 -3.64 67.74 21.15
CA LYS E 129 -2.95 68.15 19.90
C LYS E 129 -1.46 67.90 20.07
N GLY E 130 -0.94 68.02 21.29
CA GLY E 130 0.47 67.67 21.54
C GLY E 130 1.39 68.86 21.63
N PRO E 131 2.71 68.63 21.79
CA PRO E 131 3.68 69.71 21.94
C PRO E 131 4.21 70.30 20.63
N GLY E 132 5.51 70.58 20.57
CA GLY E 132 6.13 71.13 19.34
C GLY E 132 7.48 71.80 19.63
N GLY E 136 8.01 71.91 25.58
CA GLY E 136 7.19 71.47 26.70
C GLY E 136 5.71 71.39 26.39
N LEU E 137 4.86 71.38 27.45
CA LEU E 137 3.41 71.31 27.28
C LEU E 137 2.92 72.59 26.60
N SER E 138 2.37 72.47 25.39
CA SER E 138 1.89 73.62 24.63
C SER E 138 0.71 74.31 25.32
N GLU E 139 0.49 75.61 25.00
CA GLU E 139 -0.57 76.41 25.61
C GLU E 139 -1.96 75.92 25.22
N GLN E 140 -2.13 75.40 23.99
CA GLN E 140 -3.41 74.85 23.54
C GLN E 140 -3.74 73.60 24.37
N ASP E 141 -2.73 72.75 24.64
CA ASP E 141 -2.92 71.56 25.46
C ASP E 141 -3.36 71.91 26.86
N VAL E 142 -2.82 72.98 27.45
CA VAL E 142 -3.22 73.43 28.79
C VAL E 142 -4.72 73.79 28.79
N ARG E 143 -5.17 74.49 27.74
CA ARG E 143 -6.58 74.87 27.60
C ARG E 143 -7.49 73.66 27.35
N ASP E 144 -7.06 72.73 26.47
CA ASP E 144 -7.81 71.53 26.12
C ASP E 144 -7.92 70.57 27.28
N LEU E 145 -6.84 70.43 28.08
CA LEU E 145 -6.85 69.56 29.25
C LEU E 145 -7.79 70.09 30.31
N ARG E 146 -7.82 71.43 30.51
CA ARG E 146 -8.74 72.08 31.46
C ARG E 146 -10.19 71.81 31.00
N PHE E 147 -10.44 71.86 29.66
CA PHE E 147 -11.74 71.57 29.05
C PHE E 147 -12.18 70.15 29.42
N GLY E 148 -11.24 69.20 29.34
CA GLY E 148 -11.48 67.80 29.66
C GLY E 148 -11.92 67.60 31.10
N VAL E 149 -11.25 68.28 32.04
CA VAL E 149 -11.61 68.19 33.45
C VAL E 149 -13.01 68.77 33.66
N GLU E 150 -13.28 69.95 33.05
CA GLU E 150 -14.57 70.61 33.16
C GLU E 150 -15.71 69.82 32.55
N HIS E 151 -15.42 69.02 31.52
CA HIS E 151 -16.43 68.21 30.87
C HIS E 151 -16.46 66.74 31.35
N GLY E 152 -15.72 66.42 32.41
CA GLY E 152 -15.69 65.10 33.00
C GLY E 152 -15.20 63.96 32.12
N VAL E 153 -14.14 64.19 31.33
CA VAL E 153 -13.60 63.12 30.49
C VAL E 153 -12.98 62.04 31.36
N ASP E 154 -12.99 60.80 30.88
CA ASP E 154 -12.45 59.67 31.66
C ASP E 154 -10.97 59.43 31.39
N ILE E 155 -10.54 59.68 30.15
CA ILE E 155 -9.19 59.38 29.71
C ILE E 155 -8.59 60.50 28.89
N VAL E 156 -7.27 60.61 28.94
CA VAL E 156 -6.54 61.53 28.11
C VAL E 156 -5.54 60.69 27.30
N PHE E 157 -5.55 60.83 25.98
CA PHE E 157 -4.55 60.20 25.14
C PHE E 157 -3.56 61.33 24.92
N ALA E 158 -2.46 61.35 25.68
CA ALA E 158 -1.48 62.42 25.57
C ALA E 158 -0.57 62.27 24.36
N SER E 159 -0.68 63.15 23.38
CA SER E 159 0.14 63.10 22.18
C SER E 159 1.61 63.36 22.40
N PHE E 160 2.45 62.74 21.56
CA PHE E 160 3.90 62.86 21.50
C PHE E 160 4.62 62.85 22.86
N VAL E 161 4.36 61.81 23.69
CA VAL E 161 5.03 61.69 24.98
C VAL E 161 6.45 61.17 24.71
N ARG E 162 7.46 61.90 25.18
CA ARG E 162 8.85 61.54 24.94
C ARG E 162 9.64 61.18 26.20
N LYS E 163 9.13 61.53 27.38
CA LYS E 163 9.82 61.29 28.64
C LYS E 163 8.83 61.36 29.81
N ALA E 164 9.24 60.88 30.99
CA ALA E 164 8.41 60.89 32.18
C ALA E 164 7.91 62.29 32.60
N SER E 165 8.71 63.35 32.32
CA SER E 165 8.30 64.71 32.67
C SER E 165 7.13 65.23 31.84
N ASP E 166 6.96 64.70 30.61
CA ASP E 166 5.82 65.06 29.75
C ASP E 166 4.52 64.58 30.41
N VAL E 167 4.54 63.40 31.03
CA VAL E 167 3.37 62.84 31.70
C VAL E 167 3.05 63.67 32.95
N ALA E 168 4.08 64.08 33.70
CA ALA E 168 3.89 64.90 34.90
C ALA E 168 3.26 66.24 34.55
N ALA E 169 3.66 66.85 33.41
CA ALA E 169 3.09 68.11 32.92
C ALA E 169 1.63 67.98 32.52
N VAL E 170 1.22 66.82 31.97
CA VAL E 170 -0.18 66.57 31.63
C VAL E 170 -0.98 66.41 32.94
N ARG E 171 -0.41 65.69 33.91
CA ARG E 171 -1.03 65.46 35.21
C ARG E 171 -1.25 66.80 35.94
N ALA E 172 -0.24 67.69 35.90
CA ALA E 172 -0.30 69.01 36.52
C ALA E 172 -1.38 69.88 35.87
N ALA E 173 -1.49 69.84 34.53
CA ALA E 173 -2.49 70.60 33.81
C ALA E 173 -3.93 70.14 34.07
N LEU E 174 -4.11 68.88 34.51
CA LEU E 174 -5.44 68.38 34.86
C LEU E 174 -5.91 68.92 36.24
N GLY E 175 -4.99 69.51 37.01
CA GLY E 175 -5.25 70.10 38.31
C GLY E 175 -5.68 69.16 39.40
N PRO E 176 -6.19 69.73 40.51
CA PRO E 176 -6.65 68.88 41.63
C PRO E 176 -7.94 68.11 41.34
N GLU E 177 -8.79 68.66 40.44
CA GLU E 177 -10.05 68.03 40.09
C GLU E 177 -9.93 66.86 39.09
N GLY E 178 -8.80 66.78 38.37
CA GLY E 178 -8.61 65.72 37.38
C GLY E 178 -7.69 64.59 37.81
N HIS E 179 -7.59 64.34 39.12
CA HIS E 179 -6.73 63.28 39.67
CA HIS E 179 -6.73 63.28 39.67
C HIS E 179 -7.16 61.87 39.24
N GLY E 180 -8.46 61.69 38.98
CA GLY E 180 -8.99 60.39 38.60
C GLY E 180 -8.98 60.06 37.11
N ILE E 181 -8.63 61.04 36.27
CA ILE E 181 -8.57 60.82 34.82
C ILE E 181 -7.36 59.93 34.49
N LYS E 182 -7.56 58.94 33.60
CA LYS E 182 -6.48 58.04 33.21
C LYS E 182 -5.63 58.69 32.15
N ILE E 183 -4.30 58.63 32.28
CA ILE E 183 -3.41 59.19 31.26
C ILE E 183 -2.78 58.06 30.46
N ILE E 184 -3.13 57.96 29.19
CA ILE E 184 -2.60 56.96 28.27
C ILE E 184 -1.60 57.70 27.39
N SER E 185 -0.32 57.43 27.56
CA SER E 185 0.72 58.12 26.80
C SER E 185 0.85 57.56 25.38
N LYS E 186 0.80 58.44 24.39
CA LYS E 186 0.94 58.05 23.01
C LYS E 186 2.41 58.02 22.64
N ILE E 187 2.91 56.86 22.15
CA ILE E 187 4.29 56.76 21.72
C ILE E 187 4.28 56.96 20.23
N GLU E 188 4.84 58.08 19.74
CA GLU E 188 4.79 58.40 18.32
C GLU E 188 6.12 58.69 17.68
N ASN E 189 7.24 58.54 18.41
CA ASN E 189 8.57 58.83 17.85
C ASN E 189 9.68 57.98 18.46
N HIS E 190 10.92 58.10 17.93
CA HIS E 190 12.06 57.34 18.41
C HIS E 190 12.36 57.55 19.89
N GLU E 191 12.29 58.80 20.37
CA GLU E 191 12.58 59.09 21.77
C GLU E 191 11.59 58.42 22.70
N GLY E 192 10.31 58.43 22.34
CA GLY E 192 9.26 57.78 23.13
C GLY E 192 9.51 56.28 23.24
N VAL E 193 9.96 55.64 22.13
CA VAL E 193 10.26 54.21 22.11
C VAL E 193 11.46 53.93 23.00
N LYS E 194 12.53 54.73 22.85
CA LYS E 194 13.75 54.56 23.65
C LYS E 194 13.54 54.85 25.15
N ARG E 195 12.68 55.80 25.49
CA ARG E 195 12.38 56.12 26.87
C ARG E 195 11.09 55.47 27.38
N PHE E 196 10.59 54.43 26.66
CA PHE E 196 9.37 53.70 26.95
C PHE E 196 9.21 53.30 28.43
N ASP E 197 10.22 52.66 29.01
CA ASP E 197 10.13 52.17 30.39
C ASP E 197 9.81 53.26 31.38
N GLU E 198 10.49 54.43 31.27
CA GLU E 198 10.23 55.52 32.21
C GLU E 198 8.86 56.17 32.00
N ILE E 199 8.36 56.15 30.75
CA ILE E 199 7.05 56.69 30.42
C ILE E 199 5.96 55.78 30.97
N LEU E 200 6.11 54.46 30.78
CA LEU E 200 5.12 53.49 31.23
C LEU E 200 4.99 53.49 32.75
N GLU E 201 6.12 53.63 33.45
CA GLU E 201 6.18 53.66 34.91
CA GLU E 201 6.12 53.63 34.91
C GLU E 201 5.24 54.74 35.50
N VAL E 202 5.18 55.92 34.85
CA VAL E 202 4.35 57.01 35.36
C VAL E 202 3.00 57.16 34.64
N SER E 203 2.76 56.40 33.54
CA SER E 203 1.50 56.48 32.82
C SER E 203 0.53 55.41 33.30
N ASP E 204 -0.76 55.58 33.01
CA ASP E 204 -1.75 54.55 33.32
C ASP E 204 -1.78 53.45 32.24
N GLY E 205 -1.32 53.79 31.04
CA GLY E 205 -1.28 52.90 29.89
C GLY E 205 -0.58 53.56 28.72
N ILE E 206 -0.56 52.87 27.58
CA ILE E 206 0.14 53.35 26.39
C ILE E 206 -0.72 53.22 25.13
N MET E 207 -0.50 54.11 24.16
CA MET E 207 -1.12 53.98 22.86
C MET E 207 0.02 53.88 21.83
N VAL E 208 -0.01 52.85 20.98
CA VAL E 208 0.97 52.70 19.92
C VAL E 208 0.39 53.52 18.77
N ALA E 209 0.81 54.77 18.66
CA ALA E 209 0.30 55.74 17.69
C ALA E 209 1.06 55.57 16.38
N ARG E 210 0.68 54.54 15.61
CA ARG E 210 1.37 54.09 14.41
C ARG E 210 1.47 55.08 13.27
N GLY E 211 0.53 56.02 13.14
CA GLY E 211 0.59 57.03 12.08
C GLY E 211 1.85 57.86 12.14
N ASP E 212 2.06 58.62 13.25
CA ASP E 212 3.27 59.43 13.39
C ASP E 212 4.48 58.55 13.60
N LEU E 213 4.34 57.44 14.32
CA LEU E 213 5.44 56.51 14.58
C LEU E 213 6.04 56.02 13.28
N GLY E 214 5.19 55.72 12.29
CA GLY E 214 5.56 55.26 10.96
C GLY E 214 6.24 56.29 10.07
N ILE E 215 6.20 57.56 10.47
CA ILE E 215 6.86 58.69 9.78
C ILE E 215 8.16 59.02 10.55
N GLU E 216 8.15 58.93 11.89
CA GLU E 216 9.27 59.23 12.75
C GLU E 216 10.36 58.17 12.69
N ILE E 217 9.97 56.90 12.53
CA ILE E 217 10.91 55.79 12.39
C ILE E 217 10.61 55.08 11.05
N PRO E 218 11.52 54.24 10.48
CA PRO E 218 11.19 53.55 9.22
C PRO E 218 9.90 52.74 9.35
N ALA E 219 9.03 52.82 8.34
CA ALA E 219 7.73 52.15 8.37
C ALA E 219 7.85 50.63 8.62
N GLU E 220 8.91 50.01 8.08
CA GLU E 220 9.14 48.58 8.26
C GLU E 220 9.57 48.17 9.68
N LYS E 221 9.76 49.15 10.60
CA LYS E 221 10.14 48.86 11.98
C LYS E 221 8.99 49.01 12.95
N VAL E 222 7.87 49.67 12.56
CA VAL E 222 6.74 49.90 13.45
C VAL E 222 6.24 48.62 14.15
N PHE E 223 6.16 47.49 13.43
CA PHE E 223 5.70 46.24 14.02
C PHE E 223 6.57 45.78 15.21
N LEU E 224 7.89 46.09 15.17
CA LEU E 224 8.79 45.73 16.26
C LEU E 224 8.45 46.56 17.50
N ALA E 225 8.21 47.87 17.29
CA ALA E 225 7.84 48.79 18.37
C ALA E 225 6.45 48.41 18.93
N GLN E 226 5.49 48.05 18.06
CA GLN E 226 4.16 47.64 18.49
C GLN E 226 4.23 46.37 19.35
N LYS E 227 4.91 45.34 18.86
CA LYS E 227 5.00 44.08 19.59
C LYS E 227 5.76 44.21 20.91
N MET E 228 6.83 45.04 20.92
CA MET E 228 7.61 45.31 22.14
C MET E 228 6.76 46.03 23.19
N MET E 229 6.08 47.13 22.80
CA MET E 229 5.28 47.91 23.74
C MET E 229 4.11 47.14 24.28
N ILE E 230 3.46 46.33 23.40
CA ILE E 230 2.36 45.49 23.87
C ILE E 230 2.85 44.47 24.91
N GLY E 231 3.96 43.81 24.61
CA GLY E 231 4.56 42.85 25.53
C GLY E 231 4.93 43.44 26.87
N ARG E 232 5.58 44.61 26.85
CA ARG E 232 5.98 45.29 28.10
C ARG E 232 4.79 45.78 28.91
N CYS E 233 3.71 46.24 28.25
CA CYS E 233 2.50 46.66 28.96
C CYS E 233 1.81 45.45 29.57
N ASN E 234 1.78 44.32 28.84
CA ASN E 234 1.17 43.09 29.36
C ASN E 234 1.92 42.63 30.62
N LEU E 235 3.25 42.74 30.58
CA LEU E 235 4.12 42.37 31.69
C LEU E 235 3.87 43.29 32.90
N ALA E 236 3.69 44.59 32.63
CA ALA E 236 3.41 45.58 33.68
C ALA E 236 1.96 45.56 34.19
N GLY E 237 1.07 44.89 33.47
CA GLY E 237 -0.34 44.85 33.84
C GLY E 237 -1.04 46.16 33.57
N LYS E 238 -0.59 46.93 32.56
CA LYS E 238 -1.18 48.23 32.22
C LYS E 238 -1.78 48.23 30.83
N PRO E 239 -2.95 48.89 30.63
CA PRO E 239 -3.57 48.87 29.29
C PRO E 239 -2.72 49.38 28.12
N VAL E 240 -2.84 48.72 26.97
CA VAL E 240 -2.14 49.13 25.76
C VAL E 240 -3.15 49.18 24.60
N VAL E 241 -3.12 50.27 23.83
CA VAL E 241 -4.02 50.50 22.71
C VAL E 241 -3.25 50.40 21.40
N CYS E 242 -3.79 49.66 20.41
CA CYS E 242 -3.19 49.65 19.08
C CYS E 242 -4.01 50.61 18.24
N ALA E 243 -3.35 51.56 17.56
CA ALA E 243 -4.08 52.58 16.83
C ALA E 243 -3.56 52.85 15.43
N THR E 244 -4.43 53.40 14.55
CA THR E 244 -4.21 54.02 13.23
C THR E 244 -4.08 53.06 12.04
N GLN E 245 -4.96 53.30 11.04
CA GLN E 245 -5.04 52.61 9.77
C GLN E 245 -5.37 51.14 9.87
N MET E 246 -5.98 50.70 10.97
CA MET E 246 -6.37 49.32 11.16
C MET E 246 -7.36 48.83 10.09
N LEU E 247 -8.35 49.67 9.73
CA LEU E 247 -9.34 49.36 8.69
C LEU E 247 -9.46 50.55 7.73
N GLU E 248 -8.34 51.21 7.41
CA GLU E 248 -8.27 52.41 6.58
C GLU E 248 -9.14 52.41 5.33
N SER E 249 -9.09 51.36 4.50
CA SER E 249 -9.87 51.29 3.28
C SER E 249 -11.40 51.41 3.54
N MET E 250 -11.86 51.12 4.76
CA MET E 250 -13.28 51.22 5.08
C MET E 250 -13.79 52.68 5.17
N ILE E 251 -12.88 53.67 5.07
CA ILE E 251 -13.28 55.07 5.00
C ILE E 251 -14.13 55.28 3.71
N THR E 252 -13.79 54.57 2.60
CA THR E 252 -14.53 54.65 1.35
C THR E 252 -15.20 53.33 0.92
N LYS E 253 -14.72 52.16 1.39
CA LYS E 253 -15.24 50.85 0.98
C LYS E 253 -16.01 50.14 2.07
N PRO E 254 -17.08 49.40 1.74
CA PRO E 254 -17.88 48.76 2.80
C PRO E 254 -17.24 47.52 3.45
N ARG E 255 -16.18 46.97 2.81
CA ARG E 255 -15.45 45.81 3.30
C ARG E 255 -13.94 46.13 3.35
N PRO E 256 -13.22 45.64 4.37
CA PRO E 256 -11.79 45.96 4.45
C PRO E 256 -10.93 45.03 3.56
N THR E 257 -9.63 45.35 3.44
CA THR E 257 -8.72 44.51 2.70
C THR E 257 -8.29 43.31 3.59
N ARG E 258 -7.63 42.31 2.97
CA ARG E 258 -7.14 41.14 3.69
C ARG E 258 -6.04 41.53 4.68
N ALA E 259 -5.23 42.56 4.37
CA ALA E 259 -4.19 43.03 5.28
C ALA E 259 -4.79 43.69 6.51
N GLU E 260 -5.90 44.42 6.34
CA GLU E 260 -6.59 45.11 7.42
C GLU E 260 -7.21 44.18 8.43
N THR E 261 -7.93 43.14 7.99
CA THR E 261 -8.52 42.18 8.93
C THR E 261 -7.41 41.42 9.68
N SER E 262 -6.32 41.12 8.98
CA SER E 262 -5.14 40.46 9.52
C SER E 262 -4.53 41.33 10.60
N ASP E 263 -4.39 42.66 10.34
CA ASP E 263 -3.83 43.62 11.29
C ASP E 263 -4.62 43.69 12.60
N VAL E 264 -5.96 43.71 12.51
CA VAL E 264 -6.80 43.75 13.69
C VAL E 264 -6.63 42.46 14.50
N ALA E 265 -6.66 41.31 13.81
CA ALA E 265 -6.49 40.01 14.46
C ALA E 265 -5.14 39.91 15.14
N ASN E 266 -4.08 40.41 14.46
CA ASN E 266 -2.73 40.34 14.99
C ASN E 266 -2.51 41.31 16.15
N ALA E 267 -3.22 42.47 16.20
CA ALA E 267 -3.09 43.37 17.35
C ALA E 267 -3.66 42.65 18.58
N VAL E 268 -4.78 41.94 18.43
CA VAL E 268 -5.39 41.18 19.52
C VAL E 268 -4.47 40.01 19.93
N LEU E 269 -3.92 39.27 18.95
CA LEU E 269 -2.99 38.18 19.24
C LEU E 269 -1.71 38.68 19.90
N ASP E 270 -1.23 39.89 19.56
CA ASP E 270 -0.07 40.53 20.19
C ASP E 270 -0.30 40.76 21.68
N GLY E 271 -1.55 41.05 22.08
CA GLY E 271 -1.89 41.29 23.48
C GLY E 271 -2.51 42.66 23.75
N ALA E 272 -2.95 43.37 22.69
CA ALA E 272 -3.54 44.70 22.87
C ALA E 272 -4.85 44.64 23.67
N ASP E 273 -5.00 45.57 24.63
CA ASP E 273 -6.24 45.67 25.40
C ASP E 273 -7.31 46.36 24.58
N CYS E 274 -6.94 47.35 23.78
CA CYS E 274 -7.88 48.11 22.97
C CYS E 274 -7.40 48.22 21.53
N ILE E 275 -8.35 48.34 20.62
CA ILE E 275 -8.08 48.61 19.22
C ILE E 275 -8.86 49.91 18.88
N MET E 276 -8.35 50.71 17.95
CA MET E 276 -8.93 52.00 17.63
C MET E 276 -9.31 52.20 16.17
N LEU E 277 -10.29 53.10 15.95
CA LEU E 277 -10.73 53.53 14.64
C LEU E 277 -10.61 55.07 14.62
N SER E 278 -9.96 55.62 13.60
CA SER E 278 -9.79 57.06 13.49
C SER E 278 -10.72 57.60 12.38
N GLY E 279 -10.21 57.85 11.17
CA GLY E 279 -11.01 58.33 10.05
C GLY E 279 -12.13 57.38 9.65
N GLU E 280 -11.99 56.06 9.97
CA GLU E 280 -12.98 55.04 9.68
C GLU E 280 -14.32 55.40 10.35
N THR E 281 -14.29 56.04 11.54
CA THR E 281 -15.51 56.44 12.24
C THR E 281 -15.71 57.96 12.23
N ALA E 282 -14.61 58.73 12.24
CA ALA E 282 -14.70 60.18 12.30
C ALA E 282 -15.22 60.83 11.01
N LYS E 283 -14.77 60.36 9.84
CA LYS E 283 -15.16 60.98 8.58
C LYS E 283 -15.63 60.03 7.46
N GLY E 284 -15.47 58.74 7.67
CA GLY E 284 -15.75 57.75 6.65
C GLY E 284 -17.21 57.47 6.37
N ASN E 285 -17.47 56.81 5.23
CA ASN E 285 -18.81 56.47 4.80
C ASN E 285 -19.42 55.28 5.51
N PHE E 286 -18.61 54.51 6.28
CA PHE E 286 -19.13 53.29 6.95
C PHE E 286 -18.69 53.19 8.42
N PRO E 287 -19.01 54.20 9.27
CA PRO E 287 -18.55 54.14 10.67
C PRO E 287 -19.07 52.95 11.47
N VAL E 288 -20.36 52.62 11.36
CA VAL E 288 -20.97 51.54 12.09
C VAL E 288 -20.41 50.18 11.64
N GLU E 289 -20.25 50.02 10.33
CA GLU E 289 -19.71 48.82 9.71
C GLU E 289 -18.23 48.58 10.13
N ALA E 290 -17.46 49.67 10.33
CA ALA E 290 -16.08 49.58 10.78
C ALA E 290 -16.03 49.05 12.23
N VAL E 291 -16.96 49.51 13.08
CA VAL E 291 -17.06 49.04 14.46
C VAL E 291 -17.46 47.55 14.48
N LYS E 292 -18.45 47.20 13.65
CA LYS E 292 -18.92 45.81 13.55
C LYS E 292 -17.81 44.87 13.09
N MET E 293 -16.98 45.35 12.15
CA MET E 293 -15.87 44.58 11.63
C MET E 293 -14.81 44.34 12.70
N GLN E 294 -14.44 45.38 13.47
CA GLN E 294 -13.48 45.21 14.55
C GLN E 294 -14.01 44.25 15.61
N HIS E 295 -15.30 44.32 15.90
CA HIS E 295 -15.93 43.45 16.88
C HIS E 295 -15.84 41.99 16.42
N ALA E 296 -16.20 41.73 15.15
CA ALA E 296 -16.19 40.37 14.57
C ALA E 296 -14.79 39.76 14.58
N ILE E 297 -13.75 40.54 14.17
CA ILE E 297 -12.39 40.05 14.14
C ILE E 297 -11.86 39.78 15.55
N ALA E 298 -12.03 40.74 16.47
CA ALA E 298 -11.55 40.61 17.85
C ALA E 298 -12.06 39.36 18.54
N ARG E 299 -13.35 39.02 18.37
CA ARG E 299 -13.93 37.81 18.98
C ARG E 299 -13.22 36.56 18.44
N GLU E 300 -12.99 36.51 17.14
CA GLU E 300 -12.31 35.38 16.52
C GLU E 300 -10.85 35.27 17.03
N ALA E 301 -10.14 36.39 17.10
CA ALA E 301 -8.75 36.44 17.53
C ALA E 301 -8.59 36.13 19.01
N GLU E 302 -9.56 36.50 19.86
CA GLU E 302 -9.48 36.21 21.29
C GLU E 302 -9.57 34.72 21.56
N ALA E 303 -10.41 34.01 20.80
CA ALA E 303 -10.53 32.55 20.92
C ALA E 303 -9.24 31.84 20.45
N ALA E 304 -8.51 32.43 19.49
CA ALA E 304 -7.28 31.89 18.94
C ALA E 304 -6.03 32.16 19.79
N VAL E 305 -6.17 32.91 20.91
CA VAL E 305 -5.03 33.19 21.79
C VAL E 305 -4.57 31.85 22.42
N TYR E 306 -3.26 31.61 22.46
CA TYR E 306 -2.72 30.38 23.04
C TYR E 306 -2.56 30.53 24.55
N HIS E 307 -3.68 30.50 25.29
CA HIS E 307 -3.71 30.69 26.73
C HIS E 307 -2.77 29.81 27.53
N ARG E 308 -2.57 28.56 27.10
CA ARG E 308 -1.69 27.63 27.81
C ARG E 308 -0.28 28.19 28.03
N GLN E 309 0.34 28.75 26.99
CA GLN E 309 1.66 29.33 27.12
C GLN E 309 1.59 30.73 27.72
N LEU E 310 0.62 31.55 27.27
CA LEU E 310 0.45 32.92 27.72
C LEU E 310 0.25 33.01 29.23
N PHE E 311 -0.67 32.21 29.81
CA PHE E 311 -0.90 32.22 31.25
C PHE E 311 0.33 31.80 32.00
N GLU E 312 1.02 30.72 31.53
CA GLU E 312 2.24 30.23 32.15
CA GLU E 312 2.22 30.27 32.21
C GLU E 312 3.31 31.33 32.18
N GLU E 313 3.44 32.05 31.08
CA GLU E 313 4.44 33.11 30.96
C GLU E 313 4.11 34.34 31.79
N LEU E 314 2.81 34.76 31.81
CA LEU E 314 2.36 35.90 32.62
C LEU E 314 2.49 35.58 34.10
N ARG E 315 1.94 34.43 34.53
CA ARG E 315 1.96 33.91 35.87
C ARG E 315 3.43 33.80 36.40
N ARG E 316 4.36 33.32 35.59
CA ARG E 316 5.75 33.16 35.99
C ARG E 316 6.45 34.51 36.09
N ALA E 317 6.26 35.41 35.12
CA ALA E 317 6.91 36.71 35.11
C ALA E 317 6.34 37.73 36.12
N ALA E 318 5.08 37.52 36.61
CA ALA E 318 4.44 38.42 37.58
C ALA E 318 5.12 38.19 38.89
N PRO E 319 5.65 39.24 39.53
CA PRO E 319 6.45 39.02 40.73
C PRO E 319 5.69 38.53 41.92
N LEU E 320 6.39 37.90 42.87
CA LEU E 320 5.78 37.44 44.12
C LEU E 320 5.26 38.67 44.87
N SER E 321 4.12 38.50 45.51
CA SER E 321 3.46 39.61 46.14
C SER E 321 2.86 39.25 47.43
N ARG E 322 2.88 40.19 48.37
CA ARG E 322 2.23 40.06 49.67
CA ARG E 322 2.18 39.97 49.63
C ARG E 322 0.91 40.86 49.72
N ASP E 323 0.45 41.42 48.57
CA ASP E 323 -0.78 42.20 48.46
C ASP E 323 -1.91 41.21 48.28
N PRO E 324 -2.88 41.19 49.20
CA PRO E 324 -3.97 40.22 49.09
C PRO E 324 -4.81 40.31 47.82
N THR E 325 -4.91 41.51 47.20
CA THR E 325 -5.69 41.64 45.95
C THR E 325 -4.95 40.90 44.83
N GLU E 326 -3.62 41.08 44.75
CA GLU E 326 -2.73 40.43 43.78
C GLU E 326 -2.77 38.89 43.97
N VAL E 327 -2.68 38.44 45.23
CA VAL E 327 -2.70 37.03 45.59
C VAL E 327 -4.05 36.37 45.26
N THR E 328 -5.16 37.05 45.55
CA THR E 328 -6.48 36.54 45.26
C THR E 328 -6.72 36.51 43.77
N ALA E 329 -6.24 37.52 43.01
CA ALA E 329 -6.41 37.58 41.55
C ALA E 329 -5.80 36.40 40.82
N ILE E 330 -4.57 36.00 41.17
CA ILE E 330 -3.94 34.86 40.51
C ILE E 330 -4.62 33.54 40.90
N GLY E 331 -5.05 33.43 42.16
CA GLY E 331 -5.78 32.26 42.63
C GLY E 331 -7.12 32.13 41.91
N ALA E 332 -7.83 33.26 41.68
CA ALA E 332 -9.10 33.28 40.96
C ALA E 332 -8.95 32.93 39.49
N VAL E 333 -7.90 33.44 38.83
CA VAL E 333 -7.67 33.13 37.41
C VAL E 333 -7.30 31.65 37.23
N GLU E 334 -6.50 31.11 38.16
CA GLU E 334 -6.14 29.70 38.15
C GLU E 334 -7.39 28.83 38.34
N ALA E 335 -8.26 29.19 39.29
CA ALA E 335 -9.50 28.47 39.57
C ALA E 335 -10.44 28.53 38.35
N ALA E 336 -10.52 29.69 37.69
CA ALA E 336 -11.35 29.85 36.50
C ALA E 336 -10.89 28.93 35.37
N PHE E 337 -9.58 28.82 35.13
CA PHE E 337 -9.06 27.93 34.09
C PHE E 337 -9.31 26.45 34.41
N LYS E 338 -9.21 26.07 35.69
CA LYS E 338 -9.40 24.70 36.16
C LYS E 338 -10.79 24.15 35.86
N CYS E 339 -11.82 24.99 35.99
CA CYS E 339 -13.20 24.55 35.78
C CYS E 339 -13.85 25.11 34.53
N CYS E 340 -13.11 25.86 33.70
CA CYS E 340 -13.66 26.53 32.51
C CYS E 340 -14.83 27.42 32.92
N ALA E 341 -14.61 28.23 33.97
CA ALA E 341 -15.60 29.15 34.51
C ALA E 341 -16.08 30.11 33.43
N ALA E 342 -17.39 30.32 33.37
CA ALA E 342 -17.98 31.22 32.40
C ALA E 342 -17.59 32.67 32.68
N ALA E 343 -17.41 33.03 33.96
CA ALA E 343 -17.07 34.39 34.35
C ALA E 343 -16.38 34.46 35.72
N ILE E 344 -15.70 35.58 35.97
CA ILE E 344 -15.13 35.90 37.26
C ILE E 344 -15.87 37.19 37.63
N ILE E 345 -16.75 37.14 38.63
CA ILE E 345 -17.51 38.32 39.05
C ILE E 345 -16.73 38.99 40.16
N VAL E 346 -16.33 40.24 39.96
CA VAL E 346 -15.53 40.95 40.96
C VAL E 346 -16.23 42.26 41.39
N LEU E 347 -16.19 42.56 42.68
CA LEU E 347 -16.70 43.81 43.18
C LEU E 347 -15.51 44.74 43.22
N THR E 348 -15.63 45.93 42.59
CA THR E 348 -14.54 46.87 42.56
C THR E 348 -15.00 48.32 42.72
N THR E 349 -14.19 49.12 43.42
CA THR E 349 -14.52 50.52 43.64
C THR E 349 -13.78 51.38 42.60
N THR E 350 -12.47 51.17 42.47
CA THR E 350 -11.64 51.93 41.54
C THR E 350 -11.38 51.23 40.20
N GLY E 351 -11.70 49.94 40.13
CA GLY E 351 -11.40 49.12 38.97
C GLY E 351 -10.15 48.27 39.17
N ARG E 352 -9.33 48.57 40.21
CA ARG E 352 -8.07 47.88 40.47
C ARG E 352 -8.20 46.35 40.59
N SER E 353 -9.17 45.82 41.35
CA SER E 353 -9.32 44.36 41.48
C SER E 353 -9.61 43.71 40.15
N ALA E 354 -10.39 44.38 39.30
CA ALA E 354 -10.72 43.84 37.98
C ALA E 354 -9.45 43.88 37.08
N GLN E 355 -8.68 44.98 37.16
CA GLN E 355 -7.44 45.14 36.40
C GLN E 355 -6.42 44.05 36.79
N LEU E 356 -6.30 43.72 38.09
CA LEU E 356 -5.39 42.67 38.52
C LEU E 356 -5.81 41.28 38.04
N LEU E 357 -7.10 41.03 37.77
CA LEU E 357 -7.54 39.74 37.21
C LEU E 357 -7.21 39.74 35.73
N SER E 358 -7.52 40.84 35.03
CA SER E 358 -7.30 41.04 33.60
CA SER E 358 -7.29 41.01 33.60
C SER E 358 -5.84 40.83 33.17
N ARG E 359 -4.87 41.20 34.04
CA ARG E 359 -3.45 41.07 33.70
C ARG E 359 -3.00 39.60 33.48
N TYR E 360 -3.74 38.64 34.05
CA TYR E 360 -3.43 37.23 33.85
C TYR E 360 -4.14 36.62 32.63
N ARG E 361 -4.83 37.45 31.83
CA ARG E 361 -5.55 37.10 30.63
C ARG E 361 -6.41 35.85 30.77
N PRO E 362 -7.37 35.84 31.73
CA PRO E 362 -8.26 34.67 31.83
C PRO E 362 -9.14 34.55 30.58
N ARG E 363 -9.55 33.33 30.28
CA ARG E 363 -10.50 33.09 29.21
C ARG E 363 -11.90 33.51 29.73
N ALA E 364 -12.15 33.38 31.05
CA ALA E 364 -13.40 33.77 31.70
C ALA E 364 -13.54 35.28 31.68
N ALA E 365 -14.75 35.76 31.35
CA ALA E 365 -15.06 37.19 31.34
C ALA E 365 -14.96 37.74 32.75
N VAL E 366 -14.33 38.89 32.94
CA VAL E 366 -14.25 39.51 34.28
C VAL E 366 -15.40 40.51 34.38
N ILE E 367 -16.47 40.11 35.04
CA ILE E 367 -17.66 40.97 35.20
C ILE E 367 -17.43 41.86 36.42
N ALA E 368 -17.18 43.15 36.20
CA ALA E 368 -16.86 44.06 37.31
C ALA E 368 -18.09 44.84 37.77
N VAL E 369 -18.52 44.61 39.00
CA VAL E 369 -19.68 45.31 39.54
C VAL E 369 -19.19 46.47 40.39
N THR E 370 -19.54 47.70 39.97
CA THR E 370 -19.09 48.89 40.66
C THR E 370 -20.21 49.92 40.82
N ARG E 371 -20.10 50.76 41.86
CA ARG E 371 -21.00 51.90 42.06
C ARG E 371 -20.43 53.16 41.37
N SER E 372 -19.11 53.21 41.13
CA SER E 372 -18.44 54.33 40.50
C SER E 372 -18.71 54.36 38.99
N ALA E 373 -19.45 55.38 38.50
CA ALA E 373 -19.74 55.53 37.08
C ALA E 373 -18.44 55.76 36.29
N GLN E 374 -17.50 56.51 36.86
CA GLN E 374 -16.23 56.77 36.19
C GLN E 374 -15.38 55.47 36.09
N ALA E 375 -15.28 54.67 37.17
CA ALA E 375 -14.55 53.41 37.13
C ALA E 375 -15.18 52.46 36.12
N ALA E 376 -16.51 52.44 36.02
CA ALA E 376 -17.19 51.59 35.05
C ALA E 376 -16.80 51.97 33.61
N ARG E 377 -16.61 53.26 33.34
CA ARG E 377 -16.20 53.69 32.01
C ARG E 377 -14.71 53.40 31.78
N GLN E 378 -13.86 53.68 32.77
CA GLN E 378 -12.42 53.48 32.65
C GLN E 378 -11.94 52.01 32.57
N VAL E 379 -12.71 51.04 33.11
CA VAL E 379 -12.26 49.65 33.05
C VAL E 379 -12.35 49.04 31.62
N HIS E 380 -12.95 49.77 30.66
CA HIS E 380 -12.96 49.38 29.25
C HIS E 380 -11.50 49.33 28.71
N LEU E 381 -10.55 50.04 29.36
CA LEU E 381 -9.16 50.01 28.96
C LEU E 381 -8.52 48.63 29.23
N CYS E 382 -9.11 47.80 30.12
CA CYS E 382 -8.57 46.49 30.49
C CYS E 382 -9.27 45.37 29.76
N ARG E 383 -8.49 44.55 29.01
CA ARG E 383 -9.05 43.46 28.26
C ARG E 383 -9.83 42.47 29.10
N GLY E 384 -11.02 42.14 28.65
CA GLY E 384 -11.88 41.16 29.29
C GLY E 384 -12.63 41.63 30.51
N VAL E 385 -12.65 42.96 30.76
CA VAL E 385 -13.41 43.49 31.88
C VAL E 385 -14.72 44.06 31.35
N PHE E 386 -15.85 43.52 31.84
CA PHE E 386 -17.19 43.94 31.45
C PHE E 386 -17.82 44.68 32.61
N PRO E 387 -17.85 46.03 32.52
CA PRO E 387 -18.35 46.81 33.66
C PRO E 387 -19.87 46.83 33.81
N LEU E 388 -20.33 46.68 35.04
CA LEU E 388 -21.74 46.77 35.36
C LEU E 388 -21.87 47.88 36.39
N LEU E 389 -22.69 48.90 36.07
CA LEU E 389 -22.90 50.00 37.00
C LEU E 389 -24.07 49.69 37.93
N TYR E 390 -23.78 49.56 39.23
CA TYR E 390 -24.77 49.27 40.25
C TYR E 390 -25.33 50.59 40.77
N ARG E 391 -26.64 50.76 40.69
CA ARG E 391 -27.28 52.02 41.04
C ARG E 391 -28.05 52.03 42.34
N GLU E 392 -28.32 50.84 42.94
CA GLU E 392 -29.11 50.75 44.16
CA GLU E 392 -29.11 50.73 44.16
C GLU E 392 -28.42 51.32 45.39
N PRO E 393 -29.18 51.98 46.29
CA PRO E 393 -28.56 52.51 47.51
C PRO E 393 -28.15 51.36 48.45
N PRO E 394 -27.12 51.59 49.28
CA PRO E 394 -26.62 50.51 50.14
C PRO E 394 -27.59 49.90 51.12
N GLU E 395 -27.47 48.59 51.33
CA GLU E 395 -28.22 47.81 52.33
C GLU E 395 -27.65 48.14 53.71
N ALA E 396 -28.45 47.95 54.77
CA ALA E 396 -28.03 48.24 56.14
C ALA E 396 -26.87 47.32 56.55
N ILE E 397 -26.98 46.03 56.21
CA ILE E 397 -25.93 45.07 56.51
C ILE E 397 -25.00 44.97 55.29
N TRP E 398 -23.71 45.31 55.49
CA TRP E 398 -22.70 45.29 54.42
C TRP E 398 -22.62 43.94 53.71
N ALA E 399 -22.65 42.82 54.45
CA ALA E 399 -22.63 41.49 53.83
C ALA E 399 -23.80 41.27 52.86
N ASP E 400 -24.99 41.82 53.17
CA ASP E 400 -26.15 41.70 52.30
C ASP E 400 -25.98 42.58 51.06
N ASP E 401 -25.35 43.75 51.22
CA ASP E 401 -25.09 44.67 50.12
C ASP E 401 -24.09 44.04 49.12
N VAL E 402 -23.10 43.30 49.65
CA VAL E 402 -22.12 42.56 48.85
C VAL E 402 -22.86 41.49 48.05
N ASP E 403 -23.68 40.65 48.73
CA ASP E 403 -24.44 39.59 48.09
CA ASP E 403 -24.45 39.59 48.09
C ASP E 403 -25.38 40.11 47.01
N ARG E 404 -25.96 41.29 47.22
CA ARG E 404 -26.86 41.91 46.26
C ARG E 404 -26.11 42.29 44.99
N ARG E 405 -24.89 42.80 45.14
CA ARG E 405 -24.07 43.19 44.00
C ARG E 405 -23.62 41.96 43.20
N VAL E 406 -23.30 40.86 43.91
CA VAL E 406 -22.93 39.59 43.27
C VAL E 406 -24.11 39.08 42.45
N GLN E 407 -25.33 39.11 43.04
CA GLN E 407 -26.56 38.68 42.36
C GLN E 407 -26.90 39.57 41.15
N PHE E 408 -26.62 40.87 41.25
CA PHE E 408 -26.81 41.80 40.15
C PHE E 408 -25.88 41.40 38.98
N GLY E 409 -24.66 40.97 39.31
CA GLY E 409 -23.67 40.49 38.34
C GLY E 409 -24.11 39.22 37.65
N ILE E 410 -24.69 38.27 38.42
CA ILE E 410 -25.20 37.01 37.88
C ILE E 410 -26.40 37.27 36.97
N GLU E 411 -27.36 38.11 37.43
CA GLU E 411 -28.54 38.36 36.61
CA GLU E 411 -28.55 38.43 36.64
C GLU E 411 -28.19 39.16 35.36
N SER E 412 -27.23 40.12 35.42
CA SER E 412 -26.83 40.84 34.20
C SER E 412 -26.13 39.90 33.21
N GLY E 413 -25.33 38.99 33.74
CA GLY E 413 -24.63 38.01 32.91
C GLY E 413 -25.61 37.08 32.23
N LYS E 414 -26.65 36.64 32.97
CA LYS E 414 -27.68 35.76 32.42
C LYS E 414 -28.44 36.49 31.30
N LEU E 415 -28.79 37.75 31.54
CA LEU E 415 -29.51 38.54 30.55
C LEU E 415 -28.67 38.75 29.30
N ARG E 416 -27.38 39.05 29.49
CA ARG E 416 -26.50 39.34 28.36
C ARG E 416 -25.92 38.11 27.65
N GLY E 417 -26.18 36.91 28.16
CA GLY E 417 -25.68 35.70 27.52
C GLY E 417 -24.34 35.20 28.01
N PHE E 418 -23.73 35.85 29.01
CA PHE E 418 -22.46 35.41 29.59
C PHE E 418 -22.66 34.11 30.40
N LEU E 419 -23.80 34.00 31.10
CA LEU E 419 -24.05 32.87 32.01
C LEU E 419 -25.35 32.15 31.74
N ARG E 420 -25.41 30.90 32.17
CA ARG E 420 -26.58 30.05 32.12
C ARG E 420 -26.59 29.20 33.40
N VAL E 421 -27.73 28.59 33.71
CA VAL E 421 -27.84 27.72 34.89
C VAL E 421 -26.95 26.50 34.70
N GLY E 422 -26.21 26.15 35.74
CA GLY E 422 -25.27 25.03 35.68
C GLY E 422 -23.83 25.46 35.49
N ASP E 423 -23.60 26.70 35.02
CA ASP E 423 -22.27 27.25 34.85
C ASP E 423 -21.57 27.44 36.19
N LEU E 424 -20.23 27.44 36.17
CA LEU E 424 -19.46 27.73 37.38
C LEU E 424 -18.89 29.13 37.21
N VAL E 425 -18.95 29.92 38.27
CA VAL E 425 -18.38 31.26 38.27
C VAL E 425 -17.43 31.39 39.46
N ILE E 426 -16.45 32.27 39.33
CA ILE E 426 -15.53 32.57 40.41
C ILE E 426 -15.96 33.95 40.91
N VAL E 427 -16.19 34.12 42.21
CA VAL E 427 -16.62 35.41 42.76
C VAL E 427 -15.52 35.99 43.62
N VAL E 428 -15.04 37.19 43.29
CA VAL E 428 -13.97 37.86 44.01
C VAL E 428 -14.50 39.08 44.80
N THR E 429 -14.37 39.04 46.14
CA THR E 429 -14.84 40.09 47.07
C THR E 429 -13.76 40.40 48.14
N GLY E 430 -14.02 41.37 49.01
CA GLY E 430 -13.13 41.75 50.09
C GLY E 430 -13.70 41.47 51.47
N TRP E 431 -12.92 41.70 52.54
CA TRP E 431 -13.36 41.39 53.90
C TRP E 431 -14.01 42.59 54.66
N ARG E 432 -13.85 43.81 54.15
CA ARG E 432 -14.39 45.04 54.73
C ARG E 432 -14.66 46.07 53.62
N PRO E 433 -15.55 47.05 53.86
CA PRO E 433 -15.83 48.06 52.82
C PRO E 433 -14.62 48.94 52.47
N GLY E 434 -14.68 49.60 51.33
CA GLY E 434 -13.59 50.45 50.88
C GLY E 434 -12.64 49.73 49.93
N SER E 435 -11.89 50.52 49.17
CA SER E 435 -10.95 50.04 48.18
CA SER E 435 -10.94 50.01 48.19
C SER E 435 -9.71 49.44 48.87
N GLY E 436 -9.13 48.41 48.23
CA GLY E 436 -7.89 47.78 48.69
C GLY E 436 -7.96 46.60 49.61
N TYR E 437 -9.15 46.05 49.86
CA TYR E 437 -9.32 44.92 50.79
C TYR E 437 -9.82 43.64 50.17
N THR E 438 -9.76 43.50 48.81
CA THR E 438 -10.14 42.25 48.13
C THR E 438 -9.21 41.12 48.65
N ASN E 439 -9.79 40.01 49.09
CA ASN E 439 -9.01 38.89 49.63
C ASN E 439 -9.77 37.54 49.61
N ILE E 440 -10.94 37.49 48.96
CA ILE E 440 -11.77 36.30 48.96
C ILE E 440 -12.12 35.84 47.55
N MET E 441 -12.04 34.53 47.35
CA MET E 441 -12.43 33.92 46.09
CA MET E 441 -12.37 33.87 46.08
C MET E 441 -13.35 32.74 46.39
N ARG E 442 -14.51 32.72 45.73
CA ARG E 442 -15.52 31.70 45.96
C ARG E 442 -15.86 31.01 44.65
N VAL E 443 -16.04 29.68 44.67
CA VAL E 443 -16.47 28.97 43.46
C VAL E 443 -17.98 28.71 43.59
N LEU E 444 -18.76 29.31 42.70
CA LEU E 444 -20.22 29.28 42.78
C LEU E 444 -20.89 28.64 41.56
N SER E 445 -21.93 27.82 41.79
CA SER E 445 -22.65 27.20 40.68
CA SER E 445 -22.66 27.19 40.68
C SER E 445 -23.89 28.06 40.39
N ILE E 446 -24.10 28.44 39.13
CA ILE E 446 -25.24 29.27 38.75
C ILE E 446 -26.57 28.53 38.83
N SER E 447 -27.50 29.05 39.62
CA SER E 447 -28.84 28.47 39.76
C SER E 447 -29.93 29.41 39.18
N ALA F 13 13.77 39.95 39.19
CA ALA F 13 12.69 40.93 38.93
C ALA F 13 11.35 40.48 39.52
N ASP F 14 11.07 39.15 39.46
CA ASP F 14 9.85 38.57 40.02
C ASP F 14 9.97 38.29 41.55
N VAL F 15 11.14 38.56 42.15
CA VAL F 15 11.34 38.37 43.58
C VAL F 15 11.99 39.60 44.24
N ALA F 16 12.22 40.72 43.51
CA ALA F 16 12.91 41.92 44.03
C ALA F 16 12.18 42.64 45.17
N GLN F 17 10.87 42.91 45.00
CA GLN F 17 10.07 43.58 46.02
C GLN F 17 9.89 42.68 47.25
N LEU F 18 9.64 41.38 47.04
CA LEU F 18 9.51 40.46 48.15
C LEU F 18 10.84 40.21 48.86
N THR F 19 11.98 40.40 48.16
CA THR F 19 13.31 40.26 48.74
C THR F 19 13.58 41.47 49.63
N GLN F 20 13.18 42.67 49.17
CA GLN F 20 13.31 43.86 49.98
C GLN F 20 12.48 43.73 51.29
N GLU F 21 11.26 43.18 51.18
CA GLU F 21 10.40 43.01 52.35
C GLU F 21 10.82 41.92 53.30
N LEU F 22 10.94 40.66 52.79
CA LEU F 22 11.29 39.49 53.62
C LEU F 22 12.75 39.38 53.97
N GLY F 23 13.60 40.03 53.17
CA GLY F 23 15.03 40.02 53.39
C GLY F 23 15.78 39.02 52.55
N THR F 24 17.09 39.25 52.38
CA THR F 24 17.93 38.34 51.62
C THR F 24 18.13 37.04 52.35
N ALA F 25 18.16 37.04 53.70
CA ALA F 25 18.34 35.80 54.46
C ALA F 25 17.18 34.84 54.25
N PHE F 26 15.95 35.37 54.10
CA PHE F 26 14.77 34.56 53.86
C PHE F 26 14.94 33.73 52.55
N PHE F 27 15.41 34.41 51.49
CA PHE F 27 15.55 33.82 50.17
C PHE F 27 16.81 32.95 50.01
N GLN F 28 17.71 32.90 51.01
CA GLN F 28 18.85 31.98 51.00
C GLN F 28 18.45 30.63 51.63
N GLN F 29 17.43 30.60 52.50
CA GLN F 29 17.01 29.38 53.17
C GLN F 29 16.15 28.51 52.27
N GLN F 30 15.84 27.30 52.75
CA GLN F 30 14.94 26.30 52.20
C GLN F 30 15.07 26.09 50.68
N GLN F 31 16.32 26.13 50.18
CA GLN F 31 16.68 25.96 48.77
C GLN F 31 15.90 26.88 47.85
N LEU F 32 15.56 28.09 48.32
CA LEU F 32 14.83 29.05 47.49
C LEU F 32 15.63 29.48 46.24
N PRO F 33 16.98 29.67 46.26
CA PRO F 33 17.68 29.96 44.99
C PRO F 33 17.50 28.82 43.96
N ALA F 34 17.58 27.56 44.41
CA ALA F 34 17.37 26.41 43.52
C ALA F 34 15.90 26.30 43.04
N ALA F 35 14.94 26.75 43.87
CA ALA F 35 13.51 26.69 43.53
C ALA F 35 13.14 27.68 42.43
N MET F 36 13.85 28.82 42.35
CA MET F 36 13.56 29.82 41.32
C MET F 36 14.20 29.51 39.96
N ALA F 37 15.04 28.47 39.86
CA ALA F 37 15.72 28.11 38.62
C ALA F 37 14.79 27.83 37.43
N ASP F 38 15.23 28.22 36.23
CA ASP F 38 14.41 28.07 35.04
C ASP F 38 14.50 26.68 34.40
N THR F 39 15.53 25.89 34.76
CA THR F 39 15.66 24.51 34.27
C THR F 39 15.98 23.57 35.45
N PHE F 40 15.71 22.28 35.28
CA PHE F 40 16.01 21.28 36.28
C PHE F 40 17.53 21.17 36.52
N LEU F 41 18.31 21.29 35.44
CA LEU F 41 19.76 21.25 35.52
C LEU F 41 20.28 22.41 36.36
N GLU F 42 19.80 23.65 36.11
CA GLU F 42 20.19 24.82 36.91
CA GLU F 42 20.22 24.80 36.91
C GLU F 42 19.77 24.65 38.36
N HIS F 43 18.58 24.05 38.59
CA HIS F 43 18.03 23.77 39.91
C HIS F 43 18.99 22.88 40.68
N LEU F 44 19.50 21.78 40.06
CA LEU F 44 20.47 20.90 40.71
C LEU F 44 21.76 21.68 41.04
N CYS F 45 22.27 22.49 40.07
CA CYS F 45 23.49 23.29 40.24
C CYS F 45 23.38 24.29 41.39
N LEU F 46 22.14 24.77 41.70
CA LEU F 46 21.91 25.74 42.77
C LEU F 46 21.64 25.14 44.13
N LEU F 47 21.59 23.81 44.27
CA LEU F 47 21.38 23.16 45.57
C LEU F 47 22.53 23.53 46.51
N ASP F 48 22.21 23.93 47.74
CA ASP F 48 23.19 24.45 48.67
C ASP F 48 23.14 23.77 50.05
N ILE F 49 24.25 23.17 50.49
CA ILE F 49 24.34 22.54 51.79
C ILE F 49 24.17 23.57 52.95
N ASP F 50 24.41 24.86 52.69
CA ASP F 50 24.26 25.92 53.69
C ASP F 50 22.85 26.53 53.72
N SER F 51 21.99 26.18 52.77
CA SER F 51 20.64 26.67 52.69
C SER F 51 19.78 25.79 53.62
N GLU F 52 19.50 26.26 54.85
CA GLU F 52 18.80 25.45 55.85
C GLU F 52 17.31 25.28 55.65
N PRO F 53 16.80 24.05 55.89
CA PRO F 53 15.34 23.85 55.77
C PRO F 53 14.59 24.62 56.87
N VAL F 54 13.49 25.29 56.49
CA VAL F 54 12.72 26.07 57.44
C VAL F 54 11.39 25.42 57.74
N ALA F 55 10.71 24.94 56.69
CA ALA F 55 9.39 24.30 56.82
C ALA F 55 9.40 23.04 57.70
N ALA F 56 8.22 22.70 58.26
CA ALA F 56 8.02 21.48 59.03
C ALA F 56 8.09 20.30 58.06
N ARG F 57 8.54 19.16 58.57
CA ARG F 57 8.69 17.95 57.77
C ARG F 57 7.36 17.41 57.31
N SER F 58 7.19 17.34 56.01
CA SER F 58 5.94 16.97 55.39
C SER F 58 5.76 15.48 55.00
N THR F 59 6.83 14.71 54.83
CA THR F 59 6.71 13.28 54.50
C THR F 59 6.55 12.52 55.80
N SER F 60 5.47 11.76 55.95
CA SER F 60 5.24 11.04 57.22
C SER F 60 6.10 9.82 57.38
N ILE F 61 6.42 9.52 58.63
CA ILE F 61 7.26 8.40 58.96
C ILE F 61 6.39 7.29 59.57
N ILE F 62 6.48 6.10 58.98
CA ILE F 62 5.80 4.94 59.50
C ILE F 62 6.84 4.12 60.24
N ALA F 63 6.61 3.84 61.51
CA ALA F 63 7.57 3.06 62.28
C ALA F 63 6.96 1.74 62.62
N THR F 64 7.69 0.63 62.40
CA THR F 64 7.17 -0.69 62.76
C THR F 64 7.40 -0.90 64.22
N ILE F 65 6.33 -1.22 64.96
CA ILE F 65 6.43 -1.41 66.40
C ILE F 65 6.69 -2.87 66.75
N GLY F 66 7.74 -3.12 67.48
CA GLY F 66 8.12 -4.46 67.91
C GLY F 66 8.83 -4.45 69.25
N PRO F 67 9.59 -5.51 69.55
CA PRO F 67 10.27 -5.57 70.87
C PRO F 67 11.13 -4.36 71.24
N ALA F 68 11.78 -3.73 70.27
CA ALA F 68 12.67 -2.58 70.56
C ALA F 68 11.93 -1.26 70.73
N SER F 69 10.66 -1.21 70.37
CA SER F 69 9.90 0.03 70.40
C SER F 69 8.50 -0.11 71.04
N ARG F 70 8.31 -1.06 71.96
CA ARG F 70 7.01 -1.29 72.58
C ARG F 70 6.69 -0.53 73.84
N SER F 71 7.69 -0.31 74.72
CA SER F 71 7.43 0.39 75.97
C SER F 71 6.88 1.78 75.74
N VAL F 72 5.95 2.17 76.58
CA VAL F 72 5.27 3.45 76.55
C VAL F 72 6.27 4.61 76.58
N GLU F 73 7.37 4.46 77.34
CA GLU F 73 8.39 5.47 77.44
C GLU F 73 9.18 5.62 76.15
N ARG F 74 9.48 4.49 75.47
CA ARG F 74 10.19 4.45 74.19
C ARG F 74 9.30 5.05 73.08
N LEU F 75 8.01 4.76 73.13
CA LEU F 75 7.05 5.27 72.18
C LEU F 75 6.88 6.78 72.28
N LYS F 76 7.00 7.35 73.51
CA LYS F 76 6.92 8.80 73.71
C LYS F 76 8.11 9.46 73.02
N GLU F 77 9.31 8.84 73.12
CA GLU F 77 10.53 9.33 72.50
CA GLU F 77 10.49 9.40 72.49
C GLU F 77 10.38 9.29 70.96
N MET F 78 9.71 8.23 70.45
CA MET F 78 9.50 8.06 69.02
CA MET F 78 9.51 8.07 69.01
C MET F 78 8.49 9.04 68.44
N ILE F 79 7.46 9.39 69.24
CA ILE F 79 6.46 10.37 68.81
C ILE F 79 7.18 11.74 68.71
N LYS F 80 8.01 12.08 69.71
CA LYS F 80 8.78 13.31 69.73
C LYS F 80 9.83 13.37 68.62
N ALA F 81 10.39 12.20 68.24
CA ALA F 81 11.36 12.14 67.14
C ALA F 81 10.71 12.33 65.75
N GLY F 82 9.40 12.08 65.63
CA GLY F 82 8.70 12.28 64.37
C GLY F 82 7.79 11.16 63.85
N MET F 83 7.66 10.04 64.58
CA MET F 83 6.77 8.96 64.13
C MET F 83 5.31 9.44 63.97
N ASN F 84 4.70 9.23 62.82
CA ASN F 84 3.32 9.67 62.57
C ASN F 84 2.35 8.50 62.48
N ILE F 85 2.87 7.30 62.10
CA ILE F 85 2.07 6.09 61.92
C ILE F 85 2.80 4.89 62.55
N ALA F 86 2.12 4.13 63.42
CA ALA F 86 2.72 2.94 64.01
C ALA F 86 2.24 1.77 63.18
N ARG F 87 3.18 0.91 62.75
CA ARG F 87 2.86 -0.26 61.94
C ARG F 87 2.98 -1.53 62.76
N LEU F 88 1.97 -2.38 62.68
CA LEU F 88 1.99 -3.67 63.39
C LEU F 88 2.02 -4.77 62.34
N ASN F 89 3.14 -5.48 62.29
CA ASN F 89 3.33 -6.52 61.29
C ASN F 89 2.72 -7.85 61.71
N PHE F 90 1.57 -8.22 61.12
CA PHE F 90 0.89 -9.45 61.49
C PHE F 90 1.54 -10.73 60.89
N SER F 91 2.72 -10.59 60.29
CA SER F 91 3.54 -11.71 59.86
C SER F 91 4.30 -12.30 61.08
N HIS F 92 4.44 -11.51 62.17
CA HIS F 92 5.10 -11.88 63.43
C HIS F 92 4.14 -11.63 64.60
N GLY F 93 4.55 -12.06 65.80
CA GLY F 93 3.76 -11.88 67.01
C GLY F 93 2.43 -12.59 67.02
N SER F 94 1.53 -12.16 67.89
CA SER F 94 0.19 -12.73 68.03
C SER F 94 -0.83 -11.60 68.21
N HIS F 95 -2.14 -11.94 68.25
CA HIS F 95 -3.18 -10.94 68.49
C HIS F 95 -2.98 -10.29 69.86
N GLU F 96 -2.63 -11.08 70.88
CA GLU F 96 -2.39 -10.58 72.23
C GLU F 96 -1.20 -9.63 72.25
N TYR F 97 -0.13 -9.98 71.53
CA TYR F 97 1.08 -9.19 71.44
C TYR F 97 0.82 -7.85 70.76
N HIS F 98 0.16 -7.86 69.60
CA HIS F 98 -0.15 -6.65 68.87
C HIS F 98 -1.16 -5.77 69.59
N ALA F 99 -2.11 -6.36 70.37
CA ALA F 99 -3.07 -5.55 71.13
C ALA F 99 -2.35 -4.79 72.25
N GLU F 100 -1.33 -5.41 72.85
CA GLU F 100 -0.55 -4.75 73.90
C GLU F 100 0.27 -3.60 73.28
N SER F 101 0.82 -3.82 72.08
CA SER F 101 1.57 -2.80 71.33
C SER F 101 0.64 -1.61 71.03
N ILE F 102 -0.58 -1.88 70.50
CA ILE F 102 -1.58 -0.85 70.19
C ILE F 102 -1.95 -0.04 71.42
N ALA F 103 -2.16 -0.70 72.57
CA ALA F 103 -2.53 -0.03 73.81
C ALA F 103 -1.39 0.87 74.29
N ASN F 104 -0.14 0.41 74.15
CA ASN F 104 1.05 1.18 74.54
C ASN F 104 1.23 2.41 73.64
N VAL F 105 0.92 2.27 72.34
CA VAL F 105 0.98 3.40 71.40
C VAL F 105 -0.07 4.42 71.81
N ARG F 106 -1.32 3.99 72.00
CA ARG F 106 -2.42 4.88 72.42
C ARG F 106 -2.14 5.57 73.76
N GLU F 107 -1.50 4.88 74.70
CA GLU F 107 -1.14 5.46 75.99
C GLU F 107 -0.08 6.56 75.81
N ALA F 108 0.97 6.30 74.99
CA ALA F 108 2.00 7.31 74.72
C ALA F 108 1.45 8.49 73.94
N VAL F 109 0.50 8.25 73.01
CA VAL F 109 -0.17 9.29 72.23
C VAL F 109 -1.00 10.18 73.12
N GLU F 110 -1.77 9.58 74.04
CA GLU F 110 -2.65 10.37 74.90
C GLU F 110 -1.94 11.04 76.07
N SER F 111 -0.69 10.65 76.37
CA SER F 111 0.12 11.33 77.40
C SER F 111 0.46 12.79 77.01
N PHE F 112 0.09 13.24 75.80
CA PHE F 112 0.30 14.61 75.30
C PHE F 112 -1.04 15.29 74.95
N ALA F 113 -2.20 14.75 75.39
CA ALA F 113 -3.51 15.31 75.06
C ALA F 113 -3.95 16.53 75.90
N GLY F 114 -3.05 17.07 76.71
CA GLY F 114 -3.36 18.22 77.54
C GLY F 114 -3.44 19.51 76.75
N SER F 115 -2.61 19.65 75.72
CA SER F 115 -2.59 20.89 74.93
C SER F 115 -2.54 20.62 73.43
N PRO F 116 -3.15 21.49 72.59
CA PRO F 116 -2.97 21.33 71.13
C PRO F 116 -1.53 21.68 70.68
N LEU F 117 -0.70 22.26 71.57
CA LEU F 117 0.69 22.58 71.32
C LEU F 117 1.59 21.35 71.47
N SER F 118 1.17 20.36 72.29
CA SER F 118 1.92 19.13 72.53
C SER F 118 1.31 17.90 71.79
N TYR F 119 -0.03 17.89 71.59
CA TYR F 119 -0.71 16.76 71.00
C TYR F 119 -0.35 16.47 69.56
N ARG F 120 -0.08 15.20 69.29
CA ARG F 120 0.21 14.74 67.94
C ARG F 120 -0.59 13.46 67.65
N PRO F 121 -1.55 13.51 66.72
CA PRO F 121 -2.26 12.28 66.33
C PRO F 121 -1.31 11.24 65.70
N VAL F 122 -1.46 9.95 66.03
CA VAL F 122 -0.60 8.91 65.46
C VAL F 122 -1.49 7.81 64.97
N ALA F 123 -1.52 7.57 63.65
CA ALA F 123 -2.33 6.52 63.06
C ALA F 123 -1.78 5.14 63.42
N ILE F 124 -2.66 4.14 63.39
CA ILE F 124 -2.28 2.76 63.68
C ILE F 124 -2.58 1.94 62.46
N ALA F 125 -1.55 1.28 61.91
CA ALA F 125 -1.71 0.50 60.69
C ALA F 125 -1.43 -0.98 60.93
N LEU F 126 -2.26 -1.83 60.34
CA LEU F 126 -2.11 -3.27 60.45
C LEU F 126 -1.57 -3.78 59.13
N ASP F 127 -0.42 -4.44 59.16
CA ASP F 127 0.18 -5.00 57.95
C ASP F 127 -0.16 -6.49 57.94
N THR F 128 -0.92 -6.97 56.95
CA THR F 128 -1.34 -8.37 56.90
C THR F 128 -0.22 -9.36 56.53
N LYS F 129 -0.38 -10.64 56.94
CA LYS F 129 0.58 -11.70 56.63
C LYS F 129 0.58 -11.98 55.12
N GLY F 130 -0.60 -12.00 54.51
CA GLY F 130 -0.75 -12.21 53.08
C GLY F 130 -1.36 -13.55 52.70
N PRO F 131 -1.60 -13.76 51.40
CA PRO F 131 -2.20 -15.03 50.96
C PRO F 131 -1.15 -16.15 50.84
N PRO F 135 -3.56 -17.41 46.61
CA PRO F 135 -4.69 -18.23 46.10
C PRO F 135 -6.06 -17.82 46.66
N GLY F 136 -6.20 -16.55 47.03
CA GLY F 136 -7.39 -15.98 47.66
C GLY F 136 -7.07 -15.43 49.04
N LEU F 137 -8.03 -14.71 49.68
CA LEU F 137 -7.79 -14.16 51.02
C LEU F 137 -7.61 -15.30 52.03
N SER F 138 -6.43 -15.37 52.64
CA SER F 138 -6.13 -16.43 53.60
C SER F 138 -7.01 -16.35 54.84
N GLU F 139 -7.18 -17.50 55.56
CA GLU F 139 -8.00 -17.54 56.77
C GLU F 139 -7.39 -16.72 57.89
N GLN F 140 -6.05 -16.67 57.98
CA GLN F 140 -5.37 -15.86 58.99
C GLN F 140 -5.65 -14.38 58.75
N ASP F 141 -5.63 -13.95 57.48
CA ASP F 141 -5.92 -12.56 57.12
C ASP F 141 -7.33 -12.19 57.49
N VAL F 142 -8.30 -13.10 57.32
CA VAL F 142 -9.68 -12.82 57.71
C VAL F 142 -9.78 -12.57 59.23
N ARG F 143 -9.07 -13.36 60.02
CA ARG F 143 -9.04 -13.20 61.46
C ARG F 143 -8.30 -11.91 61.90
N ASP F 144 -7.15 -11.61 61.27
CA ASP F 144 -6.35 -10.45 61.57
C ASP F 144 -7.07 -9.16 61.17
N LEU F 145 -7.77 -9.17 60.04
CA LEU F 145 -8.54 -8.00 59.58
C LEU F 145 -9.69 -7.73 60.53
N ARG F 146 -10.36 -8.78 61.04
CA ARG F 146 -11.43 -8.67 62.03
C ARG F 146 -10.88 -8.04 63.32
N PHE F 147 -9.65 -8.45 63.72
CA PHE F 147 -8.94 -7.93 64.88
C PHE F 147 -8.73 -6.42 64.71
N GLY F 148 -8.32 -5.99 63.51
CA GLY F 148 -8.10 -4.60 63.19
C GLY F 148 -9.33 -3.75 63.35
N VAL F 149 -10.47 -4.24 62.87
CA VAL F 149 -11.76 -3.55 63.01
C VAL F 149 -12.12 -3.43 64.49
N GLU F 150 -11.99 -4.53 65.24
CA GLU F 150 -12.30 -4.55 66.66
C GLU F 150 -11.39 -3.65 67.49
N HIS F 151 -10.13 -3.47 67.04
CA HIS F 151 -9.20 -2.60 67.75
C HIS F 151 -9.10 -1.19 67.17
N GLY F 152 -9.98 -0.82 66.26
CA GLY F 152 -10.03 0.52 65.68
C GLY F 152 -8.80 0.98 64.93
N VAL F 153 -8.19 0.08 64.12
CA VAL F 153 -7.03 0.50 63.33
C VAL F 153 -7.47 1.50 62.26
N ASP F 154 -6.56 2.40 61.88
CA ASP F 154 -6.87 3.43 60.88
C ASP F 154 -6.57 2.97 59.47
N ILE F 155 -5.53 2.14 59.31
CA ILE F 155 -5.04 1.72 58.00
C ILE F 155 -4.73 0.24 57.94
N VAL F 156 -4.88 -0.35 56.77
CA VAL F 156 -4.48 -1.73 56.52
C VAL F 156 -3.45 -1.68 55.37
N PHE F 157 -2.29 -2.28 55.59
CA PHE F 157 -1.29 -2.43 54.53
C PHE F 157 -1.55 -3.85 54.06
N ALA F 158 -2.31 -4.00 52.97
CA ALA F 158 -2.68 -5.34 52.48
C ALA F 158 -1.53 -5.98 51.69
N SER F 159 -0.96 -7.07 52.23
CA SER F 159 0.14 -7.78 51.59
C SER F 159 -0.25 -8.50 50.28
N PHE F 160 0.73 -8.58 49.37
CA PHE F 160 0.68 -9.24 48.08
C PHE F 160 -0.61 -9.00 47.28
N VAL F 161 -0.95 -7.72 47.06
CA VAL F 161 -2.11 -7.39 46.24
C VAL F 161 -1.71 -7.58 44.77
N ARG F 162 -2.46 -8.41 44.03
CA ARG F 162 -2.15 -8.72 42.63
C ARG F 162 -3.20 -8.25 41.62
N LYS F 163 -4.39 -7.91 42.08
CA LYS F 163 -5.49 -7.53 41.21
C LYS F 163 -6.56 -6.78 42.02
N ALA F 164 -7.48 -6.11 41.33
CA ALA F 164 -8.57 -5.37 41.97
C ALA F 164 -9.46 -6.21 42.89
N SER F 165 -9.64 -7.52 42.59
CA SER F 165 -10.47 -8.40 43.41
C SER F 165 -9.84 -8.69 44.77
N ASP F 166 -8.50 -8.62 44.88
CA ASP F 166 -7.82 -8.80 46.16
C ASP F 166 -8.20 -7.65 47.11
N VAL F 167 -8.32 -6.42 46.58
CA VAL F 167 -8.69 -5.26 47.40
C VAL F 167 -10.15 -5.39 47.86
N ALA F 168 -11.04 -5.87 46.96
CA ALA F 168 -12.44 -6.07 47.31
C ALA F 168 -12.57 -7.11 48.42
N ALA F 169 -11.75 -8.17 48.39
CA ALA F 169 -11.75 -9.20 49.44
C ALA F 169 -11.32 -8.62 50.79
N VAL F 170 -10.32 -7.73 50.80
CA VAL F 170 -9.87 -7.09 52.04
C VAL F 170 -10.99 -6.17 52.58
N ARG F 171 -11.66 -5.42 51.68
CA ARG F 171 -12.75 -4.52 52.05
CA ARG F 171 -12.75 -4.52 52.07
C ARG F 171 -13.90 -5.32 52.65
N ALA F 172 -14.24 -6.48 52.03
CA ALA F 172 -15.30 -7.36 52.51
C ALA F 172 -14.97 -7.93 53.89
N ALA F 173 -13.72 -8.34 54.11
CA ALA F 173 -13.30 -8.87 55.41
C ALA F 173 -13.31 -7.84 56.54
N LEU F 174 -13.25 -6.54 56.20
CA LEU F 174 -13.33 -5.49 57.21
C LEU F 174 -14.79 -5.26 57.69
N GLY F 175 -15.76 -5.83 56.99
CA GLY F 175 -17.18 -5.77 57.31
C GLY F 175 -17.82 -4.40 57.26
N PRO F 176 -19.02 -4.31 57.86
CA PRO F 176 -19.74 -3.02 57.85
C PRO F 176 -19.11 -1.98 58.77
N GLU F 177 -18.44 -2.42 59.86
CA GLU F 177 -17.82 -1.50 60.81
C GLU F 177 -16.46 -0.94 60.37
N GLY F 178 -15.83 -1.57 59.38
CA GLY F 178 -14.53 -1.12 58.91
C GLY F 178 -14.55 -0.36 57.59
N HIS F 179 -15.66 0.29 57.29
CA HIS F 179 -15.80 1.05 56.04
C HIS F 179 -14.88 2.27 55.96
N GLY F 180 -14.52 2.82 57.11
CA GLY F 180 -13.66 3.98 57.20
C GLY F 180 -12.17 3.73 57.20
N ILE F 181 -11.76 2.47 57.36
CA ILE F 181 -10.34 2.08 57.37
C ILE F 181 -9.74 2.28 55.97
N LYS F 182 -8.54 2.87 55.89
CA LYS F 182 -7.88 3.09 54.60
C LYS F 182 -7.16 1.82 54.17
N ILE F 183 -7.34 1.42 52.91
CA ILE F 183 -6.63 0.25 52.40
C ILE F 183 -5.48 0.67 51.50
N ILE F 184 -4.26 0.42 51.95
CA ILE F 184 -3.04 0.72 51.19
C ILE F 184 -2.56 -0.62 50.63
N SER F 185 -2.66 -0.80 49.32
CA SER F 185 -2.26 -2.06 48.70
C SER F 185 -0.75 -2.17 48.55
N LYS F 186 -0.16 -3.28 49.02
CA LYS F 186 1.27 -3.52 48.89
C LYS F 186 1.57 -4.19 47.56
N ILE F 187 2.40 -3.53 46.73
CA ILE F 187 2.79 -4.11 45.45
C ILE F 187 4.12 -4.81 45.69
N GLU F 188 4.10 -6.15 45.64
CA GLU F 188 5.28 -6.94 45.98
C GLU F 188 5.72 -7.93 44.92
N ASN F 189 5.07 -7.96 43.74
CA ASN F 189 5.43 -8.92 42.69
C ASN F 189 5.15 -8.39 41.28
N HIS F 190 5.53 -9.17 40.24
CA HIS F 190 5.34 -8.77 38.86
C HIS F 190 3.89 -8.52 38.50
N GLU F 191 2.98 -9.39 38.96
CA GLU F 191 1.56 -9.23 38.65
C GLU F 191 0.99 -7.93 39.22
N GLY F 192 1.37 -7.58 40.45
CA GLY F 192 0.94 -6.34 41.08
C GLY F 192 1.38 -5.11 40.30
N VAL F 193 2.64 -5.14 39.77
CA VAL F 193 3.18 -4.06 38.96
C VAL F 193 2.42 -3.95 37.64
N LYS F 194 2.21 -5.10 36.98
CA LYS F 194 1.51 -5.13 35.71
C LYS F 194 0.02 -4.76 35.81
N ARG F 195 -0.63 -5.11 36.92
CA ARG F 195 -2.03 -4.76 37.15
C ARG F 195 -2.20 -3.53 38.03
N PHE F 196 -1.13 -2.71 38.18
CA PHE F 196 -1.08 -1.52 39.02
C PHE F 196 -2.28 -0.59 38.86
N ASP F 197 -2.63 -0.22 37.62
CA ASP F 197 -3.72 0.73 37.41
C ASP F 197 -5.05 0.29 37.98
N GLU F 198 -5.39 -1.00 37.80
CA GLU F 198 -6.66 -1.51 38.32
C GLU F 198 -6.64 -1.61 39.85
N ILE F 199 -5.46 -1.86 40.44
CA ILE F 199 -5.32 -1.94 41.90
C ILE F 199 -5.44 -0.54 42.52
N LEU F 200 -4.76 0.46 41.93
CA LEU F 200 -4.78 1.83 42.42
C LEU F 200 -6.19 2.42 42.36
N GLU F 201 -6.93 2.14 41.29
CA GLU F 201 -8.30 2.60 41.09
C GLU F 201 -9.21 2.26 42.27
N VAL F 202 -9.07 1.05 42.85
CA VAL F 202 -9.91 0.62 43.97
C VAL F 202 -9.24 0.74 45.35
N SER F 203 -7.94 1.07 45.42
CA SER F 203 -7.25 1.22 46.70
C SER F 203 -7.25 2.70 47.14
N ASP F 204 -7.01 2.93 48.43
CA ASP F 204 -6.86 4.31 48.93
C ASP F 204 -5.43 4.85 48.69
N GLY F 205 -4.47 3.95 48.52
CA GLY F 205 -3.08 4.25 48.29
C GLY F 205 -2.27 3.00 48.03
N ILE F 206 -0.95 3.16 47.89
CA ILE F 206 -0.06 2.06 47.54
C ILE F 206 1.19 2.05 48.42
N MET F 207 1.72 0.87 48.66
CA MET F 207 2.98 0.72 49.32
C MET F 207 3.92 -0.01 48.34
N VAL F 208 5.10 0.57 48.08
CA VAL F 208 6.11 -0.07 47.24
C VAL F 208 6.86 -0.94 48.23
N ALA F 209 6.48 -2.23 48.29
CA ALA F 209 7.04 -3.20 49.23
C ALA F 209 8.26 -3.81 48.62
N ARG F 210 9.39 -3.09 48.70
CA ARG F 210 10.64 -3.41 48.02
C ARG F 210 11.32 -4.72 48.41
N GLY F 211 11.14 -5.19 49.63
CA GLY F 211 11.73 -6.46 50.05
C GLY F 211 11.30 -7.63 49.20
N ASP F 212 10.00 -7.93 49.15
CA ASP F 212 9.48 -9.03 48.32
C ASP F 212 9.59 -8.68 46.85
N LEU F 213 9.35 -7.41 46.47
CA LEU F 213 9.45 -7.00 45.07
C LEU F 213 10.87 -7.26 44.53
N GLY F 214 11.89 -7.04 45.34
CA GLY F 214 13.29 -7.29 45.00
C GLY F 214 13.69 -8.76 44.85
N ILE F 215 12.82 -9.69 45.31
CA ILE F 215 12.96 -11.15 45.20
C ILE F 215 12.09 -11.63 44.01
N GLU F 216 10.90 -11.06 43.83
CA GLU F 216 9.96 -11.42 42.78
C GLU F 216 10.40 -10.95 41.40
N ILE F 217 11.03 -9.79 41.34
CA ILE F 217 11.56 -9.24 40.08
C ILE F 217 13.07 -9.02 40.25
N PRO F 218 13.87 -8.87 39.17
CA PRO F 218 15.30 -8.60 39.36
C PRO F 218 15.53 -7.36 40.24
N ALA F 219 16.47 -7.46 41.17
CA ALA F 219 16.77 -6.40 42.10
C ALA F 219 17.09 -5.07 41.40
N GLU F 220 17.78 -5.13 40.25
CA GLU F 220 18.15 -3.94 39.49
C GLU F 220 16.99 -3.25 38.80
N LYS F 221 15.77 -3.81 38.88
CA LYS F 221 14.58 -3.22 38.26
C LYS F 221 13.66 -2.56 39.29
N VAL F 222 13.83 -2.82 40.60
CA VAL F 222 12.95 -2.26 41.64
C VAL F 222 12.83 -0.74 41.57
N PHE F 223 13.91 -0.01 41.30
CA PHE F 223 13.83 1.45 41.21
C PHE F 223 12.89 1.94 40.11
N LEU F 224 12.76 1.17 39.01
CA LEU F 224 11.86 1.52 37.92
C LEU F 224 10.42 1.39 38.40
N ALA F 225 10.12 0.31 39.15
CA ALA F 225 8.78 0.07 39.69
C ALA F 225 8.45 1.11 40.73
N GLN F 226 9.43 1.45 41.60
CA GLN F 226 9.22 2.48 42.62
C GLN F 226 8.91 3.85 41.98
N LYS F 227 9.74 4.30 41.04
CA LYS F 227 9.54 5.59 40.39
C LYS F 227 8.27 5.66 39.57
N MET F 228 7.90 4.56 38.90
CA MET F 228 6.65 4.49 38.14
C MET F 228 5.41 4.58 39.08
N MET F 229 5.38 3.77 40.15
CA MET F 229 4.24 3.75 41.07
C MET F 229 4.09 5.06 41.82
N ILE F 230 5.22 5.70 42.21
CA ILE F 230 5.14 6.98 42.87
C ILE F 230 4.57 8.04 41.92
N GLY F 231 5.05 8.06 40.69
CA GLY F 231 4.57 8.99 39.68
C GLY F 231 3.08 8.84 39.40
N ARG F 232 2.60 7.58 39.24
CA ARG F 232 1.19 7.31 38.99
C ARG F 232 0.30 7.65 40.19
N CYS F 233 0.78 7.42 41.43
CA CYS F 233 0.03 7.80 42.62
C CYS F 233 -0.04 9.29 42.74
N ASN F 234 1.05 10.01 42.43
CA ASN F 234 1.06 11.47 42.47
C ASN F 234 0.04 12.04 41.46
N LEU F 235 -0.01 11.45 40.27
CA LEU F 235 -0.91 11.84 39.22
C LEU F 235 -2.38 11.58 39.64
N ALA F 236 -2.64 10.43 40.30
CA ALA F 236 -3.96 10.08 40.81
C ALA F 236 -4.36 10.81 42.09
N GLY F 237 -3.41 11.46 42.75
CA GLY F 237 -3.67 12.16 44.00
C GLY F 237 -3.90 11.22 45.16
N LYS F 238 -3.28 10.02 45.14
CA LYS F 238 -3.44 9.03 46.21
C LYS F 238 -2.12 8.75 46.94
N PRO F 239 -2.16 8.55 48.27
CA PRO F 239 -0.90 8.33 49.01
C PRO F 239 -0.04 7.14 48.55
N VAL F 240 1.28 7.33 48.56
CA VAL F 240 2.21 6.28 48.19
C VAL F 240 3.30 6.20 49.26
N VAL F 241 3.59 4.99 49.72
CA VAL F 241 4.57 4.71 50.77
C VAL F 241 5.77 4.04 50.16
N CYS F 242 6.99 4.51 50.50
CA CYS F 242 8.18 3.79 50.09
C CYS F 242 8.63 2.98 51.31
N ALA F 243 8.88 1.67 51.12
CA ALA F 243 9.22 0.83 52.25
C ALA F 243 10.42 -0.09 52.02
N THR F 244 11.05 -0.56 53.12
CA THR F 244 12.03 -1.64 53.28
C THR F 244 13.50 -1.32 52.98
N GLN F 245 14.34 -1.54 54.00
CA GLN F 245 15.78 -1.38 54.02
C GLN F 245 16.25 0.02 53.77
N MET F 246 15.40 1.04 54.04
CA MET F 246 15.78 2.43 53.85
C MET F 246 16.99 2.84 54.70
N LEU F 247 17.04 2.39 55.97
CA LEU F 247 18.16 2.68 56.88
C LEU F 247 18.61 1.38 57.56
N GLU F 248 18.58 0.25 56.84
CA GLU F 248 18.88 -1.08 57.33
C GLU F 248 20.07 -1.18 58.30
N SER F 249 21.25 -0.63 57.96
CA SER F 249 22.44 -0.71 58.81
C SER F 249 22.23 -0.10 60.22
N MET F 250 21.25 0.79 60.36
CA MET F 250 20.92 1.37 61.65
C MET F 250 20.25 0.38 62.61
N ILE F 251 20.05 -0.90 62.21
CA ILE F 251 19.57 -1.92 63.12
C ILE F 251 20.65 -2.16 64.20
N THR F 252 21.95 -2.09 63.81
CA THR F 252 23.08 -2.27 64.73
C THR F 252 24.00 -1.06 64.84
N LYS F 253 24.01 -0.16 63.85
CA LYS F 253 24.90 1.00 63.87
C LYS F 253 24.18 2.32 64.15
N PRO F 254 24.80 3.24 64.91
CA PRO F 254 24.12 4.50 65.24
C PRO F 254 23.99 5.49 64.10
N ARG F 255 24.73 5.29 62.98
CA ARG F 255 24.70 6.14 61.79
C ARG F 255 24.47 5.27 60.55
N PRO F 256 23.72 5.74 59.55
CA PRO F 256 23.49 4.91 58.35
C PRO F 256 24.63 5.00 57.32
N THR F 257 24.54 4.19 56.25
CA THR F 257 25.52 4.27 55.17
C THR F 257 25.15 5.43 54.21
N ARG F 258 26.05 5.78 53.30
CA ARG F 258 25.81 6.84 52.33
C ARG F 258 24.71 6.48 51.35
N ALA F 259 24.57 5.19 51.02
CA ALA F 259 23.51 4.70 50.13
C ALA F 259 22.14 4.83 50.81
N GLU F 260 22.07 4.58 52.11
CA GLU F 260 20.84 4.66 52.90
C GLU F 260 20.29 6.07 52.99
N THR F 261 21.13 7.07 53.32
CA THR F 261 20.64 8.45 53.40
C THR F 261 20.18 8.92 52.02
N SER F 262 20.90 8.51 50.98
CA SER F 262 20.60 8.79 49.59
C SER F 262 19.24 8.20 49.23
N ASP F 263 18.98 6.95 49.63
CA ASP F 263 17.73 6.25 49.36
C ASP F 263 16.51 6.99 49.95
N VAL F 264 16.64 7.46 51.21
CA VAL F 264 15.57 8.19 51.89
C VAL F 264 15.30 9.49 51.16
N ALA F 265 16.37 10.21 50.84
CA ALA F 265 16.25 11.49 50.13
C ALA F 265 15.61 11.30 48.76
N ASN F 266 16.01 10.22 48.05
CA ASN F 266 15.50 9.95 46.71
C ASN F 266 14.06 9.48 46.73
N ALA F 267 13.60 8.79 47.79
CA ALA F 267 12.18 8.41 47.90
C ALA F 267 11.32 9.69 48.03
N VAL F 268 11.79 10.66 48.82
CA VAL F 268 11.10 11.94 48.99
C VAL F 268 11.13 12.73 47.66
N LEU F 269 12.30 12.77 47.00
CA LEU F 269 12.40 13.47 45.71
C LEU F 269 11.55 12.79 44.63
N ASP F 270 11.35 11.48 44.72
CA ASP F 270 10.51 10.75 43.77
C ASP F 270 9.06 11.20 43.87
N GLY F 271 8.62 11.59 45.09
CA GLY F 271 7.26 12.02 45.36
C GLY F 271 6.52 11.19 46.39
N ALA F 272 7.24 10.37 47.18
CA ALA F 272 6.59 9.54 48.20
C ALA F 272 5.92 10.38 49.28
N ASP F 273 4.71 9.99 49.66
CA ASP F 273 4.00 10.68 50.76
C ASP F 273 4.52 10.20 52.09
N CYS F 274 4.87 8.90 52.21
CA CYS F 274 5.36 8.31 53.45
C CYS F 274 6.61 7.52 53.20
N ILE F 275 7.44 7.43 54.21
CA ILE F 275 8.64 6.59 54.23
C ILE F 275 8.50 5.66 55.45
N MET F 276 9.08 4.46 55.37
CA MET F 276 8.90 3.48 56.43
C MET F 276 10.17 2.95 57.03
N LEU F 277 10.08 2.46 58.27
CA LEU F 277 11.14 1.81 59.02
C LEU F 277 10.60 0.47 59.46
N SER F 278 11.33 -0.61 59.22
CA SER F 278 10.88 -1.96 59.59
C SER F 278 11.72 -2.45 60.78
N GLY F 279 12.74 -3.28 60.55
CA GLY F 279 13.60 -3.77 61.62
C GLY F 279 14.37 -2.68 62.35
N GLU F 280 14.56 -1.52 61.68
CA GLU F 280 15.25 -0.36 62.25
C GLU F 280 14.57 0.10 63.56
N THR F 281 13.24 0.00 63.61
CA THR F 281 12.49 0.37 64.80
C THR F 281 11.91 -0.86 65.53
N ALA F 282 11.53 -1.93 64.80
CA ALA F 282 10.93 -3.11 65.41
C ALA F 282 11.88 -3.90 66.29
N LYS F 283 13.13 -4.09 65.88
CA LYS F 283 14.07 -4.92 66.61
C LYS F 283 15.48 -4.34 66.85
N GLY F 284 15.87 -3.30 66.12
CA GLY F 284 17.22 -2.77 66.21
C GLY F 284 17.54 -2.02 67.48
N ASN F 285 18.83 -1.67 67.66
CA ASN F 285 19.39 -0.97 68.81
C ASN F 285 19.17 0.53 68.79
N PHE F 286 18.74 1.11 67.66
CA PHE F 286 18.58 2.57 67.59
C PHE F 286 17.23 3.00 67.00
N PRO F 287 16.08 2.54 67.54
CA PRO F 287 14.80 2.92 66.93
C PRO F 287 14.53 4.42 66.86
N VAL F 288 14.80 5.15 67.95
CA VAL F 288 14.57 6.58 68.03
C VAL F 288 15.49 7.34 67.06
N GLU F 289 16.77 6.97 67.02
CA GLU F 289 17.78 7.56 66.14
C GLU F 289 17.44 7.32 64.66
N ALA F 290 16.80 6.18 64.32
CA ALA F 290 16.38 5.88 62.95
C ALA F 290 15.24 6.82 62.55
N VAL F 291 14.31 7.08 63.47
CA VAL F 291 13.21 8.02 63.23
C VAL F 291 13.78 9.45 63.04
N LYS F 292 14.71 9.85 63.93
CA LYS F 292 15.35 11.15 63.86
C LYS F 292 16.08 11.34 62.54
N MET F 293 16.76 10.27 62.06
CA MET F 293 17.48 10.28 60.80
C MET F 293 16.55 10.46 59.61
N GLN F 294 15.42 9.74 59.57
CA GLN F 294 14.45 9.88 58.49
C GLN F 294 13.85 11.28 58.49
N HIS F 295 13.62 11.84 59.68
CA HIS F 295 13.07 13.18 59.83
C HIS F 295 14.06 14.21 59.24
N ALA F 296 15.34 14.11 59.61
CA ALA F 296 16.38 15.01 59.16
C ALA F 296 16.57 14.98 57.66
N ILE F 297 16.59 13.76 57.04
CA ILE F 297 16.75 13.64 55.61
C ILE F 297 15.53 14.15 54.86
N ALA F 298 14.32 13.75 55.28
CA ALA F 298 13.09 14.18 54.63
C ALA F 298 12.96 15.70 54.56
N ARG F 299 13.30 16.43 55.64
CA ARG F 299 13.24 17.89 55.64
C ARG F 299 14.18 18.48 54.58
N GLU F 300 15.41 17.97 54.50
CA GLU F 300 16.37 18.44 53.53
C GLU F 300 15.89 18.14 52.10
N ALA F 301 15.35 16.92 51.87
CA ALA F 301 14.85 16.51 50.55
C ALA F 301 13.60 17.26 50.11
N GLU F 302 12.72 17.62 51.05
CA GLU F 302 11.50 18.35 50.70
C GLU F 302 11.83 19.76 50.18
N ALA F 303 12.84 20.41 50.79
CA ALA F 303 13.25 21.74 50.33
C ALA F 303 13.90 21.64 48.94
N ALA F 304 14.54 20.49 48.59
CA ALA F 304 15.22 20.27 47.32
C ALA F 304 14.27 19.91 46.16
N VAL F 305 12.98 19.70 46.44
CA VAL F 305 11.99 19.38 45.40
C VAL F 305 11.89 20.58 44.42
N TYR F 306 11.89 20.32 43.11
CA TYR F 306 11.82 21.39 42.11
C TYR F 306 10.36 21.75 41.85
N HIS F 307 9.73 22.46 42.79
CA HIS F 307 8.31 22.85 42.74
C HIS F 307 7.88 23.53 41.45
N ARG F 308 8.73 24.36 40.86
CA ARG F 308 8.38 25.07 39.63
C ARG F 308 7.93 24.12 38.50
N GLN F 309 8.66 23.02 38.25
CA GLN F 309 8.27 22.08 37.22
C GLN F 309 7.19 21.14 37.74
N LEU F 310 7.32 20.67 38.99
CA LEU F 310 6.38 19.75 39.59
C LEU F 310 4.95 20.30 39.60
N PHE F 311 4.75 21.55 40.07
CA PHE F 311 3.44 22.18 40.10
C PHE F 311 2.88 22.36 38.70
N GLU F 312 3.70 22.81 37.75
CA GLU F 312 3.28 22.96 36.36
C GLU F 312 2.85 21.61 35.76
N GLU F 313 3.58 20.53 36.06
CA GLU F 313 3.26 19.21 35.54
C GLU F 313 2.03 18.63 36.19
N LEU F 314 1.86 18.80 37.51
CA LEU F 314 0.67 18.31 38.21
C LEU F 314 -0.56 19.04 37.66
N ARG F 315 -0.45 20.36 37.43
CA ARG F 315 -1.53 21.13 36.83
C ARG F 315 -1.85 20.68 35.38
N ARG F 316 -0.84 20.66 34.49
CA ARG F 316 -1.06 20.26 33.11
C ARG F 316 -1.65 18.85 32.98
N ALA F 317 -1.23 17.92 33.83
CA ALA F 317 -1.70 16.53 33.78
C ALA F 317 -3.06 16.33 34.44
N ALA F 318 -3.39 17.17 35.45
CA ALA F 318 -4.67 17.03 36.13
C ALA F 318 -5.77 17.46 35.18
N PRO F 319 -6.82 16.62 35.04
CA PRO F 319 -7.91 16.97 34.13
C PRO F 319 -8.73 18.13 34.66
N LEU F 320 -9.44 18.85 33.76
CA LEU F 320 -10.34 19.93 34.17
C LEU F 320 -11.41 19.37 35.12
N SER F 321 -11.78 20.16 36.12
CA SER F 321 -12.71 19.68 37.11
C SER F 321 -13.80 20.64 37.36
N ARG F 322 -15.01 20.15 37.57
CA ARG F 322 -16.11 21.01 37.98
C ARG F 322 -16.48 20.81 39.46
N ASP F 323 -15.62 20.10 40.23
CA ASP F 323 -15.79 19.90 41.65
C ASP F 323 -15.22 21.12 42.36
N PRO F 324 -16.05 21.85 43.11
CA PRO F 324 -15.55 23.06 43.79
C PRO F 324 -14.41 22.84 44.77
N THR F 325 -14.31 21.64 45.40
CA THR F 325 -13.20 21.37 46.33
C THR F 325 -11.88 21.34 45.54
N GLU F 326 -11.89 20.64 44.40
CA GLU F 326 -10.76 20.52 43.50
C GLU F 326 -10.35 21.90 42.94
N VAL F 327 -11.34 22.69 42.51
CA VAL F 327 -11.11 24.03 41.96
C VAL F 327 -10.55 24.98 43.01
N THR F 328 -11.07 24.91 44.24
CA THR F 328 -10.60 25.76 45.33
C THR F 328 -9.17 25.37 45.72
N ALA F 329 -8.86 24.07 45.72
CA ALA F 329 -7.54 23.56 46.09
C ALA F 329 -6.44 24.08 45.17
N ILE F 330 -6.64 24.09 43.86
CA ILE F 330 -5.62 24.59 42.94
C ILE F 330 -5.47 26.11 43.08
N GLY F 331 -6.58 26.82 43.27
CA GLY F 331 -6.56 28.27 43.48
C GLY F 331 -5.80 28.62 44.76
N ALA F 332 -6.02 27.85 45.84
CA ALA F 332 -5.34 28.05 47.11
C ALA F 332 -3.84 27.77 47.04
N VAL F 333 -3.44 26.69 46.33
CA VAL F 333 -2.04 26.35 46.20
C VAL F 333 -1.32 27.42 45.35
N GLU F 334 -1.97 27.91 44.30
CA GLU F 334 -1.43 28.97 43.45
CA GLU F 334 -1.43 28.96 43.45
C GLU F 334 -1.22 30.24 44.27
N ALA F 335 -2.24 30.63 45.09
CA ALA F 335 -2.18 31.81 45.94
C ALA F 335 -1.06 31.68 46.96
N ALA F 336 -0.89 30.47 47.56
CA ALA F 336 0.15 30.22 48.55
C ALA F 336 1.55 30.41 47.92
N PHE F 337 1.77 29.92 46.69
CA PHE F 337 3.06 30.06 46.03
C PHE F 337 3.34 31.54 45.72
N LYS F 338 2.31 32.31 45.31
CA LYS F 338 2.41 33.72 44.94
C LYS F 338 2.94 34.62 46.06
N CYS F 339 2.54 34.34 47.30
CA CYS F 339 2.96 35.15 48.44
C CYS F 339 3.91 34.46 49.39
N CYS F 340 4.36 33.23 49.09
CA CYS F 340 5.24 32.43 49.96
C CYS F 340 4.53 32.22 51.30
N ALA F 341 3.22 31.87 51.26
CA ALA F 341 2.38 31.64 52.44
C ALA F 341 2.99 30.62 53.35
N ALA F 342 2.98 30.90 54.65
CA ALA F 342 3.56 30.00 55.62
C ALA F 342 2.69 28.74 55.77
N ALA F 343 1.36 28.86 55.58
CA ALA F 343 0.46 27.72 55.72
C ALA F 343 -0.84 27.91 54.93
N ILE F 344 -1.53 26.79 54.68
CA ILE F 344 -2.84 26.76 54.07
C ILE F 344 -3.67 26.07 55.16
N ILE F 345 -4.58 26.82 55.82
CA ILE F 345 -5.41 26.26 56.88
C ILE F 345 -6.71 25.79 56.26
N VAL F 346 -7.03 24.51 56.39
CA VAL F 346 -8.24 23.96 55.77
C VAL F 346 -9.11 23.27 56.80
N LEU F 347 -10.43 23.47 56.68
CA LEU F 347 -11.39 22.79 57.55
C LEU F 347 -11.79 21.55 56.81
N THR F 348 -11.71 20.38 57.48
CA THR F 348 -12.07 19.14 56.80
C THR F 348 -12.76 18.16 57.75
N THR F 349 -13.69 17.38 57.20
CA THR F 349 -14.40 16.38 57.98
C THR F 349 -13.76 15.01 57.77
N THR F 350 -13.60 14.63 56.50
CA THR F 350 -13.03 13.33 56.13
C THR F 350 -11.53 13.36 55.79
N GLY F 351 -10.97 14.55 55.62
CA GLY F 351 -9.60 14.75 55.21
C GLY F 351 -9.48 15.05 53.71
N ARG F 352 -10.57 14.84 52.94
CA ARG F 352 -10.55 15.02 51.49
C ARG F 352 -10.08 16.41 51.01
N SER F 353 -10.53 17.50 51.62
CA SER F 353 -10.11 18.84 51.20
C SER F 353 -8.61 19.03 51.42
N ALA F 354 -8.04 18.45 52.48
CA ALA F 354 -6.62 18.55 52.74
C ALA F 354 -5.84 17.68 51.72
N GLN F 355 -6.40 16.50 51.35
CA GLN F 355 -5.81 15.59 50.36
C GLN F 355 -5.75 16.27 48.99
N LEU F 356 -6.81 17.01 48.62
CA LEU F 356 -6.80 17.71 47.34
C LEU F 356 -5.83 18.89 47.30
N LEU F 357 -5.52 19.46 48.45
CA LEU F 357 -4.52 20.54 48.51
C LEU F 357 -3.13 19.88 48.35
N SER F 358 -2.89 18.78 49.09
CA SER F 358 -1.67 17.99 49.13
C SER F 358 -1.23 17.47 47.75
N ARG F 359 -2.19 17.14 46.91
CA ARG F 359 -1.95 16.62 45.58
C ARG F 359 -1.13 17.59 44.73
N TYR F 360 -1.32 18.92 44.90
CA TYR F 360 -0.59 19.92 44.13
C TYR F 360 0.79 20.24 44.69
N ARG F 361 1.21 19.52 45.73
CA ARG F 361 2.47 19.63 46.41
C ARG F 361 2.87 21.06 46.76
N PRO F 362 2.05 21.78 47.55
CA PRO F 362 2.44 23.13 47.94
C PRO F 362 3.64 23.12 48.86
N ARG F 363 4.43 24.18 48.81
CA ARG F 363 5.54 24.36 49.73
C ARG F 363 4.95 24.75 51.14
N ALA F 364 3.79 25.46 51.16
CA ALA F 364 3.09 25.84 52.40
C ALA F 364 2.53 24.60 53.10
N ALA F 365 2.66 24.53 54.43
CA ALA F 365 2.11 23.44 55.23
C ALA F 365 0.60 23.47 55.16
N VAL F 366 -0.04 22.31 54.97
CA VAL F 366 -1.50 22.24 54.94
C VAL F 366 -1.94 21.89 56.34
N ILE F 367 -2.41 22.86 57.11
CA ILE F 367 -2.87 22.65 58.47
C ILE F 367 -4.34 22.25 58.41
N ALA F 368 -4.65 20.98 58.69
CA ALA F 368 -6.03 20.50 58.58
C ALA F 368 -6.72 20.49 59.92
N VAL F 369 -7.78 21.30 60.07
CA VAL F 369 -8.54 21.37 61.31
C VAL F 369 -9.76 20.48 61.20
N THR F 370 -9.84 19.46 62.06
CA THR F 370 -10.91 18.49 61.99
C THR F 370 -11.43 18.09 63.37
N ARG F 371 -12.71 17.71 63.42
CA ARG F 371 -13.30 17.18 64.65
C ARG F 371 -13.16 15.64 64.70
N SER F 372 -12.95 14.98 63.54
CA SER F 372 -12.82 13.55 63.42
C SER F 372 -11.45 13.09 63.87
N ALA F 373 -11.36 12.34 64.99
CA ALA F 373 -10.09 11.82 65.47
C ALA F 373 -9.49 10.82 64.46
N GLN F 374 -10.33 10.01 63.80
CA GLN F 374 -9.86 9.07 62.79
C GLN F 374 -9.30 9.79 61.55
N ALA F 375 -9.99 10.83 61.03
CA ALA F 375 -9.50 11.59 59.89
C ALA F 375 -8.18 12.28 60.25
N ALA F 376 -8.04 12.78 61.48
CA ALA F 376 -6.80 13.43 61.90
C ALA F 376 -5.62 12.41 61.85
N ARG F 377 -5.87 11.13 62.17
CA ARG F 377 -4.84 10.12 62.11
C ARG F 377 -4.56 9.70 60.66
N GLN F 378 -5.60 9.50 59.87
CA GLN F 378 -5.48 9.07 58.48
C GLN F 378 -4.88 10.09 57.51
N VAL F 379 -4.96 11.43 57.81
CA VAL F 379 -4.38 12.42 56.89
C VAL F 379 -2.85 12.44 56.90
N HIS F 380 -2.22 11.72 57.85
CA HIS F 380 -0.77 11.53 57.87
C HIS F 380 -0.31 10.79 56.58
N LEU F 381 -1.22 10.08 55.89
CA LEU F 381 -0.86 9.41 54.64
C LEU F 381 -0.57 10.43 53.52
N CYS F 382 -1.05 11.69 53.65
CA CYS F 382 -0.90 12.74 52.64
C CYS F 382 0.22 13.69 52.97
N ARG F 383 1.18 13.81 52.04
CA ARG F 383 2.33 14.67 52.26
C ARG F 383 1.94 16.11 52.53
N GLY F 384 2.52 16.67 53.58
CA GLY F 384 2.34 18.06 53.93
C GLY F 384 1.07 18.41 54.67
N VAL F 385 0.31 17.42 55.14
CA VAL F 385 -0.89 17.66 55.89
C VAL F 385 -0.60 17.48 57.37
N PHE F 386 -0.82 18.56 58.16
CA PHE F 386 -0.57 18.58 59.60
C PHE F 386 -1.92 18.62 60.31
N PRO F 387 -2.36 17.48 60.85
CA PRO F 387 -3.70 17.44 61.47
C PRO F 387 -3.82 18.08 62.85
N LEU F 388 -4.89 18.86 63.05
CA LEU F 388 -5.18 19.46 64.35
C LEU F 388 -6.54 18.96 64.75
N LEU F 389 -6.62 18.31 65.90
CA LEU F 389 -7.88 17.80 66.39
C LEU F 389 -8.61 18.87 67.22
N TYR F 390 -9.77 19.31 66.72
CA TYR F 390 -10.60 20.31 67.36
C TYR F 390 -11.57 19.58 68.29
N ARG F 391 -11.53 19.92 69.59
CA ARG F 391 -12.34 19.21 70.57
C ARG F 391 -13.56 20.01 71.09
N GLU F 392 -13.65 21.31 70.80
CA GLU F 392 -14.73 22.15 71.31
C GLU F 392 -16.09 21.79 70.79
N PRO F 393 -17.13 21.90 71.66
CA PRO F 393 -18.50 21.65 71.20
C PRO F 393 -18.95 22.74 70.22
N PRO F 394 -19.84 22.38 69.27
CA PRO F 394 -20.24 23.37 68.26
C PRO F 394 -20.94 24.63 68.76
N GLU F 395 -20.65 25.75 68.11
CA GLU F 395 -21.29 27.03 68.38
C GLU F 395 -22.70 26.99 67.79
N ALA F 396 -23.63 27.80 68.34
CA ALA F 396 -25.01 27.86 67.87
C ALA F 396 -25.06 28.37 66.42
N ILE F 397 -24.27 29.40 66.12
CA ILE F 397 -24.18 29.94 64.77
C ILE F 397 -23.03 29.24 64.01
N TRP F 398 -23.36 28.53 62.92
CA TRP F 398 -22.39 27.80 62.13
C TRP F 398 -21.22 28.66 61.67
N ALA F 399 -21.47 29.89 61.18
CA ALA F 399 -20.40 30.77 60.74
C ALA F 399 -19.41 31.08 61.88
N ASP F 400 -19.89 31.18 63.12
CA ASP F 400 -19.01 31.43 64.27
C ASP F 400 -18.20 30.19 64.59
N ASP F 401 -18.79 28.99 64.42
CA ASP F 401 -18.11 27.74 64.67
C ASP F 401 -16.95 27.54 63.65
N VAL F 402 -17.19 27.97 62.38
CA VAL F 402 -16.20 27.95 61.31
C VAL F 402 -15.06 28.88 61.70
N ASP F 403 -15.38 30.14 62.07
CA ASP F 403 -14.38 31.13 62.48
C ASP F 403 -13.56 30.68 63.66
N ARG F 404 -14.18 29.97 64.61
CA ARG F 404 -13.47 29.48 65.79
C ARG F 404 -12.44 28.42 65.41
N ARG F 405 -12.79 27.55 64.44
CA ARG F 405 -11.89 26.51 63.97
C ARG F 405 -10.72 27.09 63.20
N VAL F 406 -10.98 28.14 62.37
CA VAL F 406 -9.94 28.85 61.64
C VAL F 406 -8.98 29.50 62.63
N GLN F 407 -9.52 30.15 63.68
CA GLN F 407 -8.70 30.80 64.71
C GLN F 407 -7.90 29.80 65.52
N PHE F 408 -8.46 28.61 65.77
CA PHE F 408 -7.76 27.52 66.45
C PHE F 408 -6.54 27.09 65.60
N GLY F 409 -6.69 27.07 64.28
CA GLY F 409 -5.62 26.75 63.35
C GLY F 409 -4.54 27.82 63.41
N ILE F 410 -4.92 29.10 63.39
CA ILE F 410 -3.98 30.22 63.45
C ILE F 410 -3.22 30.23 64.75
N GLU F 411 -3.93 30.03 65.87
CA GLU F 411 -3.32 30.01 67.20
C GLU F 411 -2.40 28.82 67.38
N SER F 412 -2.87 27.62 67.03
CA SER F 412 -2.03 26.42 67.15
C SER F 412 -0.81 26.50 66.23
N GLY F 413 -0.97 27.12 65.06
CA GLY F 413 0.12 27.30 64.12
C GLY F 413 1.13 28.32 64.59
N LYS F 414 0.67 29.41 65.23
CA LYS F 414 1.57 30.45 65.74
C LYS F 414 2.41 29.89 66.89
N LEU F 415 1.75 29.18 67.80
CA LEU F 415 2.38 28.65 68.99
C LEU F 415 3.20 27.39 68.75
N ARG F 416 2.98 26.68 67.63
CA ARG F 416 3.80 25.53 67.27
C ARG F 416 5.00 25.92 66.32
N GLY F 417 5.05 27.19 65.89
CA GLY F 417 6.13 27.70 65.04
C GLY F 417 5.84 27.76 63.54
N PHE F 418 4.72 27.20 63.08
CA PHE F 418 4.37 27.25 61.66
C PHE F 418 4.12 28.69 61.23
N LEU F 419 3.42 29.45 62.06
CA LEU F 419 3.08 30.84 61.74
C LEU F 419 3.83 31.84 62.61
N ARG F 420 4.02 33.02 62.03
CA ARG F 420 4.71 34.17 62.61
C ARG F 420 3.85 35.44 62.29
N VAL F 421 3.95 36.48 63.15
CA VAL F 421 3.19 37.71 62.91
C VAL F 421 3.74 38.35 61.60
N GLY F 422 2.83 38.81 60.75
CA GLY F 422 3.21 39.35 59.46
C GLY F 422 3.14 38.34 58.33
N ASP F 423 3.04 37.03 58.66
CA ASP F 423 2.94 36.00 57.65
C ASP F 423 1.58 36.05 56.96
N LEU F 424 1.51 35.54 55.75
CA LEU F 424 0.25 35.41 55.03
C LEU F 424 -0.14 33.94 55.07
N VAL F 425 -1.42 33.67 55.28
CA VAL F 425 -1.95 32.32 55.30
C VAL F 425 -3.12 32.28 54.35
N ILE F 426 -3.34 31.11 53.75
CA ILE F 426 -4.47 30.91 52.85
C ILE F 426 -5.45 30.06 53.65
N VAL F 427 -6.71 30.48 53.73
CA VAL F 427 -7.72 29.74 54.51
C VAL F 427 -8.76 29.15 53.60
N VAL F 428 -8.94 27.82 53.66
CA VAL F 428 -9.88 27.10 52.82
C VAL F 428 -11.06 26.56 53.64
N THR F 429 -12.28 27.01 53.30
CA THR F 429 -13.53 26.65 54.00
C THR F 429 -14.67 26.35 52.96
N GLY F 430 -15.86 25.94 53.44
CA GLY F 430 -17.02 25.66 52.61
C GLY F 430 -18.19 26.59 52.85
N TRP F 431 -19.25 26.48 52.04
CA TRP F 431 -20.42 27.39 52.13
C TRP F 431 -21.56 26.88 53.03
N ARG F 432 -21.54 25.59 53.39
CA ARG F 432 -22.55 24.98 54.25
C ARG F 432 -21.93 23.80 55.04
N PRO F 433 -22.53 23.38 56.17
CA PRO F 433 -21.94 22.27 56.95
C PRO F 433 -21.94 20.94 56.21
N GLY F 434 -21.13 20.01 56.68
CA GLY F 434 -21.02 18.68 56.06
C GLY F 434 -19.91 18.56 55.04
N SER F 435 -19.50 17.33 54.74
CA SER F 435 -18.46 17.04 53.77
C SER F 435 -18.89 17.33 52.35
N GLY F 436 -17.93 17.74 51.53
CA GLY F 436 -18.12 17.96 50.10
C GLY F 436 -18.49 19.33 49.62
N TYR F 437 -18.48 20.34 50.51
CA TYR F 437 -18.91 21.70 50.12
C TYR F 437 -17.84 22.77 50.21
N THR F 438 -16.53 22.38 50.29
CA THR F 438 -15.41 23.34 50.31
C THR F 438 -15.45 24.13 49.00
N ASN F 439 -15.44 25.47 49.06
CA ASN F 439 -15.51 26.31 47.86
C ASN F 439 -14.97 27.72 48.08
N ILE F 440 -14.34 28.01 49.23
CA ILE F 440 -13.86 29.34 49.53
C ILE F 440 -12.37 29.36 49.88
N MET F 441 -11.67 30.38 49.34
CA MET F 441 -10.26 30.58 49.65
CA MET F 441 -10.24 30.61 49.58
C MET F 441 -10.10 32.06 50.03
N ARG F 442 -9.47 32.29 51.20
CA ARG F 442 -9.27 33.63 51.72
C ARG F 442 -7.77 33.88 52.00
N VAL F 443 -7.28 35.09 51.73
CA VAL F 443 -5.90 35.45 52.01
C VAL F 443 -5.95 36.25 53.32
N LEU F 444 -5.33 35.75 54.39
CA LEU F 444 -5.34 36.41 55.69
CA LEU F 444 -5.35 36.39 55.69
C LEU F 444 -3.94 36.76 56.16
N SER F 445 -3.78 37.94 56.78
CA SER F 445 -2.50 38.37 57.33
C SER F 445 -2.49 38.02 58.82
N ILE F 446 -1.45 37.35 59.29
CA ILE F 446 -1.38 36.94 60.69
CA ILE F 446 -1.37 36.93 60.69
C ILE F 446 -0.99 38.10 61.60
N SER F 447 -1.81 38.39 62.62
CA SER F 447 -1.51 39.51 63.53
C SER F 447 -1.14 39.04 64.94
N GLY G 23 32.95 40.52 17.72
CA GLY G 23 32.77 41.88 18.22
C GLY G 23 31.65 42.04 19.22
N THR G 24 31.71 43.08 20.07
CA THR G 24 30.67 43.36 21.07
C THR G 24 29.34 43.79 20.42
N ALA G 25 29.44 44.54 19.31
CA ALA G 25 28.30 45.03 18.56
C ALA G 25 27.52 43.90 17.88
N PHE G 26 28.18 42.75 17.61
CA PHE G 26 27.55 41.58 16.98
C PHE G 26 26.33 41.12 17.76
N PHE G 27 26.43 41.04 19.09
CA PHE G 27 25.36 40.57 19.95
C PHE G 27 24.25 41.60 20.23
N GLN G 28 24.29 42.75 19.55
CA GLN G 28 23.24 43.77 19.66
C GLN G 28 22.38 43.79 18.36
N GLN G 29 22.98 43.44 17.19
CA GLN G 29 22.33 43.38 15.89
C GLN G 29 21.44 42.12 15.71
N GLN G 30 20.63 42.10 14.61
CA GLN G 30 19.70 41.04 14.18
C GLN G 30 18.84 40.43 15.31
N GLN G 31 18.37 41.29 16.23
CA GLN G 31 17.51 40.97 17.38
C GLN G 31 18.07 39.84 18.23
N LEU G 32 19.42 39.75 18.34
CA LEU G 32 20.05 38.68 19.12
C LEU G 32 19.68 38.74 20.62
N PRO G 33 19.55 39.92 21.27
CA PRO G 33 19.06 39.91 22.67
C PRO G 33 17.66 39.27 22.79
N ALA G 34 16.73 39.58 21.85
CA ALA G 34 15.39 38.99 21.84
C ALA G 34 15.42 37.48 21.50
N ALA G 35 16.41 37.05 20.70
CA ALA G 35 16.55 35.65 20.32
C ALA G 35 17.00 34.76 21.49
N MET G 36 17.80 35.31 22.42
CA MET G 36 18.28 34.55 23.57
C MET G 36 17.27 34.44 24.72
N ALA G 37 16.12 35.13 24.62
CA ALA G 37 15.09 35.14 25.67
C ALA G 37 14.57 33.77 26.04
N ASP G 38 14.29 33.55 27.33
CA ASP G 38 13.81 32.24 27.80
C ASP G 38 12.29 32.04 27.61
N THR G 39 11.53 33.11 27.39
CA THR G 39 10.10 33.00 27.13
C THR G 39 9.72 33.85 25.91
N PHE G 40 8.59 33.54 25.29
CA PHE G 40 8.09 34.30 24.15
C PHE G 40 7.75 35.74 24.58
N LEU G 41 7.19 35.90 25.76
CA LEU G 41 6.84 37.20 26.34
C LEU G 41 8.09 38.07 26.49
N GLU G 42 9.18 37.51 27.06
CA GLU G 42 10.47 38.22 27.21
CA GLU G 42 10.44 38.25 27.21
C GLU G 42 11.05 38.54 25.83
N HIS G 43 10.88 37.63 24.86
CA HIS G 43 11.34 37.79 23.49
C HIS G 43 10.66 39.03 22.88
N LEU G 44 9.34 39.18 23.03
CA LEU G 44 8.64 40.36 22.53
C LEU G 44 9.16 41.64 23.20
N CYS G 45 9.34 41.58 24.55
CA CYS G 45 9.81 42.72 25.35
C CYS G 45 11.19 43.18 24.93
N LEU G 46 12.04 42.27 24.40
CA LEU G 46 13.40 42.58 23.98
C LEU G 46 13.54 43.02 22.53
N LEU G 47 12.45 43.05 21.76
CA LEU G 47 12.53 43.50 20.36
C LEU G 47 12.98 44.97 20.32
N ASP G 48 13.96 45.28 19.47
CA ASP G 48 14.57 46.59 19.44
C ASP G 48 14.56 47.22 18.06
N ILE G 49 13.95 48.38 17.89
CA ILE G 49 13.96 49.10 16.59
C ILE G 49 15.37 49.55 16.16
N ASP G 50 16.31 49.62 17.11
CA ASP G 50 17.69 49.99 16.79
C ASP G 50 18.55 48.79 16.44
N SER G 51 18.06 47.56 16.63
CA SER G 51 18.79 46.35 16.29
C SER G 51 18.60 46.09 14.82
N GLU G 52 19.64 46.37 14.02
CA GLU G 52 19.54 46.27 12.57
C GLU G 52 19.70 44.86 12.02
N PRO G 53 18.90 44.52 10.99
CA PRO G 53 19.03 43.19 10.38
C PRO G 53 20.35 43.07 9.62
N VAL G 54 21.06 41.97 9.81
CA VAL G 54 22.34 41.79 9.13
C VAL G 54 22.25 40.72 8.05
N ALA G 55 21.54 39.63 8.34
CA ALA G 55 21.32 38.53 7.42
C ALA G 55 20.59 38.95 6.13
N ALA G 56 20.81 38.20 5.04
CA ALA G 56 20.10 38.45 3.79
C ALA G 56 18.61 38.07 3.97
N ARG G 57 17.73 38.71 3.20
CA ARG G 57 16.29 38.47 3.25
C ARG G 57 15.95 37.09 2.77
N SER G 58 15.36 36.28 3.62
CA SER G 58 15.09 34.88 3.39
C SER G 58 13.68 34.52 2.83
N THR G 59 12.68 35.38 3.02
CA THR G 59 11.34 35.13 2.50
C THR G 59 11.29 35.61 1.06
N SER G 60 11.00 34.71 0.10
CA SER G 60 10.97 35.13 -1.31
C SER G 60 9.77 35.98 -1.68
N ILE G 61 9.98 36.86 -2.64
CA ILE G 61 8.95 37.76 -3.10
C ILE G 61 8.48 37.30 -4.46
N ILE G 62 7.17 37.10 -4.59
CA ILE G 62 6.59 36.74 -5.86
C ILE G 62 5.95 38.02 -6.39
N ALA G 63 6.32 38.47 -7.59
CA ALA G 63 5.74 39.69 -8.16
C ALA G 63 4.94 39.32 -9.38
N THR G 64 3.67 39.77 -9.45
CA THR G 64 2.82 39.47 -10.61
C THR G 64 3.21 40.40 -11.73
N ILE G 65 3.55 39.83 -12.88
CA ILE G 65 3.98 40.61 -14.02
C ILE G 65 2.82 40.94 -14.95
N GLY G 66 2.58 42.23 -15.16
CA GLY G 66 1.50 42.71 -16.01
C GLY G 66 1.88 44.00 -16.73
N PRO G 67 0.88 44.79 -17.19
CA PRO G 67 1.19 46.05 -17.90
C PRO G 67 2.17 47.01 -17.20
N ALA G 68 2.11 47.11 -15.87
CA ALA G 68 3.00 47.99 -15.12
C ALA G 68 4.44 47.47 -14.93
N SER G 69 4.67 46.18 -15.21
CA SER G 69 5.97 45.56 -14.94
C SER G 69 6.52 44.64 -16.03
N ARG G 70 6.11 44.77 -17.33
CA ARG G 70 6.63 43.84 -18.34
C ARG G 70 7.87 44.29 -19.05
N SER G 71 8.25 45.58 -18.98
CA SER G 71 9.41 46.02 -19.77
C SER G 71 10.69 45.43 -19.23
N VAL G 72 11.64 45.15 -20.12
CA VAL G 72 12.92 44.58 -19.76
C VAL G 72 13.66 45.49 -18.77
N GLU G 73 13.56 46.82 -18.95
CA GLU G 73 14.20 47.76 -18.05
C GLU G 73 13.54 47.82 -16.68
N ARG G 74 12.21 47.74 -16.63
CA ARG G 74 11.45 47.73 -15.38
C ARG G 74 11.70 46.41 -14.62
N LEU G 75 11.81 45.30 -15.35
CA LEU G 75 12.08 44.00 -14.77
C LEU G 75 13.46 43.92 -14.17
N LYS G 76 14.46 44.62 -14.76
CA LYS G 76 15.82 44.68 -14.22
C LYS G 76 15.79 45.40 -12.87
N GLU G 77 14.99 46.47 -12.76
CA GLU G 77 14.81 47.20 -11.50
C GLU G 77 14.14 46.34 -10.44
N MET G 78 13.18 45.50 -10.87
CA MET G 78 12.47 44.60 -9.97
CA MET G 78 12.46 44.61 -9.97
C MET G 78 13.33 43.45 -9.47
N ILE G 79 14.26 42.97 -10.32
CA ILE G 79 15.18 41.91 -9.93
C ILE G 79 16.14 42.48 -8.87
N LYS G 80 16.63 43.72 -9.11
CA LYS G 80 17.50 44.43 -8.17
C LYS G 80 16.80 44.77 -6.87
N ALA G 81 15.50 45.04 -6.92
CA ALA G 81 14.70 45.32 -5.73
C ALA G 81 14.43 44.07 -4.85
N GLY G 82 14.52 42.88 -5.44
CA GLY G 82 14.32 41.65 -4.69
C GLY G 82 13.35 40.61 -5.23
N MET G 83 12.75 40.85 -6.41
CA MET G 83 11.82 39.87 -6.98
C MET G 83 12.54 38.51 -7.21
N ASN G 84 11.98 37.42 -6.69
CA ASN G 84 12.59 36.10 -6.87
C ASN G 84 11.78 35.20 -7.80
N ILE G 85 10.44 35.42 -7.85
CA ILE G 85 9.52 34.65 -8.67
C ILE G 85 8.60 35.59 -9.44
N ALA G 86 8.51 35.40 -10.74
CA ALA G 86 7.64 36.19 -11.60
C ALA G 86 6.35 35.40 -11.78
N ARG G 87 5.21 35.99 -11.44
CA ARG G 87 3.92 35.32 -11.54
C ARG G 87 3.17 35.79 -12.76
N LEU G 88 2.66 34.86 -13.56
CA LEU G 88 1.86 35.18 -14.76
C LEU G 88 0.44 34.71 -14.51
N ASN G 89 -0.47 35.64 -14.35
CA ASN G 89 -1.86 35.32 -14.03
C ASN G 89 -2.65 35.02 -15.30
N PHE G 90 -2.95 33.72 -15.53
CA PHE G 90 -3.68 33.32 -16.72
C PHE G 90 -5.19 33.60 -16.65
N SER G 91 -5.65 34.32 -15.62
CA SER G 91 -7.00 34.83 -15.55
C SER G 91 -7.14 36.07 -16.45
N HIS G 92 -6.01 36.73 -16.81
CA HIS G 92 -5.94 37.91 -17.66
C HIS G 92 -4.97 37.64 -18.82
N GLY G 93 -4.95 38.52 -19.80
CA GLY G 93 -4.04 38.42 -20.93
C GLY G 93 -4.32 37.25 -21.84
N SER G 94 -3.33 36.90 -22.66
CA SER G 94 -3.45 35.79 -23.60
C SER G 94 -2.11 34.98 -23.61
N HIS G 95 -2.05 33.87 -24.33
CA HIS G 95 -0.84 33.08 -24.45
C HIS G 95 0.28 33.94 -25.11
N GLU G 96 -0.06 34.72 -26.13
CA GLU G 96 0.88 35.58 -26.82
C GLU G 96 1.42 36.65 -25.86
N TYR G 97 0.54 37.24 -25.05
CA TYR G 97 0.88 38.27 -24.10
C TYR G 97 1.81 37.70 -23.01
N HIS G 98 1.44 36.57 -22.39
CA HIS G 98 2.23 35.99 -21.33
C HIS G 98 3.57 35.45 -21.83
N ALA G 99 3.63 34.90 -23.03
CA ALA G 99 4.88 34.46 -23.63
C ALA G 99 5.88 35.63 -23.78
N GLU G 100 5.35 36.82 -24.04
CA GLU G 100 6.15 38.04 -24.18
C GLU G 100 6.69 38.52 -22.87
N SER G 101 5.88 38.48 -21.80
CA SER G 101 6.34 38.85 -20.46
C SER G 101 7.44 37.82 -19.99
N ILE G 102 7.25 36.52 -20.27
CA ILE G 102 8.23 35.48 -19.94
C ILE G 102 9.56 35.76 -20.63
N ALA G 103 9.52 36.10 -21.91
CA ALA G 103 10.72 36.40 -22.68
C ALA G 103 11.44 37.64 -22.12
N ASN G 104 10.66 38.65 -21.70
CA ASN G 104 11.21 39.87 -21.12
C ASN G 104 11.82 39.61 -19.76
N VAL G 105 11.19 38.72 -18.95
CA VAL G 105 11.75 38.33 -17.65
C VAL G 105 13.08 37.61 -17.89
N ARG G 106 13.11 36.60 -18.78
CA ARG G 106 14.33 35.87 -19.08
C ARG G 106 15.45 36.78 -19.62
N GLU G 107 15.11 37.79 -20.42
CA GLU G 107 16.09 38.73 -20.96
C GLU G 107 16.67 39.58 -19.82
N ALA G 108 15.82 40.10 -18.91
CA ALA G 108 16.29 40.89 -17.78
C ALA G 108 17.12 40.02 -16.80
N VAL G 109 16.76 38.74 -16.60
CA VAL G 109 17.51 37.85 -15.72
C VAL G 109 18.90 37.57 -16.30
N GLU G 110 18.95 37.27 -17.60
CA GLU G 110 20.22 36.95 -18.24
C GLU G 110 21.13 38.14 -18.48
N SER G 111 20.63 39.38 -18.35
CA SER G 111 21.47 40.55 -18.46
C SER G 111 22.51 40.64 -17.30
N PHE G 112 22.32 39.85 -16.22
CA PHE G 112 23.24 39.79 -15.09
C PHE G 112 24.10 38.51 -15.07
N ALA G 113 23.99 37.64 -16.09
CA ALA G 113 24.73 36.37 -16.16
C ALA G 113 26.24 36.46 -16.39
N GLY G 114 26.70 37.63 -16.83
CA GLY G 114 28.11 37.86 -17.08
C GLY G 114 28.97 37.81 -15.81
N SER G 115 28.33 37.97 -14.65
CA SER G 115 29.00 37.91 -13.36
C SER G 115 28.37 36.73 -12.58
N PRO G 116 28.90 35.50 -12.77
CA PRO G 116 28.32 34.32 -12.10
C PRO G 116 28.36 34.31 -10.55
N LEU G 117 29.31 35.04 -9.92
CA LEU G 117 29.38 35.11 -8.45
C LEU G 117 28.26 35.95 -7.84
N SER G 118 27.55 36.79 -8.66
CA SER G 118 26.44 37.64 -8.19
C SER G 118 25.08 37.41 -8.95
N TYR G 119 25.06 36.50 -9.98
CA TYR G 119 23.84 36.23 -10.76
C TYR G 119 22.69 35.70 -9.89
N ARG G 120 21.51 36.33 -10.05
CA ARG G 120 20.32 35.90 -9.31
C ARG G 120 19.29 35.17 -10.19
N PRO G 121 19.07 33.86 -9.94
CA PRO G 121 18.03 33.14 -10.68
C PRO G 121 16.63 33.65 -10.35
N VAL G 122 15.70 33.65 -11.33
CA VAL G 122 14.32 34.10 -11.07
C VAL G 122 13.34 33.05 -11.62
N ALA G 123 12.47 32.50 -10.75
CA ALA G 123 11.53 31.48 -11.18
C ALA G 123 10.36 32.08 -11.96
N ILE G 124 9.72 31.27 -12.79
CA ILE G 124 8.54 31.68 -13.53
C ILE G 124 7.38 30.80 -13.11
N ALA G 125 6.31 31.42 -12.60
CA ALA G 125 5.16 30.70 -12.11
C ALA G 125 3.91 31.05 -12.94
N LEU G 126 3.12 30.04 -13.26
CA LEU G 126 1.89 30.21 -14.01
C LEU G 126 0.74 30.04 -13.03
N ASP G 127 -0.12 31.06 -12.92
CA ASP G 127 -1.27 30.99 -12.03
C ASP G 127 -2.49 30.69 -12.94
N THR G 128 -3.15 29.55 -12.75
CA THR G 128 -4.26 29.14 -13.60
C THR G 128 -5.55 29.96 -13.38
N LYS G 129 -6.42 30.01 -14.42
CA LYS G 129 -7.71 30.69 -14.33
C LYS G 129 -8.63 29.98 -13.31
N GLY G 130 -8.64 28.66 -13.34
CA GLY G 130 -9.43 27.89 -12.40
C GLY G 130 -10.58 27.14 -13.05
N PRO G 131 -11.29 26.32 -12.25
CA PRO G 131 -12.39 25.53 -12.82
C PRO G 131 -13.69 26.32 -13.00
N PRO G 135 -16.43 22.00 -11.32
CA PRO G 135 -16.85 21.17 -12.47
C PRO G 135 -15.82 20.13 -12.95
N GLY G 136 -14.56 20.26 -12.49
CA GLY G 136 -13.40 19.46 -12.90
C GLY G 136 -12.33 20.37 -13.52
N LEU G 137 -11.20 19.82 -14.04
CA LEU G 137 -10.19 20.69 -14.70
C LEU G 137 -10.79 21.36 -15.99
N SER G 138 -10.86 22.69 -16.02
CA SER G 138 -11.41 23.40 -17.18
C SER G 138 -10.64 23.18 -18.46
N GLU G 139 -11.26 23.42 -19.64
CA GLU G 139 -10.55 23.26 -20.91
C GLU G 139 -9.45 24.32 -21.08
N GLN G 140 -9.69 25.53 -20.55
CA GLN G 140 -8.70 26.59 -20.64
C GLN G 140 -7.49 26.24 -19.81
N ASP G 141 -7.68 25.66 -18.60
CA ASP G 141 -6.59 25.22 -17.75
C ASP G 141 -5.75 24.17 -18.41
N VAL G 142 -6.37 23.24 -19.14
CA VAL G 142 -5.62 22.20 -19.86
C VAL G 142 -4.69 22.84 -20.89
N ARG G 143 -5.20 23.84 -21.60
CA ARG G 143 -4.42 24.55 -22.62
C ARG G 143 -3.31 25.43 -22.00
N ASP G 144 -3.63 26.12 -20.90
CA ASP G 144 -2.68 26.99 -20.23
C ASP G 144 -1.56 26.18 -19.55
N LEU G 145 -1.88 25.01 -18.96
CA LEU G 145 -0.89 24.14 -18.34
C LEU G 145 0.05 23.61 -19.41
N ARG G 146 -0.49 23.26 -20.61
CA ARG G 146 0.33 22.79 -21.73
C ARG G 146 1.30 23.92 -22.19
N PHE G 147 0.80 25.17 -22.20
CA PHE G 147 1.58 26.36 -22.54
C PHE G 147 2.76 26.48 -21.55
N GLY G 148 2.49 26.30 -20.26
CA GLY G 148 3.51 26.35 -19.22
C GLY G 148 4.61 25.34 -19.44
N VAL G 149 4.23 24.14 -19.83
CA VAL G 149 5.17 23.07 -20.12
C VAL G 149 6.02 23.45 -21.32
N GLU G 150 5.39 23.92 -22.37
CA GLU G 150 6.09 24.32 -23.59
C GLU G 150 7.01 25.52 -23.41
N HIS G 151 6.70 26.39 -22.45
CA HIS G 151 7.51 27.55 -22.17
C HIS G 151 8.44 27.40 -20.97
N GLY G 152 8.56 26.19 -20.43
CA GLY G 152 9.48 25.88 -19.35
C GLY G 152 9.22 26.58 -18.03
N VAL G 153 7.95 26.70 -17.63
CA VAL G 153 7.65 27.33 -16.34
C VAL G 153 8.16 26.42 -15.20
N ASP G 154 8.50 27.02 -14.08
CA ASP G 154 9.02 26.29 -12.95
C ASP G 154 7.91 25.87 -11.99
N ILE G 155 6.86 26.69 -11.85
CA ILE G 155 5.83 26.48 -10.87
C ILE G 155 4.43 26.72 -11.43
N VAL G 156 3.45 26.05 -10.84
CA VAL G 156 2.06 26.27 -11.17
C VAL G 156 1.34 26.61 -9.89
N PHE G 157 0.64 27.74 -9.86
CA PHE G 157 -0.22 28.09 -8.74
C PHE G 157 -1.60 27.63 -9.23
N ALA G 158 -2.06 26.46 -8.76
CA ALA G 158 -3.32 25.90 -9.22
C ALA G 158 -4.50 26.51 -8.51
N SER G 159 -5.35 27.27 -9.23
CA SER G 159 -6.52 27.93 -8.63
C SER G 159 -7.61 26.99 -8.16
N PHE G 160 -8.31 27.39 -7.11
CA PHE G 160 -9.45 26.70 -6.50
C PHE G 160 -9.28 25.19 -6.31
N VAL G 161 -8.21 24.77 -5.63
CA VAL G 161 -8.00 23.35 -5.32
C VAL G 161 -8.91 23.01 -4.12
N ARG G 162 -9.79 22.00 -4.27
CA ARG G 162 -10.73 21.62 -3.22
C ARG G 162 -10.54 20.22 -2.67
N LYS G 163 -9.75 19.39 -3.34
CA LYS G 163 -9.55 17.99 -2.94
C LYS G 163 -8.33 17.45 -3.65
N ALA G 164 -7.81 16.31 -3.18
CA ALA G 164 -6.63 15.67 -3.75
C ALA G 164 -6.75 15.36 -5.22
N SER G 165 -7.97 15.04 -5.72
CA SER G 165 -8.15 14.72 -7.15
C SER G 165 -7.96 15.93 -8.06
N ASP G 166 -8.16 17.14 -7.54
CA ASP G 166 -7.92 18.36 -8.33
C ASP G 166 -6.41 18.50 -8.63
N VAL G 167 -5.55 18.13 -7.64
CA VAL G 167 -4.11 18.17 -7.83
C VAL G 167 -3.66 17.08 -8.81
N ALA G 168 -4.29 15.90 -8.74
CA ALA G 168 -3.97 14.80 -9.66
C ALA G 168 -4.30 15.20 -11.10
N ALA G 169 -5.37 15.95 -11.30
CA ALA G 169 -5.76 16.45 -12.63
C ALA G 169 -4.75 17.46 -13.14
N VAL G 170 -4.26 18.35 -12.26
CA VAL G 170 -3.20 19.30 -12.66
C VAL G 170 -1.91 18.56 -13.01
N ARG G 171 -1.54 17.50 -12.20
CA ARG G 171 -0.34 16.69 -12.48
C ARG G 171 -0.43 16.04 -13.81
N ALA G 172 -1.60 15.42 -14.09
CA ALA G 172 -1.88 14.71 -15.35
C ALA G 172 -1.77 15.69 -16.53
N ALA G 173 -2.27 16.93 -16.36
CA ALA G 173 -2.19 17.95 -17.41
C ALA G 173 -0.80 18.51 -17.63
N LEU G 174 0.12 18.34 -16.66
CA LEU G 174 1.52 18.74 -16.89
C LEU G 174 2.24 17.70 -17.83
N GLY G 175 1.42 16.97 -18.59
CA GLY G 175 1.72 16.05 -19.70
C GLY G 175 2.93 15.22 -19.45
N PRO G 176 3.56 14.70 -20.52
CA PRO G 176 4.77 13.87 -20.33
C PRO G 176 6.05 14.65 -19.93
N GLU G 177 6.17 15.93 -20.33
CA GLU G 177 7.40 16.66 -20.09
C GLU G 177 7.37 17.73 -18.99
N GLY G 178 6.32 17.77 -18.17
CA GLY G 178 6.23 18.76 -17.09
C GLY G 178 6.17 18.18 -15.68
N HIS G 179 6.68 16.97 -15.48
CA HIS G 179 6.62 16.33 -14.16
C HIS G 179 7.53 16.99 -13.10
N GLY G 180 8.54 17.75 -13.53
CA GLY G 180 9.41 18.46 -12.60
C GLY G 180 8.86 19.81 -12.14
N ILE G 181 7.77 20.26 -12.70
CA ILE G 181 7.15 21.54 -12.35
C ILE G 181 6.55 21.42 -10.97
N LYS G 182 6.74 22.42 -10.11
CA LYS G 182 6.20 22.38 -8.76
C LYS G 182 4.74 22.79 -8.76
N ILE G 183 3.88 22.04 -8.06
CA ILE G 183 2.47 22.39 -7.99
C ILE G 183 2.16 22.96 -6.64
N ILE G 184 1.81 24.24 -6.59
CA ILE G 184 1.44 24.93 -5.37
C ILE G 184 -0.07 25.09 -5.44
N SER G 185 -0.80 24.37 -4.58
CA SER G 185 -2.26 24.41 -4.58
C SER G 185 -2.78 25.65 -3.89
N LYS G 186 -3.64 26.40 -4.57
CA LYS G 186 -4.26 27.58 -3.97
C LYS G 186 -5.51 27.19 -3.18
N ILE G 187 -5.54 27.53 -1.89
CA ILE G 187 -6.70 27.24 -1.06
C ILE G 187 -7.53 28.52 -1.03
N GLU G 188 -8.72 28.50 -1.66
CA GLU G 188 -9.53 29.69 -1.82
C GLU G 188 -10.97 29.57 -1.30
N ASN G 189 -11.34 28.45 -0.69
CA ASN G 189 -12.73 28.24 -0.24
C ASN G 189 -12.81 27.29 0.97
N HIS G 190 -14.01 27.14 1.54
CA HIS G 190 -14.25 26.30 2.71
C HIS G 190 -13.84 24.86 2.49
N GLU G 191 -14.17 24.29 1.33
CA GLU G 191 -13.85 22.90 1.06
C GLU G 191 -12.34 22.66 1.04
N GLY G 192 -11.58 23.59 0.45
CA GLY G 192 -10.13 23.50 0.39
C GLY G 192 -9.52 23.53 1.78
N VAL G 193 -10.06 24.37 2.68
CA VAL G 193 -9.60 24.47 4.07
C VAL G 193 -9.91 23.18 4.81
N LYS G 194 -11.15 22.66 4.65
CA LYS G 194 -11.56 21.43 5.32
C LYS G 194 -10.83 20.19 4.81
N ARG G 195 -10.49 20.15 3.53
CA ARG G 195 -9.76 19.03 2.95
C ARG G 195 -8.26 19.33 2.79
N PHE G 196 -7.75 20.31 3.55
CA PHE G 196 -6.36 20.76 3.51
C PHE G 196 -5.34 19.63 3.60
N ASP G 197 -5.48 18.73 4.58
CA ASP G 197 -4.51 17.66 4.77
C ASP G 197 -4.31 16.79 3.54
N GLU G 198 -5.42 16.39 2.91
CA GLU G 198 -5.32 15.55 1.72
C GLU G 198 -4.74 16.30 0.51
N ILE G 199 -4.97 17.61 0.44
CA ILE G 199 -4.44 18.43 -0.63
C ILE G 199 -2.92 18.62 -0.46
N LEU G 200 -2.48 18.93 0.77
CA LEU G 200 -1.07 19.15 1.06
C LEU G 200 -0.25 17.90 0.82
N GLU G 201 -0.78 16.74 1.17
CA GLU G 201 -0.13 15.45 0.98
C GLU G 201 0.27 15.20 -0.46
N VAL G 202 -0.55 15.63 -1.42
CA VAL G 202 -0.24 15.43 -2.83
C VAL G 202 0.31 16.68 -3.55
N SER G 203 0.35 17.83 -2.90
CA SER G 203 0.89 19.06 -3.51
C SER G 203 2.35 19.27 -3.10
N ASP G 204 3.07 20.10 -3.85
CA ASP G 204 4.43 20.48 -3.46
C ASP G 204 4.43 21.61 -2.41
N GLY G 205 3.34 22.36 -2.33
CA GLY G 205 3.18 23.47 -1.42
C GLY G 205 1.80 24.07 -1.53
N ILE G 206 1.56 25.16 -0.80
CA ILE G 206 0.24 25.77 -0.72
C ILE G 206 0.32 27.27 -0.87
N MET G 207 -0.75 27.86 -1.42
CA MET G 207 -0.89 29.31 -1.46
C MET G 207 -2.17 29.64 -0.71
N VAL G 208 -2.08 30.53 0.30
CA VAL G 208 -3.24 31.00 1.03
C VAL G 208 -3.75 32.16 0.17
N ALA G 209 -4.72 31.85 -0.72
CA ALA G 209 -5.29 32.80 -1.69
C ALA G 209 -6.40 33.58 -0.99
N ARG G 210 -6.00 34.59 -0.22
CA ARG G 210 -6.87 35.35 0.66
C ARG G 210 -8.01 36.13 -0.02
N GLY G 211 -7.85 36.57 -1.26
CA GLY G 211 -8.89 37.26 -1.99
C GLY G 211 -10.19 36.47 -2.09
N ASP G 212 -10.16 35.32 -2.77
CA ASP G 212 -11.34 34.48 -2.87
C ASP G 212 -11.71 33.86 -1.53
N LEU G 213 -10.72 33.48 -0.72
CA LEU G 213 -10.99 32.90 0.61
C LEU G 213 -11.81 33.87 1.50
N GLY G 214 -11.51 35.15 1.40
CA GLY G 214 -12.21 36.20 2.12
C GLY G 214 -13.64 36.47 1.66
N ILE G 215 -14.03 35.95 0.48
CA ILE G 215 -15.39 36.03 -0.08
C ILE G 215 -16.13 34.70 0.19
N GLU G 216 -15.41 33.55 0.09
CA GLU G 216 -15.95 32.22 0.32
C GLU G 216 -16.25 31.92 1.79
N ILE G 217 -15.46 32.49 2.70
CA ILE G 217 -15.67 32.31 4.14
C ILE G 217 -15.75 33.72 4.77
N PRO G 218 -16.28 33.87 6.01
CA PRO G 218 -16.30 35.21 6.62
C PRO G 218 -14.92 35.86 6.64
N ALA G 219 -14.82 37.13 6.29
CA ALA G 219 -13.56 37.86 6.23
C ALA G 219 -12.79 37.82 7.56
N GLU G 220 -13.51 37.83 8.68
CA GLU G 220 -12.89 37.77 9.99
C GLU G 220 -12.30 36.40 10.36
N LYS G 221 -12.48 35.38 9.51
CA LYS G 221 -11.94 34.04 9.78
C LYS G 221 -10.69 33.73 8.94
N VAL G 222 -10.38 34.55 7.90
CA VAL G 222 -9.24 34.30 7.03
C VAL G 222 -7.91 34.12 7.79
N PHE G 223 -7.68 34.93 8.83
CA PHE G 223 -6.44 34.83 9.61
C PHE G 223 -6.27 33.45 10.27
N LEU G 224 -7.40 32.80 10.67
CA LEU G 224 -7.33 31.47 11.29
C LEU G 224 -6.88 30.46 10.24
N ALA G 225 -7.43 30.56 9.01
CA ALA G 225 -7.08 29.67 7.93
C ALA G 225 -5.60 29.89 7.51
N GLN G 226 -5.16 31.17 7.44
CA GLN G 226 -3.79 31.49 7.09
C GLN G 226 -2.81 30.91 8.12
N LYS G 227 -3.06 31.16 9.41
CA LYS G 227 -2.17 30.68 10.46
C LYS G 227 -2.16 29.16 10.55
N MET G 228 -3.31 28.51 10.35
CA MET G 228 -3.39 27.06 10.37
C MET G 228 -2.60 26.43 9.19
N MET G 229 -2.83 26.92 7.98
CA MET G 229 -2.16 26.38 6.80
C MET G 229 -0.66 26.61 6.82
N ILE G 230 -0.20 27.77 7.32
CA ILE G 230 1.23 28.04 7.43
C ILE G 230 1.84 27.08 8.46
N GLY G 231 1.18 26.91 9.61
CA GLY G 231 1.65 25.98 10.63
C GLY G 231 1.80 24.55 10.12
N ARG G 232 0.77 24.07 9.39
CA ARG G 232 0.77 22.71 8.83
C ARG G 232 1.80 22.51 7.75
N CYS G 233 2.02 23.53 6.92
CA CYS G 233 3.05 23.45 5.87
C CYS G 233 4.43 23.46 6.50
N ASN G 234 4.65 24.26 7.54
CA ASN G 234 5.94 24.30 8.25
C ASN G 234 6.23 22.93 8.87
N LEU G 235 5.20 22.29 9.44
CA LEU G 235 5.29 20.98 10.04
C LEU G 235 5.59 19.92 8.98
N ALA G 236 4.98 20.02 7.81
CA ALA G 236 5.21 19.10 6.70
C ALA G 236 6.47 19.37 5.91
N GLY G 237 7.12 20.52 6.12
CA GLY G 237 8.33 20.88 5.41
C GLY G 237 8.08 21.23 3.96
N LYS G 238 6.90 21.80 3.67
CA LYS G 238 6.54 22.18 2.31
C LYS G 238 6.30 23.67 2.19
N PRO G 239 6.71 24.30 1.08
CA PRO G 239 6.52 25.76 0.96
C PRO G 239 5.08 26.28 1.09
N VAL G 240 4.92 27.43 1.75
CA VAL G 240 3.63 28.07 1.89
C VAL G 240 3.77 29.56 1.48
N VAL G 241 2.85 30.02 0.61
CA VAL G 241 2.82 31.38 0.12
C VAL G 241 1.67 32.14 0.78
N CYS G 242 1.94 33.36 1.27
CA CYS G 242 0.85 34.22 1.73
C CYS G 242 0.59 35.20 0.57
N ALA G 243 -0.68 35.32 0.15
CA ALA G 243 -1.00 36.16 -1.00
C ALA G 243 -2.19 37.06 -0.79
N THR G 244 -2.27 38.13 -1.60
CA THR G 244 -3.37 39.07 -1.86
C THR G 244 -3.60 40.18 -0.86
N GLN G 245 -3.56 41.42 -1.40
CA GLN G 245 -3.81 42.69 -0.71
C GLN G 245 -2.81 43.00 0.39
N MET G 246 -1.61 42.40 0.34
CA MET G 246 -0.60 42.64 1.37
C MET G 246 -0.20 44.11 1.43
N LEU G 247 -0.04 44.77 0.27
CA LEU G 247 0.32 46.18 0.15
C LEU G 247 -0.65 46.88 -0.84
N GLU G 248 -1.93 46.51 -0.84
CA GLU G 248 -2.96 46.97 -1.77
C GLU G 248 -2.97 48.48 -2.08
N SER G 249 -2.89 49.33 -1.04
CA SER G 249 -2.89 50.77 -1.23
C SER G 249 -1.75 51.28 -2.14
N MET G 250 -0.66 50.49 -2.25
CA MET G 250 0.47 50.89 -3.09
C MET G 250 0.21 50.77 -4.59
N ILE G 251 -0.99 50.33 -5.01
CA ILE G 251 -1.36 50.36 -6.42
C ILE G 251 -1.44 51.86 -6.86
N THR G 252 -1.98 52.72 -5.97
CA THR G 252 -2.11 54.14 -6.27
C THR G 252 -1.19 55.02 -5.42
N LYS G 253 -0.77 54.56 -4.23
CA LYS G 253 0.07 55.37 -3.35
C LYS G 253 1.53 54.89 -3.24
N PRO G 254 2.55 55.80 -3.13
CA PRO G 254 3.94 55.32 -3.02
C PRO G 254 4.34 54.77 -1.65
N ARG G 255 3.47 54.87 -0.64
CA ARG G 255 3.73 54.31 0.70
C ARG G 255 2.54 53.46 1.15
N PRO G 256 2.77 52.34 1.84
CA PRO G 256 1.62 51.52 2.29
C PRO G 256 1.03 52.01 3.62
N THR G 257 -0.11 51.45 4.00
CA THR G 257 -0.74 51.78 5.28
C THR G 257 -0.04 51.01 6.45
N ARG G 258 -0.37 51.37 7.70
CA ARG G 258 0.18 50.71 8.86
C ARG G 258 -0.30 49.27 8.97
N ALA G 259 -1.53 48.98 8.53
CA ALA G 259 -2.06 47.62 8.55
C ALA G 259 -1.32 46.73 7.54
N GLU G 260 -0.98 47.30 6.37
CA GLU G 260 -0.26 46.60 5.31
C GLU G 260 1.16 46.18 5.69
N THR G 261 1.96 47.08 6.31
CA THR G 261 3.30 46.71 6.74
C THR G 261 3.23 45.64 7.85
N SER G 262 2.25 45.79 8.74
CA SER G 262 1.99 44.85 9.81
C SER G 262 1.65 43.46 9.23
N ASP G 263 0.81 43.42 8.19
CA ASP G 263 0.39 42.19 7.53
C ASP G 263 1.58 41.44 6.92
N VAL G 264 2.49 42.15 6.25
CA VAL G 264 3.69 41.54 5.66
C VAL G 264 4.56 40.95 6.76
N ALA G 265 4.79 41.73 7.81
CA ALA G 265 5.61 41.29 8.93
C ALA G 265 5.00 40.06 9.61
N ASN G 266 3.67 40.06 9.77
CA ASN G 266 2.98 38.95 10.42
C ASN G 266 2.92 37.70 9.57
N ALA G 267 2.90 37.82 8.23
CA ALA G 267 2.94 36.65 7.36
C ALA G 267 4.33 35.94 7.56
N VAL G 268 5.42 36.72 7.60
CA VAL G 268 6.77 36.22 7.85
C VAL G 268 6.84 35.60 9.28
N LEU G 269 6.31 36.30 10.30
CA LEU G 269 6.30 35.76 11.66
C LEU G 269 5.46 34.49 11.81
N ASP G 270 4.40 34.36 10.99
CA ASP G 270 3.56 33.16 10.97
C ASP G 270 4.34 31.95 10.49
N GLY G 271 5.30 32.16 9.58
CA GLY G 271 6.12 31.09 9.02
C GLY G 271 6.04 30.96 7.50
N ALA G 272 5.51 31.98 6.80
CA ALA G 272 5.39 31.92 5.35
C ALA G 272 6.75 31.87 4.67
N ASP G 273 6.89 31.00 3.66
CA ASP G 273 8.10 30.90 2.89
C ASP G 273 8.17 32.03 1.88
N CYS G 274 7.02 32.37 1.26
CA CYS G 274 6.92 33.41 0.25
C CYS G 274 5.81 34.38 0.58
N ILE G 275 5.99 35.61 0.10
CA ILE G 275 4.99 36.64 0.16
C ILE G 275 4.75 37.11 -1.29
N MET G 276 3.55 37.57 -1.60
CA MET G 276 3.20 37.91 -2.96
C MET G 276 2.69 39.34 -3.15
N LEU G 277 2.85 39.84 -4.38
CA LEU G 277 2.33 41.13 -4.84
C LEU G 277 1.52 40.83 -6.10
N SER G 278 0.28 41.31 -6.13
CA SER G 278 -0.61 41.07 -7.26
CA SER G 278 -0.59 41.07 -7.27
C SER G 278 -0.77 42.38 -8.06
N GLY G 279 -1.86 43.13 -7.82
CA GLY G 279 -2.17 44.41 -8.47
C GLY G 279 -1.10 45.44 -8.19
N GLU G 280 -0.43 45.35 -7.03
CA GLU G 280 0.68 46.22 -6.68
C GLU G 280 1.78 46.24 -7.77
N THR G 281 2.07 45.11 -8.43
CA THR G 281 3.12 45.09 -9.46
C THR G 281 2.56 44.90 -10.87
N ALA G 282 1.41 44.21 -10.98
CA ALA G 282 0.80 43.92 -12.30
C ALA G 282 0.23 45.16 -12.96
N LYS G 283 -0.46 46.00 -12.20
CA LYS G 283 -1.11 47.17 -12.75
C LYS G 283 -0.87 48.45 -11.93
N GLY G 284 -0.13 48.38 -10.84
CA GLY G 284 0.07 49.53 -9.96
C GLY G 284 0.99 50.60 -10.48
N ASN G 285 0.93 51.76 -9.81
CA ASN G 285 1.76 52.92 -10.10
C ASN G 285 3.16 52.79 -9.54
N PHE G 286 3.34 51.97 -8.46
CA PHE G 286 4.66 51.82 -7.86
C PHE G 286 5.10 50.35 -7.74
N PRO G 287 5.30 49.62 -8.86
CA PRO G 287 5.68 48.18 -8.74
C PRO G 287 7.02 47.92 -8.06
N VAL G 288 8.07 48.69 -8.43
CA VAL G 288 9.41 48.54 -7.85
C VAL G 288 9.44 48.88 -6.36
N GLU G 289 8.74 49.93 -5.98
CA GLU G 289 8.64 50.40 -4.60
C GLU G 289 7.89 49.39 -3.73
N ALA G 290 6.92 48.66 -4.31
CA ALA G 290 6.18 47.64 -3.59
C ALA G 290 7.13 46.44 -3.30
N VAL G 291 7.99 46.08 -4.26
CA VAL G 291 8.97 45.02 -4.05
C VAL G 291 9.97 45.43 -2.97
N LYS G 292 10.47 46.68 -3.06
CA LYS G 292 11.41 47.22 -2.08
C LYS G 292 10.83 47.22 -0.68
N MET G 293 9.54 47.55 -0.58
CA MET G 293 8.83 47.56 0.70
C MET G 293 8.70 46.17 1.31
N GLN G 294 8.32 45.16 0.49
CA GLN G 294 8.23 43.79 0.98
C GLN G 294 9.60 43.28 1.44
N HIS G 295 10.66 43.66 0.70
CA HIS G 295 12.02 43.27 1.05
C HIS G 295 12.41 43.85 2.42
N ALA G 296 12.18 45.15 2.62
CA ALA G 296 12.50 45.85 3.86
C ALA G 296 11.80 45.26 5.07
N ILE G 297 10.48 44.99 4.95
CA ILE G 297 9.71 44.43 6.04
C ILE G 297 10.15 42.99 6.38
N ALA G 298 10.28 42.14 5.33
CA ALA G 298 10.67 40.75 5.53
C ALA G 298 11.98 40.60 6.28
N ARG G 299 13.01 41.41 5.95
CA ARG G 299 14.30 41.37 6.66
C ARG G 299 14.13 41.66 8.15
N GLU G 300 13.32 42.66 8.49
CA GLU G 300 13.07 43.04 9.87
C GLU G 300 12.34 41.93 10.60
N ALA G 301 11.32 41.34 9.95
CA ALA G 301 10.50 40.29 10.54
C ALA G 301 11.24 39.00 10.73
N GLU G 302 12.15 38.68 9.81
CA GLU G 302 12.95 37.45 9.92
C GLU G 302 13.88 37.46 11.14
N ALA G 303 14.46 38.64 11.44
CA ALA G 303 15.30 38.77 12.63
C ALA G 303 14.47 38.66 13.92
N ALA G 304 13.20 39.06 13.88
CA ALA G 304 12.29 39.01 15.02
C ALA G 304 11.68 37.62 15.28
N VAL G 305 11.95 36.63 14.42
CA VAL G 305 11.43 35.26 14.62
C VAL G 305 12.03 34.67 15.90
N TYR G 306 11.22 34.02 16.76
CA TYR G 306 11.69 33.44 18.01
C TYR G 306 12.25 32.02 17.76
N HIS G 307 13.41 31.94 17.12
CA HIS G 307 14.06 30.68 16.77
C HIS G 307 14.21 29.68 17.90
N ARG G 308 14.46 30.14 19.13
CA ARG G 308 14.65 29.26 20.28
C ARG G 308 13.51 28.29 20.48
N GLN G 309 12.27 28.79 20.44
CA GLN G 309 11.11 27.93 20.60
C GLN G 309 10.77 27.23 19.27
N LEU G 310 10.84 27.97 18.16
CA LEU G 310 10.49 27.45 16.83
C LEU G 310 11.32 26.23 16.47
N PHE G 311 12.66 26.28 16.63
CA PHE G 311 13.54 25.15 16.35
C PHE G 311 13.21 23.98 17.25
N GLU G 312 13.02 24.22 18.55
CA GLU G 312 12.66 23.17 19.51
C GLU G 312 11.36 22.47 19.10
N GLU G 313 10.37 23.24 18.66
CA GLU G 313 9.09 22.70 18.27
C GLU G 313 9.14 21.98 16.92
N LEU G 314 9.87 22.52 15.94
CA LEU G 314 10.03 21.85 14.64
C LEU G 314 10.78 20.52 14.84
N ARG G 315 11.82 20.54 15.68
CA ARG G 315 12.63 19.39 16.05
C ARG G 315 11.74 18.31 16.72
N ARG G 316 11.01 18.65 17.80
CA ARG G 316 10.16 17.71 18.53
C ARG G 316 9.06 17.11 17.65
N ALA G 317 8.48 17.92 16.76
CA ALA G 317 7.39 17.46 15.92
C ALA G 317 7.83 16.65 14.70
N ALA G 318 9.06 16.89 14.21
CA ALA G 318 9.54 16.14 13.06
C ALA G 318 9.79 14.69 13.49
N PRO G 319 9.27 13.74 12.70
CA PRO G 319 9.41 12.33 13.10
C PRO G 319 10.83 11.80 12.96
N LEU G 320 11.13 10.66 13.62
CA LEU G 320 12.43 10.01 13.45
C LEU G 320 12.61 9.62 11.99
N SER G 321 13.83 9.72 11.47
CA SER G 321 14.05 9.40 10.09
C SER G 321 15.26 8.57 9.91
N ARG G 322 15.21 7.65 8.96
CA ARG G 322 16.39 6.88 8.60
C ARG G 322 16.96 7.35 7.25
N ASP G 323 16.48 8.50 6.72
CA ASP G 323 16.96 9.06 5.48
C ASP G 323 18.18 9.90 5.83
N PRO G 324 19.34 9.55 5.26
CA PRO G 324 20.55 10.31 5.59
C PRO G 324 20.51 11.79 5.25
N THR G 325 19.71 12.22 4.24
CA THR G 325 19.58 13.64 3.92
C THR G 325 18.89 14.37 5.05
N GLU G 326 17.78 13.80 5.54
CA GLU G 326 17.02 14.38 6.63
CA GLU G 326 17.02 14.36 6.64
C GLU G 326 17.85 14.40 7.94
N VAL G 327 18.60 13.31 8.23
CA VAL G 327 19.44 13.22 9.42
C VAL G 327 20.58 14.24 9.39
N THR G 328 21.21 14.40 8.21
CA THR G 328 22.29 15.39 8.01
C THR G 328 21.76 16.78 8.15
N ALA G 329 20.54 17.05 7.64
CA ALA G 329 19.94 18.38 7.69
C ALA G 329 19.74 18.87 9.11
N ILE G 330 19.19 18.02 10.00
CA ILE G 330 18.95 18.46 11.37
C ILE G 330 20.26 18.66 12.13
N GLY G 331 21.25 17.78 11.86
CA GLY G 331 22.59 17.89 12.43
C GLY G 331 23.24 19.19 12.03
N ALA G 332 23.14 19.54 10.74
CA ALA G 332 23.71 20.78 10.20
C ALA G 332 23.05 22.03 10.76
N VAL G 333 21.73 22.02 10.92
CA VAL G 333 21.01 23.18 11.46
C VAL G 333 21.37 23.38 12.94
N GLU G 334 21.47 22.27 13.69
CA GLU G 334 21.88 22.32 15.10
CA GLU G 334 21.88 22.32 15.10
C GLU G 334 23.30 22.90 15.21
N ALA G 335 24.23 22.44 14.35
CA ALA G 335 25.60 22.91 14.35
C ALA G 335 25.65 24.39 13.99
N ALA G 336 24.84 24.84 13.02
CA ALA G 336 24.77 26.25 12.62
C ALA G 336 24.34 27.16 13.77
N PHE G 337 23.32 26.73 14.55
CA PHE G 337 22.86 27.51 15.69
C PHE G 337 23.93 27.57 16.79
N LYS G 338 24.65 26.46 17.02
CA LYS G 338 25.68 26.38 18.07
C LYS G 338 26.79 27.40 17.90
N CYS G 339 27.22 27.65 16.65
CA CYS G 339 28.31 28.58 16.39
C CYS G 339 27.89 29.89 15.76
N CYS G 340 26.58 30.14 15.58
CA CYS G 340 26.09 31.33 14.89
C CYS G 340 26.68 31.42 13.50
N ALA G 341 26.65 30.26 12.77
CA ALA G 341 27.19 30.14 11.43
C ALA G 341 26.57 31.16 10.52
N ALA G 342 27.39 31.81 9.71
CA ALA G 342 26.91 32.80 8.76
C ALA G 342 26.09 32.15 7.64
N ALA G 343 26.42 30.90 7.26
CA ALA G 343 25.72 30.23 6.19
C ALA G 343 25.84 28.69 6.30
N ILE G 344 24.93 27.97 5.63
CA ILE G 344 24.99 26.53 5.46
C ILE G 344 25.11 26.38 3.95
N ILE G 345 26.26 25.96 3.43
CA ILE G 345 26.45 25.78 2.00
C ILE G 345 26.12 24.34 1.64
N VAL G 346 25.12 24.13 0.79
CA VAL G 346 24.70 22.78 0.41
C VAL G 346 24.81 22.57 -1.10
N LEU G 347 25.31 21.42 -1.49
CA LEU G 347 25.36 21.03 -2.89
C LEU G 347 24.07 20.29 -3.15
N THR G 348 23.32 20.67 -4.21
CA THR G 348 22.04 20.02 -4.50
C THR G 348 21.75 19.92 -6.00
N THR G 349 21.19 18.79 -6.48
CA THR G 349 20.81 18.63 -7.87
C THR G 349 19.32 18.94 -8.06
N THR G 350 18.46 18.44 -7.19
CA THR G 350 17.02 18.65 -7.30
C THR G 350 16.49 19.77 -6.39
N GLY G 351 17.28 20.22 -5.44
CA GLY G 351 16.88 21.20 -4.44
C GLY G 351 16.49 20.56 -3.10
N ARG G 352 16.28 19.22 -3.10
CA ARG G 352 15.80 18.52 -1.92
C ARG G 352 16.65 18.71 -0.66
N SER G 353 17.99 18.63 -0.76
CA SER G 353 18.85 18.80 0.41
C SER G 353 18.74 20.19 1.00
N ALA G 354 18.53 21.22 0.15
CA ALA G 354 18.35 22.60 0.62
C ALA G 354 16.99 22.75 1.29
N GLN G 355 15.96 22.10 0.73
CA GLN G 355 14.61 22.14 1.28
C GLN G 355 14.57 21.50 2.65
N LEU G 356 15.28 20.36 2.84
CA LEU G 356 15.31 19.70 4.15
C LEU G 356 16.04 20.53 5.19
N LEU G 357 16.99 21.38 4.79
CA LEU G 357 17.66 22.27 5.72
C LEU G 357 16.68 23.37 6.13
N SER G 358 16.01 23.96 5.12
CA SER G 358 15.04 25.05 5.26
C SER G 358 13.87 24.73 6.21
N ARG G 359 13.39 23.48 6.24
CA ARG G 359 12.26 23.08 7.11
C ARG G 359 12.56 23.23 8.61
N TYR G 360 13.87 23.25 9.01
CA TYR G 360 14.21 23.48 10.41
C TYR G 360 14.42 24.94 10.74
N ARG G 361 14.18 25.84 9.79
CA ARG G 361 14.26 27.27 9.95
C ARG G 361 15.56 27.76 10.59
N PRO G 362 16.71 27.44 9.99
CA PRO G 362 17.96 27.99 10.53
C PRO G 362 18.03 29.51 10.35
N ARG G 363 18.73 30.17 11.25
CA ARG G 363 19.01 31.59 11.11
C ARG G 363 20.09 31.77 10.01
N ALA G 364 20.99 30.79 9.84
CA ALA G 364 22.02 30.81 8.83
C ALA G 364 21.39 30.69 7.45
N ALA G 365 21.89 31.47 6.48
CA ALA G 365 21.42 31.42 5.11
C ALA G 365 21.80 30.07 4.50
N VAL G 366 20.90 29.42 3.77
CA VAL G 366 21.18 28.14 3.13
C VAL G 366 21.59 28.45 1.70
N ILE G 367 22.88 28.45 1.42
CA ILE G 367 23.40 28.77 0.11
C ILE G 367 23.41 27.48 -0.70
N ALA G 368 22.52 27.36 -1.69
CA ALA G 368 22.43 26.14 -2.46
C ALA G 368 23.18 26.23 -3.76
N VAL G 369 24.23 25.41 -3.92
CA VAL G 369 25.01 25.41 -5.14
C VAL G 369 24.54 24.27 -6.03
N THR G 370 24.09 24.61 -7.24
CA THR G 370 23.54 23.64 -8.15
C THR G 370 23.92 23.91 -9.57
N ARG G 371 23.96 22.85 -10.38
CA ARG G 371 24.19 22.95 -11.83
C ARG G 371 22.81 23.03 -12.58
N SER G 372 21.70 22.60 -11.92
CA SER G 372 20.37 22.60 -12.49
C SER G 372 19.77 24.02 -12.45
N ALA G 373 19.57 24.63 -13.63
CA ALA G 373 19.00 25.96 -13.69
C ALA G 373 17.55 25.95 -13.16
N GLN G 374 16.79 24.86 -13.42
CA GLN G 374 15.43 24.74 -12.90
C GLN G 374 15.40 24.63 -11.37
N ALA G 375 16.28 23.80 -10.77
CA ALA G 375 16.31 23.67 -9.30
C ALA G 375 16.70 24.98 -8.67
N ALA G 376 17.64 25.73 -9.28
CA ALA G 376 18.03 27.05 -8.78
C ALA G 376 16.82 28.00 -8.74
N ARG G 377 15.93 27.93 -9.73
CA ARG G 377 14.76 28.78 -9.74
C ARG G 377 13.71 28.29 -8.75
N GLN G 378 13.48 26.98 -8.70
CA GLN G 378 12.45 26.42 -7.83
C GLN G 378 12.71 26.50 -6.36
N VAL G 379 13.98 26.57 -5.98
CA VAL G 379 14.38 26.57 -4.58
C VAL G 379 14.02 27.90 -3.87
N HIS G 380 13.63 28.97 -4.63
CA HIS G 380 13.12 30.24 -4.11
C HIS G 380 11.79 30.02 -3.32
N LEU G 381 11.11 28.90 -3.54
CA LEU G 381 9.90 28.57 -2.78
C LEU G 381 10.22 28.28 -1.30
N CYS G 382 11.45 27.91 -0.98
CA CYS G 382 11.87 27.55 0.39
C CYS G 382 12.56 28.69 1.11
N ARG G 383 12.02 29.08 2.25
CA ARG G 383 12.58 30.17 3.04
C ARG G 383 14.04 29.95 3.40
N GLY G 384 14.84 30.98 3.15
CA GLY G 384 16.24 31.02 3.48
C GLY G 384 17.15 30.28 2.55
N VAL G 385 16.66 29.84 1.37
CA VAL G 385 17.50 29.18 0.40
C VAL G 385 17.91 30.20 -0.66
N PHE G 386 19.23 30.40 -0.82
CA PHE G 386 19.82 31.35 -1.77
C PHE G 386 20.49 30.56 -2.84
N PRO G 387 19.85 30.43 -4.02
CA PRO G 387 20.42 29.58 -5.08
C PRO G 387 21.58 30.19 -5.84
N LEU G 388 22.59 29.35 -6.12
CA LEU G 388 23.73 29.78 -6.91
C LEU G 388 23.82 28.81 -8.05
N LEU G 389 23.77 29.32 -9.27
CA LEU G 389 23.88 28.47 -10.46
C LEU G 389 25.34 28.33 -10.88
N TYR G 390 25.85 27.10 -10.83
CA TYR G 390 27.22 26.76 -11.14
C TYR G 390 27.31 26.39 -12.61
N ARG G 391 28.11 27.14 -13.35
CA ARG G 391 28.25 26.96 -14.80
C ARG G 391 29.64 26.50 -15.24
N GLU G 392 30.57 26.35 -14.32
CA GLU G 392 31.93 25.98 -14.66
C GLU G 392 32.04 24.58 -15.21
N PRO G 393 33.03 24.35 -16.08
CA PRO G 393 33.26 22.98 -16.57
C PRO G 393 33.69 22.02 -15.45
N PRO G 394 33.34 20.74 -15.57
CA PRO G 394 33.59 19.82 -14.46
C PRO G 394 35.04 19.43 -14.31
N GLU G 395 35.47 19.12 -13.10
CA GLU G 395 36.83 18.65 -12.84
C GLU G 395 36.82 17.14 -13.07
N ALA G 396 37.99 16.59 -13.41
CA ALA G 396 38.15 15.16 -13.67
C ALA G 396 37.89 14.35 -12.39
N ILE G 397 38.40 14.85 -11.25
CA ILE G 397 38.24 14.19 -9.98
C ILE G 397 37.04 14.75 -9.27
N TRP G 398 36.08 13.87 -8.96
CA TRP G 398 34.84 14.25 -8.31
C TRP G 398 35.03 15.05 -7.02
N ALA G 399 35.93 14.64 -6.12
CA ALA G 399 36.18 15.37 -4.88
C ALA G 399 36.66 16.81 -5.17
N ASP G 400 37.44 17.03 -6.24
CA ASP G 400 37.90 18.36 -6.60
C ASP G 400 36.76 19.20 -7.14
N ASP G 401 35.85 18.58 -7.87
CA ASP G 401 34.69 19.26 -8.42
C ASP G 401 33.72 19.69 -7.30
N VAL G 402 33.59 18.84 -6.26
CA VAL G 402 32.80 19.14 -5.07
C VAL G 402 33.42 20.34 -4.36
N ASP G 403 34.74 20.32 -4.10
CA ASP G 403 35.47 21.43 -3.46
C ASP G 403 35.38 22.73 -4.23
N ARG G 404 35.43 22.67 -5.58
N ARG G 404 35.43 22.68 -5.57
CA ARG G 404 35.31 23.87 -6.43
CA ARG G 404 35.32 23.89 -6.38
C ARG G 404 33.93 24.49 -6.21
C ARG G 404 33.92 24.50 -6.22
N ARG G 405 32.87 23.65 -6.09
CA ARG G 405 31.49 24.13 -5.90
C ARG G 405 31.30 24.73 -4.53
N VAL G 406 31.87 24.12 -3.48
CA VAL G 406 31.86 24.69 -2.13
C VAL G 406 32.58 26.05 -2.13
N GLN G 407 33.74 26.16 -2.79
CA GLN G 407 34.47 27.44 -2.89
C GLN G 407 33.73 28.48 -3.69
N PHE G 408 32.99 28.07 -4.69
CA PHE G 408 32.11 28.96 -5.45
C PHE G 408 31.02 29.54 -4.52
N GLY G 409 30.52 28.74 -3.58
CA GLY G 409 29.53 29.23 -2.63
C GLY G 409 30.09 30.22 -1.63
N ILE G 410 31.34 29.97 -1.19
CA ILE G 410 32.05 30.85 -0.26
C ILE G 410 32.40 32.15 -0.95
N GLU G 411 32.93 32.09 -2.17
CA GLU G 411 33.31 33.28 -2.95
C GLU G 411 32.09 34.13 -3.25
N SER G 412 30.96 33.52 -3.71
CA SER G 412 29.71 34.25 -3.96
C SER G 412 29.21 34.84 -2.63
N GLY G 413 29.26 34.06 -1.55
CA GLY G 413 28.84 34.53 -0.24
C GLY G 413 29.63 35.73 0.24
N LYS G 414 30.96 35.77 0.00
CA LYS G 414 31.86 36.87 0.38
C LYS G 414 31.53 38.10 -0.47
N LEU G 415 31.31 37.91 -1.76
CA LEU G 415 30.99 39.00 -2.66
C LEU G 415 29.67 39.64 -2.27
N ARG G 416 28.67 38.81 -1.96
CA ARG G 416 27.33 39.29 -1.64
C ARG G 416 27.12 39.77 -0.21
N GLY G 417 28.13 39.65 0.65
CA GLY G 417 28.04 40.10 2.03
C GLY G 417 27.52 39.09 3.03
N PHE G 418 27.23 37.85 2.61
CA PHE G 418 26.81 36.79 3.52
C PHE G 418 27.97 36.37 4.43
N LEU G 419 29.22 36.34 3.91
CA LEU G 419 30.38 35.82 4.63
C LEU G 419 31.57 36.77 4.69
N ARG G 420 32.41 36.57 5.72
CA ARG G 420 33.64 37.29 5.95
C ARG G 420 34.69 36.27 6.42
N VAL G 421 35.97 36.58 6.26
CA VAL G 421 37.07 35.73 6.75
C VAL G 421 36.95 35.63 8.28
N GLY G 422 37.07 34.43 8.81
CA GLY G 422 36.88 34.22 10.23
C GLY G 422 35.51 33.68 10.61
N ASP G 423 34.53 33.78 9.70
CA ASP G 423 33.20 33.21 9.93
C ASP G 423 33.26 31.68 9.95
N LEU G 424 32.27 31.07 10.57
CA LEU G 424 32.12 29.64 10.52
C LEU G 424 30.94 29.33 9.58
N VAL G 425 31.11 28.32 8.74
CA VAL G 425 30.06 27.88 7.84
C VAL G 425 29.90 26.39 8.03
N ILE G 426 28.69 25.90 7.75
CA ILE G 426 28.42 24.47 7.78
C ILE G 426 28.32 24.07 6.32
N VAL G 427 28.99 23.01 5.89
CA VAL G 427 28.96 22.57 4.51
C VAL G 427 28.32 21.20 4.44
N VAL G 428 27.24 21.08 3.63
CA VAL G 428 26.51 19.84 3.47
C VAL G 428 26.71 19.25 2.07
N THR G 429 27.25 18.02 2.01
CA THR G 429 27.54 17.31 0.77
C THR G 429 27.12 15.81 0.94
N GLY G 430 27.36 15.01 -0.07
CA GLY G 430 27.10 13.59 -0.05
C GLY G 430 28.37 12.82 -0.35
N TRP G 431 28.26 11.50 -0.28
CA TRP G 431 29.44 10.65 -0.41
C TRP G 431 29.73 10.15 -1.82
N ARG G 432 28.78 10.32 -2.74
CA ARG G 432 28.98 9.90 -4.11
C ARG G 432 28.19 10.84 -5.02
N PRO G 433 28.55 10.90 -6.32
CA PRO G 433 27.80 11.76 -7.23
C PRO G 433 26.36 11.31 -7.36
N GLY G 434 25.53 12.24 -7.80
CA GLY G 434 24.11 12.04 -8.01
C GLY G 434 23.26 12.46 -6.85
N SER G 435 22.06 12.88 -7.14
CA SER G 435 21.04 13.23 -6.18
C SER G 435 20.70 12.04 -5.25
N GLY G 436 20.22 12.34 -4.04
CA GLY G 436 19.77 11.34 -3.08
C GLY G 436 20.78 10.75 -2.11
N TYR G 437 22.03 11.20 -2.14
CA TYR G 437 23.06 10.64 -1.26
C TYR G 437 23.72 11.62 -0.29
N THR G 438 23.06 12.75 0.05
CA THR G 438 23.60 13.70 1.02
C THR G 438 23.74 13.01 2.35
N ASN G 439 24.92 13.06 2.98
CA ASN G 439 25.13 12.41 4.28
C ASN G 439 26.30 13.01 5.08
N ILE G 440 26.89 14.13 4.62
CA ILE G 440 28.05 14.72 5.28
C ILE G 440 27.80 16.17 5.71
N MET G 441 28.24 16.52 6.90
CA MET G 441 28.16 17.87 7.43
C MET G 441 29.58 18.20 7.92
N ARG G 442 30.15 19.32 7.46
CA ARG G 442 31.50 19.77 7.85
C ARG G 442 31.41 21.16 8.44
N VAL G 443 32.22 21.45 9.48
CA VAL G 443 32.33 22.78 10.08
C VAL G 443 33.58 23.41 9.46
N LEU G 444 33.44 24.50 8.70
CA LEU G 444 34.58 25.14 8.04
CA LEU G 444 34.57 25.13 8.03
C LEU G 444 34.78 26.57 8.50
N SER G 445 36.03 26.98 8.69
CA SER G 445 36.32 28.36 9.06
CA SER G 445 36.33 28.35 9.07
C SER G 445 36.68 29.10 7.77
N ILE G 446 36.00 30.20 7.45
CA ILE G 446 36.27 30.94 6.22
C ILE G 446 37.68 31.60 6.20
N SER G 447 38.48 31.26 5.21
CA SER G 447 39.79 31.83 5.00
C SER G 447 39.87 32.66 3.70
N GLY H 23 10.78 -1.96 13.70
CA GLY H 23 9.92 -2.96 14.31
C GLY H 23 9.18 -2.45 15.53
N THR H 24 8.01 -3.04 15.84
CA THR H 24 7.21 -2.63 17.00
C THR H 24 7.90 -3.03 18.33
N ALA H 25 8.60 -4.17 18.32
CA ALA H 25 9.30 -4.63 19.52
C ALA H 25 10.46 -3.71 19.89
N PHE H 26 11.10 -3.06 18.90
CA PHE H 26 12.20 -2.12 19.11
C PHE H 26 11.72 -0.96 19.96
N PHE H 27 10.52 -0.43 19.68
CA PHE H 27 9.99 0.71 20.40
C PHE H 27 9.40 0.40 21.79
N GLN H 28 9.36 -0.87 22.17
CA GLN H 28 8.96 -1.26 23.53
C GLN H 28 10.20 -1.63 24.41
N GLN H 29 11.41 -1.62 23.82
CA GLN H 29 12.70 -1.87 24.45
C GLN H 29 13.33 -0.53 24.86
N GLN H 30 14.33 -0.58 25.78
CA GLN H 30 15.16 0.51 26.31
C GLN H 30 14.38 1.78 26.76
N GLN H 31 13.21 1.55 27.42
CA GLN H 31 12.30 2.57 27.94
C GLN H 31 11.92 3.62 26.91
N LEU H 32 11.80 3.20 25.62
CA LEU H 32 11.43 4.13 24.55
C LEU H 32 10.05 4.76 24.75
N PRO H 33 9.00 4.05 25.25
CA PRO H 33 7.74 4.76 25.54
C PRO H 33 7.93 5.89 26.57
N ALA H 34 8.73 5.65 27.63
CA ALA H 34 9.00 6.67 28.65
C ALA H 34 9.87 7.82 28.09
N ALA H 35 10.74 7.51 27.11
CA ALA H 35 11.63 8.52 26.50
C ALA H 35 10.86 9.52 25.64
N MET H 36 9.77 9.09 25.00
CA MET H 36 8.96 9.96 24.14
C MET H 36 7.99 10.87 24.92
N ALA H 37 7.86 10.68 26.25
CA ALA H 37 6.93 11.44 27.08
C ALA H 37 7.13 12.96 27.03
N ASP H 38 6.04 13.72 27.08
CA ASP H 38 6.09 15.17 26.99
C ASP H 38 6.39 15.85 28.33
N THR H 39 6.21 15.14 29.45
CA THR H 39 6.56 15.69 30.76
C THR H 39 7.40 14.67 31.56
N PHE H 40 8.15 15.14 32.56
CA PHE H 40 8.92 14.27 33.43
C PHE H 40 8.00 13.34 34.24
N LEU H 41 6.84 13.87 34.67
CA LEU H 41 5.88 13.09 35.41
C LEU H 41 5.33 11.94 34.55
N GLU H 42 4.97 12.21 33.27
CA GLU H 42 4.49 11.18 32.34
C GLU H 42 5.61 10.16 32.06
N HIS H 43 6.87 10.65 31.98
CA HIS H 43 8.07 9.84 31.77
C HIS H 43 8.18 8.80 32.89
N LEU H 44 8.05 9.24 34.15
CA LEU H 44 8.10 8.32 35.29
C LEU H 44 6.97 7.30 35.21
N CYS H 45 5.75 7.76 34.87
CA CYS H 45 4.56 6.92 34.77
C CYS H 45 4.69 5.83 33.73
N LEU H 46 5.49 6.07 32.66
CA LEU H 46 5.69 5.14 31.56
C LEU H 46 6.89 4.19 31.74
N LEU H 47 7.63 4.29 32.86
CA LEU H 47 8.76 3.38 33.12
C LEU H 47 8.22 1.97 33.25
N ASP H 48 8.86 1.03 32.55
CA ASP H 48 8.38 -0.34 32.45
C ASP H 48 9.43 -1.38 32.86
N ILE H 49 9.13 -2.20 33.87
CA ILE H 49 10.06 -3.27 34.29
C ILE H 49 10.26 -4.35 33.21
N ASP H 50 9.35 -4.44 32.24
CA ASP H 50 9.45 -5.40 31.14
C ASP H 50 10.19 -4.85 29.96
N SER H 51 10.51 -3.53 29.93
CA SER H 51 11.24 -2.91 28.84
C SER H 51 12.72 -3.15 29.10
N GLU H 52 13.32 -4.07 28.34
CA GLU H 52 14.70 -4.46 28.54
C GLU H 52 15.74 -3.51 27.94
N PRO H 53 16.84 -3.29 28.69
CA PRO H 53 17.88 -2.40 28.16
C PRO H 53 18.59 -3.05 26.97
N VAL H 54 18.82 -2.27 25.92
CA VAL H 54 19.46 -2.77 24.70
C VAL H 54 20.87 -2.24 24.57
N ALA H 55 21.04 -0.94 24.84
CA ALA H 55 22.34 -0.27 24.72
C ALA H 55 23.41 -0.86 25.65
N ALA H 56 24.68 -0.69 25.28
CA ALA H 56 25.80 -1.10 26.12
C ALA H 56 25.85 -0.15 27.35
N ARG H 57 26.32 -0.66 28.49
CA ARG H 57 26.39 0.09 29.73
C ARG H 57 27.42 1.21 29.60
N SER H 58 26.98 2.41 29.79
CA SER H 58 27.75 3.61 29.56
C SER H 58 28.42 4.24 30.80
N THR H 59 27.94 3.97 32.03
CA THR H 59 28.54 4.52 33.23
C THR H 59 29.67 3.62 33.62
N SER H 60 30.86 4.17 33.76
CA SER H 60 32.02 3.36 34.08
C SER H 60 32.06 2.88 35.49
N ILE H 61 32.64 1.70 35.70
CA ILE H 61 32.80 1.15 37.03
C ILE H 61 34.28 1.23 37.45
N ILE H 62 34.51 1.86 38.60
CA ILE H 62 35.84 1.93 39.19
C ILE H 62 35.89 0.88 40.31
N ALA H 63 36.85 -0.06 40.25
CA ALA H 63 36.94 -1.08 41.28
C ALA H 63 38.23 -0.90 42.04
N THR H 64 38.14 -0.81 43.38
CA THR H 64 39.34 -0.65 44.19
C THR H 64 40.03 -1.98 44.31
N ILE H 65 41.33 -2.01 43.99
CA ILE H 65 42.11 -3.22 43.98
C ILE H 65 42.76 -3.45 45.34
N GLY H 66 42.47 -4.61 45.91
CA GLY H 66 42.99 -4.99 47.21
C GLY H 66 43.22 -6.49 47.31
N PRO H 67 43.36 -7.01 48.54
CA PRO H 67 43.58 -8.47 48.72
C PRO H 67 42.56 -9.38 48.05
N ALA H 68 41.28 -8.94 47.93
CA ALA H 68 40.25 -9.77 47.30
C ALA H 68 40.22 -9.69 45.77
N SER H 69 41.01 -8.80 45.18
CA SER H 69 40.95 -8.60 43.76
C SER H 69 42.32 -8.46 43.11
N ARG H 70 43.40 -8.91 43.75
CA ARG H 70 44.74 -8.79 43.15
C ARG H 70 45.16 -9.97 42.28
N SER H 71 44.51 -11.10 42.43
CA SER H 71 44.83 -12.28 41.66
C SER H 71 44.65 -11.99 40.14
N VAL H 72 45.66 -12.27 39.29
CA VAL H 72 45.59 -12.06 37.83
C VAL H 72 44.34 -12.74 37.25
N GLU H 73 44.04 -13.92 37.74
CA GLU H 73 42.88 -14.68 37.28
CA GLU H 73 42.91 -14.71 37.30
C GLU H 73 41.56 -14.07 37.72
N ARG H 74 41.51 -13.45 38.92
CA ARG H 74 40.28 -12.79 39.36
C ARG H 74 40.11 -11.44 38.64
N LEU H 75 41.24 -10.76 38.35
CA LEU H 75 41.20 -9.51 37.61
C LEU H 75 40.65 -9.74 36.19
N LYS H 76 40.92 -10.90 35.59
CA LYS H 76 40.36 -11.26 34.28
C LYS H 76 38.86 -11.40 34.39
N GLU H 77 38.37 -12.01 35.48
CA GLU H 77 36.94 -12.14 35.70
C GLU H 77 36.26 -10.76 35.92
N MET H 78 36.99 -9.85 36.58
CA MET H 78 36.49 -8.51 36.87
CA MET H 78 36.48 -8.51 36.86
C MET H 78 36.45 -7.64 35.61
N ILE H 79 37.41 -7.85 34.68
CA ILE H 79 37.42 -7.12 33.41
C ILE H 79 36.20 -7.59 32.60
N LYS H 80 35.95 -8.89 32.57
CA LYS H 80 34.78 -9.48 31.89
C LYS H 80 33.46 -9.05 32.52
N ALA H 81 33.44 -8.81 33.83
CA ALA H 81 32.22 -8.39 34.54
C ALA H 81 31.88 -6.91 34.27
N GLY H 82 32.87 -6.12 33.83
CA GLY H 82 32.62 -4.71 33.55
C GLY H 82 33.57 -3.67 34.17
N MET H 83 34.61 -4.08 34.95
CA MET H 83 35.54 -3.11 35.55
C MET H 83 36.25 -2.31 34.45
N ASN H 84 36.20 -0.97 34.53
CA ASN H 84 36.84 -0.12 33.52
C ASN H 84 38.05 0.60 34.06
N ILE H 85 38.05 0.93 35.36
CA ILE H 85 39.14 1.63 36.03
C ILE H 85 39.52 0.91 37.32
N ALA H 86 40.82 0.61 37.48
CA ALA H 86 41.35 -0.04 38.68
C ALA H 86 41.85 1.08 39.62
N ARG H 87 41.30 1.15 40.83
CA ARG H 87 41.72 2.17 41.79
C ARG H 87 42.70 1.61 42.81
N LEU H 88 43.84 2.29 43.00
CA LEU H 88 44.85 1.91 44.00
C LEU H 88 44.82 2.93 45.12
N ASN H 89 44.35 2.50 46.29
CA ASN H 89 44.22 3.39 47.42
C ASN H 89 45.54 3.53 48.19
N PHE H 90 46.23 4.68 48.01
CA PHE H 90 47.52 4.87 48.68
C PHE H 90 47.40 5.19 50.18
N SER H 91 46.17 5.10 50.74
CA SER H 91 45.94 5.18 52.19
C SER H 91 46.30 3.84 52.87
N HIS H 92 46.40 2.75 52.10
CA HIS H 92 46.75 1.41 52.55
C HIS H 92 47.93 0.89 51.69
N GLY H 93 48.59 -0.12 52.17
CA GLY H 93 49.69 -0.75 51.45
C GLY H 93 50.92 0.10 51.30
N SER H 94 51.83 -0.39 50.50
CA SER H 94 53.11 0.26 50.27
C SER H 94 53.38 0.45 48.76
N HIS H 95 54.50 1.09 48.40
CA HIS H 95 54.86 1.25 46.99
C HIS H 95 55.07 -0.11 46.32
N GLU H 96 55.68 -1.06 47.04
CA GLU H 96 55.91 -2.40 46.54
C GLU H 96 54.58 -3.13 46.35
N TYR H 97 53.64 -2.95 47.28
CA TYR H 97 52.33 -3.59 47.20
C TYR H 97 51.54 -3.04 45.99
N HIS H 98 51.48 -1.71 45.85
CA HIS H 98 50.75 -1.11 44.73
C HIS H 98 51.42 -1.39 43.38
N ALA H 99 52.77 -1.53 43.33
CA ALA H 99 53.45 -1.87 42.07
C ALA H 99 53.08 -3.29 41.62
N GLU H 100 52.89 -4.20 42.59
CA GLU H 100 52.45 -5.58 42.30
C GLU H 100 51.02 -5.55 41.79
N SER H 101 50.16 -4.73 42.40
CA SER H 101 48.75 -4.57 41.97
C SER H 101 48.70 -4.09 40.52
N ILE H 102 49.47 -3.04 40.20
CA ILE H 102 49.56 -2.48 38.85
C ILE H 102 50.01 -3.52 37.84
N ALA H 103 51.06 -4.29 38.16
CA ALA H 103 51.57 -5.35 37.29
C ALA H 103 50.55 -6.46 37.05
N ASN H 104 49.78 -6.84 38.09
CA ASN H 104 48.74 -7.86 37.97
C ASN H 104 47.58 -7.36 37.12
N VAL H 105 47.20 -6.07 37.28
CA VAL H 105 46.14 -5.49 36.45
C VAL H 105 46.58 -5.49 34.98
N ARG H 106 47.76 -4.95 34.70
CA ARG H 106 48.31 -4.93 33.35
C ARG H 106 48.44 -6.32 32.72
N GLU H 107 48.84 -7.33 33.49
CA GLU H 107 48.94 -8.69 33.00
C GLU H 107 47.56 -9.24 32.62
N ALA H 108 46.54 -9.02 33.47
CA ALA H 108 45.19 -9.46 33.15
C ALA H 108 44.61 -8.69 31.95
N VAL H 109 44.87 -7.39 31.85
CA VAL H 109 44.38 -6.58 30.74
C VAL H 109 45.02 -7.03 29.42
N GLU H 110 46.35 -7.18 29.41
CA GLU H 110 47.04 -7.61 28.20
C GLU H 110 46.77 -9.05 27.81
N SER H 111 46.17 -9.85 28.72
CA SER H 111 45.85 -11.23 28.37
C SER H 111 44.84 -11.33 27.24
N PHE H 112 44.11 -10.27 26.96
CA PHE H 112 43.13 -10.14 25.91
C PHE H 112 43.63 -9.39 24.66
N ALA H 113 44.84 -8.83 24.70
CA ALA H 113 45.43 -8.08 23.60
C ALA H 113 45.55 -8.85 22.27
N GLY H 114 45.67 -10.18 22.34
CA GLY H 114 45.79 -10.97 21.11
C GLY H 114 44.55 -10.99 20.27
N SER H 115 43.39 -10.51 20.79
CA SER H 115 42.15 -10.36 20.01
C SER H 115 41.78 -8.87 20.00
N PRO H 116 42.38 -8.09 19.08
CA PRO H 116 42.19 -6.64 19.09
C PRO H 116 40.78 -6.11 18.95
N LEU H 117 39.88 -6.91 18.36
CA LEU H 117 38.49 -6.49 18.20
C LEU H 117 37.68 -6.55 19.48
N SER H 118 38.16 -7.30 20.49
CA SER H 118 37.41 -7.44 21.75
C SER H 118 38.25 -6.95 22.98
N TYR H 119 39.51 -6.52 22.77
CA TYR H 119 40.37 -6.03 23.81
C TYR H 119 39.76 -4.82 24.51
N ARG H 120 39.69 -4.87 25.85
CA ARG H 120 39.14 -3.81 26.64
C ARG H 120 40.26 -3.11 27.40
N PRO H 121 40.52 -1.83 27.08
CA PRO H 121 41.46 -1.06 27.91
C PRO H 121 40.92 -0.87 29.33
N VAL H 122 41.81 -0.83 30.32
CA VAL H 122 41.43 -0.60 31.73
C VAL H 122 42.36 0.49 32.29
N ALA H 123 41.80 1.59 32.79
CA ALA H 123 42.61 2.66 33.36
C ALA H 123 43.14 2.31 34.76
N ILE H 124 44.24 2.95 35.17
CA ILE H 124 44.82 2.74 36.49
C ILE H 124 44.82 4.08 37.18
N ALA H 125 44.13 4.17 38.31
CA ALA H 125 44.02 5.41 39.05
C ALA H 125 44.64 5.31 40.42
N LEU H 126 45.40 6.35 40.82
CA LEU H 126 46.09 6.40 42.10
C LEU H 126 45.28 7.31 42.99
N ASP H 127 44.77 6.81 44.11
CA ASP H 127 44.00 7.61 45.04
C ASP H 127 44.98 8.00 46.17
N THR H 128 45.26 9.29 46.35
CA THR H 128 46.24 9.74 47.34
C THR H 128 45.75 9.61 48.79
N LYS H 129 46.70 9.52 49.74
CA LYS H 129 46.41 9.45 51.17
C LYS H 129 45.77 10.76 51.65
N GLY H 130 46.29 11.88 51.17
CA GLY H 130 45.77 13.20 51.52
C GLY H 130 46.66 14.01 52.43
N PRO H 131 46.28 15.28 52.68
CA PRO H 131 47.12 16.15 53.51
C PRO H 131 47.00 15.95 55.02
N GLY H 132 45.90 15.38 55.46
CA GLY H 132 45.69 15.14 56.90
C GLY H 132 45.67 16.43 57.71
N SER H 133 46.20 16.39 58.92
CA SER H 133 46.21 17.57 59.82
C SER H 133 46.97 18.73 59.17
N GLY H 134 47.68 18.45 58.07
CA GLY H 134 48.50 19.50 57.47
C GLY H 134 47.73 20.36 56.50
N PRO H 135 48.34 21.45 55.97
CA PRO H 135 47.69 22.29 54.99
C PRO H 135 48.02 21.89 53.54
N GLY H 136 49.29 22.05 53.13
CA GLY H 136 49.68 21.79 51.72
C GLY H 136 49.75 20.32 51.34
N LEU H 137 50.37 20.02 50.20
CA LEU H 137 50.56 18.62 49.78
C LEU H 137 51.56 17.97 50.71
N SER H 138 51.15 16.92 51.40
CA SER H 138 52.04 16.17 52.28
C SER H 138 53.26 15.58 51.57
N GLU H 139 54.31 15.27 52.35
CA GLU H 139 55.51 14.65 51.80
C GLU H 139 55.23 13.24 51.32
N GLN H 140 54.27 12.52 51.94
CA GLN H 140 53.93 11.16 51.48
C GLN H 140 53.24 11.28 50.11
N ASP H 141 52.35 12.25 49.93
CA ASP H 141 51.68 12.48 48.65
C ASP H 141 52.69 12.84 47.56
N VAL H 142 53.73 13.64 47.88
CA VAL H 142 54.76 13.95 46.89
C VAL H 142 55.48 12.68 46.42
N ARG H 143 55.77 11.77 47.34
CA ARG H 143 56.42 10.52 47.00
C ARG H 143 55.50 9.59 46.21
N ASP H 144 54.23 9.50 46.62
CA ASP H 144 53.23 8.66 45.96
C ASP H 144 52.89 9.15 44.56
N LEU H 145 52.82 10.45 44.36
CA LEU H 145 52.56 11.05 43.06
C LEU H 145 53.74 10.79 42.12
N ARG H 146 55.00 10.88 42.61
CA ARG H 146 56.13 10.58 41.75
CA ARG H 146 56.17 10.57 41.81
C ARG H 146 56.13 9.09 41.39
N PHE H 147 55.69 8.21 42.30
CA PHE H 147 55.57 6.78 42.04
C PHE H 147 54.55 6.56 40.89
N GLY H 148 53.45 7.30 40.91
CA GLY H 148 52.42 7.21 39.89
C GLY H 148 52.94 7.55 38.52
N VAL H 149 53.71 8.64 38.41
CA VAL H 149 54.32 9.02 37.16
C VAL H 149 55.29 7.94 36.67
N GLU H 150 56.15 7.44 37.56
CA GLU H 150 57.10 6.41 37.23
C GLU H 150 56.48 5.12 36.82
N HIS H 151 55.29 4.82 37.34
CA HIS H 151 54.57 3.58 36.97
C HIS H 151 53.49 3.78 35.91
N GLY H 152 53.42 4.96 35.31
CA GLY H 152 52.49 5.28 34.23
C GLY H 152 51.02 5.23 34.56
N VAL H 153 50.62 5.74 35.74
CA VAL H 153 49.19 5.75 36.08
C VAL H 153 48.47 6.75 35.15
N ASP H 154 47.18 6.50 34.91
CA ASP H 154 46.40 7.33 34.01
C ASP H 154 45.72 8.49 34.73
N ILE H 155 45.30 8.23 35.98
CA ILE H 155 44.48 9.17 36.73
C ILE H 155 44.97 9.29 38.17
N VAL H 156 44.73 10.45 38.76
CA VAL H 156 44.98 10.67 40.18
C VAL H 156 43.66 11.10 40.78
N PHE H 157 43.21 10.43 41.84
CA PHE H 157 42.05 10.85 42.61
C PHE H 157 42.70 11.59 43.76
N ALA H 158 42.79 12.94 43.68
CA ALA H 158 43.44 13.74 44.72
C ALA H 158 42.54 13.91 45.95
N SER H 159 42.90 13.29 47.09
CA SER H 159 42.17 13.41 48.34
C SER H 159 42.17 14.81 48.95
N PHE H 160 41.05 15.13 49.62
CA PHE H 160 40.76 16.36 50.36
C PHE H 160 41.17 17.66 49.63
N VAL H 161 40.67 17.84 48.40
CA VAL H 161 40.97 19.06 47.65
C VAL H 161 40.07 20.14 48.21
N ARG H 162 40.64 21.27 48.66
CA ARG H 162 39.86 22.37 49.28
C ARG H 162 39.89 23.66 48.49
N LYS H 163 40.81 23.81 47.54
CA LYS H 163 40.96 25.05 46.78
C LYS H 163 41.77 24.80 45.52
N ALA H 164 41.75 25.75 44.58
CA ALA H 164 42.47 25.65 43.33
C ALA H 164 43.98 25.43 43.47
N SER H 165 44.60 25.97 44.53
CA SER H 165 46.04 25.82 44.75
C SER H 165 46.43 24.40 45.14
N ASP H 166 45.50 23.61 45.74
CA ASP H 166 45.76 22.21 46.06
C ASP H 166 45.95 21.42 44.77
N VAL H 167 45.15 21.72 43.72
CA VAL H 167 45.23 21.07 42.43
C VAL H 167 46.56 21.44 41.74
N ALA H 168 46.97 22.70 41.84
CA ALA H 168 48.24 23.14 41.25
C ALA H 168 49.42 22.43 41.88
N ALA H 169 49.36 22.20 43.20
CA ALA H 169 50.41 21.48 43.93
C ALA H 169 50.49 20.02 43.44
N VAL H 170 49.33 19.36 43.21
CA VAL H 170 49.31 17.98 42.69
C VAL H 170 49.89 17.95 41.29
N ARG H 171 49.53 18.91 40.45
N ARG H 171 49.52 18.91 40.44
CA ARG H 171 50.02 19.02 39.07
CA ARG H 171 50.04 18.99 39.07
C ARG H 171 51.55 19.19 39.07
C ARG H 171 51.57 19.17 39.07
N ALA H 172 52.06 20.08 39.93
CA ALA H 172 53.50 20.33 40.08
C ALA H 172 54.23 19.07 40.56
N ALA H 173 53.65 18.31 41.51
CA ALA H 173 54.27 17.08 42.01
C ALA H 173 54.35 15.98 40.98
N LEU H 174 53.48 16.01 39.95
CA LEU H 174 53.53 15.03 38.87
C LEU H 174 54.68 15.32 37.87
N GLY H 175 55.28 16.50 37.96
CA GLY H 175 56.44 16.89 37.16
C GLY H 175 56.18 17.07 35.69
N PRO H 176 57.25 17.20 34.91
CA PRO H 176 57.10 17.36 33.45
C PRO H 176 56.63 16.10 32.74
N GLU H 177 56.93 14.93 33.30
CA GLU H 177 56.52 13.66 32.68
C GLU H 177 55.05 13.28 32.93
N GLY H 178 54.41 13.89 33.94
CA GLY H 178 53.02 13.59 34.27
C GLY H 178 52.00 14.62 33.79
N HIS H 179 52.31 15.36 32.72
CA HIS H 179 51.40 16.36 32.16
CA HIS H 179 51.40 16.37 32.17
C HIS H 179 50.11 15.76 31.58
N GLY H 180 50.18 14.50 31.12
CA GLY H 180 49.03 13.80 30.56
C GLY H 180 48.12 13.07 31.54
N ILE H 181 48.52 12.96 32.82
CA ILE H 181 47.73 12.31 33.84
C ILE H 181 46.52 13.17 34.17
N LYS H 182 45.33 12.53 34.30
CA LYS H 182 44.12 13.26 34.62
C LYS H 182 44.00 13.48 36.11
N ILE H 183 43.69 14.69 36.54
CA ILE H 183 43.51 14.97 37.96
C ILE H 183 42.03 15.09 38.33
N ILE H 184 41.51 14.13 39.09
CA ILE H 184 40.11 14.13 39.52
C ILE H 184 40.14 14.56 40.98
N SER H 185 39.64 15.76 41.28
CA SER H 185 39.67 16.27 42.65
C SER H 185 38.59 15.65 43.52
N LYS H 186 38.97 15.08 44.68
CA LYS H 186 37.97 14.54 45.58
C LYS H 186 37.43 15.63 46.49
N ILE H 187 36.10 15.82 46.50
CA ILE H 187 35.48 16.78 47.38
C ILE H 187 35.01 16.01 48.58
N GLU H 188 35.65 16.23 49.74
CA GLU H 188 35.37 15.47 50.96
C GLU H 188 35.01 16.32 52.18
N ASN H 189 34.92 17.64 52.03
CA ASN H 189 34.62 18.49 53.19
C ASN H 189 33.86 19.78 52.79
N HIS H 190 33.47 20.59 53.80
CA HIS H 190 32.71 21.80 53.57
C HIS H 190 33.43 22.79 52.67
N GLU H 191 34.72 22.99 52.89
CA GLU H 191 35.49 23.95 52.11
C GLU H 191 35.53 23.59 50.64
N GLY H 192 35.72 22.29 50.34
CA GLY H 192 35.73 21.80 48.97
C GLY H 192 34.41 22.04 48.27
N VAL H 193 33.28 21.88 48.99
CA VAL H 193 31.95 22.12 48.45
C VAL H 193 31.77 23.61 48.17
N LYS H 194 32.16 24.45 49.13
CA LYS H 194 32.04 25.90 48.97
C LYS H 194 32.97 26.50 47.92
N ARG H 195 34.15 25.93 47.76
CA ARG H 195 35.10 26.36 46.73
C ARG H 195 35.05 25.51 45.46
N PHE H 196 33.96 24.74 45.26
CA PHE H 196 33.75 23.83 44.15
C PHE H 196 34.06 24.44 42.79
N ASP H 197 33.51 25.61 42.48
CA ASP H 197 33.71 26.19 41.15
C ASP H 197 35.16 26.43 40.79
N GLU H 198 35.94 26.97 41.73
CA GLU H 198 37.35 27.24 41.47
C GLU H 198 38.16 25.93 41.36
N ILE H 199 37.74 24.87 42.09
CA ILE H 199 38.42 23.59 42.01
C ILE H 199 38.11 22.92 40.66
N LEU H 200 36.82 22.91 40.23
CA LEU H 200 36.42 22.29 38.98
C LEU H 200 37.10 22.94 37.77
N GLU H 201 37.25 24.27 37.81
CA GLU H 201 37.87 25.01 36.75
C GLU H 201 39.28 24.55 36.42
N VAL H 202 40.06 24.18 37.45
CA VAL H 202 41.43 23.72 37.24
C VAL H 202 41.60 22.19 37.28
N SER H 203 40.54 21.42 37.61
CA SER H 203 40.63 19.96 37.65
C SER H 203 40.12 19.37 36.32
N ASP H 204 40.47 18.11 36.05
CA ASP H 204 39.91 17.38 34.91
C ASP H 204 38.51 16.82 35.20
N GLY H 205 38.18 16.64 36.46
CA GLY H 205 36.91 16.10 36.91
C GLY H 205 36.83 16.10 38.43
N ILE H 206 35.75 15.55 38.96
CA ILE H 206 35.48 15.54 40.40
C ILE H 206 35.05 14.17 40.89
N MET H 207 35.40 13.84 42.12
CA MET H 207 34.88 12.66 42.78
C MET H 207 34.09 13.14 44.01
N VAL H 208 32.83 12.70 44.16
CA VAL H 208 32.01 12.99 45.33
C VAL H 208 32.40 11.89 46.31
N ALA H 209 33.33 12.21 47.20
CA ALA H 209 33.89 11.27 48.17
C ALA H 209 33.00 11.27 49.40
N ARG H 210 31.89 10.53 49.34
CA ARG H 210 30.82 10.53 50.32
C ARG H 210 31.18 10.05 51.72
N GLY H 211 32.15 9.16 51.86
CA GLY H 211 32.57 8.70 53.18
C GLY H 211 33.02 9.83 54.10
N ASP H 212 34.09 10.56 53.73
CA ASP H 212 34.56 11.69 54.51
C ASP H 212 33.58 12.84 54.46
N LEU H 213 32.94 13.10 53.31
CA LEU H 213 31.95 14.17 53.19
C LEU H 213 30.80 13.99 54.21
N GLY H 214 30.37 12.74 54.42
CA GLY H 214 29.34 12.38 55.37
C GLY H 214 29.69 12.53 56.83
N ILE H 215 31.00 12.72 57.13
CA ILE H 215 31.51 12.98 58.46
C ILE H 215 31.84 14.45 58.64
N GLU H 216 32.32 15.10 57.59
CA GLU H 216 32.69 16.51 57.57
C GLU H 216 31.47 17.43 57.55
N ILE H 217 30.39 17.01 56.88
CA ILE H 217 29.14 17.77 56.86
C ILE H 217 28.02 16.84 57.40
N PRO H 218 26.84 17.35 57.80
CA PRO H 218 25.77 16.44 58.27
C PRO H 218 25.44 15.40 57.20
N ALA H 219 25.26 14.14 57.62
CA ALA H 219 24.99 13.04 56.70
C ALA H 219 23.75 13.30 55.83
N GLU H 220 22.75 13.96 56.37
CA GLU H 220 21.52 14.26 55.65
C GLU H 220 21.68 15.34 54.57
N LYS H 221 22.85 15.96 54.45
CA LYS H 221 23.09 16.98 53.43
C LYS H 221 23.94 16.44 52.26
N VAL H 222 24.58 15.26 52.40
CA VAL H 222 25.44 14.70 51.36
C VAL H 222 24.73 14.62 49.99
N PHE H 223 23.46 14.21 49.96
CA PHE H 223 22.73 14.10 48.69
C PHE H 223 22.63 15.45 47.96
N LEU H 224 22.55 16.58 48.72
CA LEU H 224 22.46 17.90 48.09
C LEU H 224 23.80 18.22 47.42
N ALA H 225 24.93 17.90 48.09
CA ALA H 225 26.27 18.12 47.57
C ALA H 225 26.53 17.22 46.37
N GLN H 226 26.08 15.94 46.44
CA GLN H 226 26.22 15.02 45.33
C GLN H 226 25.47 15.51 44.10
N LYS H 227 24.19 15.86 44.24
CA LYS H 227 23.36 16.30 43.13
C LYS H 227 23.85 17.61 42.55
N MET H 228 24.32 18.53 43.38
CA MET H 228 24.87 19.81 42.93
C MET H 228 26.15 19.60 42.10
N MET H 229 27.12 18.84 42.65
CA MET H 229 28.39 18.61 41.96
C MET H 229 28.20 17.86 40.66
N ILE H 230 27.31 16.87 40.63
CA ILE H 230 27.03 16.14 39.40
C ILE H 230 26.44 17.07 38.34
N GLY H 231 25.44 17.89 38.73
CA GLY H 231 24.83 18.86 37.86
C GLY H 231 25.84 19.84 37.25
N ARG H 232 26.71 20.41 38.12
CA ARG H 232 27.72 21.37 37.68
C ARG H 232 28.78 20.76 36.80
N CYS H 233 29.18 19.50 37.08
CA CYS H 233 30.14 18.80 36.21
C CYS H 233 29.52 18.50 34.87
N ASN H 234 28.25 18.10 34.83
CA ASN H 234 27.55 17.82 33.56
C ASN H 234 27.49 19.10 32.72
N LEU H 235 27.22 20.24 33.37
CA LEU H 235 27.13 21.53 32.74
C LEU H 235 28.52 21.96 32.19
N ALA H 236 29.58 21.67 32.96
CA ALA H 236 30.96 21.98 32.54
C ALA H 236 31.54 20.97 31.53
N GLY H 237 30.86 19.84 31.32
CA GLY H 237 31.34 18.80 30.42
C GLY H 237 32.56 18.07 30.95
N LYS H 238 32.67 17.97 32.28
CA LYS H 238 33.81 17.29 32.91
C LYS H 238 33.37 16.05 33.68
N PRO H 239 34.16 14.96 33.69
CA PRO H 239 33.72 13.76 34.39
C PRO H 239 33.44 13.92 35.88
N VAL H 240 32.41 13.23 36.38
CA VAL H 240 32.10 13.23 37.80
C VAL H 240 31.94 11.77 38.27
N VAL H 241 32.56 11.42 39.40
CA VAL H 241 32.50 10.07 39.98
C VAL H 241 31.67 10.07 41.24
N CYS H 242 30.75 9.13 41.39
CA CYS H 242 30.02 8.97 42.66
C CYS H 242 30.71 7.82 43.41
N ALA H 243 31.12 8.04 44.66
CA ALA H 243 31.85 7.04 45.40
C ALA H 243 31.33 6.76 46.81
N THR H 244 31.68 5.58 47.37
CA THR H 244 31.60 5.09 48.75
C THR H 244 30.24 4.58 49.23
N GLN H 245 30.26 3.32 49.70
CA GLN H 245 29.17 2.57 50.29
C GLN H 245 27.99 2.34 49.38
N MET H 246 28.23 2.37 48.04
CA MET H 246 27.16 2.16 47.06
C MET H 246 26.55 0.78 47.19
N LEU H 247 27.38 -0.25 47.44
CA LEU H 247 26.92 -1.64 47.60
C LEU H 247 27.59 -2.26 48.84
N GLU H 248 27.77 -1.48 49.90
CA GLU H 248 28.46 -1.87 51.13
C GLU H 248 28.16 -3.27 51.68
N SER H 249 26.89 -3.65 51.78
CA SER H 249 26.49 -4.95 52.28
C SER H 249 27.04 -6.13 51.45
N MET H 250 27.43 -5.90 50.15
CA MET H 250 28.05 -6.97 49.33
C MET H 250 29.49 -7.32 49.72
N ILE H 251 30.03 -6.63 50.74
CA ILE H 251 31.33 -7.04 51.28
C ILE H 251 31.17 -8.45 51.94
N THR H 252 30.01 -8.67 52.59
CA THR H 252 29.76 -9.88 53.34
C THR H 252 28.64 -10.72 52.81
N LYS H 253 27.67 -10.13 52.14
CA LYS H 253 26.48 -10.81 51.62
C LYS H 253 26.43 -10.89 50.07
N PRO H 254 25.75 -11.92 49.53
CA PRO H 254 25.76 -12.13 48.07
C PRO H 254 24.90 -11.16 47.23
N ARG H 255 23.87 -10.55 47.83
CA ARG H 255 22.95 -9.60 47.17
C ARG H 255 22.92 -8.30 48.00
N PRO H 256 22.75 -7.14 47.33
CA PRO H 256 22.72 -5.86 48.08
C PRO H 256 21.34 -5.55 48.68
N THR H 257 21.26 -4.50 49.48
CA THR H 257 19.98 -4.07 50.05
C THR H 257 19.20 -3.22 49.03
N ARG H 258 17.93 -2.94 49.31
CA ARG H 258 17.09 -2.14 48.44
C ARG H 258 17.59 -0.70 48.35
N ALA H 259 18.16 -0.16 49.44
CA ALA H 259 18.70 1.18 49.44
C ALA H 259 19.96 1.29 48.55
N GLU H 260 20.78 0.25 48.56
CA GLU H 260 21.99 0.17 47.76
C GLU H 260 21.73 0.14 46.25
N THR H 261 20.80 -0.71 45.77
CA THR H 261 20.50 -0.74 44.34
C THR H 261 19.90 0.58 43.89
N SER H 262 19.07 1.19 44.77
CA SER H 262 18.44 2.46 44.55
C SER H 262 19.51 3.55 44.43
N ASP H 263 20.51 3.53 45.29
CA ASP H 263 21.61 4.51 45.32
C ASP H 263 22.41 4.48 44.01
N VAL H 264 22.71 3.27 43.48
CA VAL H 264 23.45 3.13 42.24
C VAL H 264 22.61 3.69 41.10
N ALA H 265 21.33 3.33 41.05
CA ALA H 265 20.43 3.79 40.01
C ALA H 265 20.27 5.30 40.05
N ASN H 266 20.19 5.87 41.26
CA ASN H 266 20.04 7.31 41.42
C ASN H 266 21.32 8.07 41.12
N ALA H 267 22.50 7.50 41.34
CA ALA H 267 23.76 8.16 40.96
C ALA H 267 23.81 8.28 39.41
N VAL H 268 23.40 7.21 38.69
CA VAL H 268 23.32 7.23 37.23
C VAL H 268 22.26 8.25 36.76
N LEU H 269 21.06 8.23 37.37
CA LEU H 269 20.01 9.18 37.02
C LEU H 269 20.41 10.61 37.34
N ASP H 270 21.24 10.83 38.37
CA ASP H 270 21.74 12.16 38.71
C ASP H 270 22.63 12.72 37.58
N GLY H 271 23.38 11.85 36.91
CA GLY H 271 24.27 12.24 35.82
C GLY H 271 25.72 11.84 36.01
N ALA H 272 26.00 10.93 36.95
CA ALA H 272 27.38 10.53 37.22
C ALA H 272 27.99 9.81 36.03
N ASP H 273 29.24 10.15 35.71
CA ASP H 273 29.94 9.47 34.62
C ASP H 273 30.43 8.13 35.09
N CYS H 274 30.91 8.06 36.37
CA CYS H 274 31.47 6.84 36.92
C CYS H 274 30.83 6.54 38.27
N ILE H 275 30.80 5.27 38.62
CA ILE H 275 30.37 4.80 39.92
C ILE H 275 31.53 3.94 40.47
N MET H 276 31.69 3.90 41.80
CA MET H 276 32.81 3.23 42.40
C MET H 276 32.47 2.13 43.39
N LEU H 277 33.40 1.18 43.56
CA LEU H 277 33.37 0.13 44.54
C LEU H 277 34.68 0.24 45.36
N SER H 278 34.57 0.24 46.68
CA SER H 278 35.73 0.33 47.55
C SER H 278 35.93 -1.01 48.21
N GLY H 279 35.46 -1.21 49.44
CA GLY H 279 35.65 -2.49 50.12
C GLY H 279 34.98 -3.64 49.41
N GLU H 280 33.93 -3.36 48.67
CA GLU H 280 33.17 -4.37 47.89
C GLU H 280 34.08 -5.14 46.94
N THR H 281 35.13 -4.48 46.38
CA THR H 281 36.08 -5.15 45.51
C THR H 281 37.47 -5.30 46.12
N ALA H 282 37.84 -4.43 47.05
CA ALA H 282 39.14 -4.48 47.67
C ALA H 282 39.29 -5.63 48.71
N LYS H 283 38.26 -5.91 49.53
CA LYS H 283 38.42 -6.84 50.61
C LYS H 283 37.29 -7.86 50.83
N GLY H 284 36.14 -7.60 50.26
CA GLY H 284 34.98 -8.46 50.48
C GLY H 284 35.02 -9.84 49.86
N ASN H 285 33.94 -10.59 50.04
CA ASN H 285 33.84 -11.93 49.50
C ASN H 285 33.15 -11.98 48.14
N PHE H 286 32.58 -10.85 47.66
CA PHE H 286 31.89 -10.84 46.38
C PHE H 286 32.43 -9.77 45.39
N PRO H 287 33.74 -9.67 45.11
CA PRO H 287 34.21 -8.59 44.20
C PRO H 287 33.63 -8.61 42.80
N VAL H 288 33.54 -9.81 42.16
CA VAL H 288 33.05 -9.98 40.78
C VAL H 288 31.56 -9.70 40.74
N GLU H 289 30.83 -10.22 41.72
CA GLU H 289 29.40 -10.04 41.82
C GLU H 289 29.03 -8.59 42.06
N ALA H 290 29.87 -7.82 42.79
CA ALA H 290 29.61 -6.41 43.06
C ALA H 290 29.74 -5.64 41.73
N VAL H 291 30.74 -5.99 40.88
CA VAL H 291 30.95 -5.36 39.58
C VAL H 291 29.75 -5.69 38.69
N LYS H 292 29.34 -6.96 38.66
CA LYS H 292 28.17 -7.41 37.88
C LYS H 292 26.90 -6.70 38.31
N MET H 293 26.72 -6.48 39.62
CA MET H 293 25.56 -5.77 40.14
C MET H 293 25.53 -4.30 39.71
N GLN H 294 26.66 -3.60 39.79
CA GLN H 294 26.74 -2.23 39.34
C GLN H 294 26.46 -2.13 37.85
N HIS H 295 26.97 -3.09 37.07
CA HIS H 295 26.76 -3.16 35.63
C HIS H 295 25.27 -3.31 35.33
N ALA H 296 24.59 -4.28 35.99
CA ALA H 296 23.17 -4.54 35.81
C ALA H 296 22.31 -3.33 36.11
N ILE H 297 22.56 -2.65 37.26
CA ILE H 297 21.76 -1.48 37.64
C ILE H 297 22.01 -0.30 36.71
N ALA H 298 23.29 0.02 36.41
CA ALA H 298 23.62 1.12 35.52
C ALA H 298 22.94 1.02 34.17
N ARG H 299 22.90 -0.18 33.55
CA ARG H 299 22.21 -0.37 32.26
C ARG H 299 20.73 -0.03 32.37
N GLU H 300 20.07 -0.48 33.44
CA GLU H 300 18.66 -0.20 33.65
C GLU H 300 18.43 1.30 33.83
N ALA H 301 19.28 1.94 34.63
CA ALA H 301 19.16 3.36 34.94
C ALA H 301 19.47 4.25 33.75
N GLU H 302 20.40 3.83 32.86
CA GLU H 302 20.72 4.63 31.68
C GLU H 302 19.54 4.66 30.69
N ALA H 303 18.82 3.56 30.56
CA ALA H 303 17.62 3.53 29.71
C ALA H 303 16.49 4.41 30.30
N ALA H 304 16.45 4.57 31.62
CA ALA H 304 15.44 5.37 32.32
C ALA H 304 15.75 6.87 32.35
N VAL H 305 16.89 7.31 31.82
CA VAL H 305 17.25 8.73 31.76
C VAL H 305 16.26 9.46 30.81
N TYR H 306 15.74 10.61 31.24
CA TYR H 306 14.79 11.37 30.44
C TYR H 306 15.53 12.26 29.44
N HIS H 307 16.08 11.65 28.39
CA HIS H 307 16.88 12.35 27.37
C HIS H 307 16.23 13.57 26.76
N ARG H 308 14.90 13.55 26.57
CA ARG H 308 14.18 14.65 25.95
C ARG H 308 14.42 15.99 26.68
N GLN H 309 14.32 16.00 28.00
CA GLN H 309 14.56 17.22 28.77
C GLN H 309 16.06 17.45 28.96
N LEU H 310 16.81 16.39 29.28
CA LEU H 310 18.25 16.47 29.51
C LEU H 310 19.00 17.07 28.31
N PHE H 311 18.77 16.56 27.09
CA PHE H 311 19.44 17.10 25.90
C PHE H 311 19.06 18.56 25.66
N GLU H 312 17.77 18.91 25.78
CA GLU H 312 17.28 20.28 25.63
C GLU H 312 17.95 21.21 26.64
N GLU H 313 18.08 20.77 27.89
CA GLU H 313 18.72 21.56 28.93
C GLU H 313 20.22 21.68 28.76
N LEU H 314 20.92 20.60 28.35
CA LEU H 314 22.36 20.66 28.11
C LEU H 314 22.65 21.63 26.96
N ARG H 315 21.82 21.63 25.90
CA ARG H 315 22.08 22.53 24.79
C ARG H 315 21.67 23.98 25.13
N ARG H 316 20.55 24.21 25.82
CA ARG H 316 20.18 25.58 26.23
C ARG H 316 21.24 26.18 27.17
N ALA H 317 21.79 25.38 28.08
CA ALA H 317 22.79 25.88 29.03
C ALA H 317 24.19 26.01 28.46
N ALA H 318 24.55 25.20 27.46
CA ALA H 318 25.87 25.26 26.87
C ALA H 318 25.96 26.56 26.06
N PRO H 319 27.03 27.32 26.26
CA PRO H 319 27.18 28.58 25.51
C PRO H 319 27.51 28.34 24.04
N LEU H 320 27.31 29.37 23.20
CA LEU H 320 27.72 29.35 21.78
C LEU H 320 29.22 29.03 21.69
N SER H 321 29.60 28.25 20.68
CA SER H 321 31.00 27.88 20.54
C SER H 321 31.48 28.08 19.16
N ARG H 322 32.69 28.55 19.02
CA ARG H 322 33.34 28.70 17.72
C ARG H 322 34.39 27.60 17.49
N ASP H 323 34.46 26.57 18.37
CA ASP H 323 35.40 25.50 18.23
C ASP H 323 34.74 24.43 17.34
N PRO H 324 35.36 24.11 16.19
CA PRO H 324 34.75 23.12 15.30
C PRO H 324 34.54 21.73 15.90
N THR H 325 35.34 21.30 16.88
CA THR H 325 35.13 20.00 17.52
C THR H 325 33.82 20.03 18.29
N GLU H 326 33.59 21.10 19.07
CA GLU H 326 32.40 21.33 19.85
C GLU H 326 31.14 21.43 18.94
N VAL H 327 31.25 22.18 17.82
CA VAL H 327 30.15 22.36 16.88
C VAL H 327 29.80 21.04 16.20
N THR H 328 30.81 20.26 15.82
CA THR H 328 30.59 18.95 15.18
C THR H 328 29.96 17.97 16.17
N ALA H 329 30.39 18.02 17.44
CA ALA H 329 29.86 17.13 18.47
C ALA H 329 28.35 17.31 18.71
N ILE H 330 27.86 18.55 18.79
CA ILE H 330 26.43 18.76 19.00
C ILE H 330 25.63 18.37 17.73
N GLY H 331 26.17 18.62 16.55
CA GLY H 331 25.55 18.22 15.30
C GLY H 331 25.45 16.71 15.20
N ALA H 332 26.51 15.99 15.62
CA ALA H 332 26.54 14.52 15.60
C ALA H 332 25.57 13.93 16.60
N VAL H 333 25.46 14.51 17.79
CA VAL H 333 24.54 14.00 18.81
C VAL H 333 23.09 14.20 18.35
N GLU H 334 22.80 15.36 17.73
CA GLU H 334 21.48 15.67 17.18
CA GLU H 334 21.48 15.66 17.19
C GLU H 334 21.13 14.67 16.07
N ALA H 335 22.09 14.39 15.17
CA ALA H 335 21.90 13.45 14.08
C ALA H 335 21.68 12.03 14.62
N ALA H 336 22.42 11.63 15.66
CA ALA H 336 22.26 10.31 16.28
C ALA H 336 20.84 10.13 16.88
N PHE H 337 20.31 11.16 17.56
CA PHE H 337 18.98 11.09 18.12
C PHE H 337 17.91 11.00 17.03
N LYS H 338 18.09 11.75 15.92
CA LYS H 338 17.16 11.78 14.80
C LYS H 338 16.90 10.43 14.16
N CYS H 339 17.94 9.61 14.03
CA CYS H 339 17.84 8.32 13.36
C CYS H 339 17.95 7.14 14.28
N CYS H 340 18.03 7.35 15.63
CA CYS H 340 18.21 6.27 16.60
C CYS H 340 19.47 5.47 16.24
N ALA H 341 20.57 6.22 15.97
CA ALA H 341 21.86 5.63 15.61
C ALA H 341 22.33 4.67 16.69
N ALA H 342 22.83 3.50 16.28
CA ALA H 342 23.35 2.50 17.21
C ALA H 342 24.64 3.00 17.88
N ALA H 343 25.43 3.84 17.18
CA ALA H 343 26.68 4.32 17.70
C ALA H 343 27.15 5.62 17.00
N ILE H 344 28.05 6.36 17.64
CA ILE H 344 28.76 7.48 17.08
C ILE H 344 30.21 7.03 17.12
N ILE H 345 30.82 6.76 15.97
CA ILE H 345 32.21 6.31 15.91
C ILE H 345 33.07 7.54 15.72
N VAL H 346 33.99 7.82 16.66
CA VAL H 346 34.85 8.98 16.58
C VAL H 346 36.35 8.59 16.62
N LEU H 347 37.16 9.23 15.80
CA LEU H 347 38.60 9.05 15.81
C LEU H 347 39.11 10.14 16.79
N THR H 348 39.93 9.72 17.75
CA THR H 348 40.45 10.66 18.72
C THR H 348 41.89 10.34 19.12
N THR H 349 42.71 11.39 19.32
CA THR H 349 44.10 11.21 19.69
C THR H 349 44.22 11.38 21.19
N THR H 350 43.64 12.45 21.74
CA THR H 350 43.69 12.78 23.15
C THR H 350 42.46 12.34 23.95
N GLY H 351 41.37 11.99 23.27
CA GLY H 351 40.10 11.66 23.88
C GLY H 351 39.11 12.81 23.86
N ARG H 352 39.59 14.02 23.55
CA ARG H 352 38.78 15.23 23.59
C ARG H 352 37.54 15.20 22.71
N SER H 353 37.65 14.71 21.47
CA SER H 353 36.47 14.65 20.58
C SER H 353 35.40 13.72 21.14
N ALA H 354 35.80 12.61 21.77
CA ALA H 354 34.85 11.68 22.38
C ALA H 354 34.21 12.31 23.62
N GLN H 355 34.99 13.07 24.41
CA GLN H 355 34.50 13.78 25.59
C GLN H 355 33.47 14.82 25.19
N LEU H 356 33.70 15.56 24.09
CA LEU H 356 32.73 16.59 23.67
C LEU H 356 31.43 15.96 23.16
N LEU H 357 31.48 14.73 22.64
CA LEU H 357 30.27 14.01 22.24
C LEU H 357 29.49 13.60 23.50
N SER H 358 30.20 13.03 24.47
CA SER H 358 29.72 12.54 25.74
C SER H 358 28.99 13.60 26.60
N ARG H 359 29.44 14.86 26.56
CA ARG H 359 28.83 15.93 27.35
C ARG H 359 27.36 16.23 26.96
N TYR H 360 26.96 15.84 25.72
CA TYR H 360 25.55 16.01 25.30
C TYR H 360 24.67 14.82 25.63
N ARG H 361 25.23 13.79 26.30
CA ARG H 361 24.55 12.60 26.74
C ARG H 361 23.73 11.91 25.66
N PRO H 362 24.36 11.53 24.54
CA PRO H 362 23.61 10.79 23.54
C PRO H 362 23.19 9.42 24.04
N ARG H 363 22.12 8.91 23.48
CA ARG H 363 21.67 7.56 23.76
C ARG H 363 22.61 6.58 22.98
N ALA H 364 23.12 7.00 21.81
CA ALA H 364 24.05 6.21 20.98
C ALA H 364 25.40 6.09 21.68
N ALA H 365 26.00 4.89 21.64
CA ALA H 365 27.29 4.62 22.23
C ALA H 365 28.36 5.44 21.44
N VAL H 366 29.32 6.06 22.15
CA VAL H 366 30.40 6.77 21.49
C VAL H 366 31.58 5.82 21.40
N ILE H 367 31.79 5.20 20.24
CA ILE H 367 32.88 4.27 20.04
C ILE H 367 34.11 5.08 19.64
N ALA H 368 35.11 5.18 20.53
CA ALA H 368 36.28 6.02 20.27
C ALA H 368 37.43 5.20 19.81
N VAL H 369 37.90 5.44 18.58
CA VAL H 369 39.03 4.70 18.03
C VAL H 369 40.26 5.55 18.15
N THR H 370 41.27 5.02 18.87
CA THR H 370 42.50 5.76 19.12
C THR H 370 43.72 4.88 19.02
N ARG H 371 44.86 5.50 18.70
CA ARG H 371 46.16 4.82 18.73
C ARG H 371 46.85 4.98 20.08
N SER H 372 46.45 5.98 20.87
CA SER H 372 47.00 6.27 22.17
C SER H 372 46.44 5.29 23.21
N ALA H 373 47.29 4.41 23.73
CA ALA H 373 46.89 3.49 24.79
C ALA H 373 46.44 4.26 26.05
N GLN H 374 47.12 5.37 26.40
CA GLN H 374 46.71 6.18 27.55
C GLN H 374 45.35 6.84 27.36
N ALA H 375 45.09 7.45 26.18
CA ALA H 375 43.80 8.07 25.91
C ALA H 375 42.68 7.04 25.95
N ALA H 376 42.94 5.84 25.44
CA ALA H 376 41.95 4.75 25.47
C ALA H 376 41.57 4.42 26.93
N ARG H 377 42.54 4.45 27.85
CA ARG H 377 42.24 4.17 29.25
C ARG H 377 41.51 5.36 29.91
N GLN H 378 41.99 6.57 29.68
CA GLN H 378 41.40 7.77 30.27
C GLN H 378 39.98 8.13 29.82
N VAL H 379 39.54 7.74 28.60
CA VAL H 379 38.18 8.14 28.17
C VAL H 379 37.07 7.38 28.90
N HIS H 380 37.42 6.31 29.70
CA HIS H 380 36.48 5.60 30.57
C HIS H 380 35.87 6.59 31.59
N LEU H 381 36.55 7.73 31.87
CA LEU H 381 35.98 8.74 32.78
C LEU H 381 34.72 9.40 32.21
N CYS H 382 34.50 9.35 30.87
CA CYS H 382 33.38 9.99 30.20
C CYS H 382 32.30 9.02 29.88
N ARG H 383 31.09 9.29 30.37
CA ARG H 383 29.95 8.40 30.16
C ARG H 383 29.66 8.14 28.70
N GLY H 384 29.47 6.86 28.39
CA GLY H 384 29.09 6.44 27.05
C GLY H 384 30.22 6.36 26.05
N VAL H 385 31.48 6.48 26.51
CA VAL H 385 32.61 6.35 25.59
C VAL H 385 33.20 4.94 25.71
N PHE H 386 33.23 4.19 24.61
CA PHE H 386 33.76 2.86 24.56
C PHE H 386 35.05 2.91 23.75
N PRO H 387 36.21 2.84 24.44
CA PRO H 387 37.49 2.98 23.73
C PRO H 387 37.95 1.73 23.00
N LEU H 388 38.50 1.93 21.80
CA LEU H 388 39.06 0.85 21.03
C LEU H 388 40.49 1.25 20.71
N LEU H 389 41.44 0.37 21.06
CA LEU H 389 42.85 0.65 20.79
C LEU H 389 43.26 0.10 19.42
N TYR H 390 43.61 1.00 18.51
CA TYR H 390 44.02 0.65 17.16
C TYR H 390 45.53 0.44 17.15
N ARG H 391 45.97 -0.72 16.68
CA ARG H 391 47.37 -1.10 16.74
C ARG H 391 48.15 -1.05 15.43
N GLU H 392 47.47 -0.95 14.30
CA GLU H 392 48.13 -0.94 12.99
C GLU H 392 48.98 0.27 12.71
N PRO H 393 50.12 0.09 12.02
CA PRO H 393 50.91 1.28 11.63
C PRO H 393 50.15 2.11 10.58
N PRO H 394 50.41 3.43 10.53
CA PRO H 394 49.66 4.29 9.59
C PRO H 394 49.78 3.95 8.13
N GLU H 395 48.68 4.07 7.38
CA GLU H 395 48.65 3.86 5.93
C GLU H 395 49.36 5.04 5.25
N ALA H 396 49.85 4.82 4.04
CA ALA H 396 50.55 5.84 3.27
C ALA H 396 49.58 6.96 2.90
N ILE H 397 48.36 6.62 2.52
CA ILE H 397 47.33 7.59 2.22
C ILE H 397 46.49 7.82 3.48
N TRP H 398 46.54 9.04 4.04
CA TRP H 398 45.85 9.40 5.25
C TRP H 398 44.35 9.10 5.22
N ALA H 399 43.65 9.35 4.08
CA ALA H 399 42.23 9.05 4.01
C ALA H 399 41.93 7.54 4.21
N ASP H 400 42.81 6.66 3.75
CA ASP H 400 42.67 5.22 3.93
C ASP H 400 42.98 4.86 5.37
N ASP H 401 43.95 5.54 6.03
CA ASP H 401 44.27 5.32 7.45
C ASP H 401 43.04 5.66 8.32
N VAL H 402 42.34 6.74 7.96
CA VAL H 402 41.11 7.15 8.58
C VAL H 402 40.05 6.06 8.39
N ASP H 403 39.78 5.63 7.12
CA ASP H 403 38.79 4.60 6.79
C ASP H 403 39.06 3.28 7.48
N ARG H 404 40.33 2.87 7.56
CA ARG H 404 40.69 1.63 8.20
C ARG H 404 40.32 1.65 9.69
N ARG H 405 40.45 2.81 10.35
CA ARG H 405 40.09 2.95 11.75
C ARG H 405 38.58 2.92 11.96
N VAL H 406 37.84 3.56 11.06
CA VAL H 406 36.38 3.59 11.11
C VAL H 406 35.86 2.16 10.92
N GLN H 407 36.49 1.37 9.99
CA GLN H 407 36.15 -0.03 9.74
C GLN H 407 36.51 -0.91 10.93
N PHE H 408 37.61 -0.61 11.59
CA PHE H 408 37.99 -1.28 12.83
C PHE H 408 36.93 -1.04 13.92
N GLY H 409 36.37 0.19 13.97
CA GLY H 409 35.29 0.53 14.89
C GLY H 409 34.04 -0.28 14.61
N ILE H 410 33.65 -0.36 13.33
CA ILE H 410 32.49 -1.12 12.88
C ILE H 410 32.66 -2.62 13.18
N GLU H 411 33.81 -3.20 12.85
CA GLU H 411 34.09 -4.60 13.10
C GLU H 411 34.08 -4.95 14.59
N SER H 412 34.69 -4.10 15.44
CA SER H 412 34.68 -4.29 16.88
C SER H 412 33.24 -4.18 17.42
N GLY H 413 32.47 -3.24 16.88
CA GLY H 413 31.11 -2.98 17.29
C GLY H 413 30.21 -4.14 16.95
N LYS H 414 30.44 -4.78 15.81
CA LYS H 414 29.67 -5.94 15.36
C LYS H 414 30.02 -7.14 16.26
N LEU H 415 31.31 -7.35 16.55
CA LEU H 415 31.75 -8.46 17.39
C LEU H 415 31.15 -8.34 18.78
N ARG H 416 31.16 -7.13 19.33
CA ARG H 416 30.70 -6.90 20.69
C ARG H 416 29.20 -6.76 20.85
N GLY H 417 28.44 -6.72 19.78
CA GLY H 417 26.99 -6.59 19.86
C GLY H 417 26.44 -5.17 19.80
N PHE H 418 27.30 -4.16 19.63
CA PHE H 418 26.83 -2.76 19.51
C PHE H 418 26.11 -2.54 18.16
N LEU H 419 26.58 -3.20 17.09
CA LEU H 419 26.11 -2.95 15.74
C LEU H 419 25.68 -4.20 15.04
N ARG H 420 24.75 -4.02 14.12
CA ARG H 420 24.19 -5.06 13.27
C ARG H 420 24.02 -4.46 11.84
N VAL H 421 24.07 -5.30 10.79
CA VAL H 421 23.86 -4.84 9.41
C VAL H 421 22.49 -4.16 9.29
N GLY H 422 22.47 -2.99 8.67
CA GLY H 422 21.23 -2.22 8.57
C GLY H 422 21.16 -1.05 9.54
N ASP H 423 22.00 -1.06 10.57
CA ASP H 423 22.05 0.03 11.55
C ASP H 423 22.60 1.29 10.89
N LEU H 424 22.27 2.44 11.47
CA LEU H 424 22.83 3.70 11.08
C LEU H 424 23.85 4.12 12.16
N VAL H 425 25.01 4.60 11.74
CA VAL H 425 26.02 5.12 12.64
C VAL H 425 26.38 6.54 12.21
N ILE H 426 26.81 7.37 13.16
CA ILE H 426 27.30 8.69 12.87
C ILE H 426 28.82 8.58 13.00
N VAL H 427 29.59 9.02 12.00
CA VAL H 427 31.05 8.93 12.04
C VAL H 427 31.64 10.32 12.14
N VAL H 428 32.47 10.56 13.18
CA VAL H 428 33.09 11.86 13.46
C VAL H 428 34.59 11.81 13.23
N THR H 429 35.07 12.61 12.24
CA THR H 429 36.48 12.68 11.83
C THR H 429 36.92 14.16 11.68
N GLY H 430 38.15 14.40 11.31
CA GLY H 430 38.71 15.73 11.11
C GLY H 430 39.27 15.92 9.72
N TRP H 431 39.69 17.13 9.40
CA TRP H 431 40.14 17.43 8.04
C TRP H 431 41.63 17.22 7.81
N ARG H 432 42.42 16.97 8.86
CA ARG H 432 43.85 16.71 8.70
C ARG H 432 44.38 15.87 9.90
N PRO H 433 45.57 15.24 9.76
CA PRO H 433 46.15 14.49 10.91
C PRO H 433 46.44 15.41 12.08
N GLY H 434 46.59 14.79 13.24
CA GLY H 434 46.87 15.51 14.45
C GLY H 434 45.63 15.88 15.22
N SER H 435 45.83 16.10 16.50
CA SER H 435 44.81 16.46 17.45
CA SER H 435 44.77 16.47 17.44
C SER H 435 44.28 17.88 17.19
N GLY H 436 42.98 18.09 17.47
CA GLY H 436 42.32 19.39 17.40
C GLY H 436 41.66 19.83 16.12
N TYR H 437 41.55 18.94 15.12
CA TYR H 437 40.97 19.28 13.83
C TYR H 437 39.70 18.53 13.45
N THR H 438 38.96 17.93 14.41
CA THR H 438 37.68 17.28 14.16
C THR H 438 36.72 18.34 13.62
N ASN H 439 36.03 18.05 12.54
CA ASN H 439 35.09 19.01 11.96
C ASN H 439 34.10 18.33 10.99
N ILE H 440 34.06 16.99 10.90
CA ILE H 440 33.20 16.30 9.96
C ILE H 440 32.32 15.28 10.67
N MET H 441 31.05 15.24 10.29
CA MET H 441 30.14 14.20 10.74
C MET H 441 29.45 13.56 9.47
N ARG H 442 29.48 12.23 9.37
CA ARG H 442 28.87 11.49 8.26
CA ARG H 442 28.82 11.54 8.27
C ARG H 442 27.83 10.51 8.76
N VAL H 443 26.72 10.33 8.02
CA VAL H 443 25.69 9.35 8.35
C VAL H 443 26.01 8.09 7.52
N LEU H 444 26.32 6.97 8.17
CA LEU H 444 26.73 5.75 7.49
C LEU H 444 25.80 4.57 7.79
N SER H 445 25.48 3.75 6.75
CA SER H 445 24.65 2.58 6.93
C SER H 445 25.56 1.36 7.09
N ILE H 446 25.36 0.55 8.14
CA ILE H 446 26.21 -0.63 8.37
C ILE H 446 25.93 -1.78 7.38
N SER H 447 26.96 -2.25 6.69
CA SER H 447 26.87 -3.36 5.73
C SER H 447 27.72 -4.57 6.19
P1 FBP I . 10.88 -59.57 -37.32
O1P FBP I . 10.88 -59.72 -38.84
O2P FBP I . 12.20 -58.93 -36.80
O3P FBP I . 10.50 -60.81 -36.49
O1 FBP I . 9.66 -58.58 -36.96
C1 FBP I . 9.30 -58.13 -35.65
C2 FBP I . 8.33 -56.95 -35.89
O2 FBP I . 7.97 -56.42 -34.65
C3 FBP I . 7.13 -57.40 -36.75
O3 FBP I . 6.18 -58.12 -35.98
C4 FBP I . 6.70 -56.08 -37.38
O4 FBP I . 5.87 -56.27 -38.52
C5 FBP I . 8.07 -55.55 -37.78
O5 FBP I . 8.94 -55.94 -36.70
C6 FBP I . 8.16 -54.05 -37.99
O6 FBP I . 8.76 -53.76 -39.27
P2 FBP I . 8.35 -52.36 -39.98
O4P FBP I . 6.94 -52.49 -40.47
O5P FBP I . 9.21 -52.11 -41.21
O6P FBP I . 8.56 -51.32 -38.95
C1 OXL J . 22.02 -24.67 -50.60
C2 OXL J . 22.57 -26.15 -50.71
O1 OXL J . 21.90 -23.99 -51.61
O2 OXL J . 22.87 -26.55 -51.93
O3 OXL J . 21.71 -24.22 -49.41
O4 OXL J . 22.70 -26.86 -49.71
MG MG K . 22.54 -25.10 -53.18
K K L . 25.80 -30.25 -53.96
P1 FBP M . -7.64 -63.90 -15.92
O1P FBP M . -9.17 -63.83 -16.15
O2P FBP M . -7.47 -63.97 -14.41
O3P FBP M . -7.02 -64.99 -16.75
O1 FBP M . -6.95 -62.49 -16.38
C1 FBP M . -6.98 -61.98 -17.71
C2 FBP M . -6.72 -60.46 -17.61
O2 FBP M . -6.66 -59.92 -18.91
C3 FBP M . -5.46 -60.15 -16.77
O3 FBP M . -4.26 -60.30 -17.50
C4 FBP M . -5.77 -58.75 -16.31
O4 FBP M . -5.01 -58.39 -15.17
C5 FBP M . -7.24 -58.90 -15.92
O5 FBP M . -7.78 -59.84 -16.88
C6 FBP M . -8.04 -57.62 -15.92
O6 FBP M . -8.98 -57.68 -14.83
P2 FBP M . -9.42 -56.34 -14.03
O4P FBP M . -10.13 -55.50 -15.09
O5P FBP M . -10.36 -56.65 -12.92
O6P FBP M . -8.18 -55.61 -13.51
C1 OXL N . -35.76 -39.23 -5.68
C2 OXL N . -35.45 -40.70 -5.34
O1 OXL N . -35.86 -38.89 -6.85
O2 OXL N . -35.25 -41.54 -6.37
O3 OXL N . -35.86 -38.39 -4.69
O4 OXL N . -35.39 -41.01 -4.16
MG MG O . -35.87 -39.70 -2.89
K K P . -36.35 -45.29 -1.65
P1 FBP Q . -6.67 17.09 -25.80
O1P FBP Q . -7.81 17.81 -26.48
O2P FBP Q . -5.54 16.88 -26.77
O3P FBP Q . -6.25 17.76 -24.53
O1 FBP Q . -7.24 15.63 -25.48
C1 FBP Q . -7.83 14.80 -26.49
C2 FBP Q . -7.74 13.35 -25.95
O2 FBP Q . -8.33 12.47 -26.88
C3 FBP Q . -8.43 13.31 -24.59
O3 FBP Q . -9.83 13.42 -24.74
C4 FBP Q . -7.89 12.02 -24.05
O4 FBP Q . -8.07 11.96 -22.65
C5 FBP Q . -6.41 12.27 -24.37
O5 FBP Q . -6.40 12.93 -25.66
C6 FBP Q . -5.60 11.02 -24.42
O6 FBP Q . -4.22 11.34 -24.14
P2 FBP Q . -3.36 10.11 -23.46
O4P FBP Q . -3.08 8.99 -24.43
O5P FBP Q . -2.07 10.76 -23.02
O6P FBP Q . -4.17 9.69 -22.24
C1 OXL R . 24.71 -6.00 -25.33
C2 OXL R . 24.41 -4.48 -25.50
O1 OXL R . 24.15 -6.84 -26.17
O2 OXL R . 23.69 -4.06 -26.40
O3 OXL R . 25.45 -6.37 -24.42
O4 OXL R . 25.01 -3.70 -24.62
C10 I9C S . 29.52 2.24 -31.27
C13 I9C S . 30.62 -2.54 -29.83
C14 I9C S . 32.70 -2.68 -30.95
C15 I9C S . 30.42 0.29 -32.40
C16 I9C S . 31.51 1.05 -32.81
O5 I9C S . 27.65 -0.92 -32.00
S I9C S . 28.10 -0.06 -30.94
O4 I9C S . 27.17 0.83 -30.31
N I9C S . 28.70 -1.02 -29.78
C12 I9C S . 29.14 -2.39 -30.04
O3 I9C S . 31.17 -2.62 -28.76
O2 I9C S . 31.27 -2.56 -31.00
C11 I9C S . 29.44 0.89 -31.60
O6 I9C S . 30.30 -0.99 -32.84
C8 I9C S . 31.63 2.40 -32.44
C I9C S . 32.85 3.15 -32.82
O I9C S . 33.73 2.62 -33.49
C9 I9C S . 30.61 3.00 -31.69
C7 I9C S . 30.73 4.41 -31.25
O1 I9C S . 29.83 4.95 -30.62
C6 I9C S . 31.95 5.15 -31.60
C1 I9C S . 32.98 4.54 -32.35
C5 I9C S . 32.13 6.46 -31.14
C4 I9C S . 33.31 7.14 -31.40
C3 I9C S . 34.31 6.55 -32.14
C2 I9C S . 34.15 5.24 -32.62
H4 I9C S . 28.75 2.70 -30.69
H8 I9C S . 33.15 -2.64 -31.94
H10 I9C S . 32.87 -3.66 -30.50
H9 I9C S . 33.16 -1.90 -30.33
H12 I9C S . 32.27 0.56 -33.42
H5 I9C S . 28.82 -0.77 -28.80
H7 I9C S . 28.91 -2.73 -31.05
H6 I9C S . 28.63 -3.08 -29.39
H11 I9C S . 30.47 -1.09 -33.82
H3 I9C S . 31.36 6.96 -30.56
H2 I9C S . 33.44 8.15 -31.04
H1 I9C S . 35.23 7.09 -32.36
H I9C S . 34.96 4.81 -33.20
MG MG T . 26.00 -5.01 -23.15
K K U . 26.51 0.89 -23.70
P1 FBP V . -32.55 9.46 -33.75
O1P FBP V . -33.14 9.68 -35.06
O2P FBP V . -33.42 8.65 -32.78
O3P FBP V . -32.25 10.77 -33.00
O1 FBP V . -31.22 8.69 -33.92
C1 FBP V . -30.45 8.16 -32.82
C2 FBP V . -29.68 6.95 -33.35
O2 FBP V . -28.76 6.61 -32.36
C3 FBP V . -29.01 7.24 -34.71
O3 FBP V . -27.81 8.00 -34.65
C4 FBP V . -28.77 5.85 -35.19
O4 FBP V . -28.54 5.81 -36.59
C5 FBP V . -30.09 5.20 -34.85
O5 FBP V . -30.50 5.82 -33.62
C6 FBP V . -30.01 3.71 -34.67
O6 FBP V . -31.28 3.16 -35.05
P2 FBP V . -31.24 1.76 -35.81
O4P FBP V . -32.68 1.60 -36.22
O5P FBP V . -30.32 1.58 -36.96
O6P FBP V . -30.88 0.71 -34.76
C1 OXL W . -47.20 -24.99 -32.12
C2 OXL W . -46.68 -26.47 -32.16
O1 OXL W . -47.87 -24.63 -33.06
O2 OXL W . -47.07 -27.19 -33.20
O3 OXL W . -46.93 -24.21 -31.09
O4 OXL W . -45.92 -26.88 -31.27
MG MG X . -48.49 -26.67 -34.44
K K Y . -51.80 -21.84 -34.51
P1 FBP Z . -17.58 48.51 49.02
O1P FBP Z . -18.24 48.79 47.67
O2P FBP Z . -16.90 49.79 49.52
O3P FBP Z . -18.48 47.79 50.03
O1 FBP Z . -16.36 47.45 48.65
C1 FBP Z . -16.61 46.06 48.35
C2 FBP Z . -15.27 45.32 48.13
O2 FBP Z . -15.56 43.96 48.05
C3 FBP Z . -14.24 45.60 49.25
O3 FBP Z . -14.40 44.76 50.39
C4 FBP Z . -12.93 45.61 48.47
O4 FBP Z . -11.90 46.34 49.13
C5 FBP Z . -13.37 46.37 47.23
O5 FBP Z . -14.66 45.80 46.92
C6 FBP Z . -12.45 46.29 46.05
O6 FBP Z . -12.22 47.59 45.48
P2 FBP Z . -10.89 47.90 44.59
O4P FBP Z . -10.92 47.03 43.35
O5P FBP Z . -10.84 49.39 44.20
O6P FBP Z . -9.72 47.64 45.53
C1 OXL AA . -1.95 59.32 16.49
C2 OXL AA . -1.03 58.63 15.45
O1 OXL AA . -3.02 58.65 16.88
O2 OXL AA . -1.27 57.49 15.07
O3 OXL AA . -1.65 60.44 16.88
O4 OXL AA . 0.02 59.30 15.07
C10 I9C BA . -10.90 63.66 13.27
C13 I9C BA . -7.10 62.81 10.08
C14 I9C BA . -6.04 62.25 8.03
C15 I9C BA . -10.70 62.71 11.07
C16 I9C BA . -11.56 63.69 10.58
O5 I9C BA . -8.50 62.19 14.18
S I9C BA . -9.15 61.59 13.05
O4 I9C BA . -9.80 60.32 13.20
N I9C BA . -8.04 61.40 11.90
C12 I9C BA . -7.13 62.51 11.55
O3 I9C BA . -7.80 63.62 9.52
O2 I9C BA . -6.19 62.05 9.46
C11 I9C BA . -10.35 62.72 12.42
O6 I9C BA . -10.28 61.72 10.24
C8 I9C BA . -12.09 64.66 11.43
C I9C BA . -12.95 65.72 10.87
O I9C BA . -13.25 65.74 9.68
C9 I9C BA . -11.77 64.64 12.80
C7 I9C BA . -12.30 65.66 13.74
O1 I9C BA . -12.05 65.63 14.93
C6 I9C BA . -13.14 66.75 13.16
C1 I9C BA . -13.45 66.77 11.79
C5 I9C BA . -13.56 67.79 13.98
C4 I9C BA . -14.25 68.86 13.43
C3 I9C BA . -14.57 68.88 12.10
C2 I9C BA . -14.18 67.84 11.27
H4 I9C BA . -10.65 63.63 14.34
H8 I9C BA . -5.25 61.62 7.63
H10 I9C BA . -7.01 61.94 7.62
H9 I9C BA . -5.84 63.29 7.79
H12 I9C BA . -11.81 63.67 9.52
H5 I9C BA . -7.87 60.58 11.34
H7 I9C BA . -7.38 63.43 12.08
H6 I9C BA . -6.11 62.27 11.87
H11 I9C BA . -9.42 61.93 9.78
H3 I9C BA . -13.35 67.79 15.04
H2 I9C BA . -14.56 69.68 14.08
H1 I9C BA . -15.11 69.72 11.68
H I9C BA . -14.45 67.88 10.21
MG MG CA . -0.10 61.18 15.99
K K DA . -3.86 64.01 17.90
P1 FBP EA . -18.54 21.24 59.22
O1P FBP EA . -19.47 20.08 59.08
O2P FBP EA . -17.32 20.90 60.07
O3P FBP EA . -19.11 22.52 59.86
O1 FBP EA . -18.06 21.70 57.77
C1 FBP EA . -17.09 22.75 57.56
C2 FBP EA . -16.53 22.57 56.15
O2 FBP EA . -15.65 23.63 55.87
C3 FBP EA . -17.66 22.45 55.11
O3 FBP EA . -18.22 23.70 54.73
C4 FBP EA . -16.93 21.68 54.02
O4 FBP EA . -17.83 21.06 53.12
C5 FBP EA . -16.23 20.62 54.88
O5 FBP EA . -15.85 21.31 56.07
C6 FBP EA . -15.03 19.97 54.23
O6 FBP EA . -14.99 18.58 54.60
P2 FBP EA . -14.39 17.48 53.60
O4P FBP EA . -15.16 17.54 52.29
O5P FBP EA . -14.62 16.17 54.31
O6P FBP EA . -12.91 17.78 53.43
C1 OXL FA . 8.21 -5.95 51.84
C2 OXL FA . 7.15 -5.65 52.95
O1 OXL FA . 8.08 -7.06 51.17
O2 OXL FA . 6.30 -6.62 53.19
O3 OXL FA . 9.07 -5.12 51.61
O4 OXL FA . 7.12 -4.55 53.52
C10 I9C GA . 8.63 -7.13 63.08
C13 I9C GA . 11.13 -9.25 59.26
C14 I9C GA . 12.12 -11.10 58.18
C15 I9C GA . 10.99 -7.41 62.72
C16 I9C GA . 11.09 -8.10 63.91
O5 I9C GA . 8.22 -6.18 60.32
S I9C GA . 9.59 -6.08 60.75
O4 I9C GA . 10.18 -4.78 60.91
N I9C GA . 10.50 -6.87 59.66
C12 I9C GA . 10.09 -8.16 59.11
O3 I9C GA . 11.87 -9.40 60.20
O2 I9C GA . 11.13 -10.05 58.19
C11 I9C GA . 9.75 -6.94 62.30
O6 I9C GA . 12.12 -7.22 61.98
C8 I9C GA . 9.96 -8.32 64.71
C I9C GA . 10.09 -9.10 65.96
O I9C GA . 11.17 -9.51 66.33
C9 I9C GA . 8.71 -7.83 64.29
C7 I9C GA . 7.49 -8.05 65.11
O1 I9C GA . 6.41 -7.56 64.79
C6 I9C GA . 7.62 -8.86 66.34
C1 I9C GA . 8.87 -9.36 66.75
C5 I9C GA . 6.48 -9.21 67.07
C4 I9C GA . 6.58 -10.06 68.16
C3 I9C GA . 7.80 -10.52 68.57
C2 I9C GA . 8.95 -10.19 67.87
H4 I9C GA . 7.66 -6.74 62.75
H8 I9C GA . 12.04 -11.71 57.28
H10 I9C GA . 13.07 -10.57 58.18
H9 I9C GA . 12.05 -11.75 59.05
H12 I9C GA . 12.06 -8.47 64.22
H5 I9C GA . 11.39 -6.57 59.29
H7 I9C GA . 9.16 -8.52 59.56
H6 I9C GA . 9.86 -8.06 58.06
H11 I9C GA . 12.16 -7.78 61.17
H3 I9C GA . 5.50 -8.83 66.78
H2 I9C GA . 5.68 -10.34 68.70
H1 I9C GA . 7.87 -11.17 69.44
H I9C GA . 9.90 -10.56 68.22
MG MG HA . 6.49 -8.31 51.86
K K IA . 3.35 -8.57 56.37
P1 FBP JA . 27.00 15.81 -7.82
O1P FBP JA . 26.42 14.78 -8.75
O2P FBP JA . 26.46 17.19 -8.12
O3P FBP JA . 28.49 15.77 -7.83
O1 FBP JA . 26.52 15.45 -6.37
C1 FBP JA . 26.99 16.18 -5.24
C2 FBP JA . 25.98 15.90 -4.14
O2 FBP JA . 26.48 16.52 -2.98
C3 FBP JA . 25.74 14.40 -3.90
O3 FBP JA . 26.79 13.72 -3.23
C4 FBP JA . 24.38 14.43 -3.22
O4 FBP JA . 23.75 13.15 -3.28
C5 FBP JA . 23.67 15.46 -4.08
O5 FBP JA . 24.69 16.42 -4.43
C6 FBP JA . 22.50 16.14 -3.43
O6 FBP JA . 21.49 16.42 -4.42
P2 FBP JA . 19.95 16.36 -3.96
O4P FBP JA . 19.18 16.58 -5.24
O5P FBP JA . 19.69 17.55 -3.01
O6P FBP JA . 19.59 15.06 -3.32
C1 OXL KA . -6.86 34.93 -4.68
C2 OXL KA . -5.92 34.58 -5.78
O1 OXL KA . -8.10 34.60 -4.87
O2 OXL KA . -6.41 34.02 -6.78
O3 OXL KA . -6.43 35.47 -3.67
O4 OXL KA . -4.63 34.90 -5.62
C10 I9C LA . -3.98 42.56 -13.25
C13 I9C LA . -7.30 39.69 -10.23
C14 I9C LA . -9.40 38.85 -10.93
C15 I9C LA . -3.13 40.50 -12.32
C16 I9C LA . -2.68 40.14 -13.58
O5 I9C LA . -3.86 41.41 -9.59
S I9C LA . -4.51 42.19 -10.60
O4 I9C LA . -4.46 43.61 -10.53
N I9C LA . -6.07 41.77 -10.61
C12 I9C LA . -6.62 40.88 -9.59
O3 I9C LA . -6.75 38.72 -10.67
O2 I9C LA . -8.64 39.88 -10.26
C11 I9C LA . -3.81 41.72 -12.17
O6 I9C LA . -2.92 39.66 -11.27
C8 I9C LA . -2.87 40.97 -14.69
C I9C LA . -2.43 40.51 -16.02
O I9C LA . -1.84 39.45 -16.16
C9 I9C LA . -3.53 42.20 -14.52
C7 I9C LA . -3.82 43.07 -15.69
O1 I9C LA . -4.27 44.20 -15.54
C6 I9C LA . -3.43 42.58 -17.04
C1 I9C LA . -2.75 41.36 -17.19
C5 I9C LA . -3.79 43.31 -18.17
C4 I9C LA . -3.49 42.84 -19.42
C3 I9C LA . -2.83 41.63 -19.58
C2 I9C LA . -2.45 40.90 -18.47
H4 I9C LA . -4.49 43.51 -13.11
H8 I9C LA . -9.24 37.86 -10.51
H10 I9C LA . -10.44 39.17 -10.77
H9 I9C LA . -9.19 38.82 -12.00
H12 I9C LA . -2.16 39.19 -13.67
H5 I9C LA . -6.77 42.06 -11.28
H7 I9C LA . -7.36 41.40 -8.98
H6 I9C LA . -5.89 40.50 -8.88
H11 I9C LA . -2.92 40.12 -10.38
H3 I9C LA . -4.32 44.26 -18.08
H2 I9C LA . -3.77 43.42 -20.30
H1 I9C LA . -2.60 41.26 -20.58
H I9C LA . -1.92 39.96 -18.62
MG MG MA . -8.40 33.49 -6.45
K K NA . -5.80 33.09 -11.29
P1 FBP OA . 45.19 11.19 13.17
O1P FBP OA . 45.34 10.69 11.75
O2P FBP OA . 44.98 10.06 14.14
O3P FBP OA . 46.43 11.97 13.44
O1 FBP OA . 44.00 12.18 13.13
C1 FBP OA . 42.65 11.71 12.90
C2 FBP OA . 41.68 12.71 13.56
O2 FBP OA . 40.37 12.39 13.18
C3 FBP OA . 42.05 14.17 13.22
O3 FBP OA . 41.59 14.61 11.97
C4 FBP OA . 41.41 14.90 14.35
O4 FBP OA . 41.95 16.20 14.50
C5 FBP OA . 41.83 14.01 15.52
O5 FBP OA . 41.78 12.68 14.99
C6 FBP OA . 40.96 14.12 16.73
O6 FBP OA . 41.79 14.02 17.89
P2 FBP OA . 41.44 14.83 19.22
O4P FBP OA . 40.12 14.23 19.78
O5P FBP OA . 41.22 16.30 18.97
O6P FBP OA . 42.54 14.52 20.20
C1 OXL PA . 37.00 8.58 49.91
C2 OXL PA . 35.80 8.96 50.83
O1 OXL PA . 36.85 7.85 48.91
O2 OXL PA . 34.62 8.54 50.45
O3 OXL PA . 38.14 9.13 50.27
O4 OXL PA . 35.99 9.58 51.87
MG MG QA . 38.00 10.15 51.93
K K RA . 42.96 7.56 49.72
#